data_2NX5
#
_entry.id   2NX5
#
_cell.length_a   118.479
_cell.length_b   118.067
_cell.length_c   131.465
_cell.angle_alpha   90.000
_cell.angle_beta   96.040
_cell.angle_gamma   90.000
#
_symmetry.space_group_name_H-M   'P 1 21 1'
#
loop_
_entity.id
_entity.type
_entity.pdbx_description
1 polymer HLA-B35
2 polymer Beta-2-microglobulin
3 polymer 'EBV peptide, EPLPQGQLTAY'
4 polymer 'ELS4 TCR alpha chain'
5 polymer 'ELS4 TCR beta chain'
6 water water
#
loop_
_entity_poly.entity_id
_entity_poly.type
_entity_poly.pdbx_seq_one_letter_code
_entity_poly.pdbx_strand_id
1 'polypeptide(L)'
;GSHSMRYFYTAMSRPGRGEPRFIAVGYVDDTQFVRFDSDAASPRTEPRAPWIEQEGPEYWDRNTQIFKTNTQTYRESLRN
LRGYYNQSEAGSHIIQRMYGCDLGPDGRLLRGHDQSAYDGKDYIALNEDLSSWTAADTAAQITQRKWEAARVAEQLRAYL
EGLCVEWLRRYLENGKETLQRADPPKTHVTHHPVSDHEATLRCWALGFYPAEITLTWQRDGEDQTQDTELVETRPAGDRT
FQKWAAVVVPSGEEQRYTCHVQHEGLPKPLTLRWEP
;
A,F,K,Q
2 'polypeptide(L)'
;IQRTPKIQVYSRHPAENGKSNFLNCYVSGFHPSDIEVDLLKNGERIEKVEHSDLSFSKDWSFYLLYYTEFTPTEKDEYAC
RVNHVTLSQPKIVKWDRDM
;
B,G,L,R
3 'polypeptide(L)' EPLPQGQLTAY C,H,M,S
4 'polypeptide(L)'
;QNIDQPTEMTATEGAIVQINCTYQTSGFNGLFWYQQHAGEAPTFLSYNVLDGLEEKGRFSSFLSRSKGYSYLLLKELQMK
DSASYLCAVQASGGSYIPTFGRGTSLIVHPYIQNPDPAVYQLRDSKSSDKSVCLFTDFDSQTNVSQSKDSDVYITDKCVL
DMRSMDFKSNSAVAWSNKSDFACANAFN
;
D,I,N,T
5 'polypeptide(L)'
;DAGITQSPRHKVTETGTPVTLRCHQTENHRYMYWYRQDPGHGLRLIHYSYGVKDTDKGEVSDGYSVSRSKTEDFLLTLES
ATSSQTSVYFCATGTGDSNQPQHFGDGTRLSILEDLNKVFPPEVAVFEPSEAEISHTQKATLVCLATGFFPDHVELSWWV
NGKEVHSGVCTDPQPLKEQPALNDSRYALSSRLRVSATFWQNPRNHFRCQVQFYGLSENDEWTQDRAKPVTQIVSAEAWG
RAD
;
E,J,P,U
#
# COMPACT_ATOMS: atom_id res chain seq x y z
N GLY A 1 -14.72 -28.25 -12.37
CA GLY A 1 -15.62 -28.29 -13.57
C GLY A 1 -15.74 -26.94 -14.24
N SER A 2 -16.02 -26.96 -15.54
CA SER A 2 -16.20 -25.74 -16.32
C SER A 2 -17.48 -25.01 -15.95
N HIS A 3 -17.49 -23.70 -16.21
CA HIS A 3 -18.68 -22.88 -16.04
C HIS A 3 -18.77 -21.81 -17.14
N SER A 4 -19.99 -21.44 -17.51
CA SER A 4 -20.19 -20.45 -18.56
C SER A 4 -21.39 -19.55 -18.28
N MET A 5 -21.30 -18.30 -18.69
CA MET A 5 -22.43 -17.37 -18.64
C MET A 5 -23.01 -17.16 -20.03
N ARG A 6 -24.34 -17.13 -20.12
CA ARG A 6 -25.01 -16.89 -21.37
C ARG A 6 -26.20 -15.98 -21.18
N TYR A 7 -26.36 -15.04 -22.12
CA TYR A 7 -27.60 -14.30 -22.25
C TYR A 7 -28.27 -14.67 -23.56
N PHE A 8 -29.58 -14.89 -23.50
CA PHE A 8 -30.35 -15.21 -24.67
C PHE A 8 -31.35 -14.11 -24.93
N TYR A 9 -31.36 -13.60 -26.15
CA TYR A 9 -32.30 -12.57 -26.58
C TYR A 9 -33.26 -13.11 -27.64
N THR A 10 -34.53 -12.74 -27.50
CA THR A 10 -35.50 -12.99 -28.55
C THR A 10 -36.27 -11.69 -28.82
N ALA A 11 -36.18 -11.21 -30.05
CA ALA A 11 -36.93 -10.02 -30.48
C ALA A 11 -37.92 -10.41 -31.56
N MET A 12 -39.20 -10.38 -31.22
CA MET A 12 -40.24 -10.80 -32.15
C MET A 12 -41.09 -9.61 -32.62
N SER A 13 -41.15 -9.40 -33.93
CA SER A 13 -42.06 -8.41 -34.50
C SER A 13 -43.44 -9.05 -34.62
N ARG A 14 -44.48 -8.23 -34.48
CA ARG A 14 -45.85 -8.73 -34.49
C ARG A 14 -46.83 -7.68 -35.03
N PRO A 15 -46.69 -7.32 -36.32
CA PRO A 15 -47.54 -6.26 -36.86
C PRO A 15 -49.00 -6.70 -36.90
N GLY A 16 -49.91 -5.75 -36.74
CA GLY A 16 -51.34 -6.05 -36.62
C GLY A 16 -51.73 -6.23 -35.16
N ARG A 17 -50.75 -6.55 -34.32
CA ARG A 17 -50.95 -6.65 -32.88
C ARG A 17 -50.33 -5.43 -32.17
N GLY A 18 -49.13 -5.04 -32.61
CA GLY A 18 -48.48 -3.82 -32.10
C GLY A 18 -46.96 -3.87 -32.18
N GLU A 19 -46.31 -3.21 -31.23
CA GLU A 19 -44.84 -3.11 -31.20
C GLU A 19 -44.22 -4.46 -30.86
N PRO A 20 -42.99 -4.71 -31.38
CA PRO A 20 -42.27 -5.96 -31.12
C PRO A 20 -42.05 -6.27 -29.64
N ARG A 21 -41.85 -7.56 -29.35
CA ARG A 21 -41.59 -8.02 -28.00
C ARG A 21 -40.12 -8.39 -27.85
N PHE A 22 -39.53 -7.98 -26.73
CA PHE A 22 -38.16 -8.30 -26.42
C PHE A 22 -38.11 -9.17 -25.16
N ILE A 23 -37.51 -10.36 -25.29
CA ILE A 23 -37.31 -11.23 -24.13
C ILE A 23 -35.83 -11.53 -23.95
N ALA A 24 -35.35 -11.35 -22.73
CA ALA A 24 -33.95 -11.58 -22.40
C ALA A 24 -33.83 -12.52 -21.21
N VAL A 25 -33.06 -13.58 -21.38
CA VAL A 25 -32.80 -14.53 -20.29
C VAL A 25 -31.31 -14.76 -20.08
N GLY A 26 -30.88 -14.78 -18.82
CA GLY A 26 -29.50 -15.00 -18.45
C GLY A 26 -29.32 -16.35 -17.78
N TYR A 27 -28.26 -17.06 -18.16
CA TYR A 27 -27.95 -18.35 -17.60
C TYR A 27 -26.51 -18.40 -17.12
N VAL A 28 -26.31 -19.01 -15.96
CA VAL A 28 -25.00 -19.56 -15.59
C VAL A 28 -25.18 -21.07 -15.70
N ASP A 29 -24.36 -21.69 -16.54
CA ASP A 29 -24.46 -23.13 -16.84
C ASP A 29 -25.90 -23.49 -17.25
N ASP A 30 -26.53 -24.39 -16.52
CA ASP A 30 -27.91 -24.77 -16.76
C ASP A 30 -28.89 -24.11 -15.77
N THR A 31 -28.44 -23.04 -15.11
CA THR A 31 -29.29 -22.28 -14.19
C THR A 31 -29.61 -20.88 -14.71
N GLN A 32 -30.88 -20.66 -14.99
CA GLN A 32 -31.37 -19.36 -15.36
C GLN A 32 -31.40 -18.50 -14.12
N PHE A 33 -30.87 -17.28 -14.21
CA PHE A 33 -30.81 -16.38 -13.05
C PHE A 33 -31.57 -15.06 -13.20
N VAL A 34 -31.79 -14.61 -14.43
CA VAL A 34 -32.54 -13.40 -14.69
C VAL A 34 -33.42 -13.51 -15.94
N ARG A 35 -34.54 -12.81 -15.92
CA ARG A 35 -35.37 -12.67 -17.11
C ARG A 35 -35.89 -11.25 -17.25
N PHE A 36 -36.13 -10.85 -18.49
CA PHE A 36 -36.69 -9.55 -18.79
C PHE A 36 -37.62 -9.67 -20.00
N ASP A 37 -38.87 -9.31 -19.80
CA ASP A 37 -39.87 -9.32 -20.85
C ASP A 37 -40.42 -7.92 -21.01
N SER A 38 -40.58 -7.49 -22.25
CA SER A 38 -41.11 -6.16 -22.55
C SER A 38 -42.61 -6.07 -22.29
N ASP A 39 -43.28 -7.23 -22.26
CA ASP A 39 -44.73 -7.30 -22.09
C ASP A 39 -45.20 -7.46 -20.65
N ALA A 40 -44.27 -7.74 -19.74
CA ALA A 40 -44.60 -7.87 -18.31
C ALA A 40 -45.24 -6.58 -17.76
N ALA A 41 -45.89 -6.70 -16.60
CA ALA A 41 -46.62 -5.58 -15.99
C ALA A 41 -45.82 -4.28 -15.94
N SER A 42 -44.65 -4.32 -15.30
CA SER A 42 -43.75 -3.17 -15.26
C SER A 42 -42.34 -3.62 -15.65
N PRO A 43 -41.95 -3.40 -16.94
CA PRO A 43 -40.68 -3.89 -17.49
C PRO A 43 -39.47 -3.61 -16.60
N ARG A 44 -39.04 -4.63 -15.87
CA ARG A 44 -37.84 -4.56 -15.05
C ARG A 44 -37.24 -5.96 -14.98
N THR A 45 -35.92 -6.03 -14.78
CA THR A 45 -35.22 -7.31 -14.66
C THR A 45 -35.65 -8.03 -13.39
N GLU A 46 -36.00 -9.31 -13.52
CA GLU A 46 -36.49 -10.13 -12.40
C GLU A 46 -35.51 -11.27 -12.06
N PRO A 47 -35.25 -11.51 -10.76
CA PRO A 47 -34.41 -12.62 -10.31
C PRO A 47 -35.05 -13.99 -10.57
N ARG A 48 -34.25 -14.97 -10.96
CA ARG A 48 -34.72 -16.32 -11.23
C ARG A 48 -33.86 -17.38 -10.52
N ALA A 49 -32.86 -16.91 -9.78
CA ALA A 49 -32.03 -17.78 -8.94
C ALA A 49 -31.94 -17.17 -7.55
N PRO A 50 -31.81 -18.02 -6.52
CA PRO A 50 -31.79 -17.49 -5.14
C PRO A 50 -30.59 -16.60 -4.84
N TRP A 51 -29.42 -16.98 -5.34
CA TRP A 51 -28.15 -16.31 -5.01
C TRP A 51 -28.03 -14.88 -5.55
N ILE A 52 -28.76 -14.56 -6.61
CA ILE A 52 -28.71 -13.24 -7.20
C ILE A 52 -29.53 -12.21 -6.42
N GLU A 53 -30.38 -12.69 -5.51
CA GLU A 53 -31.23 -11.79 -4.72
C GLU A 53 -30.45 -10.94 -3.72
N GLN A 54 -29.15 -11.23 -3.57
CA GLN A 54 -28.27 -10.46 -2.71
C GLN A 54 -27.75 -9.20 -3.40
N GLU A 55 -27.95 -9.11 -4.71
CA GLU A 55 -27.51 -7.96 -5.49
C GLU A 55 -28.39 -6.76 -5.19
N GLY A 56 -27.78 -5.60 -5.00
CA GLY A 56 -28.48 -4.41 -4.55
C GLY A 56 -29.34 -3.72 -5.60
N PRO A 57 -30.12 -2.71 -5.17
CA PRO A 57 -30.98 -1.90 -6.06
C PRO A 57 -30.23 -1.32 -7.25
N GLU A 58 -28.95 -1.01 -7.05
CA GLU A 58 -28.07 -0.49 -8.09
C GLU A 58 -27.93 -1.51 -9.22
N TYR A 59 -27.94 -2.79 -8.86
CA TYR A 59 -27.83 -3.87 -9.84
C TYR A 59 -29.08 -3.99 -10.70
N TRP A 60 -30.24 -3.91 -10.08
CA TRP A 60 -31.50 -4.10 -10.80
C TRP A 60 -31.86 -2.89 -11.64
N ASP A 61 -31.56 -1.69 -11.14
CA ASP A 61 -31.75 -0.45 -11.89
C ASP A 61 -30.95 -0.44 -13.19
N ARG A 62 -29.70 -0.88 -13.11
CA ARG A 62 -28.77 -0.88 -14.24
C ARG A 62 -29.17 -1.91 -15.28
N ASN A 63 -29.47 -3.13 -14.82
CA ASN A 63 -29.97 -4.17 -15.70
C ASN A 63 -31.24 -3.72 -16.41
N THR A 64 -32.20 -3.20 -15.63
CA THR A 64 -33.45 -2.63 -16.16
C THR A 64 -33.18 -1.64 -17.30
N GLN A 65 -32.31 -0.67 -17.03
CA GLN A 65 -31.93 0.35 -18.01
C GLN A 65 -31.37 -0.28 -19.27
N ILE A 66 -30.37 -1.15 -19.10
CA ILE A 66 -29.70 -1.82 -20.21
C ILE A 66 -30.69 -2.56 -21.10
N PHE A 67 -31.66 -3.25 -20.48
CA PHE A 67 -32.65 -4.00 -21.25
C PHE A 67 -33.71 -3.12 -21.87
N LYS A 68 -34.04 -2.01 -21.21
CA LYS A 68 -35.00 -1.06 -21.74
C LYS A 68 -34.44 -0.37 -22.99
N THR A 69 -33.13 -0.17 -22.99
CA THR A 69 -32.44 0.50 -24.09
C THR A 69 -32.34 -0.47 -25.28
N ASN A 70 -32.22 -1.75 -24.96
CA ASN A 70 -32.22 -2.78 -25.98
C ASN A 70 -33.59 -3.04 -26.60
N THR A 71 -34.64 -2.79 -25.81
CA THR A 71 -36.02 -2.87 -26.28
C THR A 71 -36.20 -2.02 -27.53
N GLN A 72 -35.80 -0.75 -27.46
CA GLN A 72 -35.92 0.17 -28.57
C GLN A 72 -34.98 -0.17 -29.74
N THR A 73 -33.79 -0.67 -29.40
CA THR A 73 -32.74 -0.94 -30.38
C THR A 73 -33.02 -2.16 -31.24
N TYR A 74 -33.52 -3.23 -30.61
CA TYR A 74 -33.91 -4.44 -31.34
C TYR A 74 -35.20 -4.22 -32.13
N ARG A 75 -36.07 -3.34 -31.64
CA ARG A 75 -37.22 -2.87 -32.41
C ARG A 75 -36.74 -2.16 -33.67
N GLU A 76 -35.77 -1.27 -33.51
CA GLU A 76 -35.12 -0.57 -34.61
C GLU A 76 -34.46 -1.56 -35.57
N SER A 77 -33.78 -2.55 -34.99
CA SER A 77 -33.12 -3.60 -35.78
C SER A 77 -34.13 -4.32 -36.66
N LEU A 78 -35.28 -4.63 -36.09
CA LEU A 78 -36.37 -5.32 -36.80
C LEU A 78 -36.93 -4.55 -37.98
N ARG A 79 -36.86 -3.22 -37.93
CA ARG A 79 -37.20 -2.39 -39.08
C ARG A 79 -36.06 -2.44 -40.10
N ASN A 80 -34.82 -2.32 -39.63
CA ASN A 80 -33.67 -2.33 -40.51
C ASN A 80 -33.59 -3.62 -41.33
N LEU A 81 -33.83 -4.75 -40.66
CA LEU A 81 -33.85 -6.05 -41.35
C LEU A 81 -34.99 -6.14 -42.35
N ARG A 82 -36.20 -5.77 -41.91
CA ARG A 82 -37.35 -5.70 -42.80
C ARG A 82 -37.10 -4.76 -43.99
N GLY A 83 -36.07 -3.92 -43.86
CA GLY A 83 -35.65 -3.04 -44.93
C GLY A 83 -34.65 -3.68 -45.89
N TYR A 84 -33.71 -4.44 -45.34
CA TYR A 84 -32.71 -5.14 -46.14
C TYR A 84 -33.32 -6.26 -46.98
N TYR A 85 -34.19 -7.06 -46.37
CA TYR A 85 -34.83 -8.18 -47.06
C TYR A 85 -36.06 -7.74 -47.84
N ASN A 86 -36.40 -6.46 -47.73
CA ASN A 86 -37.56 -5.87 -48.41
C ASN A 86 -38.88 -6.53 -48.00
N GLN A 87 -38.95 -6.94 -46.73
CA GLN A 87 -40.11 -7.65 -46.22
C GLN A 87 -41.25 -6.70 -45.89
N SER A 88 -42.46 -7.13 -46.20
CA SER A 88 -43.66 -6.36 -45.88
C SER A 88 -44.01 -6.53 -44.41
N GLU A 89 -44.88 -5.65 -43.91
CA GLU A 89 -45.29 -5.68 -42.52
C GLU A 89 -46.45 -6.67 -42.36
N ALA A 90 -46.54 -7.62 -43.30
CA ALA A 90 -47.57 -8.66 -43.27
C ALA A 90 -47.11 -9.88 -42.47
N GLY A 91 -45.82 -9.92 -42.15
CA GLY A 91 -45.26 -11.06 -41.44
C GLY A 91 -44.57 -10.75 -40.12
N SER A 92 -44.68 -11.69 -39.18
CA SER A 92 -43.95 -11.63 -37.92
C SER A 92 -42.54 -12.17 -38.14
N HIS A 93 -41.58 -11.52 -37.49
CA HIS A 93 -40.16 -11.84 -37.70
C HIS A 93 -39.38 -11.83 -36.37
N ILE A 94 -38.32 -12.63 -36.31
CA ILE A 94 -37.61 -12.88 -35.06
C ILE A 94 -36.09 -12.69 -35.17
N ILE A 95 -35.55 -11.81 -34.33
CA ILE A 95 -34.11 -11.71 -34.14
C ILE A 95 -33.71 -12.46 -32.88
N GLN A 96 -32.78 -13.40 -33.02
CA GLN A 96 -32.23 -14.12 -31.87
C GLN A 96 -30.76 -13.75 -31.65
N ARG A 97 -30.37 -13.66 -30.38
CA ARG A 97 -28.98 -13.40 -30.03
C ARG A 97 -28.56 -14.20 -28.81
N MET A 98 -27.36 -14.78 -28.89
CA MET A 98 -26.76 -15.41 -27.72
C MET A 98 -25.27 -15.07 -27.59
N TYR A 99 -24.89 -14.56 -26.43
CA TYR A 99 -23.51 -14.21 -26.15
C TYR A 99 -23.09 -14.64 -24.75
N GLY A 100 -21.78 -14.69 -24.51
CA GLY A 100 -21.26 -15.02 -23.18
C GLY A 100 -19.87 -15.60 -23.22
N CYS A 101 -19.36 -15.91 -22.03
CA CYS A 101 -17.99 -16.41 -21.87
C CYS A 101 -17.97 -17.76 -21.17
N ASP A 102 -17.03 -18.61 -21.57
CA ASP A 102 -16.82 -19.90 -20.92
C ASP A 102 -15.58 -19.82 -20.07
N LEU A 103 -15.59 -20.51 -18.93
CA LEU A 103 -14.40 -20.67 -18.12
C LEU A 103 -14.03 -22.13 -18.02
N GLY A 104 -12.74 -22.42 -17.90
CA GLY A 104 -12.26 -23.78 -17.77
C GLY A 104 -12.43 -24.32 -16.35
N PRO A 105 -12.19 -25.63 -16.16
CA PRO A 105 -12.21 -26.22 -14.81
C PRO A 105 -11.10 -25.65 -13.94
N ASP A 106 -10.60 -24.49 -14.32
CA ASP A 106 -9.42 -23.86 -13.72
C ASP A 106 -9.74 -22.43 -13.28
N GLY A 107 -10.84 -21.89 -13.80
CA GLY A 107 -11.22 -20.50 -13.55
C GLY A 107 -10.86 -19.56 -14.69
N ARG A 108 -9.87 -19.96 -15.48
CA ARG A 108 -9.40 -19.16 -16.60
C ARG A 108 -10.38 -19.15 -17.76
N LEU A 109 -10.41 -18.05 -18.50
CA LEU A 109 -11.28 -17.90 -19.67
C LEU A 109 -10.86 -18.81 -20.81
N LEU A 110 -11.81 -19.60 -21.30
CA LEU A 110 -11.61 -20.50 -22.45
C LEU A 110 -11.87 -19.79 -23.78
N ARG A 111 -13.06 -19.19 -23.92
CA ARG A 111 -13.40 -18.36 -25.07
C ARG A 111 -14.68 -17.53 -24.87
N GLY A 112 -14.91 -16.60 -25.80
CA GLY A 112 -16.12 -15.79 -25.83
C GLY A 112 -17.01 -16.15 -27.01
N HIS A 113 -18.29 -15.76 -26.92
CA HIS A 113 -19.25 -16.02 -27.99
C HIS A 113 -20.20 -14.85 -28.20
N ASP A 114 -20.53 -14.58 -29.45
CA ASP A 114 -21.57 -13.62 -29.82
C ASP A 114 -22.22 -13.99 -31.16
N GLN A 115 -23.40 -14.59 -31.10
CA GLN A 115 -24.11 -15.02 -32.31
C GLN A 115 -25.51 -14.46 -32.40
N SER A 116 -25.94 -14.16 -33.62
CA SER A 116 -27.29 -13.66 -33.89
C SER A 116 -27.95 -14.39 -35.07
N ALA A 117 -29.28 -14.43 -35.05
CA ALA A 117 -30.05 -15.12 -36.08
C ALA A 117 -31.30 -14.35 -36.45
N TYR A 118 -31.72 -14.49 -37.71
CA TYR A 118 -32.97 -13.91 -38.19
C TYR A 118 -33.83 -15.00 -38.77
N ASP A 119 -35.09 -15.05 -38.33
CA ASP A 119 -36.06 -16.08 -38.71
C ASP A 119 -35.49 -17.49 -38.56
N GLY A 120 -34.70 -17.70 -37.51
CA GLY A 120 -34.17 -19.02 -37.17
C GLY A 120 -32.90 -19.44 -37.88
N LYS A 121 -32.35 -18.55 -38.71
CA LYS A 121 -31.17 -18.84 -39.52
C LYS A 121 -30.00 -17.95 -39.14
N ASP A 122 -28.79 -18.54 -39.11
CA ASP A 122 -27.56 -17.79 -38.83
C ASP A 122 -27.54 -16.49 -39.62
N TYR A 123 -27.12 -15.41 -38.98
CA TYR A 123 -27.13 -14.09 -39.59
C TYR A 123 -25.77 -13.44 -39.51
N ILE A 124 -25.32 -13.15 -38.29
CA ILE A 124 -23.98 -12.62 -38.08
C ILE A 124 -23.40 -13.21 -36.79
N ALA A 125 -22.09 -13.43 -36.78
CA ALA A 125 -21.42 -14.00 -35.62
C ALA A 125 -20.03 -13.40 -35.45
N LEU A 126 -19.66 -13.12 -34.21
CA LEU A 126 -18.31 -12.70 -33.89
C LEU A 126 -17.35 -13.86 -34.08
N ASN A 127 -16.16 -13.57 -34.61
CA ASN A 127 -15.13 -14.58 -34.85
C ASN A 127 -14.35 -14.92 -33.58
N GLU A 128 -13.49 -15.93 -33.67
CA GLU A 128 -12.66 -16.38 -32.54
C GLU A 128 -11.64 -15.30 -32.10
N ASP A 129 -11.27 -14.42 -33.02
CA ASP A 129 -10.33 -13.34 -32.69
C ASP A 129 -10.96 -12.19 -31.88
N LEU A 130 -12.29 -12.10 -31.92
CA LEU A 130 -13.04 -11.03 -31.26
C LEU A 130 -12.76 -9.65 -31.88
N SER A 131 -12.30 -9.66 -33.12
CA SER A 131 -11.99 -8.44 -33.88
C SER A 131 -12.83 -8.34 -35.15
N SER A 132 -13.45 -9.46 -35.55
CA SER A 132 -14.14 -9.52 -36.85
C SER A 132 -15.44 -10.33 -36.84
N TRP A 133 -16.22 -10.16 -37.91
CA TRP A 133 -17.53 -10.79 -38.04
C TRP A 133 -17.61 -11.69 -39.27
N THR A 134 -18.35 -12.78 -39.12
CA THR A 134 -18.77 -13.61 -40.25
C THR A 134 -20.24 -13.32 -40.53
N ALA A 135 -20.53 -12.86 -41.75
CA ALA A 135 -21.91 -12.60 -42.17
C ALA A 135 -22.42 -13.75 -43.02
N ALA A 136 -23.68 -14.12 -42.82
CA ALA A 136 -24.27 -15.27 -43.50
C ALA A 136 -24.75 -14.94 -44.91
N ASP A 137 -25.50 -13.84 -45.04
CA ASP A 137 -25.89 -13.34 -46.37
C ASP A 137 -25.60 -11.84 -46.53
N THR A 138 -25.93 -11.29 -47.69
CA THR A 138 -25.62 -9.90 -48.02
C THR A 138 -26.36 -8.85 -47.19
N ALA A 139 -27.49 -9.24 -46.60
CA ALA A 139 -28.20 -8.39 -45.65
C ALA A 139 -27.37 -8.17 -44.39
N ALA A 140 -26.71 -9.23 -43.92
CA ALA A 140 -25.85 -9.17 -42.74
C ALA A 140 -24.54 -8.43 -43.00
N GLN A 141 -24.19 -8.30 -44.28
CA GLN A 141 -22.98 -7.59 -44.70
C GLN A 141 -23.16 -6.07 -44.57
N ILE A 142 -24.42 -5.62 -44.60
CA ILE A 142 -24.76 -4.22 -44.33
C ILE A 142 -24.62 -3.96 -42.82
N THR A 143 -25.06 -4.94 -42.03
CA THR A 143 -24.86 -4.93 -40.58
C THR A 143 -23.37 -4.87 -40.24
N GLN A 144 -22.59 -5.71 -40.94
CA GLN A 144 -21.15 -5.79 -40.73
C GLN A 144 -20.46 -4.45 -40.95
N ARG A 145 -20.85 -3.74 -42.01
CA ARG A 145 -20.30 -2.40 -42.30
C ARG A 145 -20.67 -1.39 -41.21
N LYS A 146 -21.91 -1.48 -40.71
CA LYS A 146 -22.36 -0.62 -39.62
C LYS A 146 -21.53 -0.87 -38.36
N TRP A 147 -21.31 -2.15 -38.05
CA TRP A 147 -20.61 -2.53 -36.82
C TRP A 147 -19.09 -2.27 -36.86
N GLU A 148 -18.52 -2.30 -38.07
CA GLU A 148 -17.09 -2.01 -38.24
C GLU A 148 -16.82 -0.50 -38.10
N ALA A 149 -17.65 0.30 -38.77
CA ALA A 149 -17.58 1.75 -38.71
C ALA A 149 -17.70 2.29 -37.28
N ALA A 150 -18.53 1.60 -36.48
CA ALA A 150 -18.79 1.97 -35.08
C ALA A 150 -17.92 1.18 -34.09
N ARG A 151 -17.05 0.32 -34.64
CA ARG A 151 -16.11 -0.49 -33.85
C ARG A 151 -16.79 -1.21 -32.69
N VAL A 152 -17.79 -2.02 -33.02
CA VAL A 152 -18.60 -2.71 -31.99
C VAL A 152 -17.88 -3.94 -31.43
N ALA A 153 -17.04 -4.57 -32.24
CA ALA A 153 -16.22 -5.71 -31.81
C ALA A 153 -15.34 -5.33 -30.62
N GLU A 154 -15.06 -4.03 -30.49
CA GLU A 154 -14.32 -3.50 -29.36
C GLU A 154 -15.12 -3.64 -28.07
N GLN A 155 -16.37 -3.17 -28.11
CA GLN A 155 -17.29 -3.26 -26.97
C GLN A 155 -17.42 -4.68 -26.47
N LEU A 156 -17.59 -5.62 -27.39
CA LEU A 156 -17.77 -7.04 -27.06
C LEU A 156 -16.54 -7.66 -26.43
N ARG A 157 -15.37 -7.43 -27.02
CA ARG A 157 -14.11 -7.93 -26.45
C ARG A 157 -13.87 -7.38 -25.03
N ALA A 158 -14.30 -6.15 -24.79
CA ALA A 158 -14.22 -5.54 -23.46
C ALA A 158 -15.18 -6.22 -22.51
N TYR A 159 -16.26 -6.77 -23.04
CA TYR A 159 -17.23 -7.50 -22.25
C TYR A 159 -16.80 -8.96 -22.04
N LEU A 160 -16.57 -9.68 -23.13
CA LEU A 160 -16.26 -11.12 -23.08
C LEU A 160 -14.98 -11.46 -22.31
N GLU A 161 -13.94 -10.66 -22.49
CA GLU A 161 -12.68 -10.85 -21.78
C GLU A 161 -12.61 -10.08 -20.44
N GLY A 162 -13.60 -9.21 -20.21
CA GLY A 162 -13.58 -8.31 -19.06
C GLY A 162 -14.75 -8.51 -18.12
N LEU A 163 -15.85 -7.79 -18.37
CA LEU A 163 -17.02 -7.80 -17.49
C LEU A 163 -17.64 -9.19 -17.37
N CYS A 164 -17.75 -9.88 -18.49
CA CYS A 164 -18.30 -11.23 -18.53
C CYS A 164 -17.57 -12.17 -17.55
N VAL A 165 -16.24 -12.10 -17.54
CA VAL A 165 -15.42 -12.96 -16.69
C VAL A 165 -15.58 -12.60 -15.22
N GLU A 166 -15.39 -11.32 -14.91
CA GLU A 166 -15.44 -10.81 -13.54
C GLU A 166 -16.77 -11.09 -12.86
N TRP A 167 -17.87 -10.80 -13.56
CA TRP A 167 -19.20 -11.00 -13.02
C TRP A 167 -19.56 -12.47 -12.84
N LEU A 168 -19.18 -13.30 -13.82
CA LEU A 168 -19.37 -14.74 -13.72
C LEU A 168 -18.71 -15.28 -12.46
N ARG A 169 -17.47 -14.86 -12.23
CA ARG A 169 -16.74 -15.26 -11.02
C ARG A 169 -17.49 -14.85 -9.75
N ARG A 170 -17.99 -13.62 -9.73
CA ARG A 170 -18.82 -13.16 -8.62
C ARG A 170 -20.05 -14.07 -8.39
N TYR A 171 -20.77 -14.37 -9.46
CA TYR A 171 -21.96 -15.24 -9.38
C TYR A 171 -21.60 -16.64 -8.89
N LEU A 172 -20.48 -17.17 -9.40
CA LEU A 172 -20.00 -18.49 -9.01
C LEU A 172 -19.65 -18.59 -7.53
N GLU A 173 -19.11 -17.52 -6.95
CA GLU A 173 -18.86 -17.52 -5.50
C GLU A 173 -20.15 -17.31 -4.71
N ASN A 174 -20.91 -16.27 -5.05
CA ASN A 174 -22.16 -15.96 -4.36
C ASN A 174 -23.13 -17.14 -4.18
N GLY A 175 -23.13 -18.06 -5.15
CA GLY A 175 -23.98 -19.25 -5.09
C GLY A 175 -23.23 -20.54 -5.35
N LYS A 176 -22.00 -20.61 -4.86
CA LYS A 176 -21.11 -21.77 -5.06
C LYS A 176 -21.72 -23.11 -4.69
N GLU A 177 -22.59 -23.10 -3.68
CA GLU A 177 -23.13 -24.33 -3.14
C GLU A 177 -24.32 -24.88 -3.97
N THR A 178 -24.73 -24.14 -4.99
CA THR A 178 -25.70 -24.65 -5.97
C THR A 178 -25.15 -24.61 -7.40
N LEU A 179 -24.12 -23.78 -7.62
CA LEU A 179 -23.54 -23.65 -8.95
C LEU A 179 -22.27 -24.46 -9.17
N GLN A 180 -21.56 -24.79 -8.08
CA GLN A 180 -20.27 -25.49 -8.18
C GLN A 180 -20.29 -26.91 -7.63
N ARG A 181 -21.28 -27.21 -6.80
CA ARG A 181 -21.52 -28.56 -6.33
C ARG A 181 -22.59 -29.20 -7.21
N ALA A 182 -22.30 -30.39 -7.74
CA ALA A 182 -23.19 -31.05 -8.69
C ALA A 182 -24.13 -32.06 -8.04
N ASP A 183 -25.38 -32.05 -8.48
CA ASP A 183 -26.37 -33.03 -8.07
C ASP A 183 -26.23 -34.32 -8.90
N PRO A 184 -25.92 -35.45 -8.23
CA PRO A 184 -25.88 -36.75 -8.90
C PRO A 184 -27.28 -37.29 -9.22
N PRO A 185 -27.39 -38.18 -10.22
CA PRO A 185 -28.67 -38.79 -10.58
C PRO A 185 -29.17 -39.79 -9.54
N LYS A 186 -30.50 -39.91 -9.45
CA LYS A 186 -31.15 -40.95 -8.67
C LYS A 186 -31.58 -42.03 -9.66
N THR A 187 -30.79 -43.10 -9.75
CA THR A 187 -31.00 -44.11 -10.77
C THR A 187 -31.66 -45.39 -10.24
N HIS A 188 -32.50 -45.97 -11.08
CA HIS A 188 -33.10 -47.29 -10.84
C HIS A 188 -33.48 -47.91 -12.19
N VAL A 189 -33.86 -49.18 -12.18
CA VAL A 189 -34.27 -49.86 -13.41
C VAL A 189 -35.65 -50.46 -13.25
N THR A 190 -36.54 -50.13 -14.17
CA THR A 190 -37.89 -50.70 -14.19
C THR A 190 -38.03 -51.79 -15.25
N HIS A 191 -38.89 -52.76 -14.96
CA HIS A 191 -39.19 -53.87 -15.86
C HIS A 191 -40.64 -53.78 -16.29
N HIS A 192 -40.88 -53.88 -17.59
CA HIS A 192 -42.24 -53.77 -18.10
C HIS A 192 -42.47 -54.58 -19.37
N PRO A 193 -43.29 -55.64 -19.27
CA PRO A 193 -43.65 -56.47 -20.43
C PRO A 193 -44.41 -55.69 -21.48
N VAL A 194 -44.14 -55.99 -22.75
CA VAL A 194 -44.86 -55.41 -23.89
C VAL A 194 -45.32 -56.51 -24.86
N SER A 195 -45.16 -57.76 -24.42
CA SER A 195 -45.58 -58.95 -25.18
C SER A 195 -45.67 -60.13 -24.22
N ASP A 196 -45.72 -61.35 -24.77
CA ASP A 196 -45.80 -62.56 -23.94
C ASP A 196 -44.46 -63.26 -23.69
N HIS A 197 -43.44 -62.91 -24.47
CA HIS A 197 -42.03 -63.18 -24.09
C HIS A 197 -40.96 -62.30 -24.77
N GLU A 198 -41.13 -60.99 -24.61
CA GLU A 198 -40.09 -59.98 -24.84
C GLU A 198 -40.50 -58.69 -24.12
N ALA A 199 -39.65 -58.22 -23.19
CA ALA A 199 -40.01 -57.14 -22.26
C ALA A 199 -39.12 -55.89 -22.32
N THR A 200 -39.62 -54.78 -21.77
CA THR A 200 -38.88 -53.52 -21.74
C THR A 200 -38.07 -53.36 -20.45
N LEU A 201 -36.80 -53.00 -20.58
CA LEU A 201 -36.00 -52.58 -19.44
C LEU A 201 -35.65 -51.11 -19.57
N ARG A 202 -36.31 -50.29 -18.75
CA ARG A 202 -36.11 -48.85 -18.79
C ARG A 202 -35.23 -48.39 -17.63
N CYS A 203 -34.15 -47.68 -17.96
CA CYS A 203 -33.20 -47.17 -16.99
C CYS A 203 -33.45 -45.70 -16.71
N TRP A 204 -33.98 -45.40 -15.54
CA TRP A 204 -34.34 -44.02 -15.16
C TRP A 204 -33.17 -43.25 -14.53
N ALA A 205 -33.16 -41.94 -14.77
CA ALA A 205 -32.23 -41.01 -14.14
C ALA A 205 -32.97 -39.72 -13.81
N LEU A 206 -33.07 -39.41 -12.52
CA LEU A 206 -33.89 -38.29 -12.07
C LEU A 206 -33.19 -37.41 -11.03
N GLY A 207 -33.56 -36.13 -11.01
CA GLY A 207 -33.04 -35.17 -10.03
C GLY A 207 -31.55 -34.88 -10.08
N PHE A 208 -31.02 -34.69 -11.28
CA PHE A 208 -29.59 -34.41 -11.45
C PHE A 208 -29.32 -33.02 -12.04
N TYR A 209 -28.15 -32.46 -11.72
CA TYR A 209 -27.67 -31.18 -12.25
C TYR A 209 -26.14 -31.20 -12.42
N PRO A 210 -25.64 -30.67 -13.56
CA PRO A 210 -26.36 -30.11 -14.71
C PRO A 210 -26.93 -31.18 -15.64
N ALA A 211 -27.37 -30.76 -16.84
CA ALA A 211 -28.05 -31.63 -17.81
C ALA A 211 -27.15 -32.71 -18.44
N GLU A 212 -25.84 -32.50 -18.38
CA GLU A 212 -24.90 -33.43 -18.98
C GLU A 212 -25.01 -34.82 -18.34
N ILE A 213 -25.45 -35.78 -19.13
CA ILE A 213 -25.60 -37.16 -18.67
C ILE A 213 -25.51 -38.12 -19.84
N THR A 214 -24.91 -39.28 -19.59
CA THR A 214 -24.85 -40.35 -20.57
C THR A 214 -25.56 -41.57 -19.99
N LEU A 215 -26.52 -42.09 -20.73
CA LEU A 215 -27.19 -43.33 -20.38
C LEU A 215 -27.00 -44.33 -21.51
N THR A 216 -26.47 -45.50 -21.19
CA THR A 216 -26.23 -46.54 -22.19
C THR A 216 -26.64 -47.92 -21.69
N TRP A 217 -27.07 -48.78 -22.60
CA TRP A 217 -27.37 -50.18 -22.30
C TRP A 217 -26.28 -51.09 -22.85
N GLN A 218 -25.96 -52.14 -22.11
CA GLN A 218 -24.95 -53.12 -22.52
C GLN A 218 -25.39 -54.55 -22.27
N ARG A 219 -25.20 -55.41 -23.27
CA ARG A 219 -25.41 -56.85 -23.12
C ARG A 219 -24.08 -57.57 -23.32
N ASP A 220 -23.77 -58.47 -22.37
CA ASP A 220 -22.54 -59.28 -22.39
C ASP A 220 -21.24 -58.44 -22.26
N GLY A 221 -21.37 -57.13 -22.47
CA GLY A 221 -20.24 -56.20 -22.44
C GLY A 221 -20.17 -55.32 -23.68
N GLU A 222 -21.20 -55.42 -24.52
CA GLU A 222 -21.28 -54.64 -25.76
C GLU A 222 -22.46 -53.66 -25.71
N ASP A 223 -22.20 -52.43 -26.15
CA ASP A 223 -23.22 -51.36 -26.17
C ASP A 223 -24.38 -51.66 -27.13
N GLN A 224 -25.59 -51.47 -26.62
CA GLN A 224 -26.81 -51.66 -27.43
C GLN A 224 -27.20 -50.38 -28.15
N THR A 225 -26.20 -49.73 -28.76
CA THR A 225 -26.35 -48.42 -29.39
C THR A 225 -27.43 -48.36 -30.47
N GLN A 226 -27.92 -49.53 -30.87
CA GLN A 226 -28.90 -49.64 -31.95
C GLN A 226 -30.33 -49.72 -31.42
N ASP A 227 -30.55 -50.60 -30.45
CA ASP A 227 -31.89 -50.98 -30.03
C ASP A 227 -32.35 -50.25 -28.76
N THR A 228 -31.92 -49.00 -28.62
CA THR A 228 -32.23 -48.20 -27.44
C THR A 228 -33.08 -46.98 -27.79
N GLU A 229 -34.25 -46.88 -27.16
CA GLU A 229 -35.04 -45.65 -27.21
C GLU A 229 -34.53 -44.73 -26.12
N LEU A 230 -34.13 -43.53 -26.52
CA LEU A 230 -33.43 -42.60 -25.66
C LEU A 230 -34.08 -41.22 -25.78
N VAL A 231 -34.82 -40.82 -24.76
CA VAL A 231 -35.52 -39.54 -24.75
C VAL A 231 -34.56 -38.37 -24.60
N GLU A 232 -35.04 -37.17 -24.97
CA GLU A 232 -34.28 -35.96 -24.74
C GLU A 232 -34.25 -35.63 -23.25
N THR A 233 -33.12 -35.11 -22.80
CA THR A 233 -32.97 -34.65 -21.42
C THR A 233 -33.99 -33.55 -21.16
N ARG A 234 -34.74 -33.70 -20.08
CA ARG A 234 -35.90 -32.86 -19.82
C ARG A 234 -35.85 -32.23 -18.42
N PRO A 235 -36.28 -30.96 -18.29
CA PRO A 235 -36.30 -30.26 -17.00
C PRO A 235 -37.37 -30.81 -16.07
N ALA A 236 -37.00 -31.09 -14.83
CA ALA A 236 -37.98 -31.55 -13.85
C ALA A 236 -38.90 -30.41 -13.38
N GLY A 237 -38.43 -29.17 -13.51
CA GLY A 237 -39.20 -28.00 -13.10
C GLY A 237 -38.78 -27.46 -11.75
N ASP A 238 -37.81 -28.13 -11.15
CA ASP A 238 -37.26 -27.71 -9.86
C ASP A 238 -35.73 -27.63 -9.88
N ARG A 239 -35.20 -27.03 -10.95
CA ARG A 239 -33.75 -26.86 -11.14
C ARG A 239 -33.00 -28.20 -11.21
N THR A 240 -33.70 -29.25 -11.62
CA THR A 240 -33.09 -30.56 -11.86
C THR A 240 -33.59 -31.11 -13.20
N PHE A 241 -32.94 -32.16 -13.69
CA PHE A 241 -33.25 -32.70 -15.01
C PHE A 241 -33.58 -34.19 -14.97
N GLN A 242 -34.16 -34.70 -16.05
CA GLN A 242 -34.57 -36.11 -16.14
C GLN A 242 -34.18 -36.74 -17.48
N LYS A 243 -33.90 -38.05 -17.45
CA LYS A 243 -33.68 -38.82 -18.67
C LYS A 243 -33.87 -40.31 -18.41
N TRP A 244 -34.27 -41.05 -19.45
CA TRP A 244 -34.24 -42.51 -19.40
C TRP A 244 -33.81 -43.18 -20.70
N ALA A 245 -33.36 -44.43 -20.59
CA ALA A 245 -32.96 -45.24 -21.74
C ALA A 245 -33.64 -46.61 -21.65
N ALA A 246 -34.36 -46.98 -22.71
CA ALA A 246 -35.15 -48.21 -22.71
C ALA A 246 -34.74 -49.18 -23.81
N VAL A 247 -34.84 -50.48 -23.51
CA VAL A 247 -34.53 -51.54 -24.47
C VAL A 247 -35.50 -52.72 -24.33
N VAL A 248 -35.84 -53.33 -25.46
CA VAL A 248 -36.74 -54.49 -25.48
C VAL A 248 -35.90 -55.78 -25.46
N VAL A 249 -36.05 -56.53 -24.37
CA VAL A 249 -35.25 -57.73 -24.11
C VAL A 249 -36.10 -59.02 -24.14
N PRO A 250 -35.53 -60.13 -24.63
CA PRO A 250 -36.25 -61.41 -24.59
C PRO A 250 -36.46 -61.89 -23.15
N SER A 251 -37.71 -62.21 -22.80
CA SER A 251 -38.08 -62.62 -21.44
C SER A 251 -37.19 -63.74 -20.89
N GLY A 252 -36.82 -63.60 -19.62
CA GLY A 252 -35.91 -64.53 -18.96
C GLY A 252 -34.45 -64.27 -19.29
N GLU A 253 -34.19 -63.16 -19.98
CA GLU A 253 -32.84 -62.76 -20.38
C GLU A 253 -32.54 -61.33 -19.95
N GLU A 254 -33.15 -60.91 -18.84
CA GLU A 254 -32.99 -59.55 -18.31
C GLU A 254 -31.57 -59.29 -17.82
N GLN A 255 -31.03 -60.25 -17.07
CA GLN A 255 -29.79 -60.05 -16.30
C GLN A 255 -28.50 -60.11 -17.15
N ARG A 256 -28.67 -60.15 -18.47
CA ARG A 256 -27.55 -60.02 -19.40
C ARG A 256 -27.29 -58.54 -19.68
N TYR A 257 -28.29 -57.70 -19.36
CA TYR A 257 -28.27 -56.28 -19.71
C TYR A 257 -27.89 -55.39 -18.54
N THR A 258 -27.07 -54.37 -18.82
CA THR A 258 -26.60 -53.42 -17.81
C THR A 258 -26.74 -51.99 -18.30
N CYS A 259 -27.31 -51.13 -17.46
CA CYS A 259 -27.34 -49.70 -17.71
C CYS A 259 -26.07 -49.05 -17.17
N HIS A 260 -25.58 -48.04 -17.89
CA HIS A 260 -24.39 -47.31 -17.46
C HIS A 260 -24.66 -45.82 -17.40
N VAL A 261 -24.32 -45.22 -16.26
CA VAL A 261 -24.60 -43.82 -16.00
C VAL A 261 -23.29 -43.06 -15.80
N GLN A 262 -23.10 -42.01 -16.60
CA GLN A 262 -21.98 -41.09 -16.43
C GLN A 262 -22.50 -39.67 -16.22
N HIS A 263 -22.14 -39.09 -15.09
CA HIS A 263 -22.55 -37.74 -14.70
C HIS A 263 -21.62 -37.11 -13.69
N GLU A 264 -21.35 -35.82 -13.89
CA GLU A 264 -20.44 -35.02 -13.06
C GLU A 264 -20.54 -35.30 -11.55
N GLY A 265 -21.76 -35.33 -11.03
CA GLY A 265 -22.01 -35.53 -9.60
C GLY A 265 -21.67 -36.90 -9.07
N LEU A 266 -21.52 -37.87 -9.97
CA LEU A 266 -21.11 -39.22 -9.60
C LEU A 266 -19.59 -39.31 -9.54
N PRO A 267 -19.04 -39.74 -8.38
CA PRO A 267 -17.59 -39.91 -8.22
C PRO A 267 -17.03 -40.94 -9.20
N LYS A 268 -17.84 -41.93 -9.55
CA LYS A 268 -17.48 -42.97 -10.50
C LYS A 268 -18.71 -43.35 -11.33
N PRO A 269 -18.53 -43.62 -12.63
CA PRO A 269 -19.58 -44.20 -13.50
C PRO A 269 -20.30 -45.40 -12.87
N LEU A 270 -21.62 -45.32 -12.78
CA LEU A 270 -22.45 -46.34 -12.13
C LEU A 270 -22.92 -47.43 -13.10
N THR A 271 -22.96 -48.67 -12.61
CA THR A 271 -23.50 -49.80 -13.37
C THR A 271 -24.74 -50.33 -12.66
N LEU A 272 -25.82 -50.52 -13.42
CA LEU A 272 -27.05 -51.07 -12.87
C LEU A 272 -27.63 -52.19 -13.72
N ARG A 273 -28.29 -53.14 -13.04
CA ARG A 273 -29.09 -54.17 -13.69
C ARG A 273 -30.51 -54.05 -13.16
N TRP A 274 -31.44 -54.75 -13.78
CA TRP A 274 -32.78 -54.87 -13.21
C TRP A 274 -32.72 -55.73 -11.95
N GLU A 275 -33.44 -55.29 -10.93
CA GLU A 275 -33.45 -55.95 -9.64
C GLU A 275 -34.81 -56.62 -9.40
N PRO A 276 -34.85 -57.97 -9.52
CA PRO A 276 -36.07 -58.76 -9.29
C PRO A 276 -36.62 -58.60 -7.88
N ILE B 1 -36.52 -22.56 -41.78
CA ILE B 1 -37.14 -21.48 -40.96
C ILE B 1 -38.37 -21.97 -40.19
N GLN B 2 -38.71 -23.24 -40.40
CA GLN B 2 -39.86 -23.83 -39.70
C GLN B 2 -39.56 -25.23 -39.16
N ARG B 3 -39.76 -25.39 -37.85
CA ARG B 3 -39.45 -26.65 -37.16
C ARG B 3 -40.54 -27.07 -36.20
N THR B 4 -40.79 -28.37 -36.12
CA THR B 4 -41.92 -28.93 -35.39
C THR B 4 -41.62 -29.25 -33.91
N PRO B 5 -42.48 -28.76 -32.99
CA PRO B 5 -42.28 -28.93 -31.55
C PRO B 5 -42.31 -30.37 -31.06
N LYS B 6 -41.23 -30.79 -30.41
CA LYS B 6 -41.20 -32.07 -29.71
C LYS B 6 -41.96 -31.91 -28.39
N ILE B 7 -42.63 -32.97 -27.96
CA ILE B 7 -43.48 -32.92 -26.78
C ILE B 7 -43.17 -34.08 -25.84
N GLN B 8 -43.06 -33.77 -24.56
CA GLN B 8 -42.94 -34.78 -23.52
C GLN B 8 -43.82 -34.42 -22.31
N VAL B 9 -44.62 -35.38 -21.86
CA VAL B 9 -45.43 -35.23 -20.65
C VAL B 9 -44.87 -36.17 -19.59
N TYR B 10 -44.75 -35.66 -18.37
CA TYR B 10 -44.16 -36.40 -17.25
C TYR B 10 -44.38 -35.69 -15.92
N SER B 11 -44.15 -36.42 -14.82
CA SER B 11 -44.27 -35.86 -13.48
C SER B 11 -42.90 -35.43 -12.93
N ARG B 12 -42.91 -34.48 -12.01
CA ARG B 12 -41.68 -33.98 -11.39
C ARG B 12 -41.00 -35.09 -10.60
N HIS B 13 -41.76 -35.74 -9.73
CA HIS B 13 -41.29 -36.86 -8.95
C HIS B 13 -42.03 -38.11 -9.42
N PRO B 14 -41.49 -39.31 -9.17
CA PRO B 14 -42.22 -40.53 -9.50
C PRO B 14 -43.69 -40.47 -9.03
N ALA B 15 -44.59 -40.97 -9.88
CA ALA B 15 -46.02 -40.90 -9.61
C ALA B 15 -46.43 -41.90 -8.53
N GLU B 16 -46.89 -41.35 -7.41
CA GLU B 16 -47.41 -42.16 -6.29
C GLU B 16 -48.78 -41.64 -5.92
N ASN B 17 -49.81 -42.42 -6.26
CA ASN B 17 -51.21 -42.03 -6.05
C ASN B 17 -51.48 -41.51 -4.64
N GLY B 18 -52.10 -40.33 -4.57
CA GLY B 18 -52.42 -39.69 -3.28
C GLY B 18 -51.55 -38.48 -2.97
N LYS B 19 -50.27 -38.59 -3.30
CA LYS B 19 -49.29 -37.53 -3.04
C LYS B 19 -49.36 -36.46 -4.11
N SER B 20 -49.30 -35.20 -3.68
CA SER B 20 -49.32 -34.05 -4.60
C SER B 20 -48.01 -33.94 -5.35
N ASN B 21 -48.09 -33.68 -6.65
CA ASN B 21 -46.94 -33.65 -7.54
C ASN B 21 -47.06 -32.48 -8.53
N PHE B 22 -46.26 -32.52 -9.59
CA PHE B 22 -46.35 -31.54 -10.67
C PHE B 22 -46.40 -32.22 -12.03
N LEU B 23 -47.38 -31.85 -12.83
CA LEU B 23 -47.51 -32.34 -14.19
C LEU B 23 -46.75 -31.39 -15.12
N ASN B 24 -45.88 -31.96 -15.95
CA ASN B 24 -45.05 -31.17 -16.85
C ASN B 24 -45.26 -31.53 -18.31
N CYS B 25 -45.36 -30.52 -19.16
CA CYS B 25 -45.33 -30.68 -20.62
C CYS B 25 -44.16 -29.90 -21.21
N TYR B 26 -43.15 -30.65 -21.66
CA TYR B 26 -41.92 -30.05 -22.18
C TYR B 26 -41.93 -29.95 -23.70
N VAL B 27 -42.14 -28.72 -24.20
CA VAL B 27 -42.15 -28.46 -25.64
C VAL B 27 -40.84 -27.85 -26.11
N SER B 28 -40.17 -28.51 -27.06
CA SER B 28 -38.86 -28.08 -27.55
C SER B 28 -38.70 -28.28 -29.06
N GLY B 29 -37.65 -27.70 -29.63
CA GLY B 29 -37.31 -27.91 -31.03
C GLY B 29 -38.09 -27.11 -32.05
N PHE B 30 -38.97 -26.21 -31.58
CA PHE B 30 -39.85 -25.48 -32.49
C PHE B 30 -39.39 -24.07 -32.85
N HIS B 31 -39.71 -23.66 -34.07
CA HIS B 31 -39.54 -22.30 -34.56
C HIS B 31 -40.68 -22.04 -35.54
N PRO B 32 -41.37 -20.88 -35.44
CA PRO B 32 -41.12 -19.72 -34.57
C PRO B 32 -41.67 -19.85 -33.13
N SER B 33 -41.71 -18.72 -32.42
CA SER B 33 -41.97 -18.69 -30.98
C SER B 33 -43.38 -19.06 -30.55
N ASP B 34 -44.39 -18.40 -31.12
CA ASP B 34 -45.79 -18.60 -30.75
C ASP B 34 -46.17 -20.07 -30.66
N ILE B 35 -46.54 -20.51 -29.46
CA ILE B 35 -46.99 -21.87 -29.25
C ILE B 35 -48.20 -21.87 -28.32
N GLU B 36 -49.10 -22.83 -28.52
CA GLU B 36 -50.25 -22.96 -27.64
C GLU B 36 -50.25 -24.32 -26.93
N VAL B 37 -49.83 -24.28 -25.67
CA VAL B 37 -49.71 -25.50 -24.85
C VAL B 37 -50.75 -25.46 -23.75
N ASP B 38 -51.56 -26.52 -23.69
CA ASP B 38 -52.62 -26.65 -22.70
C ASP B 38 -52.63 -28.06 -22.12
N LEU B 39 -52.81 -28.14 -20.81
CA LEU B 39 -52.79 -29.41 -20.09
C LEU B 39 -54.21 -29.88 -19.77
N LEU B 40 -54.45 -31.17 -19.97
CA LEU B 40 -55.79 -31.74 -19.82
C LEU B 40 -55.91 -32.81 -18.73
N LYS B 41 -57.00 -32.73 -17.98
CA LYS B 41 -57.39 -33.74 -17.00
C LYS B 41 -58.75 -34.30 -17.42
N ASN B 42 -58.77 -35.60 -17.74
CA ASN B 42 -59.97 -36.28 -18.27
C ASN B 42 -60.41 -35.74 -19.63
N GLY B 43 -59.62 -34.83 -20.19
CA GLY B 43 -59.95 -34.18 -21.46
C GLY B 43 -60.46 -32.75 -21.30
N GLU B 44 -60.30 -32.20 -20.10
CA GLU B 44 -60.77 -30.85 -19.80
C GLU B 44 -59.62 -29.90 -19.45
N ARG B 45 -59.72 -28.66 -19.92
CA ARG B 45 -58.64 -27.67 -19.77
C ARG B 45 -58.40 -27.24 -18.32
N ILE B 46 -57.18 -27.49 -17.84
CA ILE B 46 -56.78 -27.10 -16.49
C ILE B 46 -56.37 -25.62 -16.47
N GLU B 47 -57.01 -24.86 -15.57
CA GLU B 47 -56.72 -23.45 -15.38
C GLU B 47 -55.51 -23.26 -14.47
N LYS B 48 -54.86 -22.11 -14.57
CA LYS B 48 -53.63 -21.78 -13.82
C LYS B 48 -52.44 -22.65 -14.25
N VAL B 49 -52.15 -22.64 -15.55
CA VAL B 49 -50.95 -23.29 -16.07
C VAL B 49 -49.84 -22.25 -16.20
N GLU B 50 -48.83 -22.38 -15.35
CA GLU B 50 -47.67 -21.51 -15.41
C GLU B 50 -46.67 -22.04 -16.42
N HIS B 51 -45.85 -21.16 -16.97
CA HIS B 51 -44.84 -21.55 -17.96
C HIS B 51 -43.49 -20.89 -17.70
N SER B 52 -42.43 -21.53 -18.20
CA SER B 52 -41.07 -21.01 -18.07
C SER B 52 -40.86 -19.86 -19.04
N ASP B 53 -39.73 -19.19 -18.92
CA ASP B 53 -39.42 -18.05 -19.76
C ASP B 53 -38.87 -18.52 -21.10
N LEU B 54 -39.32 -17.88 -22.17
CA LEU B 54 -38.85 -18.19 -23.51
C LEU B 54 -37.33 -18.21 -23.57
N SER B 55 -36.81 -19.35 -24.03
CA SER B 55 -35.38 -19.56 -24.14
C SER B 55 -35.17 -20.48 -25.33
N PHE B 56 -33.94 -20.52 -25.86
CA PHE B 56 -33.66 -21.35 -27.03
C PHE B 56 -32.33 -22.10 -26.94
N SER B 57 -32.15 -23.05 -27.85
CA SER B 57 -30.97 -23.89 -27.89
C SER B 57 -29.95 -23.36 -28.91
N LYS B 58 -28.84 -24.08 -29.05
CA LYS B 58 -27.76 -23.70 -29.94
C LYS B 58 -28.21 -23.53 -31.39
N ASP B 59 -29.12 -24.38 -31.84
CA ASP B 59 -29.62 -24.33 -33.21
C ASP B 59 -30.84 -23.40 -33.34
N TRP B 60 -31.00 -22.52 -32.36
CA TRP B 60 -32.02 -21.46 -32.35
C TRP B 60 -33.44 -21.95 -32.12
N SER B 61 -33.59 -23.22 -31.76
CA SER B 61 -34.91 -23.78 -31.49
C SER B 61 -35.37 -23.48 -30.06
N PHE B 62 -36.59 -22.97 -29.94
CA PHE B 62 -37.14 -22.58 -28.64
C PHE B 62 -37.54 -23.78 -27.80
N TYR B 63 -37.54 -23.60 -26.49
CA TYR B 63 -38.12 -24.58 -25.58
C TYR B 63 -38.88 -23.92 -24.44
N LEU B 64 -39.89 -24.62 -23.93
CA LEU B 64 -40.73 -24.10 -22.86
C LEU B 64 -41.20 -25.21 -21.93
N LEU B 65 -41.31 -24.89 -20.65
CA LEU B 65 -41.92 -25.81 -19.70
C LEU B 65 -43.24 -25.24 -19.20
N TYR B 66 -44.30 -26.00 -19.41
CA TYR B 66 -45.60 -25.69 -18.85
C TYR B 66 -45.87 -26.72 -17.76
N TYR B 67 -46.38 -26.24 -16.62
CA TYR B 67 -46.55 -27.09 -15.46
C TYR B 67 -47.76 -26.72 -14.62
N THR B 68 -48.27 -27.69 -13.87
CA THR B 68 -49.37 -27.48 -12.93
C THR B 68 -49.29 -28.51 -11.79
N GLU B 69 -49.61 -28.06 -10.58
CA GLU B 69 -49.69 -28.96 -9.44
C GLU B 69 -50.86 -29.91 -9.65
N PHE B 70 -50.69 -31.18 -9.26
CA PHE B 70 -51.73 -32.19 -9.42
C PHE B 70 -51.55 -33.39 -8.48
N THR B 71 -52.50 -34.32 -8.51
CA THR B 71 -52.45 -35.50 -7.66
C THR B 71 -52.97 -36.73 -8.42
N PRO B 72 -52.05 -37.57 -8.93
CA PRO B 72 -52.42 -38.72 -9.76
C PRO B 72 -53.32 -39.72 -9.03
N THR B 73 -54.29 -40.26 -9.76
CA THR B 73 -55.13 -41.35 -9.30
C THR B 73 -55.20 -42.39 -10.42
N GLU B 74 -55.62 -43.60 -10.07
CA GLU B 74 -55.87 -44.66 -11.05
C GLU B 74 -57.03 -44.27 -11.99
N LYS B 75 -57.77 -43.25 -11.59
CA LYS B 75 -58.99 -42.82 -12.29
C LYS B 75 -58.75 -41.63 -13.22
N ASP B 76 -57.98 -40.65 -12.75
CA ASP B 76 -57.71 -39.45 -13.54
C ASP B 76 -56.69 -39.71 -14.65
N GLU B 77 -57.08 -39.42 -15.88
CA GLU B 77 -56.18 -39.44 -17.02
C GLU B 77 -55.70 -38.03 -17.34
N TYR B 78 -54.42 -37.91 -17.66
CA TYR B 78 -53.79 -36.62 -17.92
C TYR B 78 -53.16 -36.53 -19.30
N ALA B 79 -53.16 -35.33 -19.86
CA ALA B 79 -52.70 -35.11 -21.22
C ALA B 79 -52.14 -33.69 -21.41
N CYS B 80 -51.39 -33.52 -22.49
CA CYS B 80 -50.96 -32.19 -22.95
C CYS B 80 -51.39 -32.01 -24.39
N ARG B 81 -51.96 -30.84 -24.69
CA ARG B 81 -52.39 -30.50 -26.03
C ARG B 81 -51.57 -29.32 -26.55
N VAL B 82 -50.85 -29.56 -27.64
CA VAL B 82 -49.94 -28.57 -28.22
C VAL B 82 -50.34 -28.23 -29.65
N ASN B 83 -50.43 -26.94 -29.93
CA ASN B 83 -50.70 -26.45 -31.28
C ASN B 83 -49.70 -25.39 -31.70
N HIS B 84 -49.12 -25.59 -32.88
CA HIS B 84 -48.08 -24.73 -33.43
C HIS B 84 -48.38 -24.51 -34.92
N VAL B 85 -47.68 -23.55 -35.54
CA VAL B 85 -47.87 -23.27 -36.96
C VAL B 85 -47.51 -24.46 -37.87
N THR B 86 -46.62 -25.32 -37.38
CA THR B 86 -46.15 -26.48 -38.15
C THR B 86 -47.18 -27.60 -38.22
N LEU B 87 -48.09 -27.60 -37.24
CA LEU B 87 -49.12 -28.62 -37.14
C LEU B 87 -50.42 -28.19 -37.83
N SER B 88 -50.96 -29.10 -38.63
CA SER B 88 -52.25 -28.90 -39.29
C SER B 88 -53.40 -28.95 -38.29
N GLN B 89 -53.24 -29.79 -37.27
CA GLN B 89 -54.23 -29.94 -36.20
C GLN B 89 -53.56 -30.19 -34.86
N PRO B 90 -54.19 -29.72 -33.75
CA PRO B 90 -53.61 -29.85 -32.41
C PRO B 90 -53.22 -31.28 -32.08
N LYS B 91 -51.96 -31.48 -31.71
CA LYS B 91 -51.46 -32.79 -31.33
C LYS B 91 -51.67 -33.01 -29.83
N ILE B 92 -52.23 -34.16 -29.49
CA ILE B 92 -52.51 -34.52 -28.11
C ILE B 92 -51.61 -35.68 -27.69
N VAL B 93 -50.91 -35.51 -26.56
CA VAL B 93 -50.02 -36.53 -26.04
C VAL B 93 -50.45 -36.93 -24.63
N LYS B 94 -50.57 -38.24 -24.40
CA LYS B 94 -51.06 -38.77 -23.13
C LYS B 94 -49.95 -38.93 -22.10
N TRP B 95 -50.33 -38.84 -20.82
CA TRP B 95 -49.39 -39.02 -19.73
C TRP B 95 -49.27 -40.50 -19.32
N ASP B 96 -48.15 -41.11 -19.67
CA ASP B 96 -47.79 -42.45 -19.21
C ASP B 96 -46.78 -42.32 -18.07
N ARG B 97 -47.14 -42.83 -16.90
CA ARG B 97 -46.33 -42.68 -15.68
C ARG B 97 -45.00 -43.44 -15.73
N ASP B 98 -44.89 -44.38 -16.66
CA ASP B 98 -43.65 -45.12 -16.86
C ASP B 98 -42.89 -44.66 -18.11
N MET B 99 -43.23 -43.47 -18.59
CA MET B 99 -42.49 -42.81 -19.67
C MET B 99 -42.12 -41.36 -19.33
N GLU C 1 -24.41 -10.09 -15.57
CA GLU C 1 -24.29 -8.69 -16.06
C GLU C 1 -24.36 -8.66 -17.58
N PRO C 2 -25.40 -8.03 -18.12
CA PRO C 2 -25.64 -7.98 -19.55
C PRO C 2 -24.61 -7.15 -20.32
N LEU C 3 -24.56 -7.35 -21.63
CA LEU C 3 -23.74 -6.56 -22.52
C LEU C 3 -24.34 -5.18 -22.73
N PRO C 4 -23.64 -4.13 -22.30
CA PRO C 4 -24.06 -2.76 -22.59
C PRO C 4 -23.87 -2.44 -24.06
N GLN C 5 -24.85 -1.76 -24.67
CA GLN C 5 -24.75 -1.40 -26.10
C GLN C 5 -25.25 0.00 -26.50
N GLY C 6 -26.55 0.19 -26.64
CA GLY C 6 -27.08 1.47 -27.15
C GLY C 6 -27.00 1.60 -28.68
N GLN C 7 -27.38 2.76 -29.21
CA GLN C 7 -27.43 2.99 -30.68
C GLN C 7 -26.11 2.63 -31.34
N LEU C 8 -26.10 2.45 -32.66
CA LEU C 8 -24.88 2.06 -33.38
C LEU C 8 -24.57 0.57 -33.21
N THR C 9 -25.29 -0.09 -32.31
CA THR C 9 -25.24 -1.54 -32.18
C THR C 9 -26.43 -2.17 -32.89
N ALA C 10 -27.19 -1.34 -33.59
CA ALA C 10 -28.36 -1.79 -34.33
C ALA C 10 -27.92 -2.63 -35.51
N TYR C 11 -28.78 -3.58 -35.90
CA TYR C 11 -28.53 -4.44 -37.03
C TYR C 11 -28.63 -3.67 -38.33
N GLN D 1 -15.86 5.12 -7.50
CA GLN D 1 -14.93 4.90 -8.65
C GLN D 1 -13.56 5.51 -8.40
N ASN D 2 -13.50 6.41 -7.40
CA ASN D 2 -12.33 7.23 -7.06
C ASN D 2 -11.24 7.37 -8.13
N ILE D 3 -11.50 8.26 -9.09
CA ILE D 3 -10.52 8.61 -10.11
C ILE D 3 -9.56 9.62 -9.52
N ASP D 4 -8.25 9.39 -9.71
CA ASP D 4 -7.22 10.18 -9.04
C ASP D 4 -6.11 10.61 -9.98
N GLN D 5 -5.92 11.93 -10.08
CA GLN D 5 -4.91 12.53 -10.96
C GLN D 5 -4.33 13.79 -10.31
N PRO D 6 -3.07 14.15 -10.65
CA PRO D 6 -2.45 15.33 -10.03
C PRO D 6 -3.21 16.63 -10.32
N THR D 7 -3.16 17.57 -9.38
CA THR D 7 -3.87 18.83 -9.53
C THR D 7 -3.29 19.69 -10.65
N GLU D 8 -1.98 19.92 -10.60
CA GLU D 8 -1.33 20.84 -11.51
C GLU D 8 0.04 20.34 -11.93
N MET D 9 0.34 20.46 -13.23
CA MET D 9 1.67 20.15 -13.75
C MET D 9 2.26 21.32 -14.51
N THR D 10 3.58 21.30 -14.69
CA THR D 10 4.31 22.42 -15.29
C THR D 10 5.46 21.93 -16.16
N ALA D 11 5.45 22.34 -17.43
CA ALA D 11 6.55 22.05 -18.35
C ALA D 11 6.78 23.20 -19.33
N THR D 12 7.86 23.08 -20.09
CA THR D 12 8.23 24.09 -21.07
C THR D 12 7.97 23.54 -22.46
N GLU D 13 7.79 24.43 -23.44
CA GLU D 13 7.48 24.02 -24.81
C GLU D 13 8.61 23.16 -25.40
N GLY D 14 8.22 22.10 -26.10
CA GLY D 14 9.17 21.17 -26.70
C GLY D 14 9.49 19.95 -25.85
N ALA D 15 9.05 19.96 -24.59
CA ALA D 15 9.34 18.88 -23.66
C ALA D 15 8.29 17.76 -23.75
N ILE D 16 8.31 16.86 -22.76
CA ILE D 16 7.42 15.71 -22.74
C ILE D 16 6.85 15.53 -21.34
N VAL D 17 5.53 15.62 -21.22
CA VAL D 17 4.86 15.48 -19.92
C VAL D 17 3.98 14.23 -19.85
N GLN D 18 4.04 13.55 -18.70
CA GLN D 18 3.22 12.38 -18.46
C GLN D 18 2.21 12.66 -17.36
N ILE D 19 0.93 12.57 -17.68
CA ILE D 19 -0.16 12.80 -16.71
C ILE D 19 -0.76 11.49 -16.21
N ASN D 20 -0.48 11.15 -14.95
CA ASN D 20 -1.00 9.93 -14.33
C ASN D 20 -2.48 10.02 -13.95
N CYS D 21 -3.18 8.91 -14.11
CA CYS D 21 -4.55 8.76 -13.62
C CYS D 21 -4.75 7.34 -13.09
N THR D 22 -5.04 7.19 -11.81
CA THR D 22 -5.32 5.88 -11.24
C THR D 22 -6.77 5.79 -10.82
N TYR D 23 -7.38 4.64 -11.09
CA TYR D 23 -8.77 4.40 -10.73
C TYR D 23 -8.89 3.10 -9.93
N GLN D 24 -9.69 3.14 -8.86
CA GLN D 24 -9.98 1.93 -8.09
C GLN D 24 -11.27 1.35 -8.64
N THR D 25 -11.14 0.50 -9.66
CA THR D 25 -12.31 0.03 -10.37
C THR D 25 -12.38 -1.46 -10.69
N SER D 26 -13.32 -2.12 -10.03
CA SER D 26 -13.89 -3.35 -10.51
C SER D 26 -15.08 -2.90 -11.33
N GLY D 27 -15.50 -3.71 -12.30
CA GLY D 27 -16.59 -3.33 -13.17
C GLY D 27 -16.16 -2.38 -14.28
N PHE D 28 -14.84 -2.28 -14.47
CA PHE D 28 -14.24 -1.36 -15.44
C PHE D 28 -14.63 -1.73 -16.87
N ASN D 29 -15.11 -0.73 -17.61
CA ASN D 29 -15.53 -0.92 -18.98
C ASN D 29 -15.09 0.24 -19.89
N GLY D 30 -13.87 0.73 -19.65
CA GLY D 30 -13.25 1.73 -20.53
C GLY D 30 -12.82 3.02 -19.84
N LEU D 31 -11.72 3.58 -20.33
CA LEU D 31 -11.19 4.85 -19.82
C LEU D 31 -11.09 5.90 -20.93
N PHE D 32 -11.59 7.09 -20.65
CA PHE D 32 -11.57 8.23 -21.57
C PHE D 32 -10.66 9.34 -21.11
N TRP D 33 -10.02 10.01 -22.06
CA TRP D 33 -9.23 11.22 -21.80
C TRP D 33 -9.83 12.40 -22.55
N TYR D 34 -9.96 13.55 -21.88
CA TYR D 34 -10.49 14.75 -22.52
C TYR D 34 -9.57 15.96 -22.32
N GLN D 35 -9.46 16.78 -23.37
CA GLN D 35 -8.78 18.06 -23.28
C GLN D 35 -9.80 19.16 -23.05
N GLN D 36 -9.65 19.89 -21.94
CA GLN D 36 -10.51 21.01 -21.66
C GLN D 36 -9.72 22.31 -21.51
N HIS D 37 -9.96 23.24 -22.42
CA HIS D 37 -9.45 24.60 -22.29
C HIS D 37 -10.33 25.38 -21.31
N ALA D 38 -9.70 26.29 -20.56
CA ALA D 38 -10.43 27.13 -19.61
C ALA D 38 -11.45 27.99 -20.35
N GLY D 39 -12.68 27.98 -19.85
CA GLY D 39 -13.79 28.69 -20.48
C GLY D 39 -14.36 27.97 -21.68
N GLU D 40 -13.97 26.71 -21.88
CA GLU D 40 -14.43 25.92 -23.02
C GLU D 40 -14.83 24.49 -22.67
N ALA D 41 -15.54 23.86 -23.60
CA ALA D 41 -16.03 22.49 -23.46
C ALA D 41 -14.88 21.49 -23.58
N PRO D 42 -14.99 20.32 -22.93
CA PRO D 42 -14.00 19.27 -23.10
C PRO D 42 -14.15 18.60 -24.45
N THR D 43 -13.03 18.30 -25.10
CA THR D 43 -13.04 17.58 -26.37
C THR D 43 -12.35 16.22 -26.23
N PHE D 44 -12.75 15.27 -27.06
CA PHE D 44 -12.28 13.88 -26.96
C PHE D 44 -10.84 13.69 -27.42
N LEU D 45 -10.08 12.91 -26.66
CA LEU D 45 -8.67 12.62 -26.98
C LEU D 45 -8.39 11.14 -27.22
N SER D 46 -8.90 10.26 -26.34
CA SER D 46 -8.66 8.82 -26.48
C SER D 46 -9.63 7.97 -25.68
N TYR D 47 -9.93 6.80 -26.23
CA TYR D 47 -10.68 5.75 -25.54
C TYR D 47 -9.77 4.55 -25.33
N ASN D 48 -9.65 4.13 -24.07
CA ASN D 48 -8.73 3.06 -23.69
C ASN D 48 -9.44 1.99 -22.89
N VAL D 49 -9.34 0.74 -23.34
CA VAL D 49 -10.00 -0.40 -22.73
C VAL D 49 -9.10 -1.63 -22.74
N LEU D 50 -8.14 -1.65 -23.66
CA LEU D 50 -7.13 -2.71 -23.75
C LEU D 50 -5.81 -2.23 -23.15
N ASP D 51 -5.04 -3.17 -22.62
CA ASP D 51 -3.70 -2.88 -22.14
C ASP D 51 -2.79 -2.55 -23.32
N GLY D 52 -1.94 -1.55 -23.16
CA GLY D 52 -1.02 -1.15 -24.22
C GLY D 52 -0.82 0.34 -24.41
N LEU D 53 0.11 0.69 -25.29
CA LEU D 53 0.42 2.06 -25.63
C LEU D 53 -0.18 2.40 -26.99
N GLU D 54 -1.05 3.42 -27.02
CA GLU D 54 -1.77 3.81 -28.21
C GLU D 54 -1.39 5.24 -28.62
N GLU D 55 -0.74 5.36 -29.77
CA GLU D 55 -0.32 6.66 -30.29
C GLU D 55 -1.37 7.26 -31.21
N LYS D 56 -1.68 8.53 -30.98
CA LYS D 56 -2.55 9.32 -31.85
C LYS D 56 -1.93 10.72 -31.97
N GLY D 57 -1.04 10.86 -32.94
CA GLY D 57 -0.25 12.08 -33.10
C GLY D 57 0.77 12.23 -31.99
N ARG D 58 0.91 13.46 -31.49
CA ARG D 58 1.85 13.80 -30.42
C ARG D 58 1.31 13.45 -29.03
N PHE D 59 0.16 12.77 -28.99
CA PHE D 59 -0.46 12.30 -27.76
C PHE D 59 -0.45 10.77 -27.71
N SER D 60 -0.02 10.21 -26.58
CA SER D 60 -0.06 8.76 -26.37
C SER D 60 -0.95 8.42 -25.18
N SER D 61 -1.64 7.29 -25.27
CA SER D 61 -2.47 6.82 -24.18
C SER D 61 -2.10 5.43 -23.72
N PHE D 62 -1.83 5.28 -22.43
CA PHE D 62 -1.44 4.01 -21.84
C PHE D 62 -2.48 3.53 -20.84
N LEU D 63 -2.69 2.22 -20.80
CA LEU D 63 -3.57 1.61 -19.79
C LEU D 63 -3.02 0.28 -19.28
N SER D 64 -3.10 0.10 -17.97
CA SER D 64 -2.77 -1.16 -17.32
C SER D 64 -3.97 -1.58 -16.47
N ARG D 65 -4.74 -2.54 -16.97
CA ARG D 65 -6.00 -2.94 -16.35
C ARG D 65 -5.81 -3.53 -14.96
N SER D 66 -4.80 -4.41 -14.83
CA SER D 66 -4.54 -5.13 -13.58
C SER D 66 -4.33 -4.19 -12.40
N LYS D 67 -3.71 -3.05 -12.66
CA LYS D 67 -3.27 -2.14 -11.61
C LYS D 67 -4.10 -0.85 -11.51
N GLY D 68 -5.04 -0.69 -12.43
CA GLY D 68 -5.90 0.50 -12.46
C GLY D 68 -5.10 1.77 -12.69
N TYR D 69 -4.22 1.73 -13.69
CA TYR D 69 -3.33 2.83 -13.99
C TYR D 69 -3.41 3.22 -15.46
N SER D 70 -3.42 4.52 -15.70
CA SER D 70 -3.44 5.08 -17.04
C SER D 70 -2.70 6.40 -17.04
N TYR D 71 -1.85 6.61 -18.04
CA TYR D 71 -1.31 7.94 -18.28
C TYR D 71 -1.60 8.47 -19.68
N LEU D 72 -1.60 9.79 -19.81
CA LEU D 72 -1.65 10.45 -21.09
C LEU D 72 -0.32 11.18 -21.27
N LEU D 73 0.39 10.83 -22.33
CA LEU D 73 1.73 11.36 -22.58
C LEU D 73 1.72 12.34 -23.75
N LEU D 74 2.01 13.61 -23.46
CA LEU D 74 2.10 14.65 -24.49
C LEU D 74 3.56 14.95 -24.85
N LYS D 75 3.91 14.78 -26.11
CA LYS D 75 5.26 15.05 -26.64
C LYS D 75 5.29 16.36 -27.43
N GLU D 76 6.50 16.89 -27.63
CA GLU D 76 6.73 18.12 -28.42
C GLU D 76 5.80 19.25 -27.95
N LEU D 77 5.74 19.42 -26.63
CA LEU D 77 4.77 20.29 -25.98
C LEU D 77 4.69 21.69 -26.59
N GLN D 78 3.47 22.16 -26.81
CA GLN D 78 3.19 23.45 -27.45
C GLN D 78 2.41 24.36 -26.51
N MET D 79 2.43 25.66 -26.80
CA MET D 79 1.66 26.63 -26.03
C MET D 79 0.16 26.30 -26.00
N LYS D 80 -0.38 25.84 -27.12
CA LYS D 80 -1.80 25.46 -27.22
C LYS D 80 -2.19 24.22 -26.38
N ASP D 81 -1.19 23.44 -25.97
CA ASP D 81 -1.43 22.29 -25.11
C ASP D 81 -1.75 22.70 -23.67
N SER D 82 -1.48 23.97 -23.36
CA SER D 82 -1.86 24.52 -22.07
C SER D 82 -3.38 24.42 -21.94
N ALA D 83 -3.80 23.68 -20.92
CA ALA D 83 -5.20 23.29 -20.74
C ALA D 83 -5.32 22.33 -19.58
N SER D 84 -6.57 22.01 -19.22
CA SER D 84 -6.84 20.98 -18.23
C SER D 84 -7.02 19.64 -18.95
N TYR D 85 -6.65 18.56 -18.27
CA TYR D 85 -6.77 17.23 -18.85
C TYR D 85 -7.59 16.31 -17.96
N LEU D 86 -8.69 15.82 -18.53
CA LEU D 86 -9.71 15.08 -17.80
C LEU D 86 -9.58 13.57 -17.93
N CYS D 87 -9.62 12.89 -16.80
CA CYS D 87 -9.64 11.43 -16.76
C CYS D 87 -11.05 10.93 -16.46
N ALA D 88 -11.62 10.15 -17.37
CA ALA D 88 -12.99 9.64 -17.21
C ALA D 88 -13.07 8.11 -17.26
N VAL D 89 -13.84 7.54 -16.33
CA VAL D 89 -13.93 6.09 -16.18
C VAL D 89 -15.38 5.62 -16.21
N GLN D 90 -15.64 4.57 -17.00
CA GLN D 90 -16.95 3.92 -17.06
C GLN D 90 -16.90 2.60 -16.29
N ALA D 91 -17.72 2.48 -15.26
CA ALA D 91 -17.73 1.30 -14.41
C ALA D 91 -19.13 0.70 -14.23
N SER D 92 -19.20 -0.55 -13.78
CA SER D 92 -20.46 -1.16 -13.39
C SER D 92 -21.00 -0.46 -12.16
N GLY D 93 -20.08 -0.11 -11.25
CA GLY D 93 -20.38 0.56 -9.98
C GLY D 93 -21.58 1.48 -10.01
N GLY D 94 -21.45 2.60 -10.71
CA GLY D 94 -22.60 3.47 -10.92
C GLY D 94 -23.43 2.85 -12.02
N SER D 95 -23.22 3.37 -13.23
CA SER D 95 -23.56 2.67 -14.45
C SER D 95 -22.43 3.04 -15.36
N TYR D 96 -22.37 2.42 -16.53
CA TYR D 96 -21.28 2.67 -17.47
C TYR D 96 -21.33 4.12 -18.01
N ILE D 97 -21.64 5.04 -17.10
CA ILE D 97 -21.71 6.47 -17.36
C ILE D 97 -20.35 7.10 -17.02
N PRO D 98 -19.70 7.70 -18.01
CA PRO D 98 -18.40 8.35 -17.78
C PRO D 98 -18.39 9.21 -16.52
N THR D 99 -17.60 8.77 -15.54
CA THR D 99 -17.44 9.47 -14.27
C THR D 99 -16.08 10.15 -14.28
N PHE D 100 -16.04 11.42 -13.89
CA PHE D 100 -14.83 12.25 -14.09
C PHE D 100 -14.01 12.47 -12.84
N GLY D 101 -12.69 12.48 -13.03
CA GLY D 101 -11.77 12.89 -11.97
C GLY D 101 -11.68 14.40 -11.88
N ARG D 102 -10.92 14.88 -10.90
CA ARG D 102 -10.81 16.32 -10.63
C ARG D 102 -10.15 17.12 -11.76
N GLY D 103 -9.56 16.42 -12.72
CA GLY D 103 -8.85 17.06 -13.81
C GLY D 103 -7.44 17.44 -13.41
N THR D 104 -6.57 17.62 -14.40
CA THR D 104 -5.21 18.07 -14.16
C THR D 104 -4.93 19.33 -14.98
N SER D 105 -4.66 20.43 -14.28
CA SER D 105 -4.24 21.67 -14.93
C SER D 105 -2.79 21.57 -15.43
N LEU D 106 -2.61 21.68 -16.74
CA LEU D 106 -1.24 21.75 -17.28
C LEU D 106 -0.91 23.15 -17.76
N ILE D 107 0.18 23.69 -17.21
CA ILE D 107 0.73 24.95 -17.66
C ILE D 107 1.97 24.67 -18.50
N VAL D 108 1.97 25.21 -19.72
CA VAL D 108 3.10 25.11 -20.63
C VAL D 108 3.84 26.44 -20.62
N HIS D 109 5.10 26.41 -20.19
CA HIS D 109 5.91 27.62 -20.10
C HIS D 109 6.68 27.87 -21.38
N PRO D 110 6.68 29.13 -21.86
CA PRO D 110 7.47 29.50 -23.03
C PRO D 110 8.96 29.52 -22.71
N TYR D 111 9.79 29.24 -23.70
CA TYR D 111 11.23 29.33 -23.53
C TYR D 111 11.68 30.77 -23.76
N ILE D 112 12.14 31.41 -22.69
CA ILE D 112 12.64 32.78 -22.77
C ILE D 112 14.13 32.76 -23.08
N GLN D 113 14.46 33.07 -24.33
CA GLN D 113 15.83 33.07 -24.82
C GLN D 113 16.67 34.08 -24.03
N ASN D 114 16.27 35.34 -24.08
CA ASN D 114 17.03 36.41 -23.45
C ASN D 114 16.19 37.23 -22.47
N PRO D 115 16.04 36.74 -21.22
CA PRO D 115 15.22 37.44 -20.23
C PRO D 115 15.77 38.81 -19.88
N ASP D 116 14.88 39.81 -19.91
CA ASP D 116 15.24 41.16 -19.52
C ASP D 116 14.15 41.75 -18.61
N PRO D 117 14.11 41.33 -17.34
CA PRO D 117 13.07 41.76 -16.40
C PRO D 117 13.10 43.27 -16.18
N ALA D 118 11.92 43.88 -16.20
CA ALA D 118 11.79 45.32 -16.01
C ALA D 118 10.41 45.68 -15.50
N VAL D 119 10.33 46.83 -14.81
CA VAL D 119 9.04 47.37 -14.37
C VAL D 119 8.89 48.78 -14.93
N TYR D 120 7.74 49.01 -15.57
CA TYR D 120 7.44 50.31 -16.14
C TYR D 120 6.11 50.84 -15.61
N GLN D 121 5.96 52.16 -15.61
CA GLN D 121 4.70 52.79 -15.24
C GLN D 121 3.96 53.31 -16.47
N LEU D 122 2.70 52.90 -16.62
CA LEU D 122 1.88 53.30 -17.75
C LEU D 122 0.80 54.26 -17.28
N ARG D 123 0.51 55.28 -18.08
CA ARG D 123 -0.49 56.28 -17.71
C ARG D 123 -1.81 56.11 -18.45
N ASP D 124 -2.89 56.51 -17.79
CA ASP D 124 -4.23 56.46 -18.37
C ASP D 124 -4.38 57.52 -19.47
N SER D 125 -5.35 57.32 -20.37
CA SER D 125 -5.70 58.31 -21.37
C SER D 125 -6.39 59.50 -20.71
N LYS D 126 -7.56 59.26 -20.13
CA LYS D 126 -8.25 60.26 -19.30
C LYS D 126 -7.24 60.71 -18.26
N SER D 127 -7.11 62.01 -17.93
CA SER D 127 -7.97 63.17 -18.19
C SER D 127 -7.58 64.04 -17.01
N SER D 128 -7.44 63.34 -15.87
CA SER D 128 -6.80 63.82 -14.64
C SER D 128 -6.49 62.54 -13.87
N ASP D 129 -6.78 61.40 -14.52
CA ASP D 129 -6.71 60.06 -13.94
C ASP D 129 -5.32 59.46 -14.16
N LYS D 130 -4.92 58.54 -13.27
CA LYS D 130 -3.56 57.99 -13.32
C LYS D 130 -3.40 56.46 -13.32
N SER D 131 -2.21 56.01 -12.90
CA SER D 131 -1.50 54.91 -13.55
C SER D 131 -1.59 53.47 -13.05
N VAL D 132 -0.68 52.65 -13.59
CA VAL D 132 -0.59 51.21 -13.35
C VAL D 132 0.86 50.75 -13.62
N CYS D 133 1.27 49.66 -12.97
CA CYS D 133 2.60 49.08 -13.18
C CYS D 133 2.55 47.85 -14.08
N LEU D 134 3.62 47.64 -14.84
CA LEU D 134 3.76 46.47 -15.69
C LEU D 134 5.11 45.81 -15.43
N PHE D 135 5.06 44.60 -14.89
CA PHE D 135 6.24 43.76 -14.75
C PHE D 135 6.27 42.85 -15.95
N THR D 136 7.36 42.92 -16.72
CA THR D 136 7.41 42.27 -18.02
C THR D 136 8.78 41.69 -18.38
N ASP D 137 8.80 40.86 -19.43
CA ASP D 137 10.02 40.32 -20.02
C ASP D 137 10.89 39.46 -19.10
N PHE D 138 10.30 38.97 -18.01
CA PHE D 138 10.98 38.05 -17.09
C PHE D 138 10.82 36.61 -17.55
N ASP D 139 11.73 35.74 -17.10
CA ASP D 139 11.72 34.31 -17.43
C ASP D 139 10.51 33.60 -16.82
N SER D 140 10.13 32.48 -17.43
CA SER D 140 8.92 31.76 -17.06
C SER D 140 8.95 31.13 -15.66
N GLN D 141 10.14 31.05 -15.07
CA GLN D 141 10.31 30.41 -13.76
C GLN D 141 10.26 31.40 -12.61
N THR D 142 9.90 32.63 -12.93
CA THR D 142 9.69 33.66 -11.92
C THR D 142 8.28 33.56 -11.35
N ASN D 143 8.19 33.38 -10.04
CA ASN D 143 6.93 33.38 -9.32
C ASN D 143 6.44 34.81 -9.18
N VAL D 144 5.14 35.01 -9.32
CA VAL D 144 4.57 36.33 -9.08
C VAL D 144 3.76 36.33 -7.79
N SER D 145 4.27 37.05 -6.80
CA SER D 145 3.64 37.20 -5.51
C SER D 145 2.29 37.86 -5.66
N GLN D 146 1.38 37.58 -4.73
CA GLN D 146 0.10 38.28 -4.70
C GLN D 146 0.20 39.52 -3.80
N SER D 147 -0.93 40.20 -3.62
CA SER D 147 -0.96 41.48 -2.91
C SER D 147 -0.73 41.36 -1.41
N LYS D 148 -0.45 42.51 -0.80
CA LYS D 148 -0.40 42.68 0.65
C LYS D 148 -0.97 44.06 0.96
N ASP D 149 -1.10 44.39 2.25
CA ASP D 149 -1.79 45.59 2.75
C ASP D 149 -3.23 45.79 2.20
N SER D 150 -3.57 44.97 1.20
CA SER D 150 -4.92 44.88 0.62
C SER D 150 -5.29 46.01 -0.37
N ASP D 151 -4.66 47.17 -0.21
CA ASP D 151 -4.90 48.31 -1.11
C ASP D 151 -4.22 48.15 -2.48
N VAL D 152 -3.35 47.15 -2.59
CA VAL D 152 -2.64 46.84 -3.83
C VAL D 152 -3.26 45.60 -4.48
N TYR D 153 -3.24 45.54 -5.81
CA TYR D 153 -3.71 44.36 -6.56
C TYR D 153 -2.68 43.94 -7.60
N ILE D 154 -2.28 42.67 -7.53
CA ILE D 154 -1.33 42.08 -8.48
C ILE D 154 -2.04 40.99 -9.30
N THR D 155 -1.87 41.03 -10.62
CA THR D 155 -2.38 39.95 -11.46
C THR D 155 -1.32 38.89 -11.65
N ASP D 156 -1.76 37.67 -11.95
CA ASP D 156 -0.87 36.58 -12.29
C ASP D 156 -0.07 36.88 -13.55
N LYS D 157 1.00 36.13 -13.75
CA LYS D 157 1.76 36.21 -15.00
C LYS D 157 0.96 35.59 -16.13
N CYS D 158 1.17 36.12 -17.34
CA CYS D 158 0.40 35.70 -18.51
C CYS D 158 1.27 35.90 -19.74
N VAL D 159 1.26 34.90 -20.62
CA VAL D 159 2.16 34.85 -21.78
C VAL D 159 1.48 35.39 -23.04
N LEU D 160 2.09 36.40 -23.65
CA LEU D 160 1.62 36.93 -24.94
C LEU D 160 2.57 36.55 -26.08
N ASP D 161 1.99 36.32 -27.26
CA ASP D 161 2.73 35.86 -28.43
C ASP D 161 2.68 36.90 -29.54
N MET D 162 3.79 37.61 -29.74
CA MET D 162 3.92 38.56 -30.86
C MET D 162 4.31 37.77 -32.09
N ARG D 163 3.30 37.22 -32.76
CA ARG D 163 3.45 36.27 -33.85
C ARG D 163 4.33 36.75 -35.01
N SER D 164 4.17 38.01 -35.39
CA SER D 164 4.94 38.61 -36.49
C SER D 164 6.44 38.55 -36.26
N MET D 165 6.86 38.90 -35.04
CA MET D 165 8.27 38.90 -34.66
C MET D 165 8.69 37.56 -34.07
N ASP D 166 7.73 36.65 -33.92
CA ASP D 166 7.95 35.34 -33.30
C ASP D 166 8.49 35.55 -31.88
N PHE D 167 7.75 36.31 -31.08
CA PHE D 167 8.23 36.81 -29.79
C PHE D 167 7.25 36.53 -28.66
N LYS D 168 7.68 35.71 -27.70
CA LYS D 168 6.90 35.43 -26.51
C LYS D 168 7.48 36.14 -25.30
N SER D 169 6.61 36.56 -24.39
CA SER D 169 7.03 37.26 -23.19
C SER D 169 5.98 37.11 -22.09
N ASN D 170 6.45 37.16 -20.84
CA ASN D 170 5.58 37.11 -19.67
C ASN D 170 5.27 38.53 -19.19
N SER D 171 4.20 38.68 -18.40
CA SER D 171 3.88 39.96 -17.79
C SER D 171 2.87 39.88 -16.65
N ALA D 172 3.19 40.58 -15.56
CA ALA D 172 2.27 40.75 -14.44
C ALA D 172 1.88 42.22 -14.34
N VAL D 173 0.75 42.49 -13.69
CA VAL D 173 0.23 43.86 -13.58
C VAL D 173 -0.06 44.23 -12.12
N ALA D 174 0.40 45.41 -11.71
CA ALA D 174 0.09 45.96 -10.39
C ALA D 174 -0.54 47.34 -10.49
N TRP D 175 -1.61 47.56 -9.74
CA TRP D 175 -2.22 48.89 -9.63
C TRP D 175 -2.76 49.12 -8.23
N SER D 176 -2.84 50.39 -7.85
CA SER D 176 -3.27 50.78 -6.51
C SER D 176 -4.23 51.95 -6.58
N ASN D 177 -5.23 51.95 -5.69
CA ASN D 177 -6.20 53.03 -5.61
C ASN D 177 -5.80 54.10 -4.57
N LYS D 178 -4.51 54.16 -4.27
CA LYS D 178 -3.97 55.16 -3.35
C LYS D 178 -2.89 56.02 -4.00
N SER D 179 -2.75 57.27 -3.54
CA SER D 179 -1.78 58.22 -4.07
C SER D 179 -0.32 57.76 -3.90
N ASP D 180 0.06 57.44 -2.66
CA ASP D 180 1.40 56.98 -2.33
C ASP D 180 1.67 55.59 -2.92
N PHE D 181 2.16 55.57 -4.17
CA PHE D 181 2.42 54.29 -4.85
C PHE D 181 3.44 54.43 -5.98
N ALA D 182 4.52 53.66 -5.88
CA ALA D 182 5.57 53.61 -6.89
C ALA D 182 5.82 52.17 -7.32
N CYS D 183 6.12 52.00 -8.61
CA CYS D 183 6.27 50.68 -9.23
C CYS D 183 7.53 49.92 -8.85
N ALA D 184 8.52 50.65 -8.34
CA ALA D 184 9.81 50.06 -7.96
C ALA D 184 9.71 49.10 -6.77
N ASN D 185 8.73 49.33 -5.88
CA ASN D 185 8.51 48.45 -4.74
C ASN D 185 7.23 47.63 -4.85
N ALA D 186 6.56 47.73 -5.99
CA ALA D 186 5.27 47.07 -6.23
C ALA D 186 5.38 45.55 -6.22
N PHE D 187 6.44 45.03 -6.83
CA PHE D 187 6.65 43.60 -6.96
C PHE D 187 7.76 43.15 -6.00
N ASN D 188 7.82 43.79 -4.84
CA ASN D 188 8.85 43.56 -3.83
C ASN D 188 8.69 42.21 -3.12
N ASP E 1 -21.09 23.57 -29.98
CA ASP E 1 -21.61 23.79 -31.37
C ASP E 1 -21.53 22.53 -32.24
N ALA E 2 -21.35 21.37 -31.59
CA ALA E 2 -21.41 20.08 -32.26
C ALA E 2 -22.87 19.60 -32.34
N GLY E 3 -23.75 20.52 -32.72
CA GLY E 3 -25.19 20.27 -32.73
C GLY E 3 -25.85 20.62 -31.40
N ILE E 4 -25.02 20.85 -30.38
CA ILE E 4 -25.50 21.09 -29.02
C ILE E 4 -25.61 22.58 -28.74
N THR E 5 -26.76 23.00 -28.24
CA THR E 5 -27.02 24.41 -27.95
C THR E 5 -27.55 24.54 -26.52
N GLN E 6 -26.88 25.38 -25.73
CA GLN E 6 -27.30 25.63 -24.35
C GLN E 6 -27.89 27.03 -24.22
N SER E 7 -29.05 27.12 -23.58
CA SER E 7 -29.68 28.40 -23.30
C SER E 7 -30.36 28.37 -21.95
N PRO E 8 -30.15 29.41 -21.13
CA PRO E 8 -29.30 30.58 -21.41
C PRO E 8 -27.81 30.27 -21.24
N ARG E 9 -26.96 31.11 -21.81
CA ARG E 9 -25.50 30.93 -21.73
C ARG E 9 -24.96 31.54 -20.45
N HIS E 10 -25.56 32.66 -20.05
CA HIS E 10 -25.21 33.36 -18.83
C HIS E 10 -26.51 33.75 -18.16
N LYS E 11 -26.58 33.55 -16.84
CA LYS E 11 -27.79 33.89 -16.09
C LYS E 11 -27.44 34.24 -14.66
N VAL E 12 -28.05 35.32 -14.18
CA VAL E 12 -27.90 35.75 -12.81
C VAL E 12 -29.29 35.85 -12.17
N THR E 13 -29.52 35.05 -11.15
CA THR E 13 -30.82 35.00 -10.47
C THR E 13 -30.68 35.20 -8.97
N GLU E 14 -31.79 35.51 -8.32
CA GLU E 14 -31.86 35.66 -6.87
C GLU E 14 -32.11 34.29 -6.24
N THR E 15 -31.57 34.08 -5.04
CA THR E 15 -31.80 32.85 -4.27
C THR E 15 -33.28 32.64 -3.95
N GLY E 16 -33.75 31.41 -4.11
CA GLY E 16 -35.15 31.05 -3.89
C GLY E 16 -35.99 31.29 -5.13
N THR E 17 -35.37 31.11 -6.29
CA THR E 17 -36.01 31.40 -7.57
C THR E 17 -35.88 30.22 -8.52
N PRO E 18 -36.98 29.81 -9.16
CA PRO E 18 -36.88 28.81 -10.21
C PRO E 18 -35.93 29.25 -11.31
N VAL E 19 -35.07 28.32 -11.73
CA VAL E 19 -34.18 28.51 -12.86
C VAL E 19 -34.27 27.26 -13.72
N THR E 20 -34.24 27.43 -15.04
CA THR E 20 -34.19 26.29 -15.94
C THR E 20 -33.16 26.52 -17.04
N LEU E 21 -32.33 25.50 -17.28
CA LEU E 21 -31.37 25.53 -18.38
C LEU E 21 -31.78 24.54 -19.46
N ARG E 22 -31.58 24.93 -20.71
CA ARG E 22 -32.00 24.15 -21.86
C ARG E 22 -30.79 23.51 -22.54
N CYS E 23 -30.87 22.22 -22.80
CA CYS E 23 -29.88 21.55 -23.63
C CYS E 23 -30.61 21.02 -24.85
N HIS E 24 -30.17 21.45 -26.02
CA HIS E 24 -30.80 21.04 -27.28
C HIS E 24 -29.78 20.41 -28.23
N GLN E 25 -30.21 19.35 -28.91
CA GLN E 25 -29.37 18.63 -29.85
C GLN E 25 -30.06 18.42 -31.20
N THR E 26 -29.26 18.18 -32.24
CA THR E 26 -29.78 17.97 -33.59
C THR E 26 -29.26 16.65 -34.19
N GLU E 27 -28.82 15.74 -33.31
CA GLU E 27 -28.14 14.52 -33.76
C GLU E 27 -28.83 13.22 -33.32
N ASN E 28 -29.93 13.36 -32.57
CA ASN E 28 -30.80 12.24 -32.20
C ASN E 28 -30.22 11.26 -31.16
N HIS E 29 -29.17 11.68 -30.46
CA HIS E 29 -28.50 10.81 -29.49
C HIS E 29 -29.40 10.42 -28.32
N ARG E 30 -29.41 9.12 -28.02
CA ARG E 30 -30.32 8.53 -27.02
C ARG E 30 -29.98 8.96 -25.59
N TYR E 31 -28.71 9.25 -25.34
CA TYR E 31 -28.28 9.66 -24.02
C TYR E 31 -27.94 11.15 -23.94
N MET E 32 -28.42 11.81 -22.89
CA MET E 32 -28.06 13.18 -22.58
C MET E 32 -27.70 13.33 -21.10
N TYR E 33 -26.82 14.28 -20.79
CA TYR E 33 -26.28 14.42 -19.44
C TYR E 33 -26.26 15.88 -18.99
N TRP E 34 -26.45 16.11 -17.69
CA TRP E 34 -26.16 17.41 -17.09
C TRP E 34 -25.08 17.28 -16.03
N TYR E 35 -23.97 17.97 -16.25
CA TYR E 35 -22.84 18.01 -15.32
C TYR E 35 -22.67 19.44 -14.84
N ARG E 36 -21.96 19.62 -13.74
CA ARG E 36 -21.51 20.92 -13.28
C ARG E 36 -20.01 20.90 -13.04
N GLN E 37 -19.37 22.05 -13.15
CA GLN E 37 -17.93 22.16 -12.89
C GLN E 37 -17.68 23.21 -11.82
N ASP E 38 -17.03 22.76 -10.76
CA ASP E 38 -16.74 23.59 -9.62
C ASP E 38 -15.25 23.54 -9.31
N PRO E 39 -14.65 24.69 -8.93
CA PRO E 39 -13.24 24.75 -8.52
C PRO E 39 -12.94 23.73 -7.43
N GLY E 40 -11.85 22.97 -7.60
CA GLY E 40 -11.49 21.90 -6.69
C GLY E 40 -12.02 20.55 -7.14
N HIS E 41 -13.23 20.56 -7.69
CA HIS E 41 -13.86 19.36 -8.23
C HIS E 41 -13.70 19.32 -9.76
N GLY E 42 -13.97 18.17 -10.37
CA GLY E 42 -14.00 18.07 -11.81
C GLY E 42 -15.41 18.33 -12.27
N LEU E 43 -15.81 17.65 -13.34
CA LEU E 43 -17.20 17.62 -13.74
C LEU E 43 -17.91 16.60 -12.85
N ARG E 44 -19.07 16.99 -12.32
CA ARG E 44 -19.88 16.11 -11.48
C ARG E 44 -21.27 15.95 -12.07
N LEU E 45 -21.74 14.70 -12.18
CA LEU E 45 -23.04 14.43 -12.75
C LEU E 45 -24.22 14.85 -11.86
N ILE E 46 -25.18 15.54 -12.48
CA ILE E 46 -26.41 15.92 -11.79
C ILE E 46 -27.50 14.90 -12.10
N HIS E 47 -27.83 14.78 -13.38
CA HIS E 47 -28.86 13.87 -13.84
C HIS E 47 -28.50 13.46 -15.25
N TYR E 48 -29.02 12.31 -15.68
CA TYR E 48 -28.83 11.87 -17.06
C TYR E 48 -30.09 11.21 -17.57
N SER E 49 -30.23 11.19 -18.90
CA SER E 49 -31.38 10.60 -19.54
C SER E 49 -30.93 9.55 -20.53
N TYR E 50 -31.58 8.38 -20.47
CA TYR E 50 -31.32 7.31 -21.41
C TYR E 50 -32.50 7.07 -22.37
N GLY E 51 -33.21 8.14 -22.69
CA GLY E 51 -34.34 8.07 -23.61
C GLY E 51 -35.45 8.96 -23.15
N VAL E 52 -36.43 9.19 -24.01
CA VAL E 52 -37.59 10.03 -23.72
C VAL E 52 -38.32 9.55 -22.48
N LYS E 53 -38.36 10.41 -21.47
CA LYS E 53 -38.97 10.09 -20.17
C LYS E 53 -38.19 9.03 -19.37
N ASP E 54 -36.95 8.78 -19.75
CA ASP E 54 -36.06 7.90 -19.00
C ASP E 54 -34.90 8.70 -18.42
N THR E 55 -34.94 8.91 -17.10
CA THR E 55 -33.96 9.74 -16.40
C THR E 55 -33.52 9.15 -15.06
N ASP E 56 -32.30 9.46 -14.66
CA ASP E 56 -31.76 9.02 -13.37
C ASP E 56 -30.75 9.98 -12.72
N LYS E 57 -30.58 9.81 -11.42
CA LYS E 57 -29.74 10.67 -10.59
C LYS E 57 -28.26 10.44 -10.80
N GLY E 58 -27.49 11.53 -10.71
CA GLY E 58 -26.04 11.45 -10.69
C GLY E 58 -25.55 11.62 -9.26
N GLU E 59 -24.31 12.06 -9.11
CA GLU E 59 -23.71 12.26 -7.78
C GLU E 59 -24.31 13.46 -7.04
N VAL E 60 -24.48 14.57 -7.76
CA VAL E 60 -25.03 15.80 -7.18
C VAL E 60 -26.41 16.15 -7.76
N SER E 61 -27.43 15.46 -7.25
CA SER E 61 -28.78 15.58 -7.76
C SER E 61 -29.71 16.41 -6.88
N ASP E 62 -29.32 16.58 -5.62
CA ASP E 62 -30.12 17.35 -4.65
C ASP E 62 -30.37 18.80 -5.08
N GLY E 63 -31.62 19.22 -5.04
CA GLY E 63 -32.02 20.56 -5.46
C GLY E 63 -32.22 20.67 -6.96
N TYR E 64 -31.99 19.57 -7.67
CA TYR E 64 -32.11 19.53 -9.12
C TYR E 64 -33.24 18.63 -9.60
N SER E 65 -33.76 18.96 -10.78
CA SER E 65 -34.84 18.22 -11.42
C SER E 65 -34.62 18.27 -12.94
N VAL E 66 -35.03 17.21 -13.63
CA VAL E 66 -34.88 17.15 -15.09
C VAL E 66 -36.10 16.58 -15.80
N SER E 67 -36.29 16.96 -17.06
CA SER E 67 -37.31 16.35 -17.90
C SER E 67 -36.79 16.14 -19.31
N ARG E 68 -37.07 14.96 -19.85
CA ARG E 68 -36.73 14.62 -21.21
C ARG E 68 -38.06 14.31 -21.93
N SER E 69 -38.85 15.36 -22.12
CA SER E 69 -40.14 15.25 -22.80
C SER E 69 -39.98 14.83 -24.26
N LYS E 70 -38.93 15.31 -24.93
CA LYS E 70 -38.62 14.87 -26.28
C LYS E 70 -37.12 14.58 -26.46
N THR E 71 -36.75 14.10 -27.64
CA THR E 71 -35.36 13.73 -27.92
C THR E 71 -34.44 14.94 -28.05
N GLU E 72 -34.93 15.99 -28.69
CA GLU E 72 -34.16 17.22 -28.91
C GLU E 72 -33.66 17.86 -27.61
N ASP E 73 -34.49 17.88 -26.57
CA ASP E 73 -34.24 18.69 -25.38
C ASP E 73 -34.07 17.92 -24.08
N PHE E 74 -33.11 18.37 -23.27
CA PHE E 74 -32.92 17.89 -21.90
C PHE E 74 -32.86 19.11 -20.99
N LEU E 75 -33.90 19.30 -20.18
CA LEU E 75 -34.06 20.53 -19.40
C LEU E 75 -33.64 20.33 -17.94
N LEU E 76 -32.97 21.34 -17.38
CA LEU E 76 -32.48 21.27 -16.00
C LEU E 76 -33.12 22.35 -15.14
N THR E 77 -33.92 21.93 -14.17
CA THR E 77 -34.61 22.86 -13.28
C THR E 77 -34.04 22.83 -11.85
N LEU E 78 -33.86 24.02 -11.31
CA LEU E 78 -33.57 24.20 -9.90
C LEU E 78 -34.78 24.91 -9.32
N GLU E 79 -35.64 24.16 -8.63
CA GLU E 79 -36.93 24.68 -8.13
C GLU E 79 -36.78 25.91 -7.24
N SER E 80 -35.87 25.81 -6.25
CA SER E 80 -35.57 26.92 -5.35
C SER E 80 -34.05 27.12 -5.30
N ALA E 81 -33.56 28.00 -6.17
CA ALA E 81 -32.12 28.21 -6.35
C ALA E 81 -31.41 28.63 -5.06
N THR E 82 -30.40 27.86 -4.67
CA THR E 82 -29.56 28.22 -3.53
C THR E 82 -28.20 28.68 -4.03
N SER E 83 -27.51 29.48 -3.22
CA SER E 83 -26.19 30.01 -3.58
C SER E 83 -25.17 28.90 -3.86
N SER E 84 -25.43 27.70 -3.34
CA SER E 84 -24.59 26.54 -3.58
C SER E 84 -24.65 26.03 -5.03
N GLN E 85 -25.75 26.37 -5.71
CA GLN E 85 -25.96 25.93 -7.10
C GLN E 85 -25.27 26.88 -8.09
N THR E 86 -24.62 27.91 -7.56
CA THR E 86 -23.76 28.80 -8.34
C THR E 86 -22.63 27.96 -8.93
N SER E 87 -22.58 27.90 -10.26
CA SER E 87 -21.62 27.04 -10.94
C SER E 87 -21.59 27.27 -12.45
N VAL E 88 -20.66 26.58 -13.11
CA VAL E 88 -20.69 26.42 -14.54
C VAL E 88 -21.36 25.07 -14.80
N TYR E 89 -22.30 25.04 -15.74
CA TYR E 89 -23.04 23.81 -16.03
C TYR E 89 -22.76 23.34 -17.45
N PHE E 90 -22.42 22.06 -17.59
CA PHE E 90 -22.19 21.45 -18.89
C PHE E 90 -23.24 20.39 -19.21
N CYS E 91 -23.79 20.45 -20.42
CA CYS E 91 -24.64 19.37 -20.89
C CYS E 91 -23.95 18.62 -22.01
N ALA E 92 -24.16 17.31 -22.05
CA ALA E 92 -23.51 16.44 -23.01
C ALA E 92 -24.48 15.43 -23.63
N THR E 93 -24.14 14.93 -24.82
CA THR E 93 -24.94 13.90 -25.49
C THR E 93 -24.05 12.75 -25.96
N GLY E 94 -24.66 11.58 -26.16
CA GLY E 94 -23.93 10.41 -26.60
C GLY E 94 -24.81 9.34 -27.21
N THR E 95 -24.17 8.43 -27.93
CA THR E 95 -24.88 7.31 -28.57
C THR E 95 -25.15 6.16 -27.61
N GLY E 96 -24.55 6.23 -26.42
CA GLY E 96 -24.71 5.19 -25.41
C GLY E 96 -23.63 4.14 -25.46
N ASP E 97 -22.90 4.09 -26.58
CA ASP E 97 -21.83 3.11 -26.79
C ASP E 97 -20.60 3.38 -25.95
N SER E 98 -20.22 2.38 -25.15
CA SER E 98 -19.14 2.50 -24.18
C SER E 98 -17.78 2.89 -24.78
N ASN E 99 -17.66 2.77 -26.11
CA ASN E 99 -16.43 3.12 -26.83
C ASN E 99 -16.55 4.40 -27.67
N GLN E 100 -17.63 5.15 -27.44
CA GLN E 100 -17.83 6.45 -28.09
C GLN E 100 -17.70 7.57 -27.06
N PRO E 101 -17.18 8.73 -27.49
CA PRO E 101 -17.05 9.86 -26.57
C PRO E 101 -18.41 10.50 -26.27
N GLN E 102 -18.45 11.30 -25.21
CA GLN E 102 -19.55 12.23 -25.00
C GLN E 102 -19.24 13.51 -25.78
N HIS E 103 -20.28 14.15 -26.31
CA HIS E 103 -20.14 15.46 -26.93
C HIS E 103 -20.71 16.48 -25.96
N PHE E 104 -19.87 17.42 -25.52
CA PHE E 104 -20.27 18.42 -24.53
C PHE E 104 -20.74 19.71 -25.16
N GLY E 105 -21.69 20.37 -24.50
CA GLY E 105 -22.15 21.70 -24.90
C GLY E 105 -21.16 22.78 -24.49
N ASP E 106 -21.43 24.01 -24.90
CA ASP E 106 -20.48 25.10 -24.69
C ASP E 106 -20.43 25.63 -23.25
N GLY E 107 -21.40 25.24 -22.44
CA GLY E 107 -21.39 25.61 -21.02
C GLY E 107 -22.42 26.66 -20.66
N THR E 108 -22.59 26.87 -19.36
CA THR E 108 -23.50 27.89 -18.83
C THR E 108 -22.98 28.43 -17.51
N ARG E 109 -22.70 29.73 -17.49
CA ARG E 109 -22.27 30.41 -16.27
C ARG E 109 -23.48 30.89 -15.49
N LEU E 110 -23.79 30.18 -14.42
CA LEU E 110 -24.96 30.48 -13.62
C LEU E 110 -24.56 30.96 -12.23
N SER E 111 -25.02 32.16 -11.91
CA SER E 111 -24.72 32.78 -10.62
C SER E 111 -26.01 32.97 -9.84
N ILE E 112 -26.01 32.52 -8.58
CA ILE E 112 -27.17 32.63 -7.71
C ILE E 112 -26.82 33.46 -6.47
N LEU E 113 -27.54 34.56 -6.27
CA LEU E 113 -27.18 35.56 -5.25
C LEU E 113 -28.28 35.76 -4.21
N GLU E 114 -27.88 36.21 -3.02
CA GLU E 114 -28.83 36.55 -1.97
C GLU E 114 -29.41 37.94 -2.22
N ASP E 115 -28.72 38.73 -3.03
CA ASP E 115 -29.06 40.14 -3.24
C ASP E 115 -28.62 40.62 -4.62
N LEU E 116 -29.59 40.92 -5.48
CA LEU E 116 -29.30 41.37 -6.84
C LEU E 116 -28.67 42.75 -6.91
N ASN E 117 -28.82 43.53 -5.84
CA ASN E 117 -28.27 44.88 -5.75
C ASN E 117 -26.74 44.87 -5.69
N LYS E 118 -26.18 43.67 -5.53
CA LYS E 118 -24.74 43.45 -5.53
C LYS E 118 -24.16 43.37 -6.93
N VAL E 119 -25.02 43.42 -7.95
CA VAL E 119 -24.60 43.35 -9.36
C VAL E 119 -24.09 44.71 -9.84
N PHE E 120 -22.85 44.74 -10.32
CA PHE E 120 -22.22 45.96 -10.84
C PHE E 120 -21.55 45.68 -12.18
N PRO E 121 -21.73 46.57 -13.17
CA PRO E 121 -21.00 46.48 -14.44
C PRO E 121 -19.53 46.83 -14.24
N PRO E 122 -18.66 46.41 -15.19
CA PRO E 122 -17.26 46.80 -15.07
C PRO E 122 -17.01 48.22 -15.55
N GLU E 123 -16.05 48.89 -14.92
CA GLU E 123 -15.51 50.12 -15.47
C GLU E 123 -14.20 49.82 -16.16
N VAL E 124 -14.13 50.16 -17.45
CA VAL E 124 -12.99 49.85 -18.28
C VAL E 124 -12.09 51.06 -18.47
N ALA E 125 -10.79 50.84 -18.35
CA ALA E 125 -9.78 51.88 -18.56
C ALA E 125 -8.65 51.34 -19.42
N VAL E 126 -7.97 52.23 -20.13
CA VAL E 126 -6.82 51.84 -20.96
C VAL E 126 -5.60 52.66 -20.56
N PHE E 127 -4.51 51.94 -20.28
CA PHE E 127 -3.26 52.57 -19.90
C PHE E 127 -2.25 52.47 -21.05
N GLU E 128 -1.72 53.62 -21.44
CA GLU E 128 -0.87 53.74 -22.62
C GLU E 128 0.55 53.29 -22.34
N PRO E 129 1.25 52.77 -23.37
CA PRO E 129 2.62 52.27 -23.26
C PRO E 129 3.59 53.29 -22.65
N SER E 130 4.51 52.79 -21.84
CA SER E 130 5.55 53.61 -21.22
C SER E 130 6.63 53.96 -22.24
N GLU E 131 7.14 55.18 -22.16
CA GLU E 131 8.26 55.62 -22.99
C GLU E 131 9.53 54.83 -22.69
N ALA E 132 9.75 54.53 -21.42
CA ALA E 132 10.88 53.72 -20.97
C ALA E 132 10.88 52.35 -21.65
N GLU E 133 9.68 51.76 -21.79
CA GLU E 133 9.49 50.49 -22.49
C GLU E 133 9.80 50.65 -23.98
N ILE E 134 9.33 51.73 -24.58
CA ILE E 134 9.55 51.97 -26.01
C ILE E 134 11.04 52.04 -26.39
N SER E 135 11.83 52.85 -25.68
CA SER E 135 13.25 53.00 -25.99
C SER E 135 14.02 51.71 -25.68
N HIS E 136 13.66 51.05 -24.58
CA HIS E 136 14.37 49.86 -24.11
C HIS E 136 14.15 48.63 -24.99
N THR E 137 12.97 48.52 -25.61
CA THR E 137 12.60 47.30 -26.32
C THR E 137 12.19 47.47 -27.78
N GLN E 138 11.89 48.72 -28.18
CA GLN E 138 11.22 48.99 -29.47
C GLN E 138 9.88 48.27 -29.52
N LYS E 139 9.28 48.09 -28.34
CA LYS E 139 8.00 47.42 -28.19
C LYS E 139 7.10 48.23 -27.24
N ALA E 140 5.80 48.22 -27.52
CA ALA E 140 4.83 48.99 -26.76
C ALA E 140 3.69 48.12 -26.26
N THR E 141 3.45 48.16 -24.96
CA THR E 141 2.38 47.38 -24.33
C THR E 141 1.28 48.28 -23.74
N LEU E 142 0.07 48.11 -24.23
CA LEU E 142 -1.09 48.73 -23.60
C LEU E 142 -1.65 47.77 -22.55
N VAL E 143 -2.27 48.34 -21.53
CA VAL E 143 -2.88 47.57 -20.46
C VAL E 143 -4.34 47.99 -20.37
N CYS E 144 -5.23 47.00 -20.22
CA CYS E 144 -6.63 47.26 -20.02
C CYS E 144 -7.07 46.76 -18.66
N LEU E 145 -7.67 47.64 -17.87
CA LEU E 145 -8.16 47.25 -16.56
C LEU E 145 -9.68 47.44 -16.44
N ALA E 146 -10.38 46.32 -16.22
CA ALA E 146 -11.80 46.34 -15.88
C ALA E 146 -11.93 46.12 -14.38
N THR E 147 -12.69 46.99 -13.72
CA THR E 147 -12.76 47.00 -12.26
C THR E 147 -14.16 47.20 -11.70
N GLY E 148 -14.38 46.69 -10.50
CA GLY E 148 -15.63 46.92 -9.76
C GLY E 148 -16.83 46.10 -10.17
N PHE E 149 -16.63 45.07 -10.98
CA PHE E 149 -17.76 44.30 -11.51
C PHE E 149 -18.13 43.07 -10.68
N PHE E 150 -19.42 42.72 -10.73
CA PHE E 150 -19.95 41.58 -10.01
C PHE E 150 -21.16 41.02 -10.74
N PRO E 151 -21.20 39.69 -10.99
CA PRO E 151 -20.16 38.68 -10.70
C PRO E 151 -19.08 38.63 -11.78
N ASP E 152 -18.30 37.55 -11.81
CA ASP E 152 -17.13 37.45 -12.71
C ASP E 152 -17.47 37.10 -14.16
N HIS E 153 -18.69 37.41 -14.59
CA HIS E 153 -19.16 37.09 -15.93
C HIS E 153 -18.74 38.16 -16.95
N VAL E 154 -17.46 38.16 -17.33
CA VAL E 154 -16.95 39.10 -18.35
C VAL E 154 -16.15 38.42 -19.49
N GLU E 155 -16.17 39.08 -20.65
CA GLU E 155 -15.39 38.64 -21.82
C GLU E 155 -14.62 39.80 -22.40
N LEU E 156 -13.30 39.67 -22.41
CA LEU E 156 -12.42 40.76 -22.81
C LEU E 156 -11.84 40.54 -24.19
N SER E 157 -12.06 41.51 -25.08
CA SER E 157 -11.51 41.46 -26.43
C SER E 157 -10.85 42.78 -26.82
N TRP E 158 -9.73 42.68 -27.54
CA TRP E 158 -9.02 43.84 -28.05
C TRP E 158 -9.39 44.11 -29.50
N TRP E 159 -9.46 45.40 -29.84
CA TRP E 159 -9.79 45.83 -31.20
C TRP E 159 -8.80 46.91 -31.65
N VAL E 160 -8.22 46.71 -32.83
CA VAL E 160 -7.28 47.66 -33.41
C VAL E 160 -7.78 48.07 -34.79
N ASN E 161 -8.09 49.36 -34.93
CA ASN E 161 -8.60 49.95 -36.18
C ASN E 161 -9.91 49.33 -36.68
N GLY E 162 -10.77 48.94 -35.74
CA GLY E 162 -12.07 48.37 -36.04
C GLY E 162 -12.06 46.85 -36.20
N LYS E 163 -10.89 46.25 -35.99
CA LYS E 163 -10.70 44.82 -36.20
C LYS E 163 -10.18 44.10 -34.97
N GLU E 164 -10.79 42.96 -34.65
CA GLU E 164 -10.38 42.18 -33.49
C GLU E 164 -9.01 41.55 -33.73
N VAL E 165 -8.18 41.62 -32.69
CA VAL E 165 -6.81 41.11 -32.75
C VAL E 165 -6.58 40.10 -31.63
N HIS E 166 -5.71 39.12 -31.91
CA HIS E 166 -5.36 38.10 -30.93
C HIS E 166 -3.85 38.01 -30.73
N SER E 167 -3.09 38.43 -31.75
CA SER E 167 -1.65 38.45 -31.68
C SER E 167 -1.16 39.54 -30.74
N GLY E 168 -0.32 39.16 -29.77
CA GLY E 168 0.20 40.08 -28.78
C GLY E 168 -0.78 40.35 -27.65
N VAL E 169 -1.95 39.72 -27.73
CA VAL E 169 -2.99 39.86 -26.72
C VAL E 169 -2.79 38.82 -25.62
N CYS E 170 -2.85 39.26 -24.38
CA CYS E 170 -2.84 38.35 -23.23
C CYS E 170 -3.74 38.88 -22.12
N THR E 171 -4.66 38.03 -21.67
CA THR E 171 -5.66 38.36 -20.67
C THR E 171 -5.56 37.37 -19.52
N ASP E 172 -5.86 37.83 -18.30
CA ASP E 172 -5.87 36.96 -17.13
C ASP E 172 -6.85 35.81 -17.31
N PRO E 173 -6.40 34.57 -16.96
CA PRO E 173 -7.25 33.39 -17.06
C PRO E 173 -8.46 33.51 -16.16
N GLN E 174 -8.26 34.06 -14.97
CA GLN E 174 -9.31 34.21 -13.99
C GLN E 174 -9.26 35.62 -13.41
N PRO E 175 -10.43 36.27 -13.28
CA PRO E 175 -10.53 37.57 -12.58
C PRO E 175 -9.98 37.52 -11.15
N LEU E 176 -9.74 38.69 -10.59
CA LEU E 176 -9.20 38.81 -9.24
C LEU E 176 -10.20 39.50 -8.32
N LYS E 177 -10.35 38.98 -7.10
CA LYS E 177 -11.18 39.62 -6.10
C LYS E 177 -10.48 40.89 -5.63
N GLU E 178 -11.19 42.01 -5.70
CA GLU E 178 -10.64 43.28 -5.26
C GLU E 178 -10.48 43.31 -3.74
N GLN E 179 -11.44 42.70 -3.05
CA GLN E 179 -11.36 42.55 -1.61
C GLN E 179 -11.42 41.05 -1.23
N PRO E 180 -10.26 40.37 -1.31
CA PRO E 180 -10.10 38.91 -1.23
C PRO E 180 -10.71 38.28 0.02
N ALA E 181 -10.65 39.01 1.13
CA ALA E 181 -11.11 38.51 2.41
C ALA E 181 -12.51 39.01 2.73
N LEU E 182 -13.37 39.04 1.71
CA LEU E 182 -14.70 39.60 1.86
C LEU E 182 -15.68 38.89 0.94
N ASN E 183 -16.76 38.35 1.52
CA ASN E 183 -17.79 37.67 0.75
C ASN E 183 -18.42 38.62 -0.25
N ASP E 184 -18.64 38.11 -1.47
CA ASP E 184 -19.23 38.89 -2.57
C ASP E 184 -18.51 40.24 -2.81
N SER E 185 -17.18 40.20 -2.83
CA SER E 185 -16.40 41.34 -3.24
C SER E 185 -16.45 41.47 -4.74
N ARG E 186 -16.26 42.69 -5.24
CA ARG E 186 -16.29 42.95 -6.67
C ARG E 186 -14.97 42.48 -7.30
N TYR E 187 -15.01 42.22 -8.60
CA TYR E 187 -13.86 41.66 -9.28
C TYR E 187 -13.12 42.66 -10.16
N ALA E 188 -11.92 42.29 -10.58
CA ALA E 188 -11.15 43.06 -11.52
C ALA E 188 -10.59 42.11 -12.59
N LEU E 189 -10.33 42.65 -13.78
CA LEU E 189 -9.71 41.87 -14.84
C LEU E 189 -8.72 42.71 -15.66
N SER E 190 -7.52 42.18 -15.89
CA SER E 190 -6.52 42.88 -16.69
C SER E 190 -6.22 42.12 -17.97
N SER E 191 -5.64 42.86 -18.92
CA SER E 191 -5.19 42.31 -20.18
C SER E 191 -4.15 43.25 -20.76
N ARG E 192 -3.34 42.71 -21.67
CA ARG E 192 -2.27 43.46 -22.28
C ARG E 192 -2.16 43.13 -23.76
N LEU E 193 -1.74 44.12 -24.55
CA LEU E 193 -1.55 43.95 -25.99
C LEU E 193 -0.24 44.59 -26.41
N ARG E 194 0.69 43.74 -26.83
CA ARG E 194 2.01 44.21 -27.20
C ARG E 194 2.12 44.40 -28.71
N VAL E 195 2.41 45.62 -29.12
CA VAL E 195 2.67 45.96 -30.52
C VAL E 195 4.03 46.64 -30.62
N SER E 196 4.58 46.73 -31.82
CA SER E 196 5.85 47.40 -32.05
C SER E 196 5.78 48.88 -31.65
N ALA E 197 6.95 49.49 -31.43
CA ALA E 197 7.02 50.92 -31.11
C ALA E 197 6.45 51.78 -32.23
N THR E 198 6.71 51.37 -33.47
CA THR E 198 6.29 52.17 -34.63
C THR E 198 4.79 52.06 -34.89
N PHE E 199 4.23 50.88 -34.62
CA PHE E 199 2.79 50.65 -34.76
C PHE E 199 1.99 51.52 -33.78
N TRP E 200 2.48 51.61 -32.54
CA TRP E 200 1.83 52.41 -31.52
C TRP E 200 2.01 53.90 -31.83
N GLN E 201 3.18 54.25 -32.35
CA GLN E 201 3.50 55.65 -32.61
C GLN E 201 2.79 56.24 -33.84
N ASN E 202 2.06 55.39 -34.57
CA ASN E 202 1.24 55.83 -35.68
C ASN E 202 -0.13 56.36 -35.20
N PRO E 203 -0.37 57.68 -35.37
CA PRO E 203 -1.59 58.34 -34.88
C PRO E 203 -2.87 57.85 -35.55
N ARG E 204 -2.73 57.20 -36.70
CA ARG E 204 -3.87 56.64 -37.43
C ARG E 204 -4.34 55.28 -36.87
N ASN E 205 -3.69 54.81 -35.80
CA ASN E 205 -4.06 53.56 -35.14
C ASN E 205 -4.95 53.72 -33.92
N HIS E 206 -6.09 53.04 -33.93
CA HIS E 206 -7.08 53.07 -32.85
C HIS E 206 -6.98 51.80 -32.04
N PHE E 207 -6.71 51.95 -30.74
CA PHE E 207 -6.60 50.80 -29.83
C PHE E 207 -7.76 50.81 -28.84
N ARG E 208 -8.68 49.86 -29.00
CA ARG E 208 -9.88 49.80 -28.16
C ARG E 208 -9.94 48.50 -27.36
N CYS E 209 -10.21 48.63 -26.07
CA CYS E 209 -10.39 47.47 -25.21
C CYS E 209 -11.87 47.27 -24.91
N GLN E 210 -12.38 46.08 -25.24
CA GLN E 210 -13.79 45.76 -25.06
C GLN E 210 -14.01 44.73 -23.96
N VAL E 211 -14.96 45.02 -23.08
CA VAL E 211 -15.38 44.07 -22.06
C VAL E 211 -16.89 43.81 -22.13
N GLN E 212 -17.24 42.56 -22.37
CA GLN E 212 -18.63 42.13 -22.37
C GLN E 212 -19.02 41.67 -20.96
N PHE E 213 -20.02 42.33 -20.40
CA PHE E 213 -20.53 41.97 -19.08
C PHE E 213 -21.88 41.27 -19.22
N TYR E 214 -22.07 40.21 -18.45
CA TYR E 214 -23.33 39.50 -18.41
C TYR E 214 -23.98 39.68 -17.03
N GLY E 215 -25.03 40.50 -16.99
CA GLY E 215 -25.74 40.79 -15.76
C GLY E 215 -27.22 40.51 -15.86
N LEU E 216 -28.03 41.40 -15.31
CA LEU E 216 -29.48 41.25 -15.28
C LEU E 216 -30.10 41.49 -16.66
N SER E 217 -31.43 41.51 -16.71
CA SER E 217 -32.22 41.69 -17.94
C SER E 217 -32.74 40.32 -18.38
N GLU E 218 -33.87 40.28 -19.09
CA GLU E 218 -34.61 41.47 -19.53
C GLU E 218 -35.76 41.83 -18.56
N ASN E 219 -36.03 40.94 -17.61
CA ASN E 219 -37.04 41.21 -16.58
C ASN E 219 -36.38 41.83 -15.35
N ASP E 220 -35.98 40.97 -14.40
CA ASP E 220 -35.28 41.38 -13.18
C ASP E 220 -35.67 42.77 -12.67
N GLU E 221 -36.76 42.83 -11.92
CA GLU E 221 -37.23 44.07 -11.30
C GLU E 221 -36.06 44.87 -10.73
N TRP E 222 -35.98 46.15 -11.12
CA TRP E 222 -34.93 47.03 -10.63
C TRP E 222 -35.53 48.34 -10.10
N THR E 223 -35.44 48.51 -8.78
CA THR E 223 -35.98 49.69 -8.11
C THR E 223 -34.87 50.40 -7.34
N GLN E 224 -33.82 50.80 -8.08
CA GLN E 224 -32.67 51.47 -7.49
C GLN E 224 -32.40 52.81 -8.17
N ASP E 225 -31.47 53.57 -7.61
CA ASP E 225 -31.13 54.89 -8.15
C ASP E 225 -30.16 54.78 -9.33
N ARG E 226 -29.07 54.05 -9.13
CA ARG E 226 -28.09 53.81 -10.19
C ARG E 226 -28.69 52.98 -11.32
N ALA E 227 -28.11 53.12 -12.52
CA ALA E 227 -28.59 52.39 -13.70
C ALA E 227 -28.65 50.89 -13.48
N LYS E 228 -29.61 50.25 -14.12
CA LYS E 228 -29.77 48.80 -14.07
C LYS E 228 -28.55 48.13 -14.70
N PRO E 229 -27.84 47.30 -13.92
CA PRO E 229 -26.67 46.55 -14.41
C PRO E 229 -27.07 45.44 -15.40
N VAL E 230 -27.67 45.84 -16.52
CA VAL E 230 -28.05 44.88 -17.57
C VAL E 230 -26.82 44.35 -18.31
N THR E 231 -27.01 43.32 -19.12
CA THR E 231 -25.99 42.82 -20.02
C THR E 231 -25.54 43.98 -20.91
N GLN E 232 -24.24 44.26 -20.91
CA GLN E 232 -23.71 45.44 -21.57
C GLN E 232 -22.23 45.36 -21.88
N ILE E 233 -21.81 46.18 -22.84
CA ILE E 233 -20.41 46.32 -23.19
C ILE E 233 -19.87 47.66 -22.69
N VAL E 234 -18.72 47.63 -22.04
CA VAL E 234 -18.03 48.85 -21.64
C VAL E 234 -16.68 48.83 -22.34
N SER E 235 -16.31 49.98 -22.91
CA SER E 235 -15.05 50.09 -23.63
C SER E 235 -14.17 51.23 -23.09
N ALA E 236 -12.90 51.19 -23.46
CA ALA E 236 -11.95 52.27 -23.23
C ALA E 236 -10.91 52.19 -24.34
N GLU E 237 -10.49 53.35 -24.83
CA GLU E 237 -9.61 53.39 -25.98
C GLU E 237 -8.42 54.35 -25.85
N ALA E 238 -7.53 54.29 -26.83
CA ALA E 238 -6.36 55.15 -26.92
C ALA E 238 -5.92 55.29 -28.37
N TRP E 239 -5.39 56.45 -28.71
CA TRP E 239 -4.87 56.70 -30.04
C TRP E 239 -3.34 56.73 -30.03
N GLY E 240 -2.75 56.30 -31.14
CA GLY E 240 -1.30 56.31 -31.31
C GLY E 240 -0.68 57.70 -31.14
N ARG E 241 0.41 57.75 -30.40
CA ARG E 241 1.08 59.02 -30.09
C ARG E 241 2.37 59.14 -30.86
N ALA E 242 2.65 60.32 -31.38
CA ALA E 242 3.88 60.57 -32.15
C ALA E 242 5.09 60.85 -31.25
N ASP E 243 6.27 60.43 -31.72
CA ASP E 243 7.54 60.63 -31.03
C ASP E 243 8.02 62.09 -31.17
N GLY F 1 4.24 31.54 10.45
CA GLY F 1 3.43 32.27 11.46
C GLY F 1 2.43 31.34 12.12
N SER F 2 2.19 31.58 13.41
CA SER F 2 1.27 30.78 14.20
C SER F 2 -0.18 30.96 13.78
N HIS F 3 -0.93 29.86 13.79
CA HIS F 3 -2.36 29.89 13.50
C HIS F 3 -3.16 29.12 14.55
N SER F 4 -4.41 29.57 14.76
CA SER F 4 -5.29 28.94 15.71
C SER F 4 -6.74 28.95 15.23
N MET F 5 -7.49 27.92 15.62
CA MET F 5 -8.93 27.87 15.41
C MET F 5 -9.61 28.01 16.76
N ARG F 6 -10.73 28.71 16.79
CA ARG F 6 -11.39 29.06 18.05
C ARG F 6 -12.89 29.07 17.90
N TYR F 7 -13.58 28.45 18.84
CA TYR F 7 -15.02 28.52 18.91
C TYR F 7 -15.45 29.22 20.20
N PHE F 8 -16.37 30.17 20.06
CA PHE F 8 -16.85 30.98 21.17
C PHE F 8 -18.34 30.74 21.37
N TYR F 9 -18.72 30.32 22.56
CA TYR F 9 -20.11 29.97 22.88
C TYR F 9 -20.68 30.90 23.94
N THR F 10 -21.88 31.41 23.67
CA THR F 10 -22.61 32.22 24.66
C THR F 10 -24.07 31.76 24.81
N ALA F 11 -24.35 31.15 25.96
CA ALA F 11 -25.71 30.72 26.30
C ALA F 11 -26.26 31.62 27.41
N MET F 12 -27.39 32.27 27.12
CA MET F 12 -27.93 33.30 28.01
C MET F 12 -29.33 33.00 28.55
N SER F 13 -29.39 32.71 29.85
CA SER F 13 -30.66 32.56 30.56
C SER F 13 -31.26 33.94 30.74
N ARG F 14 -32.52 34.07 30.35
CA ARG F 14 -33.21 35.36 30.35
C ARG F 14 -34.63 35.21 30.89
N PRO F 15 -34.80 35.26 32.22
CA PRO F 15 -36.09 35.12 32.91
C PRO F 15 -37.11 36.15 32.44
N GLY F 16 -38.35 35.69 32.24
CA GLY F 16 -39.39 36.52 31.63
C GLY F 16 -39.29 36.51 30.11
N ARG F 17 -38.05 36.64 29.63
CA ARG F 17 -37.77 36.76 28.20
C ARG F 17 -37.57 35.40 27.52
N GLY F 18 -38.69 34.79 27.11
CA GLY F 18 -38.70 33.56 26.32
C GLY F 18 -37.75 32.44 26.70
N GLU F 19 -37.25 31.75 25.68
CA GLU F 19 -36.34 30.61 25.86
C GLU F 19 -34.88 31.08 25.91
N PRO F 20 -34.04 30.42 26.72
CA PRO F 20 -32.60 30.72 26.75
C PRO F 20 -31.96 30.52 25.38
N ARG F 21 -31.14 31.50 24.97
CA ARG F 21 -30.57 31.55 23.62
C ARG F 21 -29.10 31.10 23.59
N PHE F 22 -28.69 30.52 22.46
CA PHE F 22 -27.35 30.01 22.27
C PHE F 22 -26.67 30.63 21.04
N ILE F 23 -25.54 31.29 21.27
CA ILE F 23 -24.78 31.94 20.20
C ILE F 23 -23.41 31.27 20.07
N ALA F 24 -23.04 30.96 18.83
CA ALA F 24 -21.79 30.26 18.54
C ALA F 24 -21.10 30.88 17.35
N VAL F 25 -19.82 31.24 17.52
CA VAL F 25 -19.00 31.76 16.41
C VAL F 25 -17.68 30.98 16.29
N GLY F 26 -17.17 30.90 15.06
CA GLY F 26 -15.93 30.17 14.80
C GLY F 26 -14.88 31.01 14.11
N TYR F 27 -13.70 31.08 14.72
CA TYR F 27 -12.59 31.89 14.20
C TYR F 27 -11.43 31.03 13.74
N VAL F 28 -10.80 31.44 12.64
CA VAL F 28 -9.44 31.04 12.35
C VAL F 28 -8.60 32.29 12.54
N ASP F 29 -7.81 32.29 13.61
CA ASP F 29 -7.08 33.47 14.10
C ASP F 29 -8.04 34.64 14.38
N ASP F 30 -7.95 35.70 13.58
CA ASP F 30 -8.84 36.85 13.72
C ASP F 30 -9.91 36.91 12.62
N THR F 31 -10.07 35.82 11.87
CA THR F 31 -11.09 35.70 10.83
C THR F 31 -12.28 34.85 11.30
N GLN F 32 -13.42 35.50 11.49
CA GLN F 32 -14.66 34.82 11.80
C GLN F 32 -15.14 34.13 10.53
N PHE F 33 -15.40 32.82 10.61
CA PHE F 33 -15.79 32.05 9.42
C PHE F 33 -17.15 31.35 9.50
N VAL F 34 -17.64 31.11 10.71
CA VAL F 34 -18.95 30.50 10.90
C VAL F 34 -19.67 31.10 12.11
N ARG F 35 -21.01 31.06 12.05
CA ARG F 35 -21.85 31.49 13.17
C ARG F 35 -23.20 30.80 13.22
N PHE F 36 -23.63 30.50 14.43
CA PHE F 36 -24.94 29.91 14.69
C PHE F 36 -25.71 30.78 15.66
N ASP F 37 -27.02 30.85 15.44
CA ASP F 37 -27.90 31.64 16.28
C ASP F 37 -29.16 30.82 16.54
N SER F 38 -29.50 30.65 17.82
CA SER F 38 -30.64 29.84 18.23
C SER F 38 -31.98 30.47 17.83
N ASP F 39 -31.94 31.76 17.49
CA ASP F 39 -33.15 32.47 17.04
C ASP F 39 -33.16 32.79 15.54
N ALA F 40 -32.27 33.68 15.10
CA ALA F 40 -32.22 34.16 13.72
C ALA F 40 -32.54 33.09 12.68
N ALA F 41 -33.57 33.34 11.87
CA ALA F 41 -34.09 32.42 10.85
C ALA F 41 -34.46 31.05 11.43
N SER F 42 -34.55 30.02 10.57
CA SER F 42 -34.66 28.64 11.03
C SER F 42 -33.25 28.17 11.38
N PRO F 43 -32.87 28.27 12.67
CA PRO F 43 -31.49 28.25 13.15
C PRO F 43 -30.56 27.41 12.28
N ARG F 44 -29.64 28.08 11.60
CA ARG F 44 -28.77 27.43 10.61
C ARG F 44 -27.38 28.05 10.61
N THR F 45 -26.36 27.19 10.61
CA THR F 45 -24.96 27.62 10.57
C THR F 45 -24.72 28.48 9.34
N GLU F 46 -24.23 29.70 9.58
CA GLU F 46 -23.95 30.64 8.51
C GLU F 46 -22.45 30.82 8.29
N PRO F 47 -22.03 30.89 7.02
CA PRO F 47 -20.65 31.25 6.66
C PRO F 47 -20.33 32.72 6.95
N ARG F 48 -19.06 33.02 7.22
CA ARG F 48 -18.60 34.39 7.43
C ARG F 48 -17.24 34.65 6.76
N ALA F 49 -16.75 33.70 5.97
CA ALA F 49 -15.49 33.84 5.24
C ALA F 49 -15.61 33.21 3.84
N PRO F 50 -14.91 33.78 2.83
CA PRO F 50 -15.07 33.29 1.44
C PRO F 50 -14.63 31.85 1.22
N TRP F 51 -13.62 31.39 1.95
CA TRP F 51 -13.08 30.04 1.77
C TRP F 51 -13.94 28.91 2.36
N ILE F 52 -14.83 29.27 3.28
CA ILE F 52 -15.70 28.28 3.94
C ILE F 52 -16.88 27.86 3.06
N GLU F 53 -17.30 28.73 2.15
CA GLU F 53 -18.48 28.49 1.32
C GLU F 53 -18.32 27.31 0.35
N GLN F 54 -17.08 26.97 0.02
CA GLN F 54 -16.77 25.82 -0.86
C GLN F 54 -17.01 24.46 -0.17
N GLU F 55 -17.40 24.49 1.10
CA GLU F 55 -17.74 23.28 1.85
C GLU F 55 -19.20 22.89 1.61
N GLY F 56 -19.40 21.64 1.18
CA GLY F 56 -20.70 21.13 0.72
C GLY F 56 -21.80 21.00 1.76
N PRO F 57 -22.97 20.50 1.34
CA PRO F 57 -24.18 20.45 2.19
C PRO F 57 -24.04 19.57 3.42
N GLU F 58 -23.25 18.49 3.30
CA GLU F 58 -23.01 17.57 4.42
C GLU F 58 -22.30 18.25 5.60
N TYR F 59 -21.40 19.17 5.28
CA TYR F 59 -20.71 19.98 6.28
C TYR F 59 -21.71 20.86 7.06
N TRP F 60 -22.58 21.57 6.31
CA TRP F 60 -23.50 22.54 6.92
C TRP F 60 -24.60 21.94 7.78
N ASP F 61 -25.12 20.78 7.37
CA ASP F 61 -26.15 20.10 8.17
C ASP F 61 -25.56 19.54 9.45
N ARG F 62 -24.41 18.86 9.33
CA ARG F 62 -23.68 18.32 10.48
C ARG F 62 -23.35 19.41 11.50
N ASN F 63 -22.85 20.54 11.02
CA ASN F 63 -22.59 21.69 11.88
C ASN F 63 -23.84 22.16 12.59
N THR F 64 -24.89 22.42 11.82
CA THR F 64 -26.18 22.85 12.35
C THR F 64 -26.74 21.85 13.37
N GLN F 65 -26.61 20.56 13.08
CA GLN F 65 -27.03 19.51 13.99
C GLN F 65 -26.38 19.67 15.37
N ILE F 66 -25.05 19.74 15.37
CA ILE F 66 -24.28 19.82 16.61
C ILE F 66 -24.65 21.08 17.41
N PHE F 67 -24.87 22.19 16.71
CA PHE F 67 -25.25 23.44 17.38
C PHE F 67 -26.67 23.36 17.91
N LYS F 68 -27.59 22.82 17.10
CA LYS F 68 -28.96 22.52 17.57
C LYS F 68 -28.92 21.61 18.81
N THR F 69 -28.04 20.62 18.78
CA THR F 69 -27.77 19.77 19.95
C THR F 69 -27.26 20.62 21.12
N ASN F 70 -26.22 21.42 20.88
CA ASN F 70 -25.61 22.27 21.91
C ASN F 70 -26.61 23.23 22.58
N THR F 71 -27.60 23.69 21.80
CA THR F 71 -28.64 24.57 22.30
C THR F 71 -29.37 23.97 23.50
N GLN F 72 -29.82 22.72 23.32
CA GLN F 72 -30.54 21.98 24.34
C GLN F 72 -29.62 21.68 25.52
N THR F 73 -28.39 21.29 25.19
CA THR F 73 -27.37 20.93 26.18
C THR F 73 -27.11 22.09 27.14
N TYR F 74 -26.89 23.28 26.59
CA TYR F 74 -26.56 24.46 27.39
C TYR F 74 -27.76 25.03 28.17
N ARG F 75 -28.97 24.71 27.71
CA ARG F 75 -30.19 24.99 28.48
C ARG F 75 -30.22 24.12 29.73
N GLU F 76 -30.00 22.83 29.56
CA GLU F 76 -29.92 21.87 30.65
C GLU F 76 -28.78 22.23 31.60
N SER F 77 -27.71 22.77 31.03
CA SER F 77 -26.55 23.25 31.76
C SER F 77 -26.90 24.47 32.60
N LEU F 78 -27.70 25.37 32.01
CA LEU F 78 -28.15 26.59 32.69
C LEU F 78 -29.01 26.28 33.90
N ARG F 79 -29.75 25.17 33.84
CA ARG F 79 -30.58 24.75 34.96
C ARG F 79 -29.73 24.19 36.10
N ASN F 80 -28.82 23.28 35.77
CA ASN F 80 -27.92 22.69 36.77
C ASN F 80 -27.13 23.74 37.54
N LEU F 81 -26.53 24.68 36.81
CA LEU F 81 -25.76 25.79 37.39
C LEU F 81 -26.59 26.69 38.31
N ARG F 82 -27.84 26.95 37.91
CA ARG F 82 -28.80 27.69 38.72
C ARG F 82 -29.06 26.96 40.04
N GLY F 83 -29.18 25.64 39.94
CA GLY F 83 -29.42 24.79 41.10
C GLY F 83 -28.22 24.63 42.02
N TYR F 84 -27.02 24.57 41.43
CA TYR F 84 -25.78 24.41 42.19
C TYR F 84 -25.58 25.56 43.19
N TYR F 85 -25.68 26.78 42.70
CA TYR F 85 -25.51 27.98 43.52
C TYR F 85 -26.76 28.29 44.35
N ASN F 86 -27.83 27.54 44.10
CA ASN F 86 -29.16 27.79 44.67
C ASN F 86 -29.73 29.15 44.28
N GLN F 87 -29.27 29.67 43.14
CA GLN F 87 -29.76 30.93 42.57
C GLN F 87 -31.22 30.78 42.16
N SER F 88 -31.97 31.87 42.31
CA SER F 88 -33.38 31.92 41.90
C SER F 88 -33.52 31.81 40.38
N GLU F 89 -34.75 31.60 39.92
CA GLU F 89 -35.05 31.63 38.48
C GLU F 89 -35.34 33.07 38.03
N ALA F 90 -34.91 34.03 38.85
CA ALA F 90 -35.19 35.46 38.64
C ALA F 90 -34.09 36.18 37.87
N GLY F 91 -32.83 35.84 38.16
CA GLY F 91 -31.69 36.52 37.57
C GLY F 91 -31.30 36.06 36.18
N SER F 92 -30.82 36.98 35.36
CA SER F 92 -30.24 36.65 34.07
C SER F 92 -28.80 36.18 34.25
N HIS F 93 -28.52 34.98 33.76
CA HIS F 93 -27.19 34.37 33.89
C HIS F 93 -26.64 34.02 32.51
N ILE F 94 -25.33 33.87 32.44
CA ILE F 94 -24.66 33.52 31.18
C ILE F 94 -23.64 32.40 31.39
N ILE F 95 -23.66 31.43 30.48
CA ILE F 95 -22.59 30.46 30.35
C ILE F 95 -21.70 30.89 29.20
N GLN F 96 -20.40 30.98 29.47
CA GLN F 96 -19.43 31.24 28.39
C GLN F 96 -18.44 30.09 28.26
N ARG F 97 -18.12 29.74 27.02
CA ARG F 97 -17.11 28.74 26.72
C ARG F 97 -16.26 29.13 25.52
N MET F 98 -14.97 28.86 25.62
CA MET F 98 -14.03 29.09 24.52
C MET F 98 -13.00 27.95 24.42
N TYR F 99 -13.09 27.19 23.34
CA TYR F 99 -12.21 26.07 23.11
C TYR F 99 -11.58 26.16 21.73
N GLY F 100 -10.42 25.51 21.57
CA GLY F 100 -9.70 25.49 20.29
C GLY F 100 -8.28 24.97 20.42
N CYS F 101 -7.56 24.98 19.29
CA CYS F 101 -6.19 24.47 19.23
C CYS F 101 -5.22 25.45 18.56
N ASP F 102 -3.95 25.36 18.93
CA ASP F 102 -2.90 26.23 18.39
C ASP F 102 -1.88 25.47 17.56
N LEU F 103 -1.48 26.06 16.43
CA LEU F 103 -0.42 25.54 15.60
C LEU F 103 0.73 26.54 15.54
N GLY F 104 1.95 26.03 15.65
CA GLY F 104 3.15 26.87 15.61
C GLY F 104 3.53 27.27 14.20
N PRO F 105 4.52 28.17 14.06
CA PRO F 105 5.03 28.52 12.74
C PRO F 105 5.86 27.38 12.16
N ASP F 106 5.31 26.17 12.25
CA ASP F 106 6.00 24.94 11.90
C ASP F 106 4.96 23.93 11.40
N GLY F 107 3.74 24.05 11.91
CA GLY F 107 2.62 23.19 11.53
C GLY F 107 2.18 22.27 12.63
N ARG F 108 3.02 22.11 13.65
CA ARG F 108 2.75 21.23 14.77
C ARG F 108 1.88 21.89 15.83
N LEU F 109 1.10 21.07 16.51
CA LEU F 109 0.24 21.49 17.61
C LEU F 109 1.07 21.98 18.80
N LEU F 110 0.75 23.18 19.28
CA LEU F 110 1.35 23.70 20.51
C LEU F 110 0.58 23.23 21.75
N ARG F 111 -0.70 23.58 21.81
CA ARG F 111 -1.58 23.13 22.90
C ARG F 111 -3.07 23.26 22.60
N GLY F 112 -3.89 22.53 23.35
CA GLY F 112 -5.33 22.62 23.27
C GLY F 112 -5.90 23.43 24.43
N HIS F 113 -7.00 24.12 24.18
CA HIS F 113 -7.64 24.96 25.19
C HIS F 113 -9.11 24.57 25.33
N ASP F 114 -9.58 24.52 26.57
CA ASP F 114 -11.02 24.46 26.86
C ASP F 114 -11.31 25.16 28.18
N GLN F 115 -11.88 26.35 28.10
CA GLN F 115 -12.20 27.14 29.28
C GLN F 115 -13.69 27.51 29.33
N SER F 116 -14.25 27.50 30.54
CA SER F 116 -15.64 27.87 30.77
C SER F 116 -15.78 28.84 31.94
N ALA F 117 -16.79 29.69 31.88
CA ALA F 117 -17.06 30.68 32.94
C ALA F 117 -18.54 30.94 33.13
N TYR F 118 -18.93 31.07 34.41
CA TYR F 118 -20.30 31.42 34.75
C TYR F 118 -20.36 32.81 35.35
N ASP F 119 -21.18 33.66 34.75
CA ASP F 119 -21.35 35.07 35.15
C ASP F 119 -20.04 35.88 35.14
N GLY F 120 -19.09 35.47 34.30
CA GLY F 120 -17.83 36.22 34.14
C GLY F 120 -16.65 35.72 34.95
N LYS F 121 -16.91 34.87 35.93
CA LYS F 121 -15.84 34.25 36.72
C LYS F 121 -15.51 32.87 36.18
N ASP F 122 -14.22 32.58 36.05
CA ASP F 122 -13.74 31.27 35.61
C ASP F 122 -14.45 30.19 36.41
N TYR F 123 -14.80 29.10 35.73
CA TYR F 123 -15.57 28.03 36.35
C TYR F 123 -14.85 26.70 36.26
N ILE F 124 -14.85 26.13 35.06
CA ILE F 124 -14.17 24.86 34.82
C ILE F 124 -13.28 25.00 33.58
N ALA F 125 -12.08 24.45 33.66
CA ALA F 125 -11.11 24.57 32.58
C ALA F 125 -10.32 23.28 32.42
N LEU F 126 -9.95 22.97 31.18
CA LEU F 126 -9.10 21.83 30.90
C LEU F 126 -7.64 22.22 31.07
N ASN F 127 -6.90 21.42 31.84
CA ASN F 127 -5.48 21.64 32.07
C ASN F 127 -4.67 21.26 30.82
N GLU F 128 -3.45 21.79 30.74
CA GLU F 128 -2.53 21.51 29.62
C GLU F 128 -2.41 20.02 29.24
N ASP F 129 -2.49 19.13 30.23
CA ASP F 129 -2.36 17.68 29.98
C ASP F 129 -3.55 17.10 29.22
N LEU F 130 -4.65 17.86 29.20
CA LEU F 130 -5.89 17.50 28.51
C LEU F 130 -6.56 16.25 29.10
N SER F 131 -6.14 15.86 30.31
CA SER F 131 -6.73 14.72 31.01
C SER F 131 -7.50 15.10 32.26
N SER F 132 -7.12 16.22 32.90
CA SER F 132 -7.77 16.66 34.14
C SER F 132 -8.38 18.07 34.03
N TRP F 133 -9.12 18.47 35.06
CA TRP F 133 -9.82 19.75 35.08
C TRP F 133 -9.40 20.60 36.29
N THR F 134 -9.58 21.92 36.17
CA THR F 134 -9.38 22.83 37.30
C THR F 134 -10.67 23.60 37.62
N ALA F 135 -11.21 23.36 38.81
CA ALA F 135 -12.51 23.89 39.22
C ALA F 135 -12.38 25.02 40.23
N ALA F 136 -13.04 26.15 39.94
CA ALA F 136 -12.93 27.36 40.75
C ALA F 136 -13.45 27.17 42.17
N ASP F 137 -14.78 27.13 42.30
CA ASP F 137 -15.44 26.98 43.59
C ASP F 137 -15.86 25.53 43.84
N THR F 138 -16.83 25.34 44.74
CA THR F 138 -17.37 24.02 45.04
C THR F 138 -18.43 23.62 44.03
N ALA F 139 -19.16 24.60 43.52
CA ALA F 139 -20.14 24.37 42.47
C ALA F 139 -19.52 23.60 41.31
N ALA F 140 -18.42 24.13 40.77
CA ALA F 140 -17.69 23.52 39.66
C ALA F 140 -17.21 22.10 39.95
N GLN F 141 -17.08 21.77 41.22
CA GLN F 141 -16.62 20.44 41.64
C GLN F 141 -17.67 19.36 41.35
N ILE F 142 -18.93 19.76 41.27
CA ILE F 142 -20.01 18.85 40.89
C ILE F 142 -19.90 18.50 39.39
N THR F 143 -19.79 19.53 38.55
CA THR F 143 -19.58 19.38 37.12
C THR F 143 -18.34 18.51 36.86
N GLN F 144 -17.27 18.79 37.60
CA GLN F 144 -16.01 18.06 37.48
C GLN F 144 -16.21 16.55 37.69
N ARG F 145 -17.06 16.19 38.64
CA ARG F 145 -17.35 14.78 38.89
C ARG F 145 -18.27 14.20 37.82
N LYS F 146 -19.22 15.00 37.35
CA LYS F 146 -20.13 14.58 36.26
C LYS F 146 -19.37 14.34 34.97
N TRP F 147 -18.27 15.07 34.80
CA TRP F 147 -17.44 14.98 33.60
C TRP F 147 -16.37 13.90 33.71
N GLU F 148 -15.90 13.65 34.93
CA GLU F 148 -14.97 12.55 35.18
C GLU F 148 -15.66 11.20 34.98
N ALA F 149 -16.92 11.13 35.39
CA ALA F 149 -17.74 9.92 35.23
C ALA F 149 -18.05 9.64 33.77
N ALA F 150 -18.28 10.71 33.01
CA ALA F 150 -18.62 10.61 31.59
C ALA F 150 -17.40 10.69 30.67
N ARG F 151 -16.22 10.81 31.27
CA ARG F 151 -14.94 10.86 30.55
C ARG F 151 -14.87 11.97 29.49
N VAL F 152 -15.50 13.11 29.79
CA VAL F 152 -15.59 14.22 28.84
C VAL F 152 -14.21 14.70 28.37
N ALA F 153 -13.23 14.62 29.26
CA ALA F 153 -11.85 15.01 28.94
C ALA F 153 -11.24 14.23 27.77
N GLU F 154 -11.64 12.98 27.59
CA GLU F 154 -11.13 12.16 26.50
C GLU F 154 -11.75 12.53 25.15
N GLN F 155 -13.03 12.93 25.18
CA GLN F 155 -13.67 13.51 24.01
C GLN F 155 -12.91 14.73 23.52
N LEU F 156 -12.55 15.61 24.46
CA LEU F 156 -11.84 16.86 24.16
C LEU F 156 -10.42 16.66 23.63
N ARG F 157 -9.66 15.80 24.29
CA ARG F 157 -8.29 15.49 23.86
C ARG F 157 -8.30 14.95 22.43
N ALA F 158 -9.29 14.11 22.13
CA ALA F 158 -9.47 13.56 20.80
C ALA F 158 -9.82 14.61 19.76
N TYR F 159 -10.50 15.67 20.20
CA TYR F 159 -10.83 16.80 19.34
C TYR F 159 -9.63 17.76 19.19
N LEU F 160 -9.00 18.11 20.31
CA LEU F 160 -7.91 19.10 20.32
C LEU F 160 -6.61 18.55 19.70
N GLU F 161 -6.45 17.22 19.71
CA GLU F 161 -5.28 16.59 19.11
C GLU F 161 -5.58 15.92 17.77
N GLY F 162 -6.86 15.86 17.40
CA GLY F 162 -7.29 15.23 16.15
C GLY F 162 -8.08 16.12 15.24
N LEU F 163 -9.41 16.16 15.43
CA LEU F 163 -10.33 16.90 14.58
C LEU F 163 -9.98 18.38 14.42
N CYS F 164 -9.68 19.04 15.53
CA CYS F 164 -9.32 20.45 15.53
C CYS F 164 -8.17 20.74 14.56
N VAL F 165 -7.07 20.01 14.72
CA VAL F 165 -5.86 20.19 13.92
C VAL F 165 -6.15 19.89 12.45
N GLU F 166 -6.76 18.73 12.21
CA GLU F 166 -7.08 18.23 10.87
C GLU F 166 -7.94 19.22 10.09
N TRP F 167 -8.88 19.86 10.77
CA TRP F 167 -9.79 20.81 10.12
C TRP F 167 -9.20 22.21 9.99
N LEU F 168 -8.38 22.63 10.96
CA LEU F 168 -7.67 23.90 10.84
C LEU F 168 -6.63 23.82 9.73
N ARG F 169 -5.92 22.70 9.62
CA ARG F 169 -4.96 22.49 8.54
C ARG F 169 -5.65 22.54 7.18
N ARG F 170 -6.92 22.14 7.16
CA ARG F 170 -7.75 22.21 5.97
C ARG F 170 -8.13 23.66 5.65
N TYR F 171 -8.57 24.40 6.67
CA TYR F 171 -8.95 25.79 6.48
C TYR F 171 -7.78 26.65 6.04
N LEU F 172 -6.59 26.30 6.52
CA LEU F 172 -5.38 27.07 6.21
C LEU F 172 -4.97 26.95 4.74
N GLU F 173 -5.37 25.88 4.08
CA GLU F 173 -5.14 25.72 2.64
C GLU F 173 -6.28 26.36 1.84
N ASN F 174 -7.51 26.14 2.28
CA ASN F 174 -8.72 26.69 1.64
C ASN F 174 -8.65 28.21 1.42
N GLY F 175 -8.14 28.92 2.41
CA GLY F 175 -7.97 30.36 2.32
C GLY F 175 -6.55 30.79 2.61
N LYS F 176 -5.60 30.02 2.09
CA LYS F 176 -4.17 30.27 2.32
C LYS F 176 -3.74 31.68 1.95
N GLU F 177 -4.48 32.30 1.02
CA GLU F 177 -4.15 33.62 0.50
C GLU F 177 -4.73 34.77 1.30
N THR F 178 -5.68 34.47 2.18
CA THR F 178 -6.18 35.48 3.11
C THR F 178 -5.81 35.17 4.56
N LEU F 179 -5.51 33.91 4.86
CA LEU F 179 -5.22 33.46 6.23
C LEU F 179 -3.74 33.30 6.56
N GLN F 180 -2.91 33.03 5.54
CA GLN F 180 -1.48 32.82 5.76
C GLN F 180 -0.64 34.00 5.26
N ARG F 181 -1.27 34.84 4.46
CA ARG F 181 -0.67 36.08 3.97
C ARG F 181 -0.89 37.15 5.04
N ALA F 182 0.17 37.86 5.39
CA ALA F 182 0.08 38.92 6.38
C ALA F 182 -0.22 40.26 5.70
N ASP F 183 -1.13 41.03 6.31
CA ASP F 183 -1.55 42.32 5.78
C ASP F 183 -0.86 43.46 6.57
N PRO F 184 0.24 44.01 6.03
CA PRO F 184 0.98 45.09 6.68
C PRO F 184 0.16 46.38 6.86
N PRO F 185 0.44 47.14 7.94
CA PRO F 185 -0.22 48.41 8.17
C PRO F 185 0.23 49.50 7.20
N LYS F 186 -0.68 50.42 6.90
CA LYS F 186 -0.33 51.64 6.20
C LYS F 186 -0.18 52.73 7.25
N THR F 187 1.00 53.32 7.31
CA THR F 187 1.36 54.23 8.41
C THR F 187 1.65 55.66 7.94
N HIS F 188 1.28 56.62 8.79
CA HIS F 188 1.67 58.02 8.63
C HIS F 188 1.59 58.77 9.96
N VAL F 189 2.41 59.81 10.12
CA VAL F 189 2.40 60.61 11.34
C VAL F 189 1.80 61.99 11.06
N THR F 190 0.71 62.29 11.77
CA THR F 190 0.02 63.57 11.67
C THR F 190 0.43 64.53 12.79
N HIS F 191 0.14 65.81 12.59
CA HIS F 191 0.59 66.89 13.48
C HIS F 191 -0.55 67.86 13.75
N HIS F 192 -0.78 68.17 15.02
CA HIS F 192 -1.79 69.16 15.41
C HIS F 192 -1.27 70.04 16.56
N PRO F 193 -1.21 71.36 16.34
CA PRO F 193 -0.94 72.29 17.45
C PRO F 193 -2.07 72.24 18.49
N VAL F 194 -1.70 72.22 19.77
CA VAL F 194 -2.68 72.19 20.85
C VAL F 194 -2.68 73.51 21.65
N SER F 195 -1.68 74.34 21.37
CA SER F 195 -1.52 75.65 22.00
C SER F 195 -0.61 76.51 21.13
N ASP F 196 0.43 77.09 21.74
CA ASP F 196 1.41 77.90 21.03
C ASP F 196 2.83 77.43 21.37
N HIS F 197 2.91 76.38 22.19
CA HIS F 197 4.17 75.87 22.68
C HIS F 197 4.21 74.34 22.64
N GLU F 198 3.08 73.74 22.29
CA GLU F 198 2.94 72.27 22.27
C GLU F 198 2.32 71.76 20.97
N ALA F 199 2.61 70.50 20.66
CA ALA F 199 2.05 69.84 19.48
C ALA F 199 1.70 68.38 19.76
N THR F 200 0.58 67.94 19.20
CA THR F 200 0.21 66.52 19.20
C THR F 200 0.82 65.84 17.97
N LEU F 201 1.52 64.74 18.21
CA LEU F 201 1.95 63.86 17.13
C LEU F 201 1.27 62.51 17.25
N ARG F 202 0.38 62.22 16.32
CA ARG F 202 -0.35 60.96 16.29
C ARG F 202 0.21 60.03 15.22
N CYS F 203 0.50 58.80 15.63
CA CYS F 203 1.06 57.80 14.74
C CYS F 203 0.00 56.80 14.30
N TRP F 204 -0.43 56.91 13.06
CA TRP F 204 -1.51 56.09 12.52
C TRP F 204 -1.01 54.79 11.90
N ALA F 205 -1.77 53.72 12.11
CA ALA F 205 -1.57 52.45 11.41
C ALA F 205 -2.95 51.90 11.04
N LEU F 206 -3.13 51.58 9.77
CA LEU F 206 -4.45 51.21 9.24
C LEU F 206 -4.37 50.00 8.31
N GLY F 207 -5.49 49.28 8.20
CA GLY F 207 -5.61 48.18 7.24
C GLY F 207 -4.59 47.06 7.40
N PHE F 208 -4.42 46.59 8.63
CA PHE F 208 -3.52 45.48 8.91
C PHE F 208 -4.25 44.23 9.41
N TYR F 209 -3.60 43.08 9.25
CA TYR F 209 -4.11 41.79 9.71
C TYR F 209 -2.92 40.84 9.87
N PRO F 210 -2.84 40.12 11.01
CA PRO F 210 -3.78 40.03 12.15
C PRO F 210 -3.89 41.30 13.00
N ALA F 211 -4.62 41.22 14.11
CA ALA F 211 -4.80 42.36 15.01
C ALA F 211 -3.52 42.79 15.74
N GLU F 212 -2.67 41.82 16.09
CA GLU F 212 -1.46 42.05 16.87
C GLU F 212 -0.53 43.12 16.28
N ILE F 213 -0.28 44.16 17.06
CA ILE F 213 0.52 45.30 16.64
C ILE F 213 1.14 46.04 17.83
N THR F 214 2.29 46.66 17.59
CA THR F 214 2.97 47.42 18.62
C THR F 214 3.35 48.79 18.08
N LEU F 215 2.86 49.82 18.77
CA LEU F 215 3.18 51.20 18.45
C LEU F 215 3.84 51.84 19.66
N THR F 216 5.13 52.11 19.53
CA THR F 216 5.88 52.74 20.60
C THR F 216 6.45 54.06 20.11
N TRP F 217 6.34 55.09 20.95
CA TRP F 217 6.95 56.37 20.69
C TRP F 217 8.33 56.43 21.34
N GLN F 218 9.26 57.09 20.66
CA GLN F 218 10.61 57.26 21.19
C GLN F 218 11.00 58.73 21.23
N ARG F 219 11.79 59.10 22.24
CA ARG F 219 12.38 60.43 22.33
C ARG F 219 13.89 60.29 22.43
N ASP F 220 14.56 60.61 21.32
CA ASP F 220 16.02 60.44 21.17
C ASP F 220 16.49 59.04 21.57
N GLY F 221 15.72 58.03 21.17
CA GLY F 221 16.11 56.64 21.36
C GLY F 221 15.42 55.93 22.52
N GLU F 222 15.15 56.68 23.58
CA GLU F 222 14.47 56.13 24.75
C GLU F 222 12.96 56.14 24.54
N ASP F 223 12.28 55.11 25.05
CA ASP F 223 10.83 54.99 24.89
C ASP F 223 10.05 55.98 25.75
N GLN F 224 9.15 56.73 25.12
CA GLN F 224 8.23 57.61 25.82
C GLN F 224 6.98 56.83 26.20
N THR F 225 7.18 55.77 26.98
CA THR F 225 6.07 54.98 27.51
C THR F 225 5.40 55.76 28.64
N GLN F 226 5.12 57.02 28.35
CA GLN F 226 4.60 57.98 29.32
C GLN F 226 3.44 58.77 28.70
N ASP F 227 3.77 59.92 28.10
CA ASP F 227 2.79 60.87 27.57
C ASP F 227 1.94 60.31 26.44
N THR F 228 2.09 59.00 26.20
CA THR F 228 1.47 58.34 25.07
C THR F 228 0.03 57.96 25.35
N GLU F 229 -0.89 58.62 24.66
CA GLU F 229 -2.26 58.14 24.56
C GLU F 229 -2.32 57.16 23.40
N LEU F 230 -2.63 55.90 23.73
CA LEU F 230 -2.64 54.80 22.78
C LEU F 230 -4.01 54.12 22.84
N VAL F 231 -4.76 54.22 21.75
CA VAL F 231 -6.10 53.61 21.69
C VAL F 231 -6.05 52.09 21.54
N GLU F 232 -7.19 51.46 21.78
CA GLU F 232 -7.37 50.02 21.60
C GLU F 232 -7.45 49.67 20.11
N THR F 233 -6.86 48.54 19.75
CA THR F 233 -6.96 48.00 18.39
C THR F 233 -8.41 47.77 18.02
N ARG F 234 -8.84 48.34 16.90
CA ARG F 234 -10.24 48.36 16.51
C ARG F 234 -10.43 47.82 15.09
N PRO F 235 -11.51 47.03 14.87
CA PRO F 235 -11.76 46.48 13.55
C PRO F 235 -12.25 47.57 12.60
N ALA F 236 -11.73 47.57 11.38
CA ALA F 236 -12.12 48.55 10.39
C ALA F 236 -13.52 48.24 9.88
N GLY F 237 -13.82 46.95 9.76
CA GLY F 237 -15.09 46.49 9.21
C GLY F 237 -14.89 45.57 8.03
N ASP F 238 -13.73 45.67 7.39
CA ASP F 238 -13.42 44.87 6.20
C ASP F 238 -12.30 43.84 6.44
N ARG F 239 -12.36 43.16 7.59
CA ARG F 239 -11.32 42.22 8.06
C ARG F 239 -9.93 42.88 8.06
N THR F 240 -9.89 44.11 8.55
CA THR F 240 -8.64 44.82 8.77
C THR F 240 -8.77 45.54 10.10
N PHE F 241 -7.64 46.00 10.64
CA PHE F 241 -7.64 46.61 11.96
C PHE F 241 -6.94 47.97 11.97
N GLN F 242 -7.30 48.78 12.95
CA GLN F 242 -6.82 50.15 13.05
C GLN F 242 -6.31 50.43 14.44
N LYS F 243 -5.32 51.32 14.51
CA LYS F 243 -4.73 51.76 15.77
C LYS F 243 -3.93 53.03 15.56
N TRP F 244 -3.86 53.85 16.61
CA TRP F 244 -2.95 54.99 16.65
C TRP F 244 -2.37 55.20 18.05
N ALA F 245 -1.24 55.90 18.09
CA ALA F 245 -0.58 56.30 19.33
C ALA F 245 -0.15 57.75 19.19
N ALA F 246 -0.64 58.60 20.08
CA ALA F 246 -0.33 60.03 20.06
C ALA F 246 0.54 60.46 21.24
N VAL F 247 1.35 61.49 21.02
CA VAL F 247 2.18 62.08 22.06
C VAL F 247 2.10 63.61 21.98
N VAL F 248 2.08 64.27 23.13
CA VAL F 248 2.13 65.73 23.17
C VAL F 248 3.56 66.18 23.41
N VAL F 249 4.07 67.00 22.48
CA VAL F 249 5.47 67.40 22.50
C VAL F 249 5.61 68.93 22.51
N PRO F 250 6.72 69.46 23.06
CA PRO F 250 6.96 70.90 22.97
C PRO F 250 7.35 71.31 21.55
N SER F 251 6.64 72.31 21.00
CA SER F 251 6.81 72.75 19.61
C SER F 251 8.26 73.06 19.24
N GLY F 252 8.63 72.74 18.01
CA GLY F 252 10.01 72.91 17.55
C GLY F 252 10.86 71.68 17.80
N GLU F 253 10.47 70.88 18.79
CA GLU F 253 11.20 69.66 19.13
C GLU F 253 10.61 68.39 18.51
N GLU F 254 9.75 68.55 17.50
CA GLU F 254 9.08 67.43 16.83
C GLU F 254 10.02 66.39 16.22
N GLN F 255 11.21 66.81 15.80
CA GLN F 255 12.15 65.93 15.11
C GLN F 255 12.96 65.06 16.09
N ARG F 256 12.63 65.17 17.37
CA ARG F 256 13.26 64.33 18.40
C ARG F 256 12.42 63.08 18.69
N TYR F 257 11.24 62.99 18.08
CA TYR F 257 10.29 61.94 18.38
C TYR F 257 10.02 61.00 17.19
N THR F 258 10.30 59.71 17.39
CA THR F 258 10.07 58.71 16.37
C THR F 258 9.04 57.65 16.80
N CYS F 259 8.19 57.23 15.86
CA CYS F 259 7.20 56.19 16.10
C CYS F 259 7.65 54.86 15.49
N HIS F 260 7.63 53.81 16.30
CA HIS F 260 8.07 52.50 15.85
C HIS F 260 6.89 51.53 15.67
N VAL F 261 6.82 50.92 14.50
CA VAL F 261 5.73 50.02 14.16
C VAL F 261 6.24 48.60 13.99
N GLN F 262 5.58 47.66 14.66
CA GLN F 262 5.92 46.25 14.55
C GLN F 262 4.70 45.41 14.23
N HIS F 263 4.82 44.61 13.17
CA HIS F 263 3.73 43.79 12.67
C HIS F 263 4.29 42.71 11.75
N GLU F 264 3.62 41.55 11.73
CA GLU F 264 3.99 40.42 10.89
C GLU F 264 4.12 40.80 9.41
N GLY F 265 3.20 41.63 8.94
CA GLY F 265 3.14 42.05 7.55
C GLY F 265 4.32 42.89 7.11
N LEU F 266 5.06 43.42 8.08
CA LEU F 266 6.27 44.20 7.81
C LEU F 266 7.49 43.30 7.76
N PRO F 267 8.30 43.42 6.70
CA PRO F 267 9.56 42.67 6.58
C PRO F 267 10.55 43.08 7.68
N LYS F 268 10.52 44.36 8.05
CA LYS F 268 11.38 44.95 9.05
C LYS F 268 10.57 46.02 9.80
N PRO F 269 10.68 46.06 11.14
CA PRO F 269 10.07 47.13 11.95
C PRO F 269 10.29 48.53 11.36
N LEU F 270 9.25 49.34 11.35
CA LEU F 270 9.34 50.68 10.76
C LEU F 270 9.62 51.75 11.79
N THR F 271 10.35 52.78 11.38
CA THR F 271 10.55 53.98 12.19
C THR F 271 9.96 55.17 11.43
N LEU F 272 9.16 55.97 12.13
CA LEU F 272 8.46 57.10 11.53
C LEU F 272 8.71 58.40 12.26
N ARG F 273 8.98 59.45 11.49
CA ARG F 273 9.12 60.81 12.01
C ARG F 273 8.06 61.69 11.36
N TRP F 274 7.73 62.80 12.01
CA TRP F 274 6.83 63.77 11.41
C TRP F 274 7.52 64.54 10.29
N GLU F 275 6.97 64.45 9.09
CA GLU F 275 7.45 65.19 7.93
C GLU F 275 6.74 66.54 7.83
N PRO F 276 7.49 67.65 8.00
CA PRO F 276 6.92 68.99 7.92
C PRO F 276 6.90 69.53 6.49
N ILE G 1 -17.59 40.17 38.03
CA ILE G 1 -18.92 39.84 37.43
C ILE G 1 -19.53 41.02 36.65
N GLN G 2 -19.06 42.24 36.92
CA GLN G 2 -19.50 43.43 36.20
C GLN G 2 -18.32 44.30 35.73
N ARG G 3 -18.32 44.63 34.44
CA ARG G 3 -17.24 45.40 33.83
C ARG G 3 -17.79 46.49 32.91
N THR G 4 -17.13 47.63 32.92
CA THR G 4 -17.58 48.82 32.17
C THR G 4 -17.14 48.82 30.69
N PRO G 5 -18.09 49.10 29.77
CA PRO G 5 -17.82 49.12 28.32
C PRO G 5 -17.05 50.35 27.85
N LYS G 6 -15.89 50.11 27.25
CA LYS G 6 -15.13 51.18 26.59
C LYS G 6 -15.75 51.50 25.24
N ILE G 7 -15.68 52.76 24.83
CA ILE G 7 -16.34 53.22 23.61
C ILE G 7 -15.32 53.81 22.63
N GLN G 8 -15.43 53.43 21.36
CA GLN G 8 -14.60 53.95 20.29
C GLN G 8 -15.46 54.24 19.07
N VAL G 9 -15.44 55.48 18.62
CA VAL G 9 -16.18 55.90 17.43
C VAL G 9 -15.18 56.32 16.35
N TYR G 10 -15.40 55.84 15.13
CA TYR G 10 -14.47 56.06 14.03
C TYR G 10 -15.06 55.69 12.67
N SER G 11 -14.31 55.98 11.61
CA SER G 11 -14.72 55.64 10.26
C SER G 11 -13.81 54.58 9.65
N ARG G 12 -14.41 53.70 8.85
CA ARG G 12 -13.71 52.60 8.18
C ARG G 12 -12.49 53.08 7.38
N HIS G 13 -12.71 54.10 6.55
CA HIS G 13 -11.66 54.66 5.72
C HIS G 13 -11.39 56.11 6.14
N PRO G 14 -10.19 56.64 5.83
CA PRO G 14 -9.92 58.06 6.08
C PRO G 14 -11.04 58.93 5.54
N ALA G 15 -11.63 59.76 6.41
CA ALA G 15 -12.83 60.54 6.09
C ALA G 15 -12.55 61.70 5.15
N GLU G 16 -13.23 61.69 4.00
CA GLU G 16 -13.18 62.80 3.05
C GLU G 16 -14.60 63.22 2.69
N ASN G 17 -14.88 64.51 2.84
CA ASN G 17 -16.20 65.08 2.58
C ASN G 17 -16.81 64.69 1.23
N GLY G 18 -18.04 64.18 1.27
CA GLY G 18 -18.78 63.79 0.07
C GLY G 18 -18.78 62.30 -0.21
N LYS G 19 -17.65 61.64 0.03
CA LYS G 19 -17.52 60.21 -0.21
C LYS G 19 -18.26 59.39 0.85
N SER G 20 -18.76 58.22 0.43
CA SER G 20 -19.43 57.29 1.32
C SER G 20 -18.42 56.55 2.19
N ASN G 21 -18.79 56.32 3.44
CA ASN G 21 -17.94 55.63 4.42
C ASN G 21 -18.83 54.87 5.41
N PHE G 22 -18.21 54.14 6.33
CA PHE G 22 -18.92 53.50 7.42
C PHE G 22 -18.52 54.12 8.76
N LEU G 23 -19.51 54.43 9.59
CA LEU G 23 -19.27 54.90 10.95
C LEU G 23 -19.41 53.73 11.92
N ASN G 24 -18.30 53.36 12.54
CA ASN G 24 -18.28 52.25 13.49
C ASN G 24 -18.33 52.74 14.93
N CYS G 25 -19.14 52.08 15.77
CA CYS G 25 -19.07 52.28 17.21
C CYS G 25 -18.71 50.98 17.92
N TYR G 26 -17.44 50.90 18.33
CA TYR G 26 -16.90 49.70 18.95
C TYR G 26 -17.08 49.76 20.46
N VAL G 27 -17.84 48.79 20.99
CA VAL G 27 -17.99 48.64 22.43
C VAL G 27 -17.27 47.37 22.85
N SER G 28 -16.49 47.45 23.93
CA SER G 28 -15.61 46.35 24.34
C SER G 28 -15.21 46.41 25.80
N GLY G 29 -14.91 45.23 26.36
CA GLY G 29 -14.40 45.11 27.73
C GLY G 29 -15.46 45.18 28.81
N PHE G 30 -16.62 44.60 28.53
CA PHE G 30 -17.77 44.69 29.45
C PHE G 30 -18.40 43.35 29.80
N HIS G 31 -18.89 43.26 31.05
CA HIS G 31 -19.74 42.16 31.48
C HIS G 31 -20.81 42.71 32.45
N PRO G 32 -22.05 42.18 32.39
CA PRO G 32 -22.59 41.15 31.48
C PRO G 32 -22.77 41.61 30.02
N SER G 33 -23.54 40.84 29.24
CA SER G 33 -23.62 41.02 27.79
C SER G 33 -24.50 42.17 27.33
N ASP G 34 -25.78 42.15 27.71
CA ASP G 34 -26.77 43.12 27.23
C ASP G 34 -26.32 44.58 27.33
N ILE G 35 -26.54 45.32 26.25
CA ILE G 35 -25.99 46.67 26.11
C ILE G 35 -26.90 47.56 25.25
N GLU G 36 -26.78 48.87 25.42
CA GLU G 36 -27.60 49.84 24.69
C GLU G 36 -26.75 50.72 23.77
N VAL G 37 -26.41 50.20 22.59
CA VAL G 37 -25.55 50.92 21.65
C VAL G 37 -26.38 51.67 20.59
N ASP G 38 -26.18 52.98 20.52
CA ASP G 38 -26.91 53.82 19.58
C ASP G 38 -26.03 54.80 18.82
N LEU G 39 -26.21 54.82 17.50
CA LEU G 39 -25.57 55.79 16.62
C LEU G 39 -26.44 57.03 16.50
N LEU G 40 -25.83 58.19 16.63
CA LEU G 40 -26.54 59.46 16.59
C LEU G 40 -26.08 60.35 15.44
N LYS G 41 -27.04 61.05 14.82
CA LYS G 41 -26.77 62.03 13.77
C LYS G 41 -27.31 63.39 14.21
N ASN G 42 -26.40 64.27 14.64
CA ASN G 42 -26.74 65.56 15.23
C ASN G 42 -27.70 65.43 16.44
N GLY G 43 -27.41 64.47 17.31
CA GLY G 43 -28.21 64.23 18.51
C GLY G 43 -29.46 63.39 18.28
N GLU G 44 -29.71 63.01 17.02
CA GLU G 44 -30.87 62.19 16.67
C GLU G 44 -30.46 60.78 16.28
N ARG G 45 -31.16 59.81 16.86
CA ARG G 45 -30.86 58.38 16.67
C ARG G 45 -30.98 57.96 15.19
N ILE G 46 -30.08 57.10 14.76
CA ILE G 46 -30.09 56.58 13.39
C ILE G 46 -30.70 55.18 13.39
N GLU G 47 -31.58 54.93 12.42
CA GLU G 47 -32.17 53.61 12.24
C GLU G 47 -31.33 52.79 11.26
N LYS G 48 -31.57 51.47 11.24
CA LYS G 48 -30.85 50.51 10.38
C LYS G 48 -29.39 50.34 10.83
N VAL G 49 -29.19 50.29 12.15
CA VAL G 49 -27.87 50.11 12.75
C VAL G 49 -27.50 48.63 12.78
N GLU G 50 -26.45 48.28 12.02
CA GLU G 50 -25.91 46.92 11.99
C GLU G 50 -25.17 46.61 13.29
N HIS G 51 -24.89 45.32 13.53
CA HIS G 51 -24.13 44.89 14.70
C HIS G 51 -23.49 43.54 14.49
N SER G 52 -22.22 43.43 14.89
CA SER G 52 -21.46 42.19 14.75
C SER G 52 -21.94 41.12 15.71
N ASP G 53 -21.73 39.87 15.33
CA ASP G 53 -22.11 38.72 16.15
C ASP G 53 -21.47 38.80 17.52
N LEU G 54 -22.24 38.49 18.56
CA LEU G 54 -21.73 38.53 19.92
C LEU G 54 -20.51 37.60 20.05
N SER G 55 -19.40 38.20 20.43
CA SER G 55 -18.15 37.48 20.64
C SER G 55 -17.54 38.02 21.93
N PHE G 56 -16.45 37.42 22.37
CA PHE G 56 -15.75 37.90 23.57
C PHE G 56 -14.24 37.70 23.47
N SER G 57 -13.52 38.02 24.54
CA SER G 57 -12.06 37.95 24.54
C SER G 57 -11.53 37.08 25.65
N LYS G 58 -10.22 36.84 25.63
CA LYS G 58 -9.53 35.96 26.60
C LYS G 58 -10.02 36.11 28.04
N ASP G 59 -10.26 37.36 28.47
CA ASP G 59 -10.67 37.64 29.86
C ASP G 59 -12.18 37.64 30.09
N TRP G 60 -12.93 37.12 29.11
CA TRP G 60 -14.38 36.88 29.21
C TRP G 60 -15.25 38.04 28.74
N SER G 61 -14.67 39.24 28.69
CA SER G 61 -15.40 40.46 28.34
C SER G 61 -15.87 40.47 26.89
N PHE G 62 -17.13 40.85 26.68
CA PHE G 62 -17.74 40.91 25.35
C PHE G 62 -17.31 42.15 24.57
N TYR G 63 -17.55 42.12 23.26
CA TYR G 63 -17.30 43.25 22.37
C TYR G 63 -18.24 43.20 21.16
N LEU G 64 -18.57 44.37 20.62
CA LEU G 64 -19.50 44.46 19.49
C LEU G 64 -19.16 45.62 18.55
N LEU G 65 -19.34 45.38 17.25
CA LEU G 65 -19.14 46.42 16.24
C LEU G 65 -20.46 46.82 15.60
N TYR G 66 -21.04 47.91 16.12
CA TYR G 66 -22.23 48.51 15.53
C TYR G 66 -21.78 49.50 14.48
N TYR G 67 -22.44 49.47 13.32
CA TYR G 67 -22.06 50.33 12.20
C TYR G 67 -23.18 50.57 11.20
N THR G 68 -23.08 51.69 10.46
CA THR G 68 -23.93 51.95 9.31
C THR G 68 -23.21 52.86 8.31
N GLU G 69 -23.54 52.71 7.03
CA GLU G 69 -22.89 53.49 5.98
C GLU G 69 -23.37 54.95 5.98
N PHE G 70 -22.40 55.87 5.98
CA PHE G 70 -22.68 57.30 6.10
C PHE G 70 -21.77 58.15 5.20
N THR G 71 -22.24 59.36 4.89
CA THR G 71 -21.49 60.32 4.11
C THR G 71 -21.22 61.57 4.95
N PRO G 72 -19.94 61.82 5.29
CA PRO G 72 -19.56 62.91 6.20
C PRO G 72 -19.50 64.28 5.53
N THR G 73 -19.93 65.31 6.27
CA THR G 73 -19.80 66.71 5.84
C THR G 73 -19.28 67.60 6.96
N GLU G 74 -19.03 68.87 6.65
CA GLU G 74 -18.60 69.85 7.64
C GLU G 74 -19.77 70.26 8.53
N LYS G 75 -20.98 70.07 8.02
CA LYS G 75 -22.20 70.41 8.74
C LYS G 75 -22.59 69.32 9.72
N ASP G 76 -22.80 68.10 9.18
CA ASP G 76 -23.27 66.96 9.96
C ASP G 76 -22.25 66.47 10.99
N GLU G 77 -22.70 66.42 12.24
CA GLU G 77 -21.88 66.02 13.38
C GLU G 77 -22.44 64.73 13.99
N TYR G 78 -21.62 63.69 14.01
CA TYR G 78 -22.05 62.36 14.44
C TYR G 78 -21.57 62.01 15.85
N ALA G 79 -22.21 61.02 16.46
CA ALA G 79 -21.92 60.61 17.83
C ALA G 79 -22.31 59.16 18.07
N CYS G 80 -21.95 58.64 19.24
CA CYS G 80 -22.40 57.33 19.68
C CYS G 80 -22.75 57.38 21.17
N ARG G 81 -23.91 56.86 21.52
CA ARG G 81 -24.35 56.79 22.91
C ARG G 81 -24.66 55.35 23.33
N VAL G 82 -24.11 54.96 24.47
CA VAL G 82 -24.25 53.60 24.99
C VAL G 82 -24.50 53.63 26.50
N ASN G 83 -25.39 52.76 26.97
CA ASN G 83 -25.67 52.62 28.38
C ASN G 83 -25.67 51.16 28.82
N HIS G 84 -24.82 50.87 29.81
CA HIS G 84 -24.71 49.53 30.37
C HIS G 84 -25.27 49.53 31.80
N VAL G 85 -25.31 48.36 32.42
CA VAL G 85 -25.67 48.22 33.84
C VAL G 85 -24.67 48.98 34.73
N THR G 86 -23.43 49.09 34.26
CA THR G 86 -22.34 49.70 35.01
C THR G 86 -22.42 51.23 35.06
N LEU G 87 -23.09 51.83 34.08
CA LEU G 87 -23.23 53.29 34.01
C LEU G 87 -24.45 53.81 34.76
N SER G 88 -24.36 55.07 35.20
CA SER G 88 -25.47 55.76 35.85
C SER G 88 -26.45 56.26 34.80
N GLN G 89 -25.98 57.16 33.93
CA GLN G 89 -26.76 57.64 32.80
C GLN G 89 -26.05 57.30 31.47
N PRO G 90 -26.80 57.28 30.35
CA PRO G 90 -26.20 56.96 29.05
C PRO G 90 -25.01 57.87 28.68
N LYS G 91 -23.91 57.25 28.25
CA LYS G 91 -22.69 57.99 27.91
C LYS G 91 -22.60 58.31 26.43
N ILE G 92 -22.35 59.58 26.12
CA ILE G 92 -22.22 60.06 24.74
C ILE G 92 -20.74 60.27 24.41
N VAL G 93 -20.29 59.63 23.34
CA VAL G 93 -18.95 59.84 22.79
C VAL G 93 -19.08 60.36 21.35
N LYS G 94 -18.48 61.52 21.11
CA LYS G 94 -18.59 62.24 19.84
C LYS G 94 -17.56 61.75 18.81
N TRP G 95 -17.89 61.90 17.53
CA TRP G 95 -16.97 61.52 16.46
C TRP G 95 -16.07 62.66 16.00
N ASP G 96 -14.76 62.40 15.99
CA ASP G 96 -13.76 63.31 15.44
C ASP G 96 -12.89 62.54 14.46
N ARG G 97 -12.86 62.99 13.21
CA ARG G 97 -12.19 62.27 12.12
C ARG G 97 -10.70 61.96 12.33
N ASP G 98 -10.09 62.62 13.31
CA ASP G 98 -8.68 62.39 13.64
C ASP G 98 -8.53 61.58 14.94
N MET G 99 -9.53 60.77 15.25
CA MET G 99 -9.52 59.92 16.44
C MET G 99 -9.83 58.46 16.09
N GLU H 1 14.12 -22.00 19.04
CA GLU H 1 14.80 -20.71 19.38
C GLU H 1 14.46 -20.30 20.81
N PRO H 2 15.47 -20.28 21.69
CA PRO H 2 15.29 -20.04 23.12
C PRO H 2 15.05 -18.57 23.47
N LEU H 3 14.81 -18.30 24.75
CA LEU H 3 14.61 -16.96 25.27
C LEU H 3 15.95 -16.27 25.59
N PRO H 4 16.19 -15.09 25.00
CA PRO H 4 17.37 -14.28 25.35
C PRO H 4 17.17 -13.63 26.70
N GLN H 5 18.15 -13.75 27.59
CA GLN H 5 17.98 -13.22 28.95
C GLN H 5 19.15 -12.42 29.55
N GLY H 6 20.33 -13.02 29.68
CA GLY H 6 21.50 -12.33 30.23
C GLY H 6 21.38 -11.93 31.70
N GLN H 7 22.23 -10.98 32.14
CA GLN H 7 22.21 -10.48 33.52
C GLN H 7 20.82 -9.99 33.91
N LEU H 8 20.67 -9.45 35.12
CA LEU H 8 19.43 -8.80 35.60
C LEU H 8 18.17 -9.69 35.51
N THR H 9 18.27 -10.77 34.75
CA THR H 9 17.19 -11.72 34.59
C THR H 9 17.43 -12.91 35.53
N ALA H 10 18.53 -12.82 36.27
CA ALA H 10 18.91 -13.82 37.27
C ALA H 10 17.94 -13.88 38.45
N TYR H 11 17.98 -14.98 39.18
CA TYR H 11 17.10 -15.20 40.34
C TYR H 11 17.50 -14.34 41.53
N GLN I 1 -16.73 5.77 4.24
CA GLN I 1 -16.22 5.34 5.57
C GLN I 1 -15.17 4.24 5.41
N ASN I 2 -15.45 3.29 4.52
CA ASN I 2 -14.55 2.18 4.17
C ASN I 2 -14.01 1.40 5.36
N ILE I 3 -14.72 0.36 5.77
CA ILE I 3 -14.32 -0.46 6.90
C ILE I 3 -14.09 -1.92 6.50
N ASP I 4 -12.85 -2.37 6.67
CA ASP I 4 -12.45 -3.72 6.32
C ASP I 4 -12.21 -4.56 7.57
N GLN I 5 -12.73 -5.78 7.56
CA GLN I 5 -12.46 -6.78 8.60
C GLN I 5 -12.76 -8.19 8.08
N PRO I 6 -11.97 -9.19 8.51
CA PRO I 6 -12.11 -10.58 8.02
C PRO I 6 -13.51 -11.12 8.25
N THR I 7 -14.00 -11.97 7.35
CA THR I 7 -15.37 -12.46 7.43
C THR I 7 -15.54 -13.52 8.52
N GLU I 8 -14.63 -14.49 8.54
CA GLU I 8 -14.73 -15.62 9.45
C GLU I 8 -13.37 -16.05 9.97
N MET I 9 -13.32 -16.36 11.26
CA MET I 9 -12.11 -16.91 11.87
C MET I 9 -12.47 -18.08 12.77
N THR I 10 -11.56 -19.04 12.89
CA THR I 10 -11.77 -20.21 13.73
C THR I 10 -10.67 -20.35 14.76
N ALA I 11 -11.05 -20.64 16.00
CA ALA I 11 -10.09 -20.91 17.08
C ALA I 11 -10.67 -21.81 18.14
N THR I 12 -9.79 -22.52 18.85
CA THR I 12 -10.19 -23.47 19.89
C THR I 12 -10.29 -22.77 21.26
N GLU I 13 -10.89 -23.44 22.24
CA GLU I 13 -11.05 -22.84 23.57
C GLU I 13 -9.73 -22.74 24.34
N GLY I 14 -9.57 -21.61 25.04
CA GLY I 14 -8.33 -21.31 25.75
C GLY I 14 -7.36 -20.42 24.99
N ALA I 15 -7.58 -20.30 23.68
CA ALA I 15 -6.63 -19.65 22.77
C ALA I 15 -6.63 -18.11 22.80
N ILE I 16 -5.83 -17.51 21.91
CA ILE I 16 -5.63 -16.06 21.83
C ILE I 16 -5.85 -15.58 20.38
N VAL I 17 -7.01 -14.96 20.14
CA VAL I 17 -7.39 -14.51 18.79
C VAL I 17 -7.35 -12.99 18.64
N GLN I 18 -6.95 -12.55 17.45
CA GLN I 18 -6.80 -11.13 17.15
C GLN I 18 -7.62 -10.78 15.91
N ILE I 19 -8.76 -10.14 16.12
CA ILE I 19 -9.61 -9.70 15.01
C ILE I 19 -9.18 -8.31 14.59
N ASN I 20 -8.69 -8.21 13.36
CA ASN I 20 -8.21 -6.96 12.80
C ASN I 20 -9.35 -6.12 12.23
N CYS I 21 -9.13 -4.80 12.18
CA CYS I 21 -10.07 -3.87 11.58
C CYS I 21 -9.30 -2.68 11.02
N THR I 22 -9.36 -2.50 9.71
CA THR I 22 -8.70 -1.36 9.07
C THR I 22 -9.73 -0.45 8.43
N TYR I 23 -9.52 0.86 8.57
CA TYR I 23 -10.43 1.84 8.03
C TYR I 23 -9.68 2.95 7.28
N GLN I 24 -10.20 3.35 6.12
CA GLN I 24 -9.57 4.39 5.32
C GLN I 24 -10.32 5.69 5.57
N THR I 25 -9.99 6.36 6.67
CA THR I 25 -10.73 7.58 7.01
C THR I 25 -9.91 8.79 7.49
N SER I 26 -10.37 9.94 7.01
CA SER I 26 -10.07 11.24 7.56
C SER I 26 -11.31 11.63 8.38
N GLY I 27 -11.19 12.66 9.20
CA GLY I 27 -12.29 13.12 10.06
C GLY I 27 -12.63 12.13 11.17
N PHE I 28 -11.69 11.25 11.49
CA PHE I 28 -11.89 10.18 12.45
C PHE I 28 -12.14 10.71 13.85
N ASN I 29 -13.13 10.14 14.54
CA ASN I 29 -13.47 10.56 15.90
C ASN I 29 -13.87 9.39 16.81
N GLY I 30 -13.23 8.24 16.62
CA GLY I 30 -13.50 7.09 17.47
C GLY I 30 -13.82 5.81 16.73
N LEU I 31 -13.47 4.69 17.36
CA LEU I 31 -13.73 3.36 16.83
C LEU I 31 -14.35 2.53 17.93
N PHE I 32 -15.46 1.87 17.63
CA PHE I 32 -16.16 1.04 18.60
C PHE I 32 -16.08 -0.42 18.21
N TRP I 33 -16.03 -1.29 19.21
CA TRP I 33 -16.14 -2.72 18.98
C TRP I 33 -17.40 -3.24 19.64
N TYR I 34 -18.08 -4.16 18.95
CA TYR I 34 -19.32 -4.75 19.47
C TYR I 34 -19.28 -6.27 19.41
N GLN I 35 -19.95 -6.91 20.36
CA GLN I 35 -20.22 -8.34 20.31
C GLN I 35 -21.68 -8.55 19.92
N GLN I 36 -21.91 -9.33 18.87
CA GLN I 36 -23.27 -9.73 18.51
C GLN I 36 -23.36 -11.24 18.34
N HIS I 37 -24.06 -11.88 19.28
CA HIS I 37 -24.44 -13.28 19.11
C HIS I 37 -25.50 -13.38 18.04
N ALA I 38 -25.50 -14.49 17.30
CA ALA I 38 -26.47 -14.70 16.23
C ALA I 38 -27.90 -14.47 16.74
N GLY I 39 -28.69 -13.75 15.95
CA GLY I 39 -30.10 -13.54 16.27
C GLY I 39 -30.37 -12.50 17.33
N GLU I 40 -29.39 -12.25 18.21
CA GLU I 40 -29.60 -11.31 19.31
C GLU I 40 -28.94 -9.95 19.07
N ALA I 41 -29.21 -9.01 19.96
CA ALA I 41 -28.69 -7.64 19.86
C ALA I 41 -27.19 -7.56 20.13
N PRO I 42 -26.49 -6.64 19.43
CA PRO I 42 -25.08 -6.41 19.73
C PRO I 42 -24.90 -5.57 20.99
N THR I 43 -23.89 -5.91 21.79
CA THR I 43 -23.58 -5.18 23.02
C THR I 43 -22.16 -4.63 23.00
N PHE I 44 -21.99 -3.48 23.65
CA PHE I 44 -20.74 -2.72 23.66
C PHE I 44 -19.59 -3.47 24.32
N LEU I 45 -18.44 -3.46 23.66
CA LEU I 45 -17.19 -3.98 24.23
C LEU I 45 -16.22 -2.85 24.56
N SER I 46 -15.70 -2.17 23.53
CA SER I 46 -14.69 -1.14 23.72
C SER I 46 -14.86 0.09 22.82
N TYR I 47 -14.34 1.21 23.30
CA TYR I 47 -14.26 2.45 22.54
C TYR I 47 -12.81 2.90 22.46
N ASN I 48 -12.37 3.28 21.27
CA ASN I 48 -10.99 3.69 21.08
C ASN I 48 -10.89 4.99 20.30
N VAL I 49 -10.24 5.99 20.89
CA VAL I 49 -10.01 7.26 20.20
C VAL I 49 -8.52 7.70 20.23
N LEU I 50 -7.81 7.32 21.29
CA LEU I 50 -6.38 7.60 21.39
C LEU I 50 -5.58 6.35 21.02
N ASP I 51 -4.34 6.54 20.59
CA ASP I 51 -3.45 5.42 20.29
C ASP I 51 -3.19 4.61 21.55
N GLY I 52 -2.97 3.32 21.37
CA GLY I 52 -2.57 2.46 22.49
C GLY I 52 -3.39 1.21 22.67
N LEU I 53 -3.20 0.57 23.82
CA LEU I 53 -3.84 -0.69 24.15
C LEU I 53 -4.68 -0.57 25.42
N GLU I 54 -5.99 -0.43 25.24
CA GLU I 54 -6.94 -0.45 26.34
C GLU I 54 -7.21 -1.90 26.78
N GLU I 55 -7.19 -2.15 28.08
CA GLU I 55 -7.47 -3.48 28.62
C GLU I 55 -8.79 -3.55 29.40
N LYS I 56 -9.60 -4.56 29.10
CA LYS I 56 -10.93 -4.68 29.70
C LYS I 56 -11.29 -6.15 30.01
N GLY I 57 -10.53 -6.74 30.93
CA GLY I 57 -10.74 -8.11 31.37
C GLY I 57 -10.05 -9.09 30.44
N ARG I 58 -10.83 -9.98 29.83
CA ARG I 58 -10.31 -10.97 28.90
C ARG I 58 -10.12 -10.39 27.50
N PHE I 59 -10.64 -9.19 27.26
CA PHE I 59 -10.59 -8.55 25.94
C PHE I 59 -9.73 -7.28 25.93
N SER I 60 -8.78 -7.22 25.02
CA SER I 60 -7.96 -6.02 24.83
C SER I 60 -8.31 -5.34 23.51
N SER I 61 -8.14 -4.02 23.48
CA SER I 61 -8.49 -3.24 22.30
C SER I 61 -7.36 -2.29 21.89
N PHE I 62 -6.94 -2.38 20.63
CA PHE I 62 -5.80 -1.62 20.13
C PHE I 62 -6.19 -0.65 19.03
N LEU I 63 -5.59 0.53 19.08
CA LEU I 63 -5.84 1.56 18.07
C LEU I 63 -4.55 2.14 17.51
N SER I 64 -4.59 2.43 16.21
CA SER I 64 -3.48 3.07 15.50
C SER I 64 -4.03 4.09 14.51
N ARG I 65 -4.21 5.32 14.98
CA ARG I 65 -4.80 6.41 14.17
C ARG I 65 -4.04 6.67 12.86
N SER I 66 -2.70 6.71 12.94
CA SER I 66 -1.85 7.01 11.79
C SER I 66 -2.09 6.08 10.61
N LYS I 67 -2.45 4.84 10.89
CA LYS I 67 -2.57 3.84 9.84
C LYS I 67 -3.98 3.29 9.67
N GLY I 68 -4.96 3.95 10.32
CA GLY I 68 -6.33 3.47 10.31
C GLY I 68 -6.37 1.99 10.60
N TYR I 69 -5.86 1.62 11.76
CA TYR I 69 -5.71 0.20 12.13
C TYR I 69 -6.15 -0.04 13.57
N SER I 70 -6.78 -1.20 13.75
CA SER I 70 -7.30 -1.60 15.03
C SER I 70 -7.44 -3.11 15.08
N TYR I 71 -7.45 -3.65 16.29
CA TYR I 71 -7.76 -5.05 16.50
C TYR I 71 -8.32 -5.31 17.88
N LEU I 72 -9.20 -6.30 17.96
CA LEU I 72 -9.73 -6.75 19.23
C LEU I 72 -9.05 -8.06 19.58
N LEU I 73 -8.47 -8.09 20.79
CA LEU I 73 -7.73 -9.24 21.27
C LEU I 73 -8.61 -9.98 22.25
N LEU I 74 -8.98 -11.21 21.89
CA LEU I 74 -9.73 -12.07 22.82
C LEU I 74 -8.80 -13.10 23.45
N LYS I 75 -8.88 -13.21 24.77
CA LYS I 75 -8.02 -14.11 25.55
C LYS I 75 -8.85 -15.09 26.36
N GLU I 76 -8.32 -16.32 26.51
CA GLU I 76 -8.99 -17.40 27.25
C GLU I 76 -10.34 -17.72 26.61
N LEU I 77 -10.31 -18.07 25.34
CA LEU I 77 -11.52 -18.26 24.54
C LEU I 77 -12.52 -19.20 25.20
N GLN I 78 -13.71 -18.68 25.46
CA GLN I 78 -14.83 -19.47 25.96
C GLN I 78 -15.72 -19.91 24.82
N MET I 79 -16.64 -20.82 25.13
CA MET I 79 -17.64 -21.26 24.16
C MET I 79 -18.69 -20.18 23.93
N LYS I 80 -18.93 -19.37 24.97
CA LYS I 80 -19.87 -18.25 24.91
C LYS I 80 -19.33 -17.07 24.08
N ASP I 81 -18.07 -17.15 23.68
CA ASP I 81 -17.47 -16.13 22.84
C ASP I 81 -17.78 -16.34 21.36
N SER I 82 -18.34 -17.50 21.02
CA SER I 82 -18.85 -17.75 19.68
C SER I 82 -19.88 -16.69 19.35
N ALA I 83 -19.50 -15.77 18.48
CA ALA I 83 -20.32 -14.62 18.14
C ALA I 83 -19.82 -13.95 16.88
N SER I 84 -20.46 -12.85 16.53
CA SER I 84 -19.96 -11.99 15.49
C SER I 84 -19.37 -10.78 16.19
N TYR I 85 -18.25 -10.28 15.67
CA TYR I 85 -17.59 -9.14 16.28
C TYR I 85 -17.54 -7.97 15.30
N LEU I 86 -18.26 -6.91 15.65
CA LEU I 86 -18.47 -5.77 14.76
C LEU I 86 -17.55 -4.62 15.10
N CYS I 87 -16.98 -4.02 14.06
CA CYS I 87 -16.09 -2.87 14.19
C CYS I 87 -16.78 -1.65 13.57
N ALA I 88 -16.95 -0.60 14.36
CA ALA I 88 -17.68 0.59 13.94
C ALA I 88 -16.83 1.85 14.06
N VAL I 89 -17.03 2.80 13.13
CA VAL I 89 -16.25 4.04 13.06
C VAL I 89 -17.12 5.31 13.08
N GLN I 90 -16.76 6.26 13.95
CA GLN I 90 -17.35 7.60 13.93
C GLN I 90 -16.41 8.54 13.16
N ALA I 91 -16.95 9.22 12.15
CA ALA I 91 -16.16 10.15 11.34
C ALA I 91 -16.98 11.31 10.81
N SER I 92 -16.29 12.38 10.44
CA SER I 92 -16.90 13.58 9.86
C SER I 92 -17.55 13.29 8.51
N GLY I 93 -16.89 12.47 7.70
CA GLY I 93 -17.32 12.16 6.33
C GLY I 93 -18.82 12.17 6.17
N GLY I 94 -19.47 11.10 6.63
CA GLY I 94 -20.92 11.07 6.73
C GLY I 94 -21.29 12.02 7.85
N SER I 95 -21.35 11.49 9.06
CA SER I 95 -21.42 12.26 10.30
C SER I 95 -21.16 11.28 11.43
N TYR I 96 -20.69 11.81 12.56
CA TYR I 96 -20.19 11.02 13.68
C TYR I 96 -21.15 9.92 14.19
N ILE I 97 -22.06 9.47 13.32
CA ILE I 97 -22.96 8.36 13.63
C ILE I 97 -22.22 7.05 13.35
N PRO I 98 -22.14 6.18 14.38
CA PRO I 98 -21.37 4.96 14.25
C PRO I 98 -21.74 4.20 12.98
N THR I 99 -20.77 4.10 12.07
CA THR I 99 -20.93 3.34 10.83
C THR I 99 -20.24 2.00 11.00
N PHE I 100 -20.92 0.93 10.64
CA PHE I 100 -20.48 -0.43 10.97
C PHE I 100 -19.77 -1.13 9.83
N GLY I 101 -18.87 -2.05 10.18
CA GLY I 101 -18.23 -2.92 9.22
C GLY I 101 -19.10 -4.12 8.96
N ARG I 102 -18.66 -5.00 8.06
CA ARG I 102 -19.44 -6.18 7.70
C ARG I 102 -19.46 -7.25 8.81
N GLY I 103 -18.54 -7.14 9.76
CA GLY I 103 -18.52 -8.05 10.91
C GLY I 103 -17.63 -9.26 10.72
N THR I 104 -17.22 -9.86 11.83
CA THR I 104 -16.35 -11.02 11.80
C THR I 104 -16.93 -12.12 12.67
N SER I 105 -17.24 -13.25 12.05
CA SER I 105 -17.75 -14.41 12.78
C SER I 105 -16.61 -15.23 13.37
N LEU I 106 -16.66 -15.42 14.67
CA LEU I 106 -15.71 -16.29 15.35
C LEU I 106 -16.41 -17.55 15.80
N ILE I 107 -16.02 -18.68 15.22
CA ILE I 107 -16.48 -19.98 15.69
C ILE I 107 -15.47 -20.50 16.70
N VAL I 108 -15.92 -20.71 17.93
CA VAL I 108 -15.05 -21.26 18.97
C VAL I 108 -15.22 -22.77 19.06
N HIS I 109 -14.25 -23.51 18.52
CA HIS I 109 -14.25 -24.97 18.60
C HIS I 109 -14.01 -25.44 20.03
N PRO I 110 -14.66 -26.55 20.44
CA PRO I 110 -14.31 -27.16 21.72
C PRO I 110 -13.02 -27.96 21.64
N TYR I 111 -12.43 -28.26 22.79
CA TYR I 111 -11.33 -29.21 22.85
C TYR I 111 -11.89 -30.62 23.02
N ILE I 112 -11.78 -31.44 21.98
CA ILE I 112 -12.26 -32.81 22.08
C ILE I 112 -11.13 -33.72 22.53
N GLN I 113 -11.15 -33.98 23.83
CA GLN I 113 -10.15 -34.77 24.53
C GLN I 113 -10.06 -36.18 23.95
N ASN I 114 -11.19 -36.88 23.97
CA ASN I 114 -11.27 -38.26 23.50
C ASN I 114 -12.31 -38.43 22.39
N PRO I 115 -11.91 -38.17 21.13
CA PRO I 115 -12.80 -38.33 19.98
C PRO I 115 -13.30 -39.76 19.85
N ASP I 116 -14.58 -39.92 19.54
CA ASP I 116 -15.19 -41.24 19.39
C ASP I 116 -16.15 -41.26 18.19
N PRO I 117 -15.62 -41.06 16.97
CA PRO I 117 -16.43 -40.82 15.78
C PRO I 117 -17.41 -41.96 15.51
N ALA I 118 -18.70 -41.64 15.55
CA ALA I 118 -19.73 -42.64 15.34
C ALA I 118 -20.93 -42.11 14.55
N VAL I 119 -21.60 -43.01 13.85
CA VAL I 119 -22.83 -42.70 13.14
C VAL I 119 -23.93 -43.63 13.65
N TYR I 120 -24.95 -43.04 14.26
CA TYR I 120 -26.07 -43.79 14.84
C TYR I 120 -27.36 -43.53 14.10
N GLN I 121 -28.19 -44.57 13.98
CA GLN I 121 -29.51 -44.45 13.37
C GLN I 121 -30.58 -44.27 14.45
N LEU I 122 -31.36 -43.20 14.30
CA LEU I 122 -32.39 -42.84 15.28
C LEU I 122 -33.77 -42.87 14.63
N ARG I 123 -34.67 -43.69 15.17
CA ARG I 123 -35.99 -43.87 14.56
C ARG I 123 -37.06 -42.96 15.14
N ASP I 124 -38.06 -42.66 14.32
CA ASP I 124 -39.20 -41.81 14.67
C ASP I 124 -39.84 -42.13 16.02
N SER I 125 -40.37 -41.11 16.67
CA SER I 125 -41.28 -41.29 17.79
C SER I 125 -42.64 -40.66 17.45
N LYS I 126 -42.62 -39.39 17.05
CA LYS I 126 -43.85 -38.62 16.78
C LYS I 126 -43.92 -37.96 15.40
N SER I 127 -45.15 -37.85 14.88
CA SER I 127 -45.49 -37.07 13.66
C SER I 127 -45.13 -37.74 12.31
N SER I 128 -45.13 -39.08 12.30
CA SER I 128 -44.86 -39.90 11.11
C SER I 128 -43.46 -39.73 10.48
N ASP I 129 -43.22 -40.51 9.42
CA ASP I 129 -41.96 -40.53 8.64
C ASP I 129 -40.86 -41.46 9.19
N LYS I 130 -39.81 -41.63 8.40
CA LYS I 130 -38.80 -42.68 8.63
C LYS I 130 -37.86 -42.45 9.84
N SER I 131 -36.62 -42.04 9.56
CA SER I 131 -35.60 -41.92 10.60
C SER I 131 -34.52 -40.88 10.27
N VAL I 132 -33.54 -40.76 11.15
CA VAL I 132 -32.49 -39.76 11.08
C VAL I 132 -31.18 -40.35 11.58
N CYS I 133 -30.08 -40.08 10.87
CA CYS I 133 -28.75 -40.51 11.32
C CYS I 133 -28.08 -39.38 12.09
N LEU I 134 -27.33 -39.74 13.14
CA LEU I 134 -26.58 -38.77 13.93
C LEU I 134 -25.08 -39.06 13.91
N PHE I 135 -24.32 -38.20 13.23
CA PHE I 135 -22.87 -38.27 13.25
C PHE I 135 -22.40 -37.48 14.46
N THR I 136 -21.79 -38.17 15.42
CA THR I 136 -21.44 -37.56 16.70
C THR I 136 -20.08 -37.98 17.27
N ASP I 137 -19.65 -37.24 18.28
CA ASP I 137 -18.43 -37.52 19.06
C ASP I 137 -17.13 -37.36 18.29
N PHE I 138 -17.18 -36.71 17.13
CA PHE I 138 -15.96 -36.39 16.38
C PHE I 138 -15.23 -35.18 16.97
N ASP I 139 -13.97 -35.01 16.58
CA ASP I 139 -13.17 -33.88 17.06
C ASP I 139 -13.43 -32.61 16.24
N SER I 140 -13.21 -31.47 16.87
CA SER I 140 -13.54 -30.16 16.29
C SER I 140 -12.99 -29.92 14.91
N GLN I 141 -11.92 -30.64 14.56
CA GLN I 141 -11.25 -30.45 13.27
C GLN I 141 -11.96 -31.14 12.10
N THR I 142 -12.93 -32.00 12.39
CA THR I 142 -13.73 -32.68 11.37
C THR I 142 -14.63 -31.69 10.65
N ASN I 143 -14.74 -31.83 9.33
CA ASN I 143 -15.59 -30.97 8.54
C ASN I 143 -16.79 -31.72 7.95
N VAL I 144 -17.99 -31.18 8.18
CA VAL I 144 -19.22 -31.80 7.74
C VAL I 144 -19.59 -31.32 6.34
N SER I 145 -19.55 -32.26 5.40
CA SER I 145 -19.84 -31.99 4.00
C SER I 145 -21.29 -31.60 3.82
N GLN I 146 -21.53 -30.65 2.92
CA GLN I 146 -22.90 -30.30 2.53
C GLN I 146 -23.46 -31.32 1.54
N SER I 147 -24.76 -31.22 1.25
CA SER I 147 -25.47 -32.29 0.57
C SER I 147 -25.41 -32.25 -0.94
N LYS I 148 -25.29 -33.43 -1.52
CA LYS I 148 -25.53 -33.67 -2.94
C LYS I 148 -26.96 -34.18 -3.10
N ASP I 149 -27.41 -34.31 -4.34
CA ASP I 149 -28.73 -34.84 -4.73
C ASP I 149 -29.98 -34.12 -4.16
N SER I 150 -29.77 -33.14 -3.28
CA SER I 150 -30.84 -32.26 -2.77
C SER I 150 -31.98 -32.96 -2.03
N ASP I 151 -31.93 -34.30 -1.98
CA ASP I 151 -32.94 -35.09 -1.26
C ASP I 151 -32.44 -35.46 0.13
N VAL I 152 -31.14 -35.72 0.24
CA VAL I 152 -30.52 -35.94 1.54
C VAL I 152 -30.20 -34.58 2.15
N TYR I 153 -30.61 -34.38 3.40
CA TYR I 153 -30.37 -33.12 4.08
C TYR I 153 -29.37 -33.32 5.22
N ILE I 154 -28.31 -32.51 5.22
CA ILE I 154 -27.26 -32.61 6.24
C ILE I 154 -27.08 -31.26 6.92
N THR I 155 -27.16 -31.24 8.25
CA THR I 155 -26.99 -30.01 9.02
C THR I 155 -25.50 -29.69 9.24
N ASP I 156 -25.23 -28.44 9.63
CA ASP I 156 -23.90 -28.02 10.03
C ASP I 156 -23.58 -28.61 11.40
N LYS I 157 -22.30 -28.78 11.69
CA LYS I 157 -21.84 -29.23 13.01
C LYS I 157 -22.24 -28.24 14.11
N CYS I 158 -22.66 -28.77 15.25
CA CYS I 158 -23.00 -27.95 16.40
C CYS I 158 -22.46 -28.57 17.70
N VAL I 159 -22.20 -27.73 18.69
CA VAL I 159 -21.60 -28.15 19.95
C VAL I 159 -22.60 -28.04 21.08
N LEU I 160 -22.78 -29.15 21.80
CA LEU I 160 -23.57 -29.16 23.03
C LEU I 160 -22.67 -29.30 24.26
N ASP I 161 -23.09 -28.73 25.37
CA ASP I 161 -22.34 -28.82 26.63
C ASP I 161 -23.17 -29.48 27.73
N MET I 162 -22.74 -30.65 28.17
CA MET I 162 -23.32 -31.32 29.32
C MET I 162 -22.61 -30.80 30.56
N ARG I 163 -23.21 -29.79 31.18
CA ARG I 163 -22.57 -28.97 32.22
C ARG I 163 -22.19 -29.74 33.48
N SER I 164 -23.04 -30.68 33.88
CA SER I 164 -22.80 -31.45 35.10
C SER I 164 -21.56 -32.32 34.99
N MET I 165 -21.43 -33.02 33.86
CA MET I 165 -20.34 -33.96 33.62
C MET I 165 -19.10 -33.34 32.99
N ASP I 166 -19.10 -32.00 32.84
CA ASP I 166 -18.03 -31.25 32.19
C ASP I 166 -17.72 -31.89 30.83
N PHE I 167 -18.75 -32.01 30.01
CA PHE I 167 -18.64 -32.71 28.73
C PHE I 167 -19.09 -31.84 27.56
N LYS I 168 -18.34 -31.90 26.46
CA LYS I 168 -18.66 -31.17 25.24
C LYS I 168 -18.49 -32.09 24.04
N SER I 169 -19.43 -32.01 23.09
CA SER I 169 -19.43 -32.90 21.93
C SER I 169 -19.97 -32.24 20.66
N ASN I 170 -19.44 -32.68 19.53
CA ASN I 170 -19.90 -32.26 18.20
C ASN I 170 -20.94 -33.23 17.65
N SER I 171 -21.84 -32.73 16.81
CA SER I 171 -22.92 -33.56 16.27
C SER I 171 -23.56 -32.97 15.03
N ALA I 172 -23.65 -33.79 13.98
CA ALA I 172 -24.36 -33.45 12.76
C ALA I 172 -25.54 -34.40 12.55
N VAL I 173 -26.54 -33.93 11.80
CA VAL I 173 -27.78 -34.67 11.60
C VAL I 173 -28.07 -34.82 10.10
N ALA I 174 -28.34 -36.05 9.68
CA ALA I 174 -28.65 -36.35 8.27
C ALA I 174 -29.92 -37.18 8.10
N TRP I 175 -30.80 -36.72 7.20
CA TRP I 175 -32.03 -37.43 6.89
C TRP I 175 -32.44 -37.21 5.44
N SER I 176 -33.20 -38.16 4.90
CA SER I 176 -33.73 -38.07 3.55
C SER I 176 -35.11 -38.70 3.47
N ASN I 177 -35.79 -38.53 2.34
CA ASN I 177 -37.10 -39.12 2.10
C ASN I 177 -37.00 -40.45 1.35
N LYS I 178 -35.98 -40.55 0.49
CA LYS I 178 -35.66 -41.74 -0.29
C LYS I 178 -35.65 -43.01 0.58
N SER I 179 -36.34 -44.05 0.11
CA SER I 179 -36.40 -45.32 0.85
C SER I 179 -35.12 -46.14 0.74
N ASP I 180 -34.21 -45.67 -0.11
CA ASP I 180 -32.90 -46.31 -0.32
C ASP I 180 -31.82 -45.60 0.51
N PHE I 181 -32.18 -45.20 1.72
CA PHE I 181 -31.32 -44.38 2.57
C PHE I 181 -30.80 -45.14 3.79
N ALA I 182 -29.47 -45.26 3.87
CA ALA I 182 -28.78 -45.86 5.01
C ALA I 182 -27.92 -44.79 5.68
N CYS I 183 -27.24 -45.17 6.77
CA CYS I 183 -26.42 -44.22 7.50
C CYS I 183 -24.92 -44.44 7.32
N ALA I 184 -24.53 -45.68 7.04
CA ALA I 184 -23.12 -46.04 6.85
C ALA I 184 -22.46 -45.27 5.70
N ASN I 185 -23.26 -44.80 4.75
CA ASN I 185 -22.79 -43.98 3.65
C ASN I 185 -23.55 -42.66 3.52
N ALA I 186 -24.24 -42.27 4.60
CA ALA I 186 -25.00 -41.02 4.63
C ALA I 186 -24.09 -39.80 4.61
N PHE I 187 -22.91 -39.92 5.20
CA PHE I 187 -21.99 -38.79 5.34
C PHE I 187 -20.81 -38.86 4.37
N ASN I 188 -21.13 -38.90 3.08
CA ASN I 188 -20.11 -38.82 2.02
C ASN I 188 -20.39 -37.61 1.12
N ASP J 1 -33.42 -6.92 26.58
CA ASP J 1 -34.24 -5.72 26.89
C ASP J 1 -33.51 -4.72 27.79
N ALA J 2 -32.65 -3.91 27.18
CA ALA J 2 -31.97 -2.82 27.90
C ALA J 2 -32.79 -1.53 27.80
N GLY J 3 -34.01 -1.59 28.33
CA GLY J 3 -34.95 -0.47 28.32
C GLY J 3 -35.69 -0.32 27.00
N ILE J 4 -35.04 -0.77 25.92
CA ILE J 4 -35.55 -0.61 24.55
C ILE J 4 -36.51 -1.74 24.17
N THR J 5 -37.64 -1.34 23.59
CA THR J 5 -38.66 -2.28 23.13
C THR J 5 -38.85 -2.11 21.61
N GLN J 6 -38.92 -3.22 20.90
CA GLN J 6 -39.27 -3.21 19.48
C GLN J 6 -40.57 -3.98 19.25
N SER J 7 -41.47 -3.39 18.47
CA SER J 7 -42.78 -3.98 18.22
C SER J 7 -43.34 -3.62 16.83
N PRO J 8 -43.77 -4.62 16.04
CA PRO J 8 -43.75 -6.05 16.36
C PRO J 8 -42.33 -6.64 16.32
N ARG J 9 -42.14 -7.79 16.94
CA ARG J 9 -40.84 -8.46 16.95
C ARG J 9 -40.67 -9.29 15.67
N HIS J 10 -41.77 -9.86 15.20
CA HIS J 10 -41.80 -10.61 13.96
C HIS J 10 -42.97 -10.10 13.13
N LYS J 11 -42.80 -10.15 11.81
CA LYS J 11 -43.92 -9.88 10.91
C LYS J 11 -43.66 -10.35 9.48
N VAL J 12 -44.62 -11.12 8.97
CA VAL J 12 -44.66 -11.47 7.57
C VAL J 12 -45.94 -10.91 6.95
N THR J 13 -45.76 -10.11 5.90
CA THR J 13 -46.89 -9.48 5.21
C THR J 13 -46.56 -9.36 3.71
N GLU J 14 -47.54 -8.91 2.92
CA GLU J 14 -47.43 -8.88 1.47
C GLU J 14 -46.85 -7.56 0.97
N THR J 15 -46.34 -7.55 -0.26
CA THR J 15 -45.82 -6.34 -0.90
C THR J 15 -46.94 -5.33 -1.13
N GLY J 16 -46.67 -4.07 -0.81
CA GLY J 16 -47.66 -3.00 -0.92
C GLY J 16 -48.24 -2.59 0.43
N THR J 17 -48.20 -3.52 1.38
CA THR J 17 -48.71 -3.28 2.73
C THR J 17 -47.85 -2.25 3.44
N PRO J 18 -48.48 -1.17 3.96
CA PRO J 18 -47.74 -0.22 4.77
C PRO J 18 -47.31 -0.87 6.08
N VAL J 19 -46.05 -0.67 6.46
CA VAL J 19 -45.50 -1.29 7.67
C VAL J 19 -44.89 -0.25 8.59
N THR J 20 -45.22 -0.35 9.87
CA THR J 20 -44.72 0.58 10.86
C THR J 20 -44.12 -0.20 12.04
N LEU J 21 -42.78 -0.23 12.10
CA LEU J 21 -42.08 -0.81 13.24
C LEU J 21 -41.96 0.27 14.32
N ARG J 22 -41.95 -0.15 15.57
CA ARG J 22 -41.94 0.79 16.69
C ARG J 22 -40.76 0.53 17.63
N CYS J 23 -40.02 1.59 17.94
CA CYS J 23 -38.90 1.51 18.87
C CYS J 23 -39.11 2.50 20.01
N HIS J 24 -39.16 1.96 21.23
CA HIS J 24 -39.49 2.74 22.41
C HIS J 24 -38.40 2.59 23.46
N GLN J 25 -38.22 3.61 24.28
CA GLN J 25 -37.14 3.61 25.29
C GLN J 25 -37.58 4.14 26.66
N THR J 26 -36.78 3.83 27.68
CA THR J 26 -37.06 4.27 29.05
C THR J 26 -36.00 5.20 29.62
N GLU J 27 -34.90 5.38 28.89
CA GLU J 27 -33.75 6.13 29.41
C GLU J 27 -33.67 7.60 28.98
N ASN J 28 -34.55 8.00 28.05
CA ASN J 28 -34.66 9.40 27.58
C ASN J 28 -33.40 9.89 26.87
N HIS J 29 -32.93 9.09 25.92
CA HIS J 29 -31.72 9.36 25.14
C HIS J 29 -32.09 10.19 23.91
N ARG J 30 -31.41 11.33 23.74
CA ARG J 30 -31.71 12.26 22.64
C ARG J 30 -31.51 11.66 21.27
N TYR J 31 -30.65 10.65 21.17
CA TYR J 31 -30.39 9.99 19.90
C TYR J 31 -31.09 8.64 19.78
N MET J 32 -31.75 8.43 18.65
CA MET J 32 -32.32 7.14 18.29
C MET J 32 -31.93 6.80 16.85
N TYR J 33 -31.72 5.52 16.57
CA TYR J 33 -31.22 5.07 15.26
C TYR J 33 -32.05 3.89 14.75
N TRP J 34 -32.06 3.70 13.43
CA TRP J 34 -32.70 2.53 12.82
C TRP J 34 -31.78 1.85 11.82
N TYR J 35 -31.25 0.69 12.22
CA TYR J 35 -30.39 -0.12 11.36
C TYR J 35 -31.12 -1.36 10.83
N ARG J 36 -30.74 -1.78 9.63
CA ARG J 36 -31.10 -3.08 9.10
C ARG J 36 -29.85 -3.95 9.00
N GLN J 37 -30.02 -5.27 9.04
CA GLN J 37 -28.89 -6.19 8.89
C GLN J 37 -29.17 -7.23 7.80
N ASP J 38 -28.17 -7.45 6.94
CA ASP J 38 -28.31 -8.36 5.81
C ASP J 38 -27.04 -9.18 5.57
N PRO J 39 -27.19 -10.51 5.44
CA PRO J 39 -26.09 -11.43 5.15
C PRO J 39 -25.15 -10.91 4.06
N GLY J 40 -23.85 -10.93 4.36
CA GLY J 40 -22.84 -10.37 3.46
C GLY J 40 -22.42 -9.00 3.94
N HIS J 41 -23.40 -8.14 4.17
CA HIS J 41 -23.17 -6.82 4.77
C HIS J 41 -23.34 -6.94 6.29
N GLY J 42 -23.15 -5.83 7.00
CA GLY J 42 -23.35 -5.81 8.44
C GLY J 42 -24.57 -4.99 8.80
N LEU J 43 -24.43 -4.17 9.84
CA LEU J 43 -25.45 -3.22 10.19
C LEU J 43 -25.31 -1.99 9.30
N ARG J 44 -26.38 -1.64 8.59
CA ARG J 44 -26.42 -0.43 7.78
C ARG J 44 -27.47 0.54 8.29
N LEU J 45 -27.14 1.83 8.25
CA LEU J 45 -28.00 2.87 8.78
C LEU J 45 -29.12 3.24 7.80
N ILE J 46 -30.33 3.40 8.33
CA ILE J 46 -31.46 3.85 7.51
C ILE J 46 -31.82 5.30 7.82
N HIS J 47 -32.15 5.59 9.08
CA HIS J 47 -32.42 6.95 9.52
C HIS J 47 -32.03 7.13 10.98
N TYR J 48 -31.57 8.33 11.32
CA TYR J 48 -31.31 8.67 12.71
C TYR J 48 -32.14 9.85 13.19
N SER J 49 -32.16 10.06 14.50
CA SER J 49 -32.82 11.19 15.11
C SER J 49 -31.93 11.74 16.21
N TYR J 50 -31.69 13.04 16.17
CA TYR J 50 -30.89 13.71 17.19
C TYR J 50 -31.75 14.57 18.11
N GLY J 51 -32.96 14.10 18.37
CA GLY J 51 -33.91 14.80 19.24
C GLY J 51 -35.30 14.94 18.63
N VAL J 52 -36.25 15.31 19.48
CA VAL J 52 -37.64 15.56 19.09
C VAL J 52 -37.72 16.34 17.77
N LYS J 53 -38.63 15.91 16.88
CA LYS J 53 -38.89 16.55 15.58
C LYS J 53 -37.68 16.74 14.65
N ASP J 54 -36.65 15.91 14.80
CA ASP J 54 -35.44 16.03 13.97
C ASP J 54 -35.00 14.68 13.41
N THR J 55 -34.80 14.64 12.09
CA THR J 55 -34.45 13.40 11.35
C THR J 55 -33.56 13.69 10.14
N ASP J 56 -32.71 12.72 9.77
CA ASP J 56 -31.91 12.80 8.54
C ASP J 56 -31.59 11.41 7.97
N LYS J 57 -31.23 11.39 6.69
CA LYS J 57 -30.97 10.15 5.94
C LYS J 57 -29.77 9.34 6.40
N GLY J 58 -29.80 8.03 6.09
CA GLY J 58 -28.66 7.13 6.25
C GLY J 58 -28.22 6.61 4.89
N GLU J 59 -27.43 5.54 4.87
CA GLU J 59 -26.88 5.00 3.62
C GLU J 59 -27.88 4.19 2.78
N VAL J 60 -28.97 3.74 3.40
CA VAL J 60 -30.02 2.97 2.70
C VAL J 60 -31.42 3.45 3.09
N SER J 61 -31.63 4.75 2.99
CA SER J 61 -32.84 5.42 3.45
C SER J 61 -34.04 5.29 2.49
N ASP J 62 -33.77 4.93 1.24
CA ASP J 62 -34.80 4.85 0.21
C ASP J 62 -35.89 3.82 0.53
N GLY J 63 -37.14 4.20 0.27
CA GLY J 63 -38.29 3.36 0.56
C GLY J 63 -38.71 3.42 2.02
N TYR J 64 -38.02 4.25 2.79
CA TYR J 64 -38.31 4.40 4.22
C TYR J 64 -38.68 5.82 4.60
N SER J 65 -39.16 5.97 5.83
CA SER J 65 -39.61 7.23 6.40
C SER J 65 -39.67 7.05 7.91
N VAL J 66 -39.21 8.07 8.64
CA VAL J 66 -39.19 8.00 10.11
C VAL J 66 -39.89 9.19 10.75
N SER J 67 -40.34 9.00 11.97
CA SER J 67 -40.90 10.07 12.78
C SER J 67 -40.40 9.93 14.22
N ARG J 68 -40.01 11.06 14.80
CA ARG J 68 -39.63 11.14 16.21
C ARG J 68 -40.48 12.22 16.86
N SER J 69 -41.80 12.04 16.77
CA SER J 69 -42.77 12.99 17.31
C SER J 69 -42.44 13.37 18.75
N LYS J 70 -42.27 12.37 19.60
CA LYS J 70 -41.86 12.56 20.99
C LYS J 70 -40.48 11.93 21.23
N THR J 71 -39.99 12.01 22.47
CA THR J 71 -38.64 11.56 22.81
C THR J 71 -38.54 10.04 22.93
N GLU J 72 -39.58 9.42 23.51
CA GLU J 72 -39.56 7.98 23.79
C GLU J 72 -39.78 7.10 22.56
N ASP J 73 -40.28 7.69 21.48
CA ASP J 73 -40.66 6.93 20.29
C ASP J 73 -39.86 7.31 19.04
N PHE J 74 -39.53 6.30 18.23
CA PHE J 74 -38.89 6.51 16.92
C PHE J 74 -39.35 5.42 15.97
N LEU J 75 -40.44 5.70 15.26
CA LEU J 75 -41.11 4.69 14.44
C LEU J 75 -40.74 4.77 12.97
N LEU J 76 -40.12 3.69 12.47
CA LEU J 76 -39.84 3.53 11.05
C LEU J 76 -41.11 3.12 10.31
N THR J 77 -41.26 3.60 9.08
CA THR J 77 -42.42 3.31 8.25
C THR J 77 -42.03 3.10 6.79
N LEU J 78 -42.55 2.03 6.19
CA LEU J 78 -42.39 1.80 4.75
C LEU J 78 -43.74 1.68 4.07
N GLU J 79 -44.14 2.76 3.40
CA GLU J 79 -45.48 2.91 2.80
C GLU J 79 -45.87 1.79 1.83
N SER J 80 -44.95 1.41 0.95
CA SER J 80 -45.14 0.33 0.01
C SER J 80 -44.02 -0.69 0.16
N ALA J 81 -44.27 -1.74 0.94
CA ALA J 81 -43.27 -2.74 1.26
C ALA J 81 -42.87 -3.56 0.04
N THR J 82 -41.56 -3.64 -0.22
CA THR J 82 -41.03 -4.48 -1.30
C THR J 82 -40.24 -5.65 -0.71
N SER J 83 -39.87 -6.62 -1.55
CA SER J 83 -39.21 -7.84 -1.09
C SER J 83 -37.71 -7.68 -0.82
N SER J 84 -37.15 -6.51 -1.15
CA SER J 84 -35.75 -6.22 -0.82
C SER J 84 -35.66 -5.71 0.62
N GLN J 85 -36.78 -5.17 1.12
CA GLN J 85 -36.87 -4.71 2.50
C GLN J 85 -37.09 -5.86 3.48
N THR J 86 -36.96 -7.09 2.97
CA THR J 86 -36.92 -8.27 3.80
C THR J 86 -35.58 -8.27 4.52
N SER J 87 -35.61 -8.12 5.85
CA SER J 87 -34.40 -8.01 6.65
C SER J 87 -34.70 -8.05 8.14
N VAL J 88 -33.63 -8.11 8.92
CA VAL J 88 -33.71 -7.98 10.37
C VAL J 88 -33.41 -6.51 10.68
N TYR J 89 -34.27 -5.88 11.47
CA TYR J 89 -34.14 -4.47 11.81
C TYR J 89 -33.81 -4.29 13.28
N PHE J 90 -32.76 -3.52 13.56
CA PHE J 90 -32.38 -3.18 14.93
C PHE J 90 -32.48 -1.68 15.13
N CYS J 91 -33.10 -1.26 16.22
CA CYS J 91 -33.08 0.16 16.55
C CYS J 91 -32.08 0.42 17.67
N ALA J 92 -31.66 1.66 17.83
CA ALA J 92 -30.70 2.02 18.87
C ALA J 92 -31.01 3.37 19.53
N THR J 93 -30.59 3.53 20.78
CA THR J 93 -30.64 4.82 21.46
C THR J 93 -29.25 5.23 21.94
N GLY J 94 -29.12 6.48 22.40
CA GLY J 94 -27.83 7.00 22.86
C GLY J 94 -27.80 8.47 23.22
N THR J 95 -26.72 8.85 23.91
CA THR J 95 -26.53 10.23 24.36
C THR J 95 -26.05 11.13 23.23
N GLY J 96 -25.39 10.54 22.25
CA GLY J 96 -24.82 11.29 21.13
C GLY J 96 -23.34 11.59 21.33
N ASP J 97 -22.85 11.32 22.54
CA ASP J 97 -21.45 11.52 22.87
C ASP J 97 -20.58 10.55 22.10
N SER J 98 -19.46 11.05 21.59
CA SER J 98 -18.52 10.27 20.81
C SER J 98 -17.92 9.08 21.57
N ASN J 99 -17.70 9.25 22.87
CA ASN J 99 -17.07 8.23 23.72
C ASN J 99 -18.02 7.24 24.41
N GLN J 100 -19.31 7.31 24.10
CA GLN J 100 -20.32 6.47 24.74
C GLN J 100 -21.03 5.57 23.73
N PRO J 101 -21.29 4.31 24.13
CA PRO J 101 -21.87 3.29 23.24
C PRO J 101 -23.32 3.51 22.80
N GLN J 102 -23.70 2.88 21.69
CA GLN J 102 -25.10 2.79 21.29
C GLN J 102 -25.77 1.65 22.04
N HIS J 103 -27.01 1.87 22.45
CA HIS J 103 -27.81 0.83 23.08
C HIS J 103 -28.75 0.23 22.05
N PHE J 104 -28.66 -1.08 21.85
CA PHE J 104 -29.46 -1.76 20.83
C PHE J 104 -30.63 -2.51 21.42
N GLY J 105 -31.72 -2.58 20.64
CA GLY J 105 -32.90 -3.37 21.00
C GLY J 105 -32.79 -4.80 20.48
N ASP J 106 -33.65 -5.67 20.99
CA ASP J 106 -33.58 -7.12 20.72
C ASP J 106 -33.72 -7.49 19.25
N GLY J 107 -34.39 -6.66 18.47
CA GLY J 107 -34.49 -6.86 17.03
C GLY J 107 -35.88 -7.17 16.51
N THR J 108 -36.07 -6.92 15.23
CA THR J 108 -37.33 -7.18 14.56
C THR J 108 -37.06 -7.96 13.27
N ARG J 109 -37.58 -9.18 13.21
CA ARG J 109 -37.64 -9.93 11.97
C ARG J 109 -38.79 -9.39 11.14
N LEU J 110 -38.58 -9.27 9.84
CA LEU J 110 -39.63 -8.82 8.94
C LEU J 110 -39.46 -9.41 7.54
N SER J 111 -40.40 -10.28 7.19
CA SER J 111 -40.40 -10.92 5.88
C SER J 111 -41.48 -10.28 5.03
N ILE J 112 -41.12 -9.92 3.80
CA ILE J 112 -42.05 -9.31 2.85
C ILE J 112 -42.15 -10.16 1.60
N LEU J 113 -43.34 -10.72 1.38
CA LEU J 113 -43.54 -11.71 0.34
C LEU J 113 -44.44 -11.18 -0.78
N GLU J 114 -44.23 -11.74 -1.97
CA GLU J 114 -45.04 -11.41 -3.15
C GLU J 114 -46.38 -12.11 -3.08
N ASP J 115 -46.39 -13.24 -2.37
CA ASP J 115 -47.54 -14.12 -2.29
C ASP J 115 -47.56 -14.84 -0.94
N LEU J 116 -48.62 -14.64 -0.17
CA LEU J 116 -48.73 -15.22 1.16
C LEU J 116 -49.04 -16.72 1.18
N ASN J 117 -49.33 -17.28 0.01
CA ASN J 117 -49.61 -18.71 -0.13
C ASN J 117 -48.36 -19.58 0.04
N LYS J 118 -47.21 -18.92 0.19
CA LYS J 118 -45.94 -19.62 0.34
C LYS J 118 -45.62 -19.86 1.82
N VAL J 119 -46.48 -19.35 2.69
CA VAL J 119 -46.30 -19.50 4.14
C VAL J 119 -46.84 -20.85 4.63
N PHE J 120 -46.00 -21.57 5.36
CA PHE J 120 -46.36 -22.88 5.89
C PHE J 120 -45.81 -22.99 7.32
N PRO J 121 -46.54 -23.66 8.22
CA PRO J 121 -46.00 -23.91 9.55
C PRO J 121 -45.08 -25.14 9.55
N PRO J 122 -44.21 -25.28 10.57
CA PRO J 122 -43.31 -26.43 10.58
C PRO J 122 -44.02 -27.74 10.93
N GLU J 123 -43.39 -28.85 10.54
CA GLU J 123 -43.78 -30.17 10.99
C GLU J 123 -42.69 -30.60 11.96
N VAL J 124 -43.07 -30.85 13.21
CA VAL J 124 -42.10 -31.20 14.24
C VAL J 124 -42.14 -32.69 14.55
N ALA J 125 -40.99 -33.35 14.49
CA ALA J 125 -40.86 -34.76 14.82
C ALA J 125 -39.71 -34.98 15.81
N VAL J 126 -39.86 -35.98 16.68
CA VAL J 126 -38.82 -36.33 17.65
C VAL J 126 -38.30 -37.73 17.36
N PHE J 127 -36.98 -37.85 17.31
CA PHE J 127 -36.35 -39.13 17.06
C PHE J 127 -35.61 -39.62 18.31
N GLU J 128 -35.86 -40.88 18.66
CA GLU J 128 -35.40 -41.47 19.92
C GLU J 128 -33.95 -41.94 19.83
N PRO J 129 -33.22 -41.87 20.96
CA PRO J 129 -31.82 -42.30 21.08
C PRO J 129 -31.54 -43.72 20.58
N SER J 130 -30.49 -43.84 19.77
CA SER J 130 -29.99 -45.12 19.28
C SER J 130 -29.47 -45.99 20.42
N GLU J 131 -29.81 -47.27 20.39
CA GLU J 131 -29.33 -48.24 21.37
C GLU J 131 -27.81 -48.40 21.31
N ALA J 132 -27.27 -48.35 20.09
CA ALA J 132 -25.83 -48.48 19.86
C ALA J 132 -25.04 -47.39 20.58
N GLU J 133 -25.60 -46.18 20.61
CA GLU J 133 -25.00 -45.07 21.34
C GLU J 133 -25.06 -45.31 22.84
N ILE J 134 -26.23 -45.77 23.29
CA ILE J 134 -26.47 -46.04 24.70
C ILE J 134 -25.44 -47.03 25.25
N SER J 135 -25.17 -48.09 24.49
CA SER J 135 -24.20 -49.10 24.89
C SER J 135 -22.77 -48.59 24.80
N HIS J 136 -22.47 -47.85 23.72
CA HIS J 136 -21.11 -47.38 23.46
C HIS J 136 -20.66 -46.19 24.31
N THR J 137 -21.61 -45.35 24.74
CA THR J 137 -21.28 -44.06 25.36
C THR J 137 -21.94 -43.81 26.71
N GLN J 138 -22.98 -44.58 27.01
CA GLN J 138 -23.87 -44.33 28.16
C GLN J 138 -24.58 -42.99 28.06
N LYS J 139 -24.54 -42.40 26.87
CA LYS J 139 -25.26 -41.17 26.60
C LYS J 139 -26.31 -41.40 25.54
N ALA J 140 -27.48 -40.78 25.73
CA ALA J 140 -28.57 -40.90 24.79
C ALA J 140 -28.94 -39.53 24.25
N THR J 141 -28.94 -39.40 22.93
CA THR J 141 -29.27 -38.14 22.28
C THR J 141 -30.62 -38.21 21.59
N LEU J 142 -31.52 -37.30 21.96
CA LEU J 142 -32.76 -37.08 21.23
C LEU J 142 -32.49 -36.09 20.10
N VAL J 143 -33.25 -36.20 19.02
CA VAL J 143 -33.12 -35.25 17.90
C VAL J 143 -34.50 -34.70 17.53
N CYS J 144 -34.54 -33.42 17.18
CA CYS J 144 -35.77 -32.76 16.83
C CYS J 144 -35.68 -32.13 15.45
N LEU J 145 -36.56 -32.57 14.55
CA LEU J 145 -36.66 -31.99 13.22
C LEU J 145 -37.93 -31.16 13.08
N ALA J 146 -37.76 -29.88 12.77
CA ALA J 146 -38.83 -29.04 12.26
C ALA J 146 -38.57 -28.88 10.76
N THR J 147 -39.56 -29.25 9.95
CA THR J 147 -39.38 -29.34 8.51
C THR J 147 -40.56 -28.79 7.74
N GLY J 148 -40.29 -28.07 6.66
CA GLY J 148 -41.32 -27.58 5.76
C GLY J 148 -41.84 -26.17 5.99
N PHE J 149 -41.32 -25.50 7.01
CA PHE J 149 -41.77 -24.15 7.35
C PHE J 149 -41.20 -23.03 6.45
N PHE J 150 -42.01 -22.00 6.24
CA PHE J 150 -41.62 -20.82 5.47
C PHE J 150 -42.39 -19.61 6.00
N PRO J 151 -41.71 -18.48 6.20
CA PRO J 151 -40.25 -18.29 6.11
C PRO J 151 -39.55 -18.76 7.39
N ASP J 152 -38.23 -18.61 7.44
CA ASP J 152 -37.44 -19.19 8.52
C ASP J 152 -37.50 -18.44 9.85
N HIS J 153 -38.72 -18.12 10.27
CA HIS J 153 -38.98 -17.49 11.57
C HIS J 153 -39.44 -18.56 12.57
N VAL J 154 -38.48 -19.21 13.23
CA VAL J 154 -38.78 -20.22 14.25
C VAL J 154 -37.96 -20.02 15.52
N GLU J 155 -38.49 -20.51 16.64
CA GLU J 155 -37.76 -20.60 17.89
C GLU J 155 -37.95 -21.97 18.51
N LEU J 156 -36.85 -22.70 18.68
CA LEU J 156 -36.88 -24.05 19.23
C LEU J 156 -36.39 -24.07 20.67
N SER J 157 -37.04 -24.87 21.50
CA SER J 157 -36.60 -25.11 22.87
C SER J 157 -37.03 -26.50 23.35
N TRP J 158 -36.17 -27.14 24.14
CA TRP J 158 -36.45 -28.45 24.70
C TRP J 158 -37.02 -28.33 26.10
N TRP J 159 -37.96 -29.21 26.42
CA TRP J 159 -38.62 -29.23 27.71
C TRP J 159 -38.55 -30.62 28.33
N VAL J 160 -37.94 -30.68 29.52
CA VAL J 160 -37.83 -31.92 30.28
C VAL J 160 -38.62 -31.77 31.58
N ASN J 161 -39.79 -32.41 31.61
CA ASN J 161 -40.73 -32.39 32.75
C ASN J 161 -41.37 -31.02 33.01
N GLY J 162 -41.64 -30.27 31.95
CA GLY J 162 -42.25 -28.95 32.06
C GLY J 162 -41.27 -27.85 32.45
N LYS J 163 -39.98 -28.20 32.48
CA LYS J 163 -38.91 -27.24 32.74
C LYS J 163 -37.97 -27.15 31.54
N GLU J 164 -37.95 -25.99 30.89
CA GLU J 164 -37.09 -25.75 29.74
C GLU J 164 -35.63 -25.91 30.12
N VAL J 165 -34.91 -26.71 29.34
CA VAL J 165 -33.50 -26.98 29.61
C VAL J 165 -32.59 -26.34 28.55
N HIS J 166 -31.35 -26.07 28.94
CA HIS J 166 -30.35 -25.52 28.04
C HIS J 166 -29.11 -26.40 28.05
N SER J 167 -28.81 -27.01 29.19
CA SER J 167 -27.70 -27.93 29.32
C SER J 167 -27.91 -29.11 28.38
N GLY J 168 -26.87 -29.47 27.64
CA GLY J 168 -26.93 -30.57 26.68
C GLY J 168 -27.70 -30.21 25.40
N VAL J 169 -28.02 -28.93 25.25
CA VAL J 169 -28.85 -28.45 24.16
C VAL J 169 -28.01 -27.88 23.01
N CYS J 170 -28.36 -28.31 21.80
CA CYS J 170 -27.64 -27.92 20.60
C CYS J 170 -28.63 -27.76 19.47
N THR J 171 -28.79 -26.53 18.99
CA THR J 171 -29.72 -26.20 17.91
C THR J 171 -28.95 -25.61 16.74
N ASP J 172 -29.38 -25.90 15.52
CA ASP J 172 -28.78 -25.31 14.31
C ASP J 172 -28.83 -23.78 14.33
N PRO J 173 -27.67 -23.13 14.13
CA PRO J 173 -27.56 -21.67 14.14
C PRO J 173 -28.49 -21.06 13.11
N GLN J 174 -28.48 -21.63 11.91
CA GLN J 174 -29.40 -21.22 10.84
C GLN J 174 -30.17 -22.42 10.30
N PRO J 175 -31.41 -22.19 9.83
CA PRO J 175 -32.20 -23.21 9.12
C PRO J 175 -31.60 -23.54 7.77
N LEU J 176 -31.79 -24.76 7.30
CA LEU J 176 -31.30 -25.15 5.98
C LEU J 176 -32.44 -25.22 4.95
N LYS J 177 -32.16 -24.75 3.74
CA LYS J 177 -33.10 -24.88 2.63
C LYS J 177 -33.24 -26.35 2.24
N GLU J 178 -34.49 -26.79 2.04
CA GLU J 178 -34.77 -28.16 1.67
C GLU J 178 -34.54 -28.38 0.18
N GLN J 179 -34.69 -27.30 -0.58
CA GLN J 179 -34.47 -27.30 -2.01
C GLN J 179 -33.65 -26.06 -2.34
N PRO J 180 -32.32 -26.13 -2.13
CA PRO J 180 -31.42 -24.97 -2.10
C PRO J 180 -31.54 -24.07 -3.33
N ALA J 181 -31.64 -24.69 -4.50
CA ALA J 181 -31.66 -23.96 -5.77
C ALA J 181 -33.00 -23.29 -6.07
N LEU J 182 -34.04 -23.69 -5.33
CA LEU J 182 -35.37 -23.12 -5.52
C LEU J 182 -35.57 -21.82 -4.74
N ASN J 183 -35.99 -20.78 -5.47
CA ASN J 183 -36.39 -19.51 -4.85
C ASN J 183 -37.46 -19.75 -3.81
N ASP J 184 -37.26 -19.18 -2.62
CA ASP J 184 -38.23 -19.25 -1.53
C ASP J 184 -38.60 -20.70 -1.15
N SER J 185 -37.58 -21.56 -1.09
CA SER J 185 -37.74 -22.94 -0.68
C SER J 185 -38.18 -22.97 0.79
N ARG J 186 -38.89 -24.03 1.17
CA ARG J 186 -39.25 -24.22 2.56
C ARG J 186 -38.03 -24.69 3.34
N TYR J 187 -37.95 -24.32 4.62
CA TYR J 187 -36.77 -24.57 5.43
C TYR J 187 -36.94 -25.75 6.38
N ALA J 188 -35.82 -26.24 6.88
CA ALA J 188 -35.77 -27.30 7.88
C ALA J 188 -34.76 -26.94 8.96
N LEU J 189 -34.98 -27.46 10.18
CA LEU J 189 -34.12 -27.14 11.32
C LEU J 189 -34.01 -28.32 12.27
N SER J 190 -32.78 -28.63 12.69
CA SER J 190 -32.58 -29.71 13.64
C SER J 190 -32.10 -29.21 15.00
N SER J 191 -32.37 -30.01 16.03
CA SER J 191 -31.78 -29.77 17.36
C SER J 191 -31.52 -31.11 18.04
N ARG J 192 -30.52 -31.14 18.92
CA ARG J 192 -30.20 -32.34 19.67
C ARG J 192 -30.24 -32.05 21.15
N LEU J 193 -30.75 -33.00 21.93
CA LEU J 193 -30.65 -32.97 23.38
C LEU J 193 -30.00 -34.26 23.84
N ARG J 194 -28.88 -34.14 24.55
CA ARG J 194 -28.13 -35.31 25.00
C ARG J 194 -28.12 -35.42 26.52
N VAL J 195 -28.74 -36.48 27.02
CA VAL J 195 -28.74 -36.80 28.44
C VAL J 195 -28.10 -38.17 28.70
N SER J 196 -27.75 -38.42 29.96
CA SER J 196 -27.20 -39.72 30.38
C SER J 196 -28.23 -40.83 30.21
N ALA J 197 -27.77 -42.00 29.76
CA ALA J 197 -28.63 -43.15 29.46
C ALA J 197 -29.65 -43.46 30.56
N THR J 198 -29.19 -43.50 31.80
CA THR J 198 -30.06 -43.80 32.95
C THR J 198 -31.24 -42.85 32.99
N PHE J 199 -30.97 -41.58 32.71
CA PHE J 199 -32.02 -40.56 32.66
C PHE J 199 -33.01 -40.85 31.53
N TRP J 200 -32.49 -41.14 30.34
CA TRP J 200 -33.33 -41.50 29.20
C TRP J 200 -34.06 -42.82 29.45
N GLN J 201 -33.36 -43.79 30.03
CA GLN J 201 -33.95 -45.10 30.31
C GLN J 201 -34.94 -45.09 31.48
N ASN J 202 -35.44 -43.90 31.82
CA ASN J 202 -36.40 -43.73 32.90
C ASN J 202 -37.76 -43.28 32.34
N PRO J 203 -38.72 -44.22 32.24
CA PRO J 203 -40.05 -43.95 31.65
C PRO J 203 -40.89 -42.90 32.38
N ARG J 204 -40.48 -42.50 33.59
CA ARG J 204 -41.16 -41.44 34.33
C ARG J 204 -40.84 -40.06 33.77
N ASN J 205 -39.83 -40.00 32.88
CA ASN J 205 -39.39 -38.75 32.29
C ASN J 205 -40.06 -38.42 30.97
N HIS J 206 -40.45 -37.16 30.81
CA HIS J 206 -41.05 -36.66 29.59
C HIS J 206 -40.06 -35.78 28.83
N PHE J 207 -39.98 -35.98 27.52
CA PHE J 207 -39.13 -35.15 26.67
C PHE J 207 -39.98 -34.45 25.62
N ARG J 208 -39.87 -33.13 25.56
CA ARG J 208 -40.67 -32.33 24.64
C ARG J 208 -39.82 -31.32 23.86
N CYS J 209 -40.05 -31.25 22.56
CA CYS J 209 -39.40 -30.27 21.70
C CYS J 209 -40.47 -29.30 21.18
N GLN J 210 -40.39 -28.05 21.63
CA GLN J 210 -41.34 -27.02 21.21
C GLN J 210 -40.76 -26.07 20.18
N VAL J 211 -41.49 -25.89 19.09
CA VAL J 211 -41.09 -24.98 18.01
C VAL J 211 -42.15 -23.88 17.82
N GLN J 212 -41.77 -22.66 18.18
CA GLN J 212 -42.60 -21.48 17.95
C GLN J 212 -42.40 -21.01 16.53
N PHE J 213 -43.51 -20.82 15.81
CA PHE J 213 -43.48 -20.32 14.45
C PHE J 213 -44.14 -18.95 14.40
N TYR J 214 -43.52 -18.02 13.68
CA TYR J 214 -44.11 -16.71 13.43
C TYR J 214 -44.57 -16.62 11.97
N GLY J 215 -45.89 -16.54 11.79
CA GLY J 215 -46.48 -16.47 10.46
C GLY J 215 -47.44 -15.30 10.37
N LEU J 216 -48.65 -15.57 9.88
CA LEU J 216 -49.64 -14.53 9.71
C LEU J 216 -50.42 -14.22 10.99
N SER J 217 -51.04 -13.05 11.02
CA SER J 217 -51.81 -12.59 12.16
C SER J 217 -53.30 -12.86 11.98
N GLU J 218 -54.08 -12.52 13.00
CA GLU J 218 -55.54 -12.60 12.94
C GLU J 218 -56.06 -11.58 11.93
N ASN J 219 -55.44 -10.41 11.90
CA ASN J 219 -55.80 -9.33 10.99
C ASN J 219 -55.51 -9.64 9.52
N ASP J 220 -54.50 -10.48 9.27
CA ASP J 220 -54.10 -10.86 7.91
C ASP J 220 -55.15 -11.69 7.19
N GLU J 221 -55.34 -11.40 5.91
CA GLU J 221 -56.34 -12.03 5.07
C GLU J 221 -55.89 -13.41 4.58
N TRP J 222 -56.83 -14.34 4.50
CA TRP J 222 -56.56 -15.72 4.03
C TRP J 222 -57.78 -16.35 3.35
N THR J 223 -57.61 -16.75 2.10
CA THR J 223 -58.66 -17.45 1.35
C THR J 223 -58.08 -18.63 0.57
N GLN J 224 -57.70 -19.69 1.28
CA GLN J 224 -57.09 -20.85 0.65
C GLN J 224 -57.65 -22.19 1.13
N ASP J 225 -57.22 -23.27 0.46
CA ASP J 225 -57.69 -24.62 0.74
C ASP J 225 -57.34 -25.04 2.17
N ARG J 226 -56.05 -24.99 2.47
CA ARG J 226 -55.50 -25.40 3.76
C ARG J 226 -55.78 -24.38 4.87
N ALA J 227 -55.37 -24.73 6.09
CA ALA J 227 -55.56 -23.86 7.26
C ALA J 227 -54.65 -22.63 7.19
N LYS J 228 -55.09 -21.56 7.84
CA LYS J 228 -54.41 -20.27 7.86
C LYS J 228 -53.13 -20.35 8.67
N PRO J 229 -51.97 -20.18 8.02
CA PRO J 229 -50.64 -20.40 8.61
C PRO J 229 -50.29 -19.32 9.62
N VAL J 230 -51.01 -19.33 10.74
CA VAL J 230 -50.85 -18.32 11.79
C VAL J 230 -49.73 -18.68 12.75
N THR J 231 -49.20 -17.66 13.43
CA THR J 231 -48.32 -17.81 14.58
C THR J 231 -48.92 -18.88 15.50
N GLN J 232 -48.14 -19.93 15.77
CA GLN J 232 -48.61 -21.09 16.51
C GLN J 232 -47.45 -21.84 17.14
N ILE J 233 -47.76 -22.78 18.03
CA ILE J 233 -46.75 -23.68 18.57
C ILE J 233 -46.99 -25.10 18.07
N VAL J 234 -45.97 -25.66 17.41
CA VAL J 234 -45.99 -27.06 16.99
C VAL J 234 -44.94 -27.81 17.80
N SER J 235 -45.35 -28.93 18.41
CA SER J 235 -44.45 -29.70 19.25
C SER J 235 -44.67 -31.21 19.12
N ALA J 236 -43.61 -31.96 19.37
CA ALA J 236 -43.63 -33.41 19.36
C ALA J 236 -42.96 -33.88 20.65
N GLU J 237 -43.42 -35.00 21.17
CA GLU J 237 -42.99 -35.48 22.49
C GLU J 237 -42.52 -36.92 22.43
N ALA J 238 -41.90 -37.35 23.53
CA ALA J 238 -41.51 -38.74 23.72
C ALA J 238 -41.42 -39.03 25.20
N TRP J 239 -41.51 -40.30 25.55
CA TRP J 239 -41.24 -40.76 26.92
C TRP J 239 -39.97 -41.60 26.93
N GLY J 240 -39.31 -41.67 28.09
CA GLY J 240 -38.11 -42.48 28.26
C GLY J 240 -38.39 -43.97 28.13
N ARG J 241 -37.53 -44.67 27.41
CA ARG J 241 -37.64 -46.12 27.25
C ARG J 241 -36.63 -46.83 28.14
N ALA J 242 -37.11 -47.80 28.91
CA ALA J 242 -36.25 -48.50 29.86
C ALA J 242 -35.41 -49.58 29.19
N ASP J 243 -34.43 -50.09 29.93
CA ASP J 243 -33.53 -51.13 29.45
C ASP J 243 -34.23 -52.49 29.50
N GLY K 1 -4.92 -30.77 15.72
CA GLY K 1 -3.97 -31.25 16.77
C GLY K 1 -3.13 -30.14 17.37
N SER K 2 -2.98 -30.21 18.70
CA SER K 2 -2.22 -29.22 19.46
C SER K 2 -0.72 -29.45 19.35
N HIS K 3 0.04 -28.36 19.33
CA HIS K 3 1.50 -28.42 19.33
C HIS K 3 2.11 -27.50 20.39
N SER K 4 3.37 -27.74 20.72
CA SER K 4 4.06 -26.94 21.72
C SER K 4 5.57 -26.91 21.50
N MET K 5 6.19 -25.79 21.86
CA MET K 5 7.64 -25.69 21.97
C MET K 5 7.98 -25.51 23.45
N ARG K 6 8.99 -26.23 23.92
CA ARG K 6 9.43 -26.14 25.30
C ARG K 6 10.93 -26.11 25.39
N TYR K 7 11.44 -25.38 26.38
CA TYR K 7 12.84 -25.46 26.76
C TYR K 7 12.95 -25.89 28.22
N PHE K 8 13.93 -26.71 28.51
CA PHE K 8 14.14 -27.22 29.87
C PHE K 8 15.54 -26.91 30.32
N TYR K 9 15.65 -26.29 31.49
CA TYR K 9 16.94 -25.93 32.06
C TYR K 9 17.22 -26.67 33.36
N THR K 10 18.48 -27.06 33.52
CA THR K 10 18.98 -27.62 34.77
C THR K 10 20.36 -27.03 35.06
N ALA K 11 20.48 -26.39 36.22
CA ALA K 11 21.75 -25.87 36.69
C ALA K 11 22.10 -26.56 38.01
N MET K 12 23.09 -27.45 37.95
CA MET K 12 23.47 -28.25 39.11
C MET K 12 24.77 -27.77 39.73
N SER K 13 24.68 -27.25 40.96
CA SER K 13 25.88 -26.91 41.73
C SER K 13 26.48 -28.19 42.29
N ARG K 14 27.81 -28.27 42.24
CA ARG K 14 28.55 -29.44 42.71
C ARG K 14 29.84 -29.02 43.44
N PRO K 15 29.71 -28.49 44.68
CA PRO K 15 30.85 -27.91 45.38
C PRO K 15 31.97 -28.92 45.56
N GLY K 16 33.21 -28.47 45.38
CA GLY K 16 34.38 -29.35 45.41
C GLY K 16 34.59 -30.13 44.11
N ARG K 17 33.67 -29.93 43.16
CA ARG K 17 33.78 -30.53 41.83
C ARG K 17 33.77 -29.46 40.74
N GLY K 18 34.16 -28.24 41.11
CA GLY K 18 34.30 -27.14 40.15
C GLY K 18 33.07 -26.28 40.02
N GLU K 19 32.89 -25.72 38.82
CA GLU K 19 31.82 -24.74 38.57
C GLU K 19 30.48 -25.42 38.25
N PRO K 20 29.36 -24.77 38.64
CA PRO K 20 28.01 -25.31 38.45
C PRO K 20 27.66 -25.59 36.98
N ARG K 21 27.10 -26.77 36.75
CA ARG K 21 26.84 -27.29 35.41
C ARG K 21 25.46 -26.88 34.89
N PHE K 22 25.44 -26.25 33.72
CA PHE K 22 24.20 -25.84 33.04
C PHE K 22 23.84 -26.81 31.92
N ILE K 23 22.57 -27.23 31.91
CA ILE K 23 22.05 -28.10 30.85
C ILE K 23 20.75 -27.50 30.29
N ALA K 24 20.68 -27.39 28.97
CA ALA K 24 19.48 -26.88 28.29
C ALA K 24 19.08 -27.80 27.15
N VAL K 25 17.84 -28.31 27.21
CA VAL K 25 17.28 -29.10 26.12
C VAL K 25 16.00 -28.44 25.59
N GLY K 26 15.78 -28.57 24.29
CA GLY K 26 14.61 -27.98 23.65
C GLY K 26 13.74 -29.06 23.03
N TYR K 27 12.43 -28.81 23.03
CA TYR K 27 11.46 -29.79 22.53
C TYR K 27 10.38 -29.17 21.65
N VAL K 28 9.99 -29.92 20.62
CA VAL K 28 8.82 -29.60 19.83
C VAL K 28 7.89 -30.80 20.03
N ASP K 29 6.79 -30.56 20.73
CA ASP K 29 5.91 -31.62 21.23
C ASP K 29 6.74 -32.54 22.13
N ASP K 30 7.08 -33.72 21.63
CA ASP K 30 7.87 -34.69 22.40
C ASP K 30 9.23 -34.96 21.72
N THR K 31 9.59 -34.11 20.76
CA THR K 31 10.81 -34.27 19.98
C THR K 31 11.91 -33.30 20.43
N GLN K 32 12.98 -33.86 20.98
CA GLN K 32 14.20 -33.13 21.27
C GLN K 32 14.88 -32.75 19.95
N PHE K 33 15.25 -31.47 19.83
CA PHE K 33 15.91 -30.96 18.63
C PHE K 33 17.21 -30.23 18.92
N VAL K 34 17.37 -29.79 20.17
CA VAL K 34 18.58 -29.12 20.61
C VAL K 34 18.98 -29.51 22.03
N ARG K 35 20.28 -29.50 22.27
CA ARG K 35 20.82 -29.73 23.59
C ARG K 35 22.09 -28.92 23.78
N PHE K 36 22.26 -28.39 24.98
CA PHE K 36 23.49 -27.71 25.37
C PHE K 36 23.92 -28.22 26.74
N ASP K 37 25.21 -28.53 26.85
CA ASP K 37 25.79 -28.96 28.11
C ASP K 37 27.07 -28.19 28.37
N SER K 38 27.19 -27.64 29.57
CA SER K 38 28.36 -26.84 29.96
C SER K 38 29.63 -27.68 30.06
N ASP K 39 29.47 -28.94 30.47
CA ASP K 39 30.61 -29.85 30.65
C ASP K 39 31.37 -30.18 29.37
N ALA K 40 30.65 -30.27 28.26
CA ALA K 40 31.24 -30.66 26.95
C ALA K 40 32.52 -29.88 26.64
N ALA K 41 33.45 -30.55 25.94
CA ALA K 41 34.76 -29.99 25.62
C ALA K 41 34.69 -28.58 25.00
N SER K 42 33.91 -28.45 23.94
CA SER K 42 33.62 -27.15 23.33
C SER K 42 32.11 -26.88 23.42
N PRO K 43 31.68 -26.25 24.53
CA PRO K 43 30.26 -26.04 24.81
C PRO K 43 29.53 -25.35 23.65
N ARG K 44 28.95 -26.15 22.77
CA ARG K 44 28.21 -25.65 21.62
C ARG K 44 26.82 -26.25 21.60
N THR K 45 25.90 -25.59 20.90
CA THR K 45 24.55 -26.11 20.71
C THR K 45 24.61 -27.23 19.69
N GLU K 46 24.08 -28.39 20.08
CA GLU K 46 24.10 -29.59 19.25
C GLU K 46 22.66 -29.99 18.88
N PRO K 47 22.44 -30.37 17.62
CA PRO K 47 21.14 -30.82 17.09
C PRO K 47 20.80 -32.25 17.48
N ARG K 48 19.51 -32.59 17.47
CA ARG K 48 19.05 -33.94 17.86
C ARG K 48 17.99 -34.54 16.93
N ALA K 49 17.40 -33.70 16.07
CA ALA K 49 16.37 -34.13 15.13
C ALA K 49 16.74 -33.68 13.71
N PRO K 50 16.48 -34.54 12.70
CA PRO K 50 16.95 -34.26 11.33
C PRO K 50 16.51 -32.90 10.77
N TRP K 51 15.30 -32.47 11.11
CA TRP K 51 14.75 -31.20 10.62
C TRP K 51 15.50 -29.96 11.10
N ILE K 52 16.27 -30.09 12.17
CA ILE K 52 16.97 -28.95 12.75
C ILE K 52 18.37 -28.71 12.15
N GLU K 53 18.91 -29.74 11.50
CA GLU K 53 20.26 -29.71 10.93
C GLU K 53 20.39 -28.81 9.69
N GLN K 54 19.28 -28.26 9.21
CA GLN K 54 19.26 -27.43 8.01
C GLN K 54 19.43 -25.92 8.28
N GLU K 55 19.52 -25.55 9.56
CA GLU K 55 19.66 -24.15 9.96
C GLU K 55 21.10 -23.68 9.80
N GLY K 56 21.27 -22.50 9.20
CA GLY K 56 22.60 -21.93 8.93
C GLY K 56 23.44 -21.65 10.16
N PRO K 57 24.78 -21.50 9.97
CA PRO K 57 25.70 -21.28 11.09
C PRO K 57 25.25 -20.17 12.03
N GLU K 58 24.77 -19.07 11.45
CA GLU K 58 24.23 -17.94 12.22
C GLU K 58 23.29 -18.42 13.34
N TYR K 59 22.42 -19.38 13.02
CA TYR K 59 21.48 -19.95 13.98
C TYR K 59 22.19 -20.58 15.17
N TRP K 60 23.23 -21.35 14.88
CA TRP K 60 23.96 -22.12 15.90
C TRP K 60 24.80 -21.21 16.78
N ASP K 61 25.37 -20.18 16.19
CA ASP K 61 26.11 -19.14 16.92
C ASP K 61 25.17 -18.40 17.88
N ARG K 62 23.95 -18.17 17.44
CA ARG K 62 22.94 -17.48 18.22
C ARG K 62 22.45 -18.32 19.40
N ASN K 63 22.23 -19.61 19.16
CA ASN K 63 21.81 -20.53 20.23
C ASN K 63 22.89 -20.75 21.28
N THR K 64 24.10 -21.05 20.80
CA THR K 64 25.26 -21.25 21.68
C THR K 64 25.58 -19.99 22.51
N GLN K 65 25.54 -18.84 21.86
CA GLN K 65 25.76 -17.56 22.52
C GLN K 65 24.81 -17.42 23.71
N ILE K 66 23.52 -17.63 23.46
CA ILE K 66 22.48 -17.53 24.48
C ILE K 66 22.70 -18.52 25.63
N PHE K 67 23.05 -19.76 25.30
CA PHE K 67 23.21 -20.79 26.34
C PHE K 67 24.48 -20.62 27.19
N LYS K 68 25.57 -20.17 26.57
CA LYS K 68 26.80 -19.81 27.29
C LYS K 68 26.55 -18.59 28.16
N THR K 69 25.63 -17.75 27.71
CA THR K 69 25.18 -16.58 28.45
C THR K 69 24.26 -16.98 29.61
N ASN K 70 23.40 -17.97 29.38
CA ASN K 70 22.55 -18.50 30.45
C ASN K 70 23.38 -19.20 31.53
N THR K 71 24.44 -19.88 31.10
CA THR K 71 25.38 -20.58 31.99
C THR K 71 25.87 -19.69 33.14
N GLN K 72 26.37 -18.49 32.80
CA GLN K 72 26.81 -17.51 33.80
C GLN K 72 25.68 -17.07 34.71
N THR K 73 24.57 -16.67 34.10
CA THR K 73 23.39 -16.15 34.80
C THR K 73 22.88 -17.14 35.85
N TYR K 74 22.84 -18.42 35.47
CA TYR K 74 22.36 -19.46 36.37
C TYR K 74 23.36 -19.79 37.49
N ARG K 75 24.65 -19.59 37.22
CA ARG K 75 25.67 -19.68 38.27
C ARG K 75 25.51 -18.52 39.27
N GLU K 76 25.21 -17.34 38.73
CA GLU K 76 24.94 -16.15 39.54
C GLU K 76 23.71 -16.39 40.42
N SER K 77 22.68 -16.99 39.83
CA SER K 77 21.43 -17.31 40.52
C SER K 77 21.64 -18.36 41.61
N LEU K 78 22.48 -19.35 41.32
CA LEU K 78 22.77 -20.43 42.27
C LEU K 78 23.51 -19.92 43.51
N ARG K 79 24.22 -18.80 43.36
CA ARG K 79 24.83 -18.13 44.50
C ARG K 79 23.80 -17.25 45.19
N ASN K 80 22.96 -16.58 44.40
CA ASN K 80 21.86 -15.78 44.93
C ASN K 80 20.94 -16.58 45.86
N LEU K 81 20.43 -17.71 45.36
CA LEU K 81 19.48 -18.52 46.12
C LEU K 81 20.09 -19.16 47.36
N ARG K 82 21.34 -19.62 47.26
CA ARG K 82 22.07 -20.12 48.41
C ARG K 82 22.19 -19.04 49.49
N GLY K 83 22.38 -17.80 49.03
CA GLY K 83 22.42 -16.64 49.92
C GLY K 83 21.07 -16.25 50.51
N TYR K 84 19.99 -16.58 49.81
CA TYR K 84 18.63 -16.25 50.26
C TYR K 84 18.18 -17.11 51.43
N TYR K 85 18.34 -18.43 51.28
CA TYR K 85 17.94 -19.40 52.28
C TYR K 85 18.99 -19.54 53.39
N ASN K 86 20.12 -18.85 53.22
CA ASN K 86 21.30 -19.01 54.07
C ASN K 86 21.80 -20.45 54.19
N GLN K 87 21.83 -21.16 53.06
CA GLN K 87 22.36 -22.51 52.99
C GLN K 87 23.88 -22.49 52.83
N SER K 88 24.55 -23.55 53.25
CA SER K 88 26.01 -23.60 53.22
C SER K 88 26.57 -23.82 51.81
N GLU K 89 27.82 -23.40 51.62
CA GLU K 89 28.57 -23.59 50.39
C GLU K 89 28.75 -25.06 50.03
N ALA K 90 28.51 -25.96 50.99
CA ALA K 90 28.79 -27.39 50.83
C ALA K 90 27.70 -28.18 50.11
N GLY K 91 26.44 -27.84 50.37
CA GLY K 91 25.28 -28.55 49.81
C GLY K 91 25.17 -28.51 48.30
N SER K 92 24.54 -29.54 47.73
CA SER K 92 24.34 -29.63 46.28
C SER K 92 22.93 -29.21 45.91
N HIS K 93 22.82 -28.10 45.18
CA HIS K 93 21.52 -27.49 44.86
C HIS K 93 21.23 -27.43 43.36
N ILE K 94 19.94 -27.44 43.01
CA ILE K 94 19.49 -27.46 41.61
C ILE K 94 18.39 -26.42 41.34
N ILE K 95 18.61 -25.61 40.32
CA ILE K 95 17.55 -24.74 39.79
C ILE K 95 17.04 -25.36 38.49
N GLN K 96 15.73 -25.56 38.41
CA GLN K 96 15.10 -26.04 37.19
C GLN K 96 14.18 -25.00 36.59
N ARG K 97 14.17 -24.93 35.26
CA ARG K 97 13.29 -24.02 34.54
C ARG K 97 12.68 -24.69 33.31
N MET K 98 11.37 -24.54 33.19
CA MET K 98 10.64 -24.96 31.98
C MET K 98 9.75 -23.81 31.53
N TYR K 99 9.86 -23.45 30.27
CA TYR K 99 9.03 -22.41 29.67
C TYR K 99 8.64 -22.82 28.24
N GLY K 100 7.59 -22.20 27.71
CA GLY K 100 7.17 -22.47 26.34
C GLY K 100 5.76 -22.04 25.98
N CYS K 101 5.41 -22.25 24.70
CA CYS K 101 4.09 -21.85 24.19
C CYS K 101 3.30 -22.99 23.55
N ASP K 102 2.01 -23.08 23.93
CA ASP K 102 1.09 -24.04 23.36
C ASP K 102 0.34 -23.48 22.15
N LEU K 103 0.21 -24.29 21.11
CA LEU K 103 -0.61 -23.95 19.94
C LEU K 103 -1.80 -24.90 19.83
N GLY K 104 -2.99 -24.32 19.65
CA GLY K 104 -4.22 -25.09 19.47
C GLY K 104 -4.36 -25.78 18.12
N PRO K 105 -5.34 -26.70 18.00
CA PRO K 105 -5.62 -27.52 16.81
C PRO K 105 -5.81 -26.75 15.49
N ASP K 106 -5.85 -25.43 15.55
CA ASP K 106 -5.84 -24.62 14.32
C ASP K 106 -5.00 -23.35 14.43
N GLY K 107 -3.75 -23.50 14.85
CA GLY K 107 -2.70 -22.51 14.63
C GLY K 107 -2.57 -21.32 15.56
N ARG K 108 -3.52 -21.15 16.48
CA ARG K 108 -3.50 -20.00 17.39
C ARG K 108 -2.78 -20.36 18.68
N LEU K 109 -2.19 -19.35 19.33
CA LEU K 109 -1.51 -19.52 20.60
C LEU K 109 -2.50 -19.88 21.70
N LEU K 110 -2.30 -21.05 22.30
CA LEU K 110 -3.18 -21.55 23.33
C LEU K 110 -2.86 -20.94 24.68
N ARG K 111 -1.60 -21.04 25.10
CA ARG K 111 -1.15 -20.45 26.36
C ARG K 111 0.37 -20.42 26.53
N GLY K 112 0.84 -19.59 27.45
CA GLY K 112 2.27 -19.43 27.72
C GLY K 112 2.71 -19.87 29.11
N HIS K 113 3.76 -20.68 29.16
CA HIS K 113 4.27 -21.24 30.43
C HIS K 113 5.66 -20.72 30.76
N ASP K 114 5.90 -20.47 32.05
CA ASP K 114 7.24 -20.26 32.60
C ASP K 114 7.29 -20.62 34.08
N GLN K 115 7.92 -21.75 34.39
CA GLN K 115 8.00 -22.26 35.75
C GLN K 115 9.43 -22.45 36.20
N SER K 116 9.73 -22.05 37.43
CA SER K 116 11.04 -22.26 38.02
C SER K 116 10.91 -22.93 39.39
N ALA K 117 11.83 -23.86 39.68
CA ALA K 117 11.83 -24.58 40.94
C ALA K 117 13.22 -24.69 41.55
N TYR K 118 13.27 -24.70 42.88
CA TYR K 118 14.53 -24.81 43.63
C TYR K 118 14.55 -26.04 44.52
N ASP K 119 15.53 -26.92 44.28
CA ASP K 119 15.66 -28.20 44.99
C ASP K 119 14.42 -29.10 44.87
N GLY K 120 13.74 -29.04 43.72
CA GLY K 120 12.58 -29.87 43.45
C GLY K 120 11.30 -29.36 44.09
N LYS K 121 11.30 -28.07 44.42
CA LYS K 121 10.15 -27.40 45.00
C LYS K 121 9.80 -26.18 44.16
N ASP K 122 8.54 -26.09 43.72
CA ASP K 122 8.05 -24.91 43.02
C ASP K 122 8.60 -23.64 43.68
N TYR K 123 9.29 -22.82 42.90
CA TYR K 123 9.93 -21.61 43.41
C TYR K 123 9.16 -20.37 42.98
N ILE K 124 9.21 -20.06 41.68
CA ILE K 124 8.52 -18.89 41.14
C ILE K 124 7.98 -19.22 39.74
N ALA K 125 6.82 -18.65 39.42
CA ALA K 125 6.12 -18.96 38.16
C ALA K 125 5.38 -17.75 37.59
N LEU K 126 5.44 -17.61 36.27
CA LEU K 126 4.71 -16.55 35.58
C LEU K 126 3.22 -16.89 35.58
N ASN K 127 2.40 -15.88 35.83
CA ASN K 127 0.95 -16.03 35.78
C ASN K 127 0.42 -16.13 34.34
N GLU K 128 -0.82 -16.59 34.20
CA GLU K 128 -1.46 -16.71 32.89
C GLU K 128 -1.52 -15.38 32.13
N ASP K 129 -1.78 -14.29 32.84
CA ASP K 129 -1.84 -12.97 32.21
C ASP K 129 -0.47 -12.44 31.76
N LEU K 130 0.57 -13.23 32.05
CA LEU K 130 1.96 -12.96 31.63
C LEU K 130 2.48 -11.56 32.02
N SER K 131 2.00 -11.05 33.15
CA SER K 131 2.35 -9.72 33.64
C SER K 131 2.77 -9.73 35.10
N SER K 132 2.43 -10.82 35.80
CA SER K 132 2.73 -10.96 37.23
C SER K 132 3.32 -12.33 37.57
N TRP K 133 3.95 -12.43 38.73
CA TRP K 133 4.60 -13.68 39.18
C TRP K 133 3.96 -14.20 40.45
N THR K 134 3.96 -15.53 40.59
CA THR K 134 3.53 -16.19 41.82
C THR K 134 4.73 -16.79 42.54
N ALA K 135 5.13 -16.14 43.64
CA ALA K 135 6.28 -16.59 44.43
C ALA K 135 5.84 -17.49 45.58
N ALA K 136 6.58 -18.58 45.78
CA ALA K 136 6.26 -19.57 46.81
C ALA K 136 6.59 -19.08 48.22
N ASP K 137 7.87 -18.85 48.49
CA ASP K 137 8.32 -18.40 49.81
C ASP K 137 8.86 -16.97 49.84
N THR K 138 9.55 -16.61 50.92
CA THR K 138 10.14 -15.28 51.07
C THR K 138 11.38 -15.09 50.22
N ALA K 139 12.09 -16.19 49.96
CA ALA K 139 13.26 -16.16 49.07
C ALA K 139 12.85 -15.81 47.65
N ALA K 140 11.71 -16.34 47.21
CA ALA K 140 11.19 -16.12 45.86
C ALA K 140 10.57 -14.73 45.67
N GLN K 141 10.17 -14.10 46.77
CA GLN K 141 9.63 -12.74 46.74
C GLN K 141 10.74 -11.70 46.56
N ILE K 142 11.97 -12.08 46.93
CA ILE K 142 13.17 -11.29 46.63
C ILE K 142 13.43 -11.37 45.12
N THR K 143 13.42 -12.58 44.58
CA THR K 143 13.51 -12.82 43.15
C THR K 143 12.41 -12.03 42.43
N GLN K 144 11.22 -12.02 43.02
CA GLN K 144 10.05 -11.36 42.45
C GLN K 144 10.25 -9.85 42.27
N ARG K 145 10.70 -9.17 43.32
CA ARG K 145 10.87 -7.72 43.28
C ARG K 145 12.06 -7.25 42.44
N LYS K 146 13.09 -8.09 42.34
CA LYS K 146 14.19 -7.83 41.41
C LYS K 146 13.70 -7.92 39.98
N TRP K 147 12.87 -8.93 39.72
CA TRP K 147 12.32 -9.20 38.39
C TRP K 147 11.27 -8.18 37.96
N GLU K 148 10.61 -7.55 38.93
CA GLU K 148 9.66 -6.48 38.68
C GLU K 148 10.38 -5.18 38.34
N ALA K 149 11.45 -4.89 39.07
CA ALA K 149 12.26 -3.68 38.83
C ALA K 149 13.04 -3.77 37.52
N ALA K 150 13.26 -4.99 37.04
CA ALA K 150 13.89 -5.22 35.74
C ALA K 150 12.87 -5.46 34.61
N ARG K 151 11.59 -5.49 34.98
CA ARG K 151 10.49 -5.79 34.04
C ARG K 151 10.72 -7.07 33.24
N VAL K 152 10.79 -8.19 33.96
CA VAL K 152 11.06 -9.49 33.36
C VAL K 152 9.81 -10.10 32.72
N ALA K 153 8.64 -9.71 33.20
CA ALA K 153 7.36 -10.19 32.67
C ALA K 153 7.16 -9.82 31.20
N GLU K 154 7.52 -8.58 30.83
CA GLU K 154 7.41 -8.12 29.46
C GLU K 154 8.36 -8.87 28.54
N GLN K 155 9.56 -9.15 29.05
CA GLN K 155 10.60 -9.88 28.34
C GLN K 155 10.10 -11.25 27.90
N LEU K 156 9.36 -11.89 28.79
CA LEU K 156 8.75 -13.19 28.49
C LEU K 156 7.49 -13.07 27.67
N ARG K 157 6.66 -12.09 27.99
CA ARG K 157 5.40 -11.89 27.28
C ARG K 157 5.67 -11.50 25.84
N ALA K 158 6.85 -10.92 25.62
CA ALA K 158 7.32 -10.58 24.29
C ALA K 158 7.73 -11.84 23.55
N TYR K 159 8.13 -12.84 24.31
CA TYR K 159 8.74 -14.03 23.75
C TYR K 159 7.71 -15.13 23.52
N LEU K 160 6.86 -15.36 24.51
CA LEU K 160 5.84 -16.40 24.43
C LEU K 160 4.83 -16.02 23.36
N GLU K 161 4.29 -14.82 23.45
CA GLU K 161 3.36 -14.30 22.45
C GLU K 161 4.02 -14.04 21.09
N GLY K 162 5.36 -14.01 21.07
CA GLY K 162 6.09 -13.54 19.89
C GLY K 162 7.04 -14.51 19.24
N LEU K 163 8.31 -14.45 19.66
CA LEU K 163 9.39 -15.27 19.09
C LEU K 163 9.12 -16.77 19.21
N CYS K 164 8.44 -17.17 20.29
CA CYS K 164 8.05 -18.55 20.47
C CYS K 164 7.19 -18.99 19.30
N VAL K 165 6.03 -18.34 19.15
CA VAL K 165 5.05 -18.70 18.13
C VAL K 165 5.65 -18.75 16.73
N GLU K 166 6.35 -17.68 16.34
CA GLU K 166 6.99 -17.59 15.03
C GLU K 166 7.84 -18.81 14.69
N TRP K 167 8.83 -19.10 15.55
CA TRP K 167 9.79 -20.17 15.30
C TRP K 167 9.19 -21.58 15.39
N LEU K 168 8.17 -21.75 16.22
CA LEU K 168 7.47 -23.04 16.31
C LEU K 168 6.76 -23.35 14.99
N ARG K 169 6.13 -22.35 14.40
CA ARG K 169 5.54 -22.46 13.06
C ARG K 169 6.60 -22.98 12.11
N ARG K 170 7.74 -22.31 12.14
CA ARG K 170 8.88 -22.59 11.26
C ARG K 170 9.38 -24.02 11.41
N TYR K 171 9.44 -24.51 12.65
CA TYR K 171 9.84 -25.89 12.90
C TYR K 171 8.75 -26.88 12.48
N LEU K 172 7.49 -26.53 12.72
CA LEU K 172 6.35 -27.37 12.31
C LEU K 172 6.23 -27.47 10.79
N GLU K 173 6.83 -26.51 10.09
CA GLU K 173 6.88 -26.54 8.63
C GLU K 173 8.09 -27.33 8.12
N ASN K 174 9.27 -27.05 8.69
CA ASN K 174 10.50 -27.77 8.32
C ASN K 174 10.39 -29.28 8.46
N GLY K 175 10.00 -29.74 9.65
CA GLY K 175 9.83 -31.16 9.92
C GLY K 175 8.38 -31.61 9.91
N LYS K 176 7.62 -31.14 8.92
CA LYS K 176 6.19 -31.43 8.78
C LYS K 176 5.86 -32.94 8.71
N GLU K 177 6.81 -33.72 8.21
CA GLU K 177 6.59 -35.14 7.95
C GLU K 177 6.65 -36.03 9.20
N THR K 178 7.47 -35.62 10.16
CA THR K 178 7.68 -36.42 11.39
C THR K 178 6.96 -35.84 12.62
N LEU K 179 6.56 -34.58 12.54
CA LEU K 179 5.93 -33.88 13.67
C LEU K 179 4.43 -33.64 13.50
N GLN K 180 3.98 -33.57 12.25
CA GLN K 180 2.56 -33.35 11.96
C GLN K 180 1.80 -34.67 11.82
N ARG K 181 2.41 -35.62 11.12
CA ARG K 181 1.88 -36.98 11.03
C ARG K 181 2.09 -37.68 12.37
N ALA K 182 1.09 -38.43 12.80
CA ALA K 182 1.13 -39.14 14.07
C ALA K 182 1.32 -40.64 13.88
N ASP K 183 2.25 -41.22 14.64
CA ASP K 183 2.51 -42.65 14.58
C ASP K 183 1.44 -43.46 15.29
N PRO K 184 0.77 -44.37 14.55
CA PRO K 184 -0.21 -45.27 15.17
C PRO K 184 0.47 -46.30 16.06
N PRO K 185 -0.13 -46.63 17.22
CA PRO K 185 0.39 -47.69 18.07
C PRO K 185 0.09 -49.08 17.51
N LYS K 186 1.11 -49.91 17.38
CA LYS K 186 0.94 -51.31 16.94
C LYS K 186 0.52 -52.17 18.12
N THR K 187 -0.76 -52.55 18.13
CA THR K 187 -1.36 -53.22 19.28
C THR K 187 -1.67 -54.71 19.05
N HIS K 188 -1.32 -55.52 20.05
CA HIS K 188 -1.58 -56.95 20.04
C HIS K 188 -1.56 -57.50 21.47
N VAL K 189 -2.52 -58.37 21.78
CA VAL K 189 -2.69 -58.90 23.14
C VAL K 189 -2.03 -60.29 23.27
N THR K 190 -1.25 -60.47 24.34
CA THR K 190 -0.50 -61.70 24.57
C THR K 190 -1.08 -62.55 25.69
N HIS K 191 -0.89 -63.86 25.60
CA HIS K 191 -1.41 -64.80 26.59
C HIS K 191 -0.41 -65.03 27.72
N HIS K 192 -0.89 -64.92 28.96
CA HIS K 192 -0.04 -65.03 30.15
C HIS K 192 -0.77 -65.73 31.30
N PRO K 193 -0.80 -67.08 31.30
CA PRO K 193 -1.39 -67.81 32.42
C PRO K 193 -0.50 -67.74 33.66
N VAL K 194 -1.07 -67.29 34.78
CA VAL K 194 -0.31 -67.09 36.02
C VAL K 194 -0.63 -68.10 37.12
N SER K 195 -1.91 -68.42 37.28
CA SER K 195 -2.36 -69.31 38.35
C SER K 195 -3.41 -70.33 37.89
N ASP K 196 -3.47 -71.45 38.62
CA ASP K 196 -4.50 -72.46 38.42
C ASP K 196 -5.83 -72.03 39.07
N HIS K 197 -5.88 -70.76 39.46
CA HIS K 197 -7.09 -70.13 40.02
C HIS K 197 -7.44 -68.86 39.24
N GLU K 198 -6.42 -68.12 38.81
CA GLU K 198 -6.61 -66.84 38.12
C GLU K 198 -5.67 -66.69 36.91
N ALA K 199 -6.12 -65.94 35.91
CA ALA K 199 -5.32 -65.65 34.71
C ALA K 199 -4.92 -64.18 34.67
N THR K 200 -3.99 -63.85 33.77
CA THR K 200 -3.55 -62.46 33.56
C THR K 200 -3.59 -62.09 32.08
N LEU K 201 -4.36 -61.05 31.75
CA LEU K 201 -4.44 -60.53 30.39
C LEU K 201 -3.56 -59.29 30.25
N ARG K 202 -2.64 -59.33 29.29
CA ARG K 202 -1.69 -58.23 29.08
C ARG K 202 -1.88 -57.56 27.72
N CYS K 203 -2.38 -56.33 27.77
CA CYS K 203 -2.56 -55.50 26.58
C CYS K 203 -1.25 -54.79 26.26
N TRP K 204 -0.74 -54.97 25.04
CA TRP K 204 0.53 -54.36 24.62
C TRP K 204 0.36 -53.19 23.66
N ALA K 205 1.25 -52.21 23.78
CA ALA K 205 1.27 -51.04 22.90
C ALA K 205 2.68 -50.47 22.80
N LEU K 206 3.23 -50.44 21.59
CA LEU K 206 4.57 -49.91 21.35
C LEU K 206 4.72 -49.24 19.99
N GLY K 207 5.69 -48.32 19.89
CA GLY K 207 6.00 -47.65 18.63
C GLY K 207 5.06 -46.53 18.27
N PHE K 208 4.71 -45.70 19.24
CA PHE K 208 3.78 -44.59 19.03
C PHE K 208 4.34 -43.23 19.45
N TYR K 209 3.85 -42.18 18.79
CA TYR K 209 4.18 -40.80 19.10
C TYR K 209 2.89 -40.01 18.91
N PRO K 210 2.56 -39.12 19.87
CA PRO K 210 3.28 -38.74 21.08
C PRO K 210 3.13 -39.72 22.24
N ALA K 211 3.59 -39.32 23.43
CA ALA K 211 3.50 -40.13 24.64
C ALA K 211 2.09 -40.20 25.23
N GLU K 212 1.18 -39.41 24.66
CA GLU K 212 -0.21 -39.39 25.12
C GLU K 212 -0.98 -40.61 24.61
N ILE K 213 -1.47 -41.41 25.56
CA ILE K 213 -2.24 -42.63 25.29
C ILE K 213 -2.99 -43.08 26.55
N THR K 214 -4.10 -43.78 26.36
CA THR K 214 -4.83 -44.40 27.46
C THR K 214 -5.19 -45.84 27.09
N LEU K 215 -4.78 -46.79 27.94
CA LEU K 215 -5.19 -48.19 27.80
C LEU K 215 -6.11 -48.57 28.95
N THR K 216 -7.32 -49.03 28.61
CA THR K 216 -8.31 -49.42 29.61
C THR K 216 -8.79 -50.86 29.39
N TRP K 217 -9.21 -51.51 30.47
CA TRP K 217 -9.82 -52.84 30.41
C TRP K 217 -11.26 -52.81 30.91
N GLN K 218 -12.18 -53.27 30.08
CA GLN K 218 -13.61 -53.25 30.40
C GLN K 218 -14.14 -54.63 30.77
N ARG K 219 -14.86 -54.70 31.88
CA ARG K 219 -15.61 -55.90 32.25
C ARG K 219 -16.99 -55.84 31.59
N ASP K 220 -17.03 -56.20 30.31
CA ASP K 220 -18.24 -56.18 29.49
C ASP K 220 -18.94 -54.82 29.53
N GLY K 221 -18.26 -53.80 29.01
CA GLY K 221 -18.81 -52.44 28.96
C GLY K 221 -18.17 -51.48 29.95
N GLU K 222 -18.31 -51.78 31.24
CA GLU K 222 -17.75 -50.92 32.29
C GLU K 222 -16.33 -51.32 32.65
N ASP K 223 -15.45 -50.32 32.78
CA ASP K 223 -14.02 -50.53 32.98
C ASP K 223 -13.66 -50.97 34.39
N GLN K 224 -12.71 -51.90 34.48
CA GLN K 224 -12.15 -52.34 35.76
C GLN K 224 -10.98 -51.46 36.17
N THR K 225 -11.27 -50.20 36.49
CA THR K 225 -10.25 -49.23 36.87
C THR K 225 -9.80 -49.43 38.32
N GLN K 226 -9.26 -50.62 38.60
CA GLN K 226 -8.58 -50.95 39.86
C GLN K 226 -7.74 -52.21 39.70
N ASP K 227 -8.38 -53.31 39.30
CA ASP K 227 -7.70 -54.59 39.09
C ASP K 227 -6.67 -54.51 37.96
N THR K 228 -6.55 -53.32 37.37
CA THR K 228 -5.66 -53.07 36.24
C THR K 228 -4.27 -52.57 36.65
N GLU K 229 -3.28 -53.44 36.48
CA GLU K 229 -1.87 -53.09 36.68
C GLU K 229 -1.40 -52.30 35.47
N LEU K 230 -1.32 -50.97 35.65
CA LEU K 230 -1.01 -50.04 34.58
C LEU K 230 0.36 -49.39 34.80
N VAL K 231 1.21 -49.44 33.79
CA VAL K 231 2.58 -48.91 33.90
C VAL K 231 2.71 -47.50 33.32
N GLU K 232 3.82 -46.85 33.68
CA GLU K 232 4.16 -45.52 33.17
C GLU K 232 4.75 -45.64 31.76
N THR K 233 4.35 -44.72 30.88
CA THR K 233 4.81 -44.70 29.49
C THR K 233 6.34 -44.55 29.41
N ARG K 234 6.97 -45.44 28.66
CA ARG K 234 8.43 -45.46 28.51
C ARG K 234 8.89 -45.19 27.08
N PRO K 235 10.03 -44.49 26.91
CA PRO K 235 10.61 -44.31 25.58
C PRO K 235 11.24 -45.60 25.05
N ALA K 236 10.95 -45.92 23.79
CA ALA K 236 11.51 -47.09 23.13
C ALA K 236 12.98 -46.87 22.80
N GLY K 237 13.34 -45.61 22.57
CA GLY K 237 14.72 -45.23 22.25
C GLY K 237 14.88 -44.65 20.86
N ASP K 238 13.83 -44.74 20.05
CA ASP K 238 13.86 -44.29 18.67
C ASP K 238 12.75 -43.27 18.35
N ARG K 239 12.53 -42.32 19.26
CA ARG K 239 11.50 -41.27 19.10
C ARG K 239 10.07 -41.82 19.26
N THR K 240 9.95 -43.09 19.67
CA THR K 240 8.65 -43.73 19.88
C THR K 240 8.49 -44.20 21.33
N PHE K 241 7.25 -44.42 21.75
CA PHE K 241 6.95 -44.73 23.14
C PHE K 241 6.22 -46.07 23.32
N GLN K 242 6.20 -46.58 24.55
CA GLN K 242 5.66 -47.90 24.87
C GLN K 242 4.79 -47.88 26.13
N LYS K 243 3.82 -48.79 26.21
CA LYS K 243 2.89 -48.88 27.35
C LYS K 243 2.18 -50.25 27.39
N TRP K 244 1.83 -50.69 28.60
CA TRP K 244 1.04 -51.92 28.78
C TRP K 244 0.21 -51.96 30.07
N ALA K 245 -1.00 -52.52 29.96
CA ALA K 245 -1.90 -52.68 31.10
C ALA K 245 -2.21 -54.16 31.34
N ALA K 246 -2.15 -54.57 32.60
CA ALA K 246 -2.46 -55.96 32.97
C ALA K 246 -3.61 -56.03 33.97
N VAL K 247 -4.52 -56.97 33.76
CA VAL K 247 -5.64 -57.18 34.67
C VAL K 247 -5.81 -58.67 35.01
N VAL K 248 -5.97 -58.96 36.31
CA VAL K 248 -6.10 -60.34 36.79
C VAL K 248 -7.57 -60.78 36.72
N VAL K 249 -7.87 -61.63 35.74
CA VAL K 249 -9.24 -62.11 35.51
C VAL K 249 -9.37 -63.62 35.74
N PRO K 250 -10.53 -64.07 36.25
CA PRO K 250 -10.76 -65.50 36.57
C PRO K 250 -10.64 -66.43 35.35
N SER K 251 -10.20 -67.65 35.61
CA SER K 251 -9.98 -68.65 34.56
C SER K 251 -11.27 -69.04 33.85
N GLY K 252 -11.22 -69.10 32.53
CA GLY K 252 -12.38 -69.39 31.70
C GLY K 252 -13.02 -68.13 31.15
N GLU K 253 -13.33 -67.20 32.06
CA GLU K 253 -13.92 -65.92 31.69
C GLU K 253 -12.84 -64.96 31.18
N GLU K 254 -12.39 -65.21 29.96
CA GLU K 254 -11.30 -64.43 29.35
C GLU K 254 -11.82 -63.58 28.20
N GLN K 255 -12.98 -63.98 27.65
CA GLN K 255 -13.55 -63.35 26.47
C GLN K 255 -14.48 -62.19 26.81
N ARG K 256 -14.69 -62.00 28.11
CA ARG K 256 -15.48 -60.88 28.64
C ARG K 256 -14.74 -59.55 28.47
N TYR K 257 -13.44 -59.58 28.70
CA TYR K 257 -12.64 -58.37 28.86
C TYR K 257 -12.10 -57.79 27.55
N THR K 258 -12.21 -56.46 27.42
CA THR K 258 -11.82 -55.75 26.20
C THR K 258 -10.82 -54.62 26.50
N CYS K 259 -9.78 -54.50 25.69
CA CYS K 259 -8.79 -53.42 25.83
C CYS K 259 -9.06 -52.30 24.82
N HIS K 260 -9.30 -51.10 25.35
CA HIS K 260 -9.56 -49.92 24.52
C HIS K 260 -8.30 -49.07 24.37
N VAL K 261 -7.96 -48.76 23.12
CA VAL K 261 -6.76 -47.98 22.80
C VAL K 261 -7.18 -46.61 22.26
N GLN K 262 -6.68 -45.56 22.89
CA GLN K 262 -6.98 -44.19 22.46
C GLN K 262 -5.69 -43.38 22.24
N HIS K 263 -5.49 -42.96 20.99
CA HIS K 263 -4.28 -42.25 20.59
C HIS K 263 -4.58 -41.31 19.43
N GLU K 264 -3.77 -40.26 19.30
CA GLU K 264 -3.86 -39.32 18.17
C GLU K 264 -3.55 -40.03 16.85
N GLY K 265 -2.71 -41.06 16.91
CA GLY K 265 -2.35 -41.88 15.75
C GLY K 265 -3.51 -42.68 15.19
N LEU K 266 -4.49 -42.96 16.05
CA LEU K 266 -5.67 -43.75 15.67
C LEU K 266 -6.79 -42.86 15.15
N PRO K 267 -7.28 -43.15 13.91
CA PRO K 267 -8.45 -42.45 13.38
C PRO K 267 -9.71 -42.75 14.19
N LYS K 268 -9.90 -44.01 14.53
CA LYS K 268 -11.03 -44.45 15.35
C LYS K 268 -10.51 -45.30 16.52
N PRO K 269 -11.03 -45.06 17.75
CA PRO K 269 -10.65 -45.85 18.92
C PRO K 269 -10.83 -47.35 18.67
N LEU K 270 -9.84 -48.15 19.05
CA LEU K 270 -9.86 -49.58 18.76
C LEU K 270 -10.10 -50.46 19.99
N THR K 271 -10.98 -51.45 19.84
CA THR K 271 -11.32 -52.42 20.88
C THR K 271 -10.70 -53.78 20.55
N LEU K 272 -9.94 -54.33 21.51
CA LEU K 272 -9.28 -55.62 21.32
C LEU K 272 -9.35 -56.52 22.55
N ARG K 273 -9.77 -57.77 22.33
CA ARG K 273 -9.76 -58.80 23.36
C ARG K 273 -8.60 -59.76 23.06
N TRP K 274 -8.42 -60.77 23.92
CA TRP K 274 -7.39 -61.78 23.67
C TRP K 274 -7.83 -62.77 22.58
N GLU K 275 -6.90 -63.08 21.69
CA GLU K 275 -7.15 -64.06 20.62
C GLU K 275 -6.53 -65.43 20.94
N PRO K 276 -7.36 -66.50 20.87
CA PRO K 276 -6.93 -67.85 21.22
C PRO K 276 -5.98 -68.47 20.21
N ILE L 1 11.01 -32.61 48.36
CA ILE L 1 12.26 -32.18 47.66
C ILE L 1 12.96 -33.37 46.99
N GLN L 2 12.80 -34.55 47.59
CA GLN L 2 13.48 -35.76 47.15
C GLN L 2 12.52 -36.87 46.80
N ARG L 3 12.82 -37.59 45.72
CA ARG L 3 12.01 -38.71 45.27
C ARG L 3 12.86 -39.89 44.85
N THR L 4 12.47 -41.08 45.28
CA THR L 4 13.15 -42.33 44.95
C THR L 4 12.91 -42.70 43.48
N PRO L 5 13.97 -43.12 42.76
CA PRO L 5 13.84 -43.52 41.36
C PRO L 5 13.03 -44.80 41.16
N LYS L 6 12.21 -44.79 40.09
CA LYS L 6 11.52 -45.99 39.63
C LYS L 6 12.39 -46.64 38.56
N ILE L 7 12.29 -47.96 38.42
CA ILE L 7 13.14 -48.68 37.47
C ILE L 7 12.33 -49.60 36.55
N GLN L 8 12.64 -49.52 35.26
CA GLN L 8 12.07 -50.42 34.26
C GLN L 8 13.18 -50.96 33.35
N VAL L 9 13.25 -52.29 33.25
CA VAL L 9 14.23 -52.97 32.41
C VAL L 9 13.52 -53.67 31.25
N TYR L 10 13.84 -53.30 30.02
CA TYR L 10 13.12 -53.79 28.84
C TYR L 10 13.95 -53.77 27.54
N SER L 11 13.66 -54.71 26.65
CA SER L 11 14.28 -54.73 25.32
C SER L 11 13.53 -53.80 24.37
N ARG L 12 14.28 -53.16 23.48
CA ARG L 12 13.75 -52.20 22.52
C ARG L 12 12.66 -52.81 21.62
N HIS L 13 12.94 -54.01 21.10
CA HIS L 13 12.01 -54.71 20.23
C HIS L 13 11.83 -56.15 20.71
N PRO L 14 10.67 -56.77 20.39
CA PRO L 14 10.33 -58.15 20.80
C PRO L 14 11.54 -59.08 20.91
N ALA L 15 11.85 -59.49 22.14
CA ALA L 15 13.04 -60.27 22.44
C ALA L 15 13.05 -61.64 21.77
N GLU L 16 13.91 -61.79 20.76
CA GLU L 16 14.10 -63.05 20.07
C GLU L 16 15.56 -63.49 20.15
N ASN L 17 15.78 -64.72 20.57
CA ASN L 17 17.13 -65.28 20.72
C ASN L 17 17.89 -65.30 19.39
N GLY L 18 19.14 -64.82 19.42
CA GLY L 18 19.96 -64.74 18.21
C GLY L 18 19.97 -63.35 17.59
N LYS L 19 18.80 -62.72 17.58
CA LYS L 19 18.63 -61.39 16.97
C LYS L 19 19.19 -60.27 17.83
N SER L 20 19.71 -59.22 17.17
CA SER L 20 20.27 -58.06 17.86
C SER L 20 19.20 -57.04 18.21
N ASN L 21 19.29 -56.49 19.42
CA ASN L 21 18.40 -55.43 19.90
C ASN L 21 19.11 -54.51 20.89
N PHE L 22 18.35 -53.59 21.49
CA PHE L 22 18.89 -52.70 22.51
C PHE L 22 18.22 -53.02 23.85
N LEU L 23 19.05 -53.22 24.88
CA LEU L 23 18.55 -53.41 26.25
C LEU L 23 18.43 -52.06 26.95
N ASN L 24 17.32 -51.86 27.63
CA ASN L 24 17.07 -50.58 28.31
C ASN L 24 17.04 -50.72 29.82
N CYS L 25 17.45 -49.65 30.50
CA CYS L 25 17.17 -49.47 31.92
C CYS L 25 16.68 -48.04 32.10
N TYR L 26 15.36 -47.91 32.17
CA TYR L 26 14.72 -46.60 32.23
C TYR L 26 14.50 -46.16 33.67
N VAL L 27 15.37 -45.26 34.12
CA VAL L 27 15.25 -44.64 35.45
C VAL L 27 14.47 -43.33 35.34
N SER L 28 13.47 -43.16 36.21
CA SER L 28 12.56 -42.01 36.15
C SER L 28 11.91 -41.70 37.49
N GLY L 29 11.49 -40.45 37.68
CA GLY L 29 10.73 -40.03 38.85
C GLY L 29 11.58 -39.74 40.07
N PHE L 30 12.86 -39.46 39.85
CA PHE L 30 13.80 -39.18 40.94
C PHE L 30 14.24 -37.71 41.01
N HIS L 31 14.39 -37.22 42.23
CA HIS L 31 15.00 -35.92 42.50
C HIS L 31 15.86 -36.09 43.77
N PRO L 32 17.10 -35.57 43.76
CA PRO L 32 17.84 -34.81 42.76
C PRO L 32 18.34 -35.64 41.57
N SER L 33 19.10 -35.00 40.69
CA SER L 33 19.45 -35.52 39.36
C SER L 33 20.53 -36.60 39.32
N ASP L 34 21.48 -36.54 40.26
CA ASP L 34 22.60 -37.47 40.22
C ASP L 34 22.19 -38.89 40.56
N ILE L 35 22.58 -39.82 39.69
CA ILE L 35 22.23 -41.22 39.81
C ILE L 35 23.32 -42.07 39.15
N GLU L 36 23.50 -43.29 39.64
CA GLU L 36 24.47 -44.22 39.08
C GLU L 36 23.75 -45.47 38.57
N VAL L 37 23.64 -45.58 37.26
CA VAL L 37 22.85 -46.62 36.62
C VAL L 37 23.76 -47.65 35.95
N ASP L 38 23.75 -48.86 36.51
CA ASP L 38 24.61 -49.94 36.06
C ASP L 38 23.79 -51.03 35.40
N LEU L 39 24.13 -51.37 34.15
CA LEU L 39 23.50 -52.49 33.46
C LEU L 39 24.36 -53.74 33.57
N LEU L 40 23.78 -54.79 34.15
CA LEU L 40 24.47 -56.06 34.37
C LEU L 40 24.29 -57.04 33.21
N LYS L 41 25.12 -58.08 33.21
CA LYS L 41 25.03 -59.19 32.27
C LYS L 41 25.63 -60.40 32.97
N ASN L 42 24.77 -61.28 33.46
CA ASN L 42 25.17 -62.45 34.24
C ASN L 42 25.82 -62.06 35.57
N GLY L 43 25.57 -60.82 35.99
CA GLY L 43 26.12 -60.29 37.24
C GLY L 43 27.31 -59.37 37.03
N GLU L 44 27.74 -59.22 35.78
CA GLU L 44 28.90 -58.40 35.43
C GLU L 44 28.53 -57.02 34.89
N ARG L 45 29.21 -55.99 35.39
CA ARG L 45 29.07 -54.63 34.88
C ARG L 45 29.46 -54.59 33.41
N ILE L 46 28.65 -53.90 32.61
CA ILE L 46 28.87 -53.84 31.16
C ILE L 46 29.47 -52.50 30.73
N GLU L 47 30.58 -52.60 29.99
CA GLU L 47 31.24 -51.42 29.43
C GLU L 47 30.47 -50.89 28.22
N LYS L 48 30.58 -49.57 28.01
CA LYS L 48 29.87 -48.85 26.95
C LYS L 48 28.34 -48.93 27.08
N VAL L 49 27.83 -48.32 28.15
CA VAL L 49 26.41 -48.10 28.33
C VAL L 49 26.14 -46.61 28.16
N GLU L 50 25.60 -46.24 27.01
CA GLU L 50 25.30 -44.84 26.70
C GLU L 50 23.98 -44.44 27.35
N HIS L 51 23.78 -43.14 27.51
CA HIS L 51 22.55 -42.62 28.12
C HIS L 51 22.01 -41.37 27.42
N SER L 52 20.69 -41.19 27.48
CA SER L 52 20.03 -40.03 26.90
C SER L 52 20.29 -38.75 27.71
N ASP L 53 19.88 -37.61 27.18
CA ASP L 53 20.06 -36.31 27.83
C ASP L 53 19.40 -36.23 29.20
N LEU L 54 19.97 -35.41 30.07
CA LEU L 54 19.42 -35.23 31.41
C LEU L 54 18.23 -34.27 31.38
N SER L 55 17.04 -34.84 31.16
CA SER L 55 15.82 -34.05 31.18
C SER L 55 14.85 -34.54 32.25
N PHE L 56 13.75 -33.83 32.40
CA PHE L 56 12.83 -34.04 33.51
C PHE L 56 11.38 -33.79 33.10
N SER L 57 10.46 -34.35 33.87
CA SER L 57 9.02 -34.21 33.60
C SER L 57 8.44 -32.94 34.24
N LYS L 58 7.14 -32.71 34.02
CA LYS L 58 6.46 -31.49 34.43
C LYS L 58 6.32 -31.35 35.95
N ASP L 59 6.56 -32.46 36.66
CA ASP L 59 6.58 -32.46 38.12
C ASP L 59 8.01 -32.34 38.65
N TRP L 60 8.91 -31.91 37.76
CA TRP L 60 10.32 -31.61 38.08
C TRP L 60 11.23 -32.83 38.22
N SER L 61 10.68 -34.03 38.06
CA SER L 61 11.45 -35.25 38.31
C SER L 61 12.22 -35.69 37.07
N PHE L 62 13.49 -36.03 37.29
CA PHE L 62 14.42 -36.35 36.21
C PHE L 62 14.18 -37.75 35.66
N TYR L 63 14.54 -37.94 34.39
CA TYR L 63 14.54 -39.26 33.78
C TYR L 63 15.71 -39.44 32.83
N LEU L 64 16.32 -40.62 32.92
CA LEU L 64 17.42 -41.00 32.03
C LEU L 64 17.12 -42.35 31.40
N LEU L 65 17.56 -42.51 30.15
CA LEU L 65 17.48 -43.79 29.46
C LEU L 65 18.89 -44.30 29.20
N TYR L 66 19.20 -45.46 29.76
CA TYR L 66 20.48 -46.12 29.55
C TYR L 66 20.28 -47.29 28.61
N TYR L 67 21.16 -47.44 27.63
CA TYR L 67 21.02 -48.50 26.62
C TYR L 67 22.32 -49.11 26.12
N THR L 68 22.24 -50.39 25.73
CA THR L 68 23.34 -51.14 25.14
C THR L 68 22.81 -52.12 24.09
N GLU L 69 23.60 -52.38 23.05
CA GLU L 69 23.22 -53.37 22.03
C GLU L 69 23.64 -54.78 22.47
N PHE L 70 22.67 -55.69 22.47
CA PHE L 70 22.84 -57.02 23.05
C PHE L 70 22.16 -58.11 22.21
N THR L 71 22.44 -59.37 22.56
CA THR L 71 21.76 -60.52 21.98
C THR L 71 21.51 -61.57 23.07
N PRO L 72 20.25 -61.66 23.54
CA PRO L 72 19.87 -62.59 24.62
C PRO L 72 19.82 -64.05 24.17
N THR L 73 20.16 -64.93 25.09
CA THR L 73 20.00 -66.37 24.92
C THR L 73 19.39 -66.91 26.21
N GLU L 74 18.78 -68.10 26.14
CA GLU L 74 18.18 -68.74 27.31
C GLU L 74 19.16 -68.86 28.48
N LYS L 75 20.45 -68.85 28.16
CA LYS L 75 21.52 -68.89 29.16
C LYS L 75 21.78 -67.51 29.79
N ASP L 76 22.16 -66.55 28.96
CA ASP L 76 22.58 -65.23 29.42
C ASP L 76 21.46 -64.41 30.07
N GLU L 77 21.71 -63.98 31.30
CA GLU L 77 20.76 -63.19 32.08
C GLU L 77 21.16 -61.72 32.09
N TYR L 78 20.14 -60.84 32.14
CA TYR L 78 20.34 -59.40 32.17
C TYR L 78 19.65 -58.75 33.37
N ALA L 79 20.23 -57.67 33.87
CA ALA L 79 19.71 -56.93 35.02
C ALA L 79 20.14 -55.47 35.02
N CYS L 80 19.65 -54.69 35.99
CA CYS L 80 20.06 -53.30 36.16
C CYS L 80 20.24 -52.93 37.64
N ARG L 81 21.42 -52.41 37.98
CA ARG L 81 21.73 -51.95 39.33
C ARG L 81 21.73 -50.42 39.40
N VAL L 82 20.89 -49.87 40.28
CA VAL L 82 20.69 -48.43 40.38
C VAL L 82 20.94 -47.94 41.81
N ASN L 83 21.71 -46.86 41.94
CA ASN L 83 21.93 -46.22 43.24
C ASN L 83 21.65 -44.71 43.19
N HIS L 84 20.91 -44.25 44.19
CA HIS L 84 20.51 -42.85 44.29
C HIS L 84 20.63 -42.39 45.74
N VAL L 85 20.75 -41.08 45.92
CA VAL L 85 20.92 -40.45 47.24
C VAL L 85 19.77 -40.78 48.22
N THR L 86 18.68 -41.31 47.67
CA THR L 86 17.52 -41.73 48.46
C THR L 86 17.57 -43.21 48.84
N LEU L 87 18.54 -43.94 48.29
CA LEU L 87 18.68 -45.38 48.51
C LEU L 87 19.80 -45.74 49.49
N SER L 88 19.48 -46.60 50.46
CA SER L 88 20.49 -47.13 51.40
C SER L 88 21.43 -48.05 50.65
N GLN L 89 20.86 -49.15 50.13
CA GLN L 89 21.58 -50.10 49.31
C GLN L 89 21.19 -49.87 47.85
N PRO L 90 22.14 -50.08 46.91
CA PRO L 90 21.78 -50.03 45.49
C PRO L 90 20.68 -51.04 45.15
N LYS L 91 19.72 -50.62 44.32
CA LYS L 91 18.59 -51.47 43.96
C LYS L 91 18.87 -52.21 42.66
N ILE L 92 18.72 -53.53 42.68
CA ILE L 92 18.96 -54.38 41.52
C ILE L 92 17.65 -54.98 41.02
N VAL L 93 17.40 -54.82 39.71
CA VAL L 93 16.19 -55.36 39.07
C VAL L 93 16.54 -56.14 37.81
N LYS L 94 16.03 -57.37 37.73
CA LYS L 94 16.30 -58.27 36.60
C LYS L 94 15.47 -57.90 35.35
N TRP L 95 15.77 -58.56 34.24
CA TRP L 95 15.01 -58.37 33.00
C TRP L 95 14.19 -59.61 32.65
N ASP L 96 12.87 -59.48 32.79
CA ASP L 96 11.94 -60.53 32.35
C ASP L 96 11.40 -60.18 30.97
N ARG L 97 11.57 -61.12 30.04
CA ARG L 97 11.27 -60.92 28.61
C ARG L 97 9.82 -60.54 28.29
N ASP L 98 8.90 -60.77 29.23
CA ASP L 98 7.49 -60.43 29.02
C ASP L 98 7.01 -59.27 29.90
N MET L 99 7.87 -58.81 30.81
CA MET L 99 7.55 -57.68 31.69
C MET L 99 7.83 -56.33 31.01
N GLU M 1 -14.34 22.96 12.14
CA GLU M 1 -15.27 21.91 12.65
C GLU M 1 -15.43 22.05 14.17
N PRO M 2 -16.68 22.18 14.63
CA PRO M 2 -16.92 22.34 16.08
C PRO M 2 -16.80 21.02 16.84
N LEU M 3 -16.70 21.12 18.16
CA LEU M 3 -16.63 19.94 19.02
C LEU M 3 -17.99 19.27 19.16
N PRO M 4 -18.07 17.96 18.82
CA PRO M 4 -19.31 17.21 18.93
C PRO M 4 -19.63 16.90 20.39
N GLN M 5 -20.81 17.30 20.86
CA GLN M 5 -21.18 17.16 22.26
C GLN M 5 -22.31 16.14 22.51
N GLY M 6 -23.47 16.62 22.92
CA GLY M 6 -24.58 15.74 23.30
C GLY M 6 -24.84 15.73 24.80
N GLN M 7 -25.68 14.81 25.25
CA GLN M 7 -26.03 14.67 26.67
C GLN M 7 -24.81 14.34 27.50
N LEU M 8 -24.95 14.23 28.83
CA LEU M 8 -23.81 13.96 29.74
C LEU M 8 -22.70 15.02 29.69
N THR M 9 -22.65 15.79 28.60
CA THR M 9 -21.69 16.88 28.47
C THR M 9 -22.20 18.15 29.19
N ALA M 10 -23.52 18.24 29.34
CA ALA M 10 -24.15 19.35 30.05
C ALA M 10 -23.47 19.65 31.38
N TYR M 11 -23.41 20.93 31.74
CA TYR M 11 -22.76 21.38 32.97
C TYR M 11 -23.46 20.87 34.23
N GLN N 1 16.45 -6.45 7.26
CA GLN N 1 16.31 -5.55 8.43
C GLN N 1 15.86 -4.13 7.99
N ASN N 2 16.80 -3.38 7.39
CA ASN N 2 16.59 -1.99 6.92
C ASN N 2 15.45 -1.16 7.56
N ILE N 3 15.77 -0.54 8.69
CA ILE N 3 14.83 0.32 9.39
C ILE N 3 14.68 1.63 8.63
N ASP N 4 13.48 2.21 8.65
CA ASP N 4 13.16 3.39 7.85
C ASP N 4 12.63 4.55 8.69
N GLN N 5 13.29 5.69 8.59
CA GLN N 5 12.87 6.90 9.31
C GLN N 5 13.22 8.18 8.51
N PRO N 6 12.48 9.29 8.74
CA PRO N 6 12.69 10.53 7.96
C PRO N 6 14.03 11.20 8.27
N THR N 7 14.64 11.81 7.25
CA THR N 7 15.97 12.39 7.37
C THR N 7 16.04 13.56 8.37
N GLU N 8 15.13 14.52 8.24
CA GLU N 8 15.11 15.71 9.10
C GLU N 8 13.68 16.17 9.40
N MET N 9 13.51 16.90 10.50
CA MET N 9 12.23 17.48 10.88
C MET N 9 12.42 18.82 11.57
N THR N 10 11.45 19.71 11.40
CA THR N 10 11.52 21.06 11.93
C THR N 10 10.30 21.38 12.81
N ALA N 11 10.57 21.90 14.01
CA ALA N 11 9.51 22.32 14.92
C ALA N 11 9.90 23.53 15.80
N THR N 12 8.91 24.37 16.10
CA THR N 12 9.10 25.53 16.99
C THR N 12 8.92 25.11 18.44
N GLU N 13 9.54 25.84 19.36
CA GLU N 13 9.51 25.49 20.78
C GLU N 13 8.08 25.48 21.37
N GLY N 14 7.81 24.52 22.25
CA GLY N 14 6.50 24.36 22.87
C GLY N 14 5.55 23.48 22.08
N ALA N 15 6.04 22.93 20.97
CA ALA N 15 5.23 22.14 20.05
C ALA N 15 5.37 20.64 20.30
N ILE N 16 4.71 19.85 19.45
CA ILE N 16 4.62 18.41 19.61
C ILE N 16 4.94 17.72 18.29
N VAL N 17 6.08 17.04 18.24
CA VAL N 17 6.51 16.34 17.04
C VAL N 17 6.37 14.83 17.22
N GLN N 18 6.06 14.16 16.12
CA GLN N 18 5.96 12.71 16.09
C GLN N 18 6.96 12.20 15.06
N ILE N 19 7.87 11.33 15.50
CA ILE N 19 8.89 10.77 14.63
C ILE N 19 8.54 9.33 14.26
N ASN N 20 8.38 9.09 12.96
CA ASN N 20 8.01 7.76 12.49
C ASN N 20 9.21 6.88 12.28
N CYS N 21 9.05 5.60 12.60
CA CYS N 21 10.06 4.59 12.32
C CYS N 21 9.40 3.27 11.94
N THR N 22 9.70 2.77 10.74
CA THR N 22 9.19 1.47 10.30
C THR N 22 10.31 0.47 10.05
N TYR N 23 10.10 -0.75 10.52
CA TYR N 23 11.03 -1.84 10.32
C TYR N 23 10.27 -2.98 9.65
N GLN N 24 10.91 -3.63 8.70
CA GLN N 24 10.26 -4.67 7.94
C GLN N 24 10.84 -6.01 8.38
N THR N 25 10.68 -6.31 9.66
CA THR N 25 11.32 -7.50 10.23
C THR N 25 10.39 -8.52 10.87
N SER N 26 10.76 -9.78 10.67
CA SER N 26 10.33 -10.88 11.52
C SER N 26 11.48 -11.13 12.50
N GLY N 27 11.27 -12.04 13.44
CA GLY N 27 12.26 -12.30 14.49
C GLY N 27 12.39 -11.14 15.45
N PHE N 28 11.48 -10.18 15.31
CA PHE N 28 11.48 -8.95 16.09
C PHE N 28 11.40 -9.23 17.58
N ASN N 29 12.32 -8.64 18.33
CA ASN N 29 12.32 -8.75 19.78
C ASN N 29 12.64 -7.42 20.45
N GLY N 30 11.97 -6.37 19.98
CA GLY N 30 12.07 -5.06 20.63
C GLY N 30 12.70 -3.96 19.81
N LEU N 31 12.23 -2.75 20.05
CA LEU N 31 12.70 -1.56 19.36
C LEU N 31 13.00 -0.47 20.39
N PHE N 32 14.19 0.13 20.26
CA PHE N 32 14.65 1.18 21.16
C PHE N 32 14.63 2.53 20.48
N TRP N 33 14.47 3.59 21.27
CA TRP N 33 14.67 4.96 20.82
C TRP N 33 15.78 5.65 21.63
N TYR N 34 16.70 6.32 20.93
CA TYR N 34 17.81 7.03 21.57
C TYR N 34 17.84 8.49 21.12
N GLN N 35 18.35 9.35 22.01
CA GLN N 35 18.68 10.72 21.64
C GLN N 35 20.19 10.86 21.51
N GLN N 36 20.62 11.50 20.43
CA GLN N 36 22.03 11.80 20.23
C GLN N 36 22.18 13.25 19.82
N HIS N 37 22.84 14.02 20.69
CA HIS N 37 23.18 15.41 20.38
C HIS N 37 24.34 15.50 19.40
N ALA N 38 24.44 16.62 18.70
CA ALA N 38 25.54 16.88 17.78
C ALA N 38 26.86 16.46 18.41
N GLY N 39 27.50 15.48 17.78
CA GLY N 39 28.80 15.00 18.23
C GLY N 39 28.72 13.91 19.28
N GLU N 40 28.12 14.22 20.43
CA GLU N 40 28.24 13.39 21.63
C GLU N 40 27.49 12.04 21.61
N ALA N 41 27.34 11.44 22.78
CA ALA N 41 26.87 10.07 22.94
C ALA N 41 25.35 9.93 22.86
N PRO N 42 24.86 8.86 22.19
CA PRO N 42 23.43 8.55 22.23
C PRO N 42 23.01 8.05 23.60
N THR N 43 21.94 8.60 24.15
CA THR N 43 21.40 8.11 25.44
C THR N 43 19.97 7.61 25.29
N PHE N 44 19.69 6.49 25.97
CA PHE N 44 18.41 5.79 25.90
C PHE N 44 17.19 6.67 26.20
N LEU N 45 16.10 6.39 25.49
CA LEU N 45 14.83 7.06 25.74
C LEU N 45 13.72 6.06 26.09
N SER N 46 13.48 5.08 25.22
CA SER N 46 12.39 4.12 25.39
C SER N 46 12.71 2.73 24.85
N TYR N 47 12.02 1.72 25.40
CA TYR N 47 12.00 0.38 24.83
C TYR N 47 10.57 -0.10 24.65
N ASN N 48 10.26 -0.58 23.44
CA ASN N 48 8.96 -1.14 23.14
C ASN N 48 9.12 -2.52 22.51
N VAL N 49 8.29 -3.46 22.96
CA VAL N 49 8.30 -4.82 22.43
C VAL N 49 6.89 -5.41 22.41
N LEU N 50 6.00 -4.81 23.17
CA LEU N 50 4.57 -5.12 23.13
C LEU N 50 3.86 -3.91 22.56
N ASP N 51 2.79 -4.16 21.82
CA ASP N 51 1.95 -3.09 21.28
C ASP N 51 1.52 -2.14 22.39
N GLY N 52 1.48 -0.85 22.10
CA GLY N 52 1.00 0.14 23.07
C GLY N 52 1.66 1.50 23.06
N LEU N 53 1.25 2.36 23.99
CA LEU N 53 1.78 3.71 24.12
C LEU N 53 2.22 3.97 25.55
N GLU N 54 3.53 3.82 25.80
CA GLU N 54 4.07 4.06 27.15
C GLU N 54 4.64 5.47 27.34
N GLU N 55 4.05 6.20 28.30
CA GLU N 55 4.40 7.59 28.55
C GLU N 55 5.57 7.73 29.54
N LYS N 56 6.43 8.71 29.29
CA LYS N 56 7.60 8.98 30.11
C LYS N 56 7.88 10.48 30.17
N GLY N 57 6.94 11.22 30.75
CA GLY N 57 7.04 12.68 30.85
C GLY N 57 6.59 13.36 29.57
N ARG N 58 7.49 14.16 28.99
CA ARG N 58 7.24 14.82 27.71
C ARG N 58 7.27 13.83 26.54
N PHE N 59 7.97 12.72 26.74
CA PHE N 59 8.22 11.73 25.70
C PHE N 59 7.28 10.52 25.83
N SER N 60 6.58 10.21 24.75
CA SER N 60 5.80 8.98 24.64
C SER N 60 6.34 8.13 23.50
N SER N 61 6.27 6.81 23.65
CA SER N 61 6.67 5.90 22.59
C SER N 61 5.55 4.92 22.24
N PHE N 62 5.43 4.64 20.94
CA PHE N 62 4.36 3.79 20.43
C PHE N 62 4.92 2.74 19.49
N LEU N 63 4.40 1.52 19.63
CA LEU N 63 4.76 0.42 18.73
C LEU N 63 3.55 -0.41 18.28
N SER N 64 3.58 -0.84 17.02
CA SER N 64 2.60 -1.75 16.47
C SER N 64 3.31 -2.87 15.72
N ARG N 65 3.39 -4.04 16.35
CA ARG N 65 4.09 -5.21 15.79
C ARG N 65 3.46 -5.73 14.51
N SER N 66 2.12 -5.71 14.44
CA SER N 66 1.39 -6.26 13.29
C SER N 66 1.70 -5.54 11.98
N LYS N 67 2.04 -4.25 12.07
CA LYS N 67 2.35 -3.45 10.89
C LYS N 67 3.79 -2.93 10.89
N GLY N 68 4.56 -3.33 11.90
CA GLY N 68 5.99 -3.02 11.98
C GLY N 68 6.24 -1.52 11.95
N TYR N 69 5.67 -0.84 12.93
CA TYR N 69 5.62 0.61 12.96
C TYR N 69 5.73 1.17 14.37
N SER N 70 6.47 2.26 14.49
CA SER N 70 6.81 2.82 15.77
C SER N 70 6.96 4.32 15.66
N TYR N 71 6.49 5.04 16.68
CA TYR N 71 6.77 6.46 16.74
C TYR N 71 7.29 6.97 18.08
N LEU N 72 8.06 8.06 18.00
CA LEU N 72 8.49 8.80 19.18
C LEU N 72 7.76 10.13 19.19
N LEU N 73 7.18 10.47 20.33
CA LEU N 73 6.37 11.67 20.46
C LEU N 73 6.95 12.59 21.53
N LEU N 74 7.35 13.80 21.13
CA LEU N 74 7.93 14.75 22.06
C LEU N 74 7.00 15.94 22.26
N LYS N 75 6.41 16.02 23.46
CA LYS N 75 5.50 17.12 23.79
C LYS N 75 6.26 18.30 24.41
N GLU N 76 5.64 19.49 24.38
CA GLU N 76 6.21 20.71 24.98
C GLU N 76 7.72 20.84 24.72
N LEU N 77 8.02 21.02 23.43
CA LEU N 77 9.37 20.93 22.88
C LEU N 77 10.28 22.07 23.35
N GLN N 78 11.48 21.70 23.76
CA GLN N 78 12.48 22.66 24.27
C GLN N 78 13.66 22.79 23.32
N MET N 79 14.58 23.72 23.64
CA MET N 79 15.77 23.95 22.83
C MET N 79 16.75 22.78 22.88
N LYS N 80 16.89 22.18 24.06
CA LYS N 80 17.77 21.03 24.27
C LYS N 80 17.32 19.80 23.48
N ASP N 81 16.03 19.74 23.16
CA ASP N 81 15.49 18.60 22.42
C ASP N 81 16.13 18.49 21.04
N SER N 82 16.73 19.58 20.58
CA SER N 82 17.45 19.59 19.31
C SER N 82 18.60 18.59 19.37
N ALA N 83 18.51 17.60 18.50
CA ALA N 83 19.40 16.45 18.47
C ALA N 83 18.97 15.60 17.30
N SER N 84 19.66 14.49 17.09
CA SER N 84 19.15 13.46 16.21
C SER N 84 18.52 12.41 17.11
N TYR N 85 17.53 11.70 16.56
CA TYR N 85 16.85 10.62 17.29
C TYR N 85 16.95 9.33 16.52
N LEU N 86 17.43 8.28 17.19
CA LEU N 86 17.81 7.04 16.51
C LEU N 86 16.87 5.86 16.78
N CYS N 87 16.51 5.17 15.70
CA CYS N 87 15.69 3.97 15.77
C CYS N 87 16.56 2.72 15.71
N ALA N 88 16.42 1.86 16.72
CA ALA N 88 17.19 0.62 16.79
C ALA N 88 16.27 -0.59 16.94
N VAL N 89 16.61 -1.69 16.26
CA VAL N 89 15.78 -2.92 16.28
C VAL N 89 16.57 -4.19 16.59
N GLN N 90 16.10 -4.95 17.59
CA GLN N 90 16.62 -6.26 17.91
C GLN N 90 15.79 -7.31 17.20
N ALA N 91 16.45 -8.17 16.43
CA ALA N 91 15.80 -9.22 15.66
C ALA N 91 16.60 -10.52 15.65
N SER N 92 15.92 -11.63 15.32
CA SER N 92 16.60 -12.91 15.11
C SER N 92 17.65 -12.81 14.02
N GLY N 93 17.31 -12.05 12.97
CA GLY N 93 18.13 -11.87 11.77
C GLY N 93 19.62 -12.10 11.95
N GLY N 94 20.34 -11.05 12.34
CA GLY N 94 21.75 -11.18 12.67
C GLY N 94 21.78 -11.82 14.04
N SER N 95 21.37 -11.03 15.03
CA SER N 95 21.08 -11.49 16.39
C SER N 95 20.39 -10.34 17.10
N TYR N 96 19.95 -10.58 18.33
CA TYR N 96 19.20 -9.57 19.09
C TYR N 96 20.10 -8.41 19.56
N ILE N 97 21.02 -8.01 18.69
CA ILE N 97 21.89 -6.87 18.92
C ILE N 97 21.36 -5.62 18.20
N PRO N 98 21.11 -4.53 18.95
CA PRO N 98 20.49 -3.32 18.43
C PRO N 98 21.10 -2.86 17.11
N THR N 99 20.28 -2.87 16.06
CA THR N 99 20.68 -2.44 14.73
C THR N 99 20.03 -1.09 14.46
N PHE N 100 20.86 -0.07 14.21
CA PHE N 100 20.39 1.31 14.15
C PHE N 100 20.09 1.76 12.73
N GLY N 101 19.07 2.60 12.60
CA GLY N 101 18.76 3.26 11.33
C GLY N 101 19.56 4.53 11.14
N ARG N 102 19.31 5.21 10.02
CA ARG N 102 20.01 6.43 9.66
C ARG N 102 19.87 7.54 10.70
N GLY N 103 18.64 7.78 11.18
CA GLY N 103 18.38 8.80 12.19
C GLY N 103 17.61 10.00 11.67
N THR N 104 16.92 10.69 12.57
CA THR N 104 16.16 11.89 12.23
C THR N 104 16.71 13.10 13.00
N SER N 105 17.13 14.12 12.26
CA SER N 105 17.61 15.36 12.88
C SER N 105 16.44 16.28 13.15
N LEU N 106 16.19 16.56 14.42
CA LEU N 106 15.17 17.53 14.80
C LEU N 106 15.79 18.89 15.06
N ILE N 107 15.43 19.86 14.23
CA ILE N 107 15.80 21.25 14.48
C ILE N 107 14.64 21.90 15.23
N VAL N 108 14.87 22.22 16.50
CA VAL N 108 13.88 22.93 17.30
C VAL N 108 14.07 24.45 17.14
N HIS N 109 13.15 25.08 16.41
CA HIS N 109 13.19 26.52 16.19
C HIS N 109 12.66 27.31 17.40
N PRO N 110 13.41 28.34 17.83
CA PRO N 110 12.89 29.24 18.87
C PRO N 110 11.86 30.23 18.31
N TYR N 111 10.86 30.56 19.13
CA TYR N 111 9.87 31.57 18.75
C TYR N 111 10.41 32.98 19.01
N ILE N 112 10.60 33.73 17.93
CA ILE N 112 11.05 35.12 18.04
C ILE N 112 9.84 36.06 18.01
N GLN N 113 9.50 36.61 19.17
CA GLN N 113 8.35 37.52 19.32
C GLN N 113 8.49 38.80 18.50
N ASN N 114 9.63 39.46 18.63
CA ASN N 114 9.89 40.71 17.93
C ASN N 114 11.13 40.63 17.03
N PRO N 115 10.95 40.10 15.79
CA PRO N 115 12.06 40.01 14.85
C PRO N 115 12.55 41.40 14.46
N ASP N 116 13.88 41.56 14.45
CA ASP N 116 14.50 42.83 14.13
C ASP N 116 15.66 42.59 13.17
N PRO N 117 15.37 42.20 11.91
CA PRO N 117 16.41 41.76 10.97
C PRO N 117 17.43 42.85 10.67
N ALA N 118 18.68 42.64 11.10
CA ALA N 118 19.72 43.65 10.96
C ALA N 118 21.09 43.07 10.58
N VAL N 119 21.78 43.77 9.69
CA VAL N 119 23.12 43.38 9.25
C VAL N 119 24.16 44.29 9.92
N TYR N 120 25.13 43.69 10.59
CA TYR N 120 26.18 44.44 11.27
C TYR N 120 27.59 44.07 10.82
N GLN N 121 28.38 45.09 10.52
CA GLN N 121 29.80 44.90 10.24
C GLN N 121 30.58 44.95 11.55
N LEU N 122 31.44 43.98 11.76
CA LEU N 122 32.32 43.92 12.92
C LEU N 122 33.76 44.13 12.47
N ARG N 123 34.60 44.62 13.37
CA ARG N 123 36.02 44.80 13.04
C ARG N 123 36.94 43.85 13.81
N ASP N 124 38.10 43.56 13.21
CA ASP N 124 39.05 42.58 13.73
C ASP N 124 39.83 43.08 14.94
N SER N 125 39.78 42.29 16.02
CA SER N 125 40.49 42.60 17.25
C SER N 125 41.82 41.84 17.29
N LYS N 126 41.74 40.54 17.61
CA LYS N 126 42.93 39.68 17.71
C LYS N 126 43.13 38.88 16.42
N SER N 127 44.40 38.79 15.98
CA SER N 127 44.82 38.13 14.74
C SER N 127 44.65 38.99 13.48
N SER N 128 44.41 38.34 12.34
CA SER N 128 44.39 39.02 11.03
C SER N 128 43.17 38.69 10.16
N ASP N 129 42.81 39.66 9.31
CA ASP N 129 41.79 39.54 8.24
C ASP N 129 41.38 40.96 7.85
N LYS N 130 40.11 41.28 8.09
CA LYS N 130 39.57 42.65 7.95
C LYS N 130 38.29 42.79 8.75
N SER N 131 37.22 42.14 8.27
CA SER N 131 35.90 42.27 8.89
C SER N 131 35.01 41.02 8.72
N VAL N 132 33.87 41.08 9.40
CA VAL N 132 32.86 40.02 9.39
C VAL N 132 31.47 40.68 9.41
N CYS N 133 30.57 40.17 8.56
CA CYS N 133 29.17 40.63 8.52
C CYS N 133 28.28 39.68 9.32
N LEU N 134 27.52 40.25 10.24
CA LEU N 134 26.64 39.47 11.11
C LEU N 134 25.18 39.76 10.82
N PHE N 135 24.51 38.79 10.20
CA PHE N 135 23.06 38.85 10.01
C PHE N 135 22.40 38.22 11.23
N THR N 136 21.89 39.08 12.11
CA THR N 136 21.33 38.66 13.39
C THR N 136 19.85 39.02 13.52
N ASP N 137 19.24 38.55 14.60
CA ASP N 137 17.89 38.93 15.01
C ASP N 137 16.73 38.72 14.01
N PHE N 138 16.94 37.90 12.99
CA PHE N 138 15.81 37.51 12.12
C PHE N 138 15.04 36.33 12.74
N ASP N 139 13.90 35.98 12.12
CA ASP N 139 13.04 34.93 12.67
C ASP N 139 13.46 33.52 12.23
N SER N 140 12.94 32.52 12.93
CA SER N 140 13.26 31.12 12.67
C SER N 140 12.85 30.61 11.29
N GLN N 141 11.89 31.29 10.67
CA GLN N 141 11.36 30.88 9.37
C GLN N 141 12.20 31.38 8.19
N THR N 142 13.12 32.30 8.47
CA THR N 142 13.94 32.93 7.42
C THR N 142 15.00 31.98 6.87
N ASN N 143 15.03 31.85 5.54
CA ASN N 143 16.04 31.08 4.84
C ASN N 143 17.32 31.88 4.65
N VAL N 144 18.45 31.31 5.08
CA VAL N 144 19.76 31.89 4.80
C VAL N 144 20.46 31.04 3.74
N SER N 145 20.58 31.61 2.54
CA SER N 145 21.19 30.93 1.39
C SER N 145 22.66 30.60 1.67
N GLN N 146 23.18 29.62 0.94
CA GLN N 146 24.61 29.28 1.01
C GLN N 146 25.48 30.30 0.28
N SER N 147 26.77 30.28 0.61
CA SER N 147 27.74 31.25 0.08
C SER N 147 28.04 31.10 -1.41
N LYS N 148 28.58 32.16 -2.00
CA LYS N 148 28.81 32.23 -3.45
C LYS N 148 30.29 32.44 -3.81
N ASP N 149 30.55 32.49 -5.12
CA ASP N 149 31.85 32.84 -5.74
C ASP N 149 33.15 32.31 -5.10
N SER N 150 33.03 31.24 -4.29
CA SER N 150 34.18 30.58 -3.65
C SER N 150 34.97 31.44 -2.65
N ASP N 151 34.92 32.76 -2.82
CA ASP N 151 35.72 33.69 -2.00
C ASP N 151 34.89 34.47 -0.98
N VAL N 152 33.58 34.23 -0.96
CA VAL N 152 32.71 34.80 0.07
C VAL N 152 32.12 33.63 0.86
N TYR N 153 32.06 33.78 2.18
CA TYR N 153 31.57 32.71 3.06
C TYR N 153 30.39 33.15 3.91
N ILE N 154 29.33 32.33 3.89
CA ILE N 154 28.16 32.51 4.74
C ILE N 154 27.90 31.21 5.48
N THR N 155 27.75 31.31 6.79
CA THR N 155 27.54 30.15 7.65
C THR N 155 26.06 29.85 7.84
N ASP N 156 25.79 28.70 8.44
CA ASP N 156 24.45 28.25 8.78
C ASP N 156 23.79 29.20 9.79
N LYS N 157 22.47 29.20 9.82
CA LYS N 157 21.70 29.82 10.88
C LYS N 157 22.01 29.12 12.22
N CYS N 158 22.23 29.88 13.27
CA CYS N 158 22.50 29.31 14.60
C CYS N 158 21.79 30.08 15.71
N VAL N 159 21.37 29.35 16.75
CA VAL N 159 20.57 29.92 17.84
C VAL N 159 21.37 30.06 19.14
N LEU N 160 21.28 31.23 19.75
CA LEU N 160 21.98 31.53 21.00
C LEU N 160 21.01 31.90 22.13
N ASP N 161 21.36 31.52 23.36
CA ASP N 161 20.49 31.74 24.51
C ASP N 161 21.19 32.48 25.65
N MET N 162 20.86 33.75 25.81
CA MET N 162 21.37 34.56 26.92
C MET N 162 20.56 34.21 28.17
N ARG N 163 21.06 33.20 28.90
CA ARG N 163 20.33 32.59 30.03
C ARG N 163 19.72 33.58 31.02
N SER N 164 20.58 34.40 31.63
CA SER N 164 20.16 35.38 32.64
C SER N 164 19.11 36.39 32.14
N MET N 165 19.22 36.78 30.86
CA MET N 165 18.23 37.66 30.23
C MET N 165 17.04 36.92 29.62
N ASP N 166 17.08 35.60 29.64
CA ASP N 166 16.06 34.74 29.02
C ASP N 166 15.79 35.16 27.57
N PHE N 167 16.85 35.59 26.88
CA PHE N 167 16.73 36.10 25.51
C PHE N 167 17.39 35.19 24.47
N LYS N 168 16.67 34.93 23.39
CA LYS N 168 17.15 34.10 22.28
C LYS N 168 17.10 34.85 20.96
N SER N 169 18.04 34.56 20.06
CA SER N 169 18.01 35.09 18.70
C SER N 169 18.73 34.17 17.71
N ASN N 170 18.45 34.38 16.43
CA ASN N 170 19.18 33.74 15.35
C ASN N 170 20.32 34.62 14.90
N SER N 171 21.36 34.00 14.33
CA SER N 171 22.49 34.75 13.75
C SER N 171 23.26 33.92 12.75
N ALA N 172 23.63 34.56 11.65
CA ALA N 172 24.56 33.98 10.68
C ALA N 172 25.77 34.90 10.52
N VAL N 173 26.88 34.32 10.09
CA VAL N 173 28.13 35.08 9.89
C VAL N 173 28.53 35.04 8.43
N ALA N 174 29.10 36.14 7.94
CA ALA N 174 29.61 36.23 6.59
C ALA N 174 30.93 36.99 6.54
N TRP N 175 31.93 36.40 5.89
CA TRP N 175 33.24 37.04 5.75
C TRP N 175 33.87 36.69 4.40
N SER N 176 34.74 37.59 3.93
CA SER N 176 35.39 37.42 2.63
C SER N 176 36.74 38.14 2.58
N ASN N 177 37.75 37.48 2.03
CA ASN N 177 39.04 38.12 1.76
C ASN N 177 39.06 38.71 0.35
N LYS N 178 38.33 39.83 0.19
CA LYS N 178 38.17 40.49 -1.10
C LYS N 178 37.78 41.96 -0.90
N SER N 179 38.33 42.84 -1.74
CA SER N 179 37.97 44.25 -1.72
C SER N 179 36.57 44.50 -2.33
N ASP N 180 36.16 43.59 -3.23
CA ASP N 180 34.83 43.64 -3.82
C ASP N 180 33.80 43.02 -2.88
N PHE N 181 33.74 43.51 -1.64
CA PHE N 181 32.91 42.91 -0.60
C PHE N 181 32.47 43.90 0.47
N ALA N 182 31.18 44.25 0.44
CA ALA N 182 30.57 45.11 1.45
C ALA N 182 29.49 44.36 2.22
N CYS N 183 29.25 44.76 3.47
CA CYS N 183 28.37 44.01 4.37
C CYS N 183 26.88 44.04 3.99
N ALA N 184 26.19 45.14 4.32
CA ALA N 184 24.74 45.27 4.11
C ALA N 184 24.32 45.10 2.63
N ASN N 185 24.38 43.85 2.16
CA ASN N 185 24.12 43.47 0.77
C ASN N 185 24.53 42.03 0.48
N ALA N 186 25.27 41.43 1.42
CA ALA N 186 25.88 40.11 1.22
C ALA N 186 24.91 38.95 1.48
N PHE N 187 23.62 39.17 1.31
CA PHE N 187 22.62 38.17 1.61
C PHE N 187 21.53 38.05 0.53
N ASN N 188 21.95 37.86 -0.72
CA ASN N 188 21.03 37.59 -1.82
C ASN N 188 20.61 36.12 -1.79
N ASP O 1 30.51 10.45 31.35
CA ASP O 1 31.36 9.33 31.87
C ASP O 1 30.56 8.41 32.79
N ALA O 2 29.75 7.55 32.19
CA ALA O 2 28.96 6.57 32.94
C ALA O 2 29.79 5.31 33.20
N GLY O 3 31.02 5.51 33.67
CA GLY O 3 31.99 4.44 33.87
C GLY O 3 32.81 4.18 32.61
N ILE O 4 32.25 4.53 31.45
CA ILE O 4 32.86 4.26 30.16
C ILE O 4 33.89 5.32 29.77
N THR O 5 35.12 4.87 29.50
CA THR O 5 36.21 5.73 29.10
C THR O 5 36.81 5.20 27.80
N GLN O 6 36.88 6.06 26.80
CA GLN O 6 37.44 5.69 25.50
C GLN O 6 38.82 6.31 25.34
N SER O 7 39.75 5.54 24.79
CA SER O 7 41.11 6.02 24.60
C SER O 7 41.74 5.48 23.32
N PRO O 8 42.29 6.37 22.49
CA PRO O 8 42.25 7.81 22.72
C PRO O 8 40.91 8.44 22.35
N ARG O 9 40.71 9.72 22.67
CA ARG O 9 39.46 10.41 22.37
C ARG O 9 39.46 10.99 20.96
N HIS O 10 40.64 11.37 20.47
CA HIS O 10 40.83 11.84 19.10
C HIS O 10 42.12 11.26 18.54
N LYS O 11 42.10 10.87 17.27
CA LYS O 11 43.31 10.43 16.56
C LYS O 11 43.29 10.74 15.07
N VAL O 12 44.43 11.22 14.57
CA VAL O 12 44.63 11.43 13.14
C VAL O 12 45.94 10.76 12.72
N THR O 13 45.83 9.77 11.84
CA THR O 13 46.96 8.91 11.50
C THR O 13 47.08 8.61 9.99
N GLU O 14 48.28 8.22 9.58
CA GLU O 14 48.59 7.93 8.18
C GLU O 14 48.08 6.54 7.80
N THR O 15 47.68 6.38 6.54
CA THR O 15 47.17 5.11 6.01
C THR O 15 48.20 3.99 6.08
N GLY O 16 47.73 2.77 6.34
CA GLY O 16 48.59 1.61 6.55
C GLY O 16 49.27 1.62 7.92
N THR O 17 48.56 2.12 8.93
CA THR O 17 49.11 2.25 10.28
C THR O 17 48.22 1.54 11.32
N PRO O 18 48.85 0.79 12.25
CA PRO O 18 48.15 0.15 13.34
C PRO O 18 47.49 1.16 14.27
N VAL O 19 46.20 1.00 14.51
CA VAL O 19 45.48 1.81 15.48
C VAL O 19 44.77 0.90 16.46
N THR O 20 44.77 1.27 17.73
CA THR O 20 44.12 0.49 18.78
C THR O 20 43.29 1.41 19.67
N LEU O 21 41.96 1.25 19.57
CA LEU O 21 41.02 1.99 20.40
C LEU O 21 40.59 1.16 21.60
N ARG O 22 40.50 1.81 22.76
CA ARG O 22 40.27 1.14 24.04
C ARG O 22 38.99 1.61 24.73
N CYS O 23 38.16 0.65 25.14
CA CYS O 23 36.91 0.93 25.83
C CYS O 23 36.97 0.33 27.25
N HIS O 24 36.90 1.19 28.26
CA HIS O 24 36.99 0.75 29.67
C HIS O 24 35.74 1.08 30.49
N GLN O 25 35.17 0.07 31.12
CA GLN O 25 33.98 0.24 31.98
C GLN O 25 34.29 -0.05 33.45
N THR O 26 33.48 0.53 34.34
CA THR O 26 33.62 0.32 35.79
C THR O 26 32.41 -0.41 36.41
N GLU O 27 31.48 -0.86 35.58
CA GLU O 27 30.26 -1.53 36.08
C GLU O 27 30.17 -3.04 35.84
N ASN O 28 31.15 -3.59 35.12
CA ASN O 28 31.20 -5.04 34.81
C ASN O 28 29.98 -5.59 34.08
N HIS O 29 29.62 -4.95 32.97
CA HIS O 29 28.60 -5.47 32.07
C HIS O 29 29.19 -6.61 31.27
N ARG O 30 28.37 -7.63 31.01
CA ARG O 30 28.83 -8.76 30.22
C ARG O 30 28.97 -8.40 28.74
N TYR O 31 28.09 -7.51 28.25
CA TYR O 31 28.08 -7.10 26.85
C TYR O 31 28.77 -5.77 26.64
N MET O 32 29.73 -5.75 25.72
CA MET O 32 30.31 -4.50 25.22
C MET O 32 30.27 -4.53 23.69
N TYR O 33 30.13 -3.36 23.07
CA TYR O 33 29.86 -3.26 21.64
C TYR O 33 30.77 -2.23 21.01
N TRP O 34 31.21 -2.47 19.78
CA TRP O 34 31.94 -1.44 19.02
C TRP O 34 31.18 -1.01 17.77
N TYR O 35 30.73 0.24 17.78
CA TYR O 35 30.02 0.85 16.66
C TYR O 35 30.87 1.92 16.00
N ARG O 36 30.49 2.30 14.78
CA ARG O 36 31.00 3.49 14.11
C ARG O 36 29.82 4.34 13.59
N GLN O 37 30.07 5.61 13.30
CA GLN O 37 29.01 6.47 12.77
C GLN O 37 29.47 7.31 11.58
N ASP O 38 28.71 7.23 10.50
CA ASP O 38 29.00 7.96 9.27
C ASP O 38 27.77 8.76 8.83
N PRO O 39 28.00 9.97 8.26
CA PRO O 39 26.91 10.77 7.67
C PRO O 39 26.10 9.98 6.64
N GLY O 40 24.84 10.37 6.46
CA GLY O 40 23.94 9.65 5.56
C GLY O 40 23.43 8.37 6.22
N HIS O 41 24.38 7.53 6.63
CA HIS O 41 24.08 6.30 7.36
C HIS O 41 23.96 6.64 8.85
N GLY O 42 24.21 5.66 9.72
CA GLY O 42 24.13 5.92 11.17
C GLY O 42 25.09 5.07 11.95
N LEU O 43 24.74 4.78 13.20
CA LEU O 43 25.48 3.82 14.01
C LEU O 43 25.46 2.46 13.35
N ARG O 44 26.65 1.97 12.97
CA ARG O 44 26.76 0.64 12.39
C ARG O 44 27.66 -0.25 13.24
N LEU O 45 27.25 -1.50 13.42
CA LEU O 45 27.95 -2.45 14.30
C LEU O 45 29.18 -3.10 13.67
N ILE O 46 30.30 -3.01 14.38
CA ILE O 46 31.54 -3.66 13.97
C ILE O 46 31.66 -5.04 14.64
N HIS O 47 31.78 -5.04 15.96
CA HIS O 47 31.99 -6.24 16.75
C HIS O 47 31.39 -6.02 18.14
N TYR O 48 30.99 -7.11 18.79
CA TYR O 48 30.56 -7.07 20.17
C TYR O 48 31.07 -8.28 20.94
N SER O 49 31.02 -8.17 22.26
CA SER O 49 31.48 -9.21 23.16
C SER O 49 30.38 -9.55 24.16
N TYR O 50 30.19 -10.84 24.42
CA TYR O 50 29.17 -11.31 25.36
C TYR O 50 29.78 -11.99 26.59
N GLY O 51 30.95 -11.50 26.97
CA GLY O 51 31.71 -12.06 28.08
C GLY O 51 33.20 -12.01 27.81
N VAL O 52 33.99 -12.41 28.82
CA VAL O 52 35.44 -12.41 28.72
C VAL O 52 35.88 -13.41 27.66
N LYS O 53 36.55 -12.87 26.63
CA LYS O 53 37.10 -13.64 25.50
C LYS O 53 36.06 -14.18 24.50
N ASP O 54 34.80 -13.76 24.67
CA ASP O 54 33.72 -14.14 23.80
C ASP O 54 33.36 -13.00 22.84
N THR O 55 33.75 -13.13 21.57
CA THR O 55 33.45 -12.10 20.56
C THR O 55 32.88 -12.68 19.27
N ASP O 56 32.01 -11.92 18.63
CA ASP O 56 31.47 -12.26 17.31
C ASP O 56 31.39 -11.01 16.43
N LYS O 57 31.42 -11.22 15.12
CA LYS O 57 31.42 -10.14 14.12
C LYS O 57 30.09 -9.38 14.05
N GLY O 58 30.10 -8.28 13.30
CA GLY O 58 28.90 -7.50 13.05
C GLY O 58 28.62 -7.38 11.56
N GLU O 59 28.12 -6.21 11.15
CA GLU O 59 27.75 -5.94 9.75
C GLU O 59 28.92 -5.40 8.93
N VAL O 60 29.81 -4.66 9.60
CA VAL O 60 30.96 -4.05 8.96
C VAL O 60 32.24 -4.35 9.75
N SER O 61 32.53 -5.65 9.84
CA SER O 61 33.64 -6.14 10.66
C SER O 61 34.96 -6.28 9.91
N ASP O 62 34.94 -5.98 8.61
CA ASP O 62 36.11 -6.15 7.75
C ASP O 62 37.15 -5.04 7.95
N GLY O 63 38.40 -5.46 8.17
CA GLY O 63 39.49 -4.55 8.49
C GLY O 63 39.54 -4.22 9.97
N TYR O 64 38.74 -4.95 10.75
CA TYR O 64 38.67 -4.77 12.19
C TYR O 64 38.79 -6.09 12.94
N SER O 65 39.47 -6.05 14.08
CA SER O 65 39.45 -7.15 15.04
C SER O 65 39.24 -6.57 16.45
N VAL O 66 38.79 -7.42 17.38
CA VAL O 66 38.54 -6.98 18.75
C VAL O 66 39.03 -7.98 19.77
N SER O 67 39.28 -7.49 20.98
CA SER O 67 39.72 -8.33 22.09
C SER O 67 39.08 -7.90 23.40
N ARG O 68 38.51 -8.87 24.12
CA ARG O 68 37.94 -8.64 25.43
C ARG O 68 38.82 -9.37 26.47
N SER O 69 40.06 -8.91 26.59
CA SER O 69 41.05 -9.51 27.50
C SER O 69 40.45 -9.81 28.88
N LYS O 70 39.68 -8.86 29.38
CA LYS O 70 38.96 -9.00 30.64
C LYS O 70 37.65 -8.20 30.59
N THR O 71 36.87 -8.26 31.67
CA THR O 71 35.53 -7.66 31.71
C THR O 71 35.55 -6.16 31.48
N GLU O 72 36.58 -5.51 32.02
CA GLU O 72 36.69 -4.04 32.03
C GLU O 72 37.01 -3.41 30.68
N ASP O 73 37.77 -4.12 29.85
CA ASP O 73 38.28 -3.55 28.59
C ASP O 73 37.85 -4.28 27.32
N PHE O 74 37.39 -3.50 26.34
CA PHE O 74 37.04 -4.01 25.01
C PHE O 74 37.84 -3.21 23.99
N LEU O 75 38.78 -3.88 23.31
CA LEU O 75 39.70 -3.18 22.43
C LEU O 75 39.43 -3.48 20.96
N LEU O 76 39.24 -2.42 20.19
CA LEU O 76 39.08 -2.53 18.74
C LEU O 76 40.42 -2.15 18.08
N THR O 77 40.82 -2.94 17.09
CA THR O 77 42.06 -2.69 16.37
C THR O 77 41.91 -2.77 14.85
N LEU O 78 42.62 -1.88 14.17
CA LEU O 78 42.72 -1.88 12.72
C LEU O 78 44.22 -2.01 12.40
N GLU O 79 44.59 -3.13 11.76
CA GLU O 79 46.00 -3.45 11.50
C GLU O 79 46.61 -2.53 10.45
N SER O 80 45.94 -2.41 9.31
CA SER O 80 46.28 -1.45 8.26
C SER O 80 45.13 -0.46 8.09
N ALA O 81 45.28 0.72 8.70
CA ALA O 81 44.20 1.71 8.71
C ALA O 81 43.94 2.31 7.33
N THR O 82 42.73 2.11 6.81
CA THR O 82 42.32 2.68 5.53
C THR O 82 41.44 3.92 5.73
N SER O 83 41.37 4.75 4.69
CA SER O 83 40.64 6.02 4.75
C SER O 83 39.14 5.80 4.92
N SER O 84 38.64 4.70 4.39
CA SER O 84 37.25 4.28 4.55
C SER O 84 36.91 3.94 6.01
N GLN O 85 37.92 3.97 6.87
CA GLN O 85 37.76 3.72 8.30
C GLN O 85 37.82 5.02 9.09
N THR O 86 37.82 6.14 8.37
CA THR O 86 37.69 7.47 8.95
C THR O 86 36.23 7.71 9.35
N SER O 87 36.00 7.92 10.64
CA SER O 87 34.69 8.27 11.17
C SER O 87 34.79 8.51 12.67
N VAL O 88 33.66 8.38 13.34
CA VAL O 88 33.59 8.42 14.79
C VAL O 88 33.24 7.01 15.28
N TYR O 89 33.96 6.56 16.29
CA TYR O 89 33.75 5.23 16.85
C TYR O 89 33.15 5.31 18.26
N PHE O 90 32.04 4.62 18.44
CA PHE O 90 31.37 4.56 19.72
C PHE O 90 31.40 3.15 20.26
N CYS O 91 31.80 3.00 21.52
CA CYS O 91 31.64 1.72 22.20
C CYS O 91 30.49 1.84 23.19
N ALA O 92 29.85 0.72 23.48
CA ALA O 92 28.74 0.67 24.40
C ALA O 92 28.83 -0.54 25.32
N THR O 93 28.20 -0.45 26.49
CA THR O 93 28.14 -1.56 27.43
C THR O 93 26.68 -1.90 27.74
N GLY O 94 26.44 -3.09 28.30
CA GLY O 94 25.07 -3.53 28.56
C GLY O 94 24.97 -4.87 29.25
N THR O 95 23.82 -5.07 29.92
CA THR O 95 23.55 -6.25 30.74
C THR O 95 23.19 -7.48 29.91
N GLY O 96 22.88 -7.26 28.63
CA GLY O 96 22.47 -8.34 27.73
C GLY O 96 20.97 -8.46 27.62
N ASP O 97 20.26 -7.99 28.64
CA ASP O 97 18.80 -8.00 28.67
C ASP O 97 18.24 -7.27 27.47
N SER O 98 17.21 -7.86 26.88
CA SER O 98 16.54 -7.30 25.71
C SER O 98 15.75 -6.03 26.02
N ASN O 99 15.27 -5.90 27.27
CA ASN O 99 14.52 -4.71 27.65
C ASN O 99 15.35 -3.66 28.40
N GLN O 100 16.67 -3.78 28.31
CA GLN O 100 17.57 -2.85 28.99
C GLN O 100 18.35 -1.98 28.00
N PRO O 101 18.54 -0.70 28.33
CA PRO O 101 19.33 0.23 27.49
C PRO O 101 20.75 -0.24 27.19
N GLN O 102 21.34 0.36 26.17
CA GLN O 102 22.77 0.30 25.95
C GLN O 102 23.38 1.57 26.51
N HIS O 103 24.52 1.45 27.18
CA HIS O 103 25.21 2.62 27.71
C HIS O 103 26.41 2.93 26.84
N PHE O 104 26.36 4.10 26.20
CA PHE O 104 27.35 4.50 25.21
C PHE O 104 28.45 5.35 25.82
N GLY O 105 29.65 5.25 25.23
CA GLY O 105 30.79 6.05 25.64
C GLY O 105 30.81 7.39 24.93
N ASP O 106 31.81 8.20 25.23
CA ASP O 106 31.86 9.60 24.76
C ASP O 106 32.17 9.76 23.27
N GLY O 107 32.70 8.72 22.64
CA GLY O 107 33.03 8.74 21.22
C GLY O 107 34.53 8.78 20.96
N THR O 108 34.90 8.49 19.71
CA THR O 108 36.30 8.56 19.26
C THR O 108 36.36 9.01 17.80
N ARG O 109 36.84 10.24 17.62
CA ARG O 109 36.98 10.81 16.28
C ARG O 109 38.33 10.38 15.70
N LEU O 110 38.26 9.53 14.68
CA LEU O 110 39.45 8.93 14.09
C LEU O 110 39.55 9.26 12.60
N SER O 111 40.50 10.12 12.25
CA SER O 111 40.75 10.51 10.86
C SER O 111 41.94 9.76 10.28
N ILE O 112 41.77 9.24 9.06
CA ILE O 112 42.78 8.43 8.40
C ILE O 112 43.10 8.95 6.99
N LEU O 113 44.27 9.54 6.84
CA LEU O 113 44.66 10.28 5.64
C LEU O 113 45.80 9.62 4.90
N GLU O 114 45.75 9.71 3.57
CA GLU O 114 46.82 9.21 2.71
C GLU O 114 48.10 10.00 2.93
N ASP O 115 47.94 11.21 3.49
CA ASP O 115 49.04 12.16 3.60
C ASP O 115 48.90 13.09 4.83
N LEU O 116 49.77 12.88 5.82
CA LEU O 116 49.78 13.70 7.04
C LEU O 116 50.35 15.11 6.82
N ASN O 117 50.82 15.38 5.61
CA ASN O 117 51.35 16.68 5.22
C ASN O 117 50.28 17.79 5.18
N LYS O 118 49.03 17.40 4.91
CA LYS O 118 47.92 18.35 4.81
C LYS O 118 47.11 18.48 6.10
N VAL O 119 47.79 18.43 7.24
CA VAL O 119 47.18 18.66 8.56
C VAL O 119 47.58 20.06 9.00
N PHE O 120 46.60 20.90 9.30
CA PHE O 120 46.87 22.28 9.72
C PHE O 120 46.16 22.66 11.02
N PRO O 121 46.83 23.47 11.88
CA PRO O 121 46.18 24.06 13.05
C PRO O 121 45.22 25.19 12.66
N PRO O 122 44.21 25.47 13.51
CA PRO O 122 43.35 26.61 13.22
C PRO O 122 44.02 27.94 13.56
N GLU O 123 43.60 28.97 12.86
CA GLU O 123 44.01 30.33 13.16
C GLU O 123 42.80 31.02 13.76
N VAL O 124 42.91 31.36 15.05
CA VAL O 124 41.76 31.86 15.80
C VAL O 124 41.77 33.38 15.84
N ALA O 125 40.59 33.97 15.61
CA ALA O 125 40.45 35.42 15.62
C ALA O 125 39.16 35.84 16.31
N VAL O 126 39.20 37.03 16.92
CA VAL O 126 38.04 37.63 17.58
C VAL O 126 37.66 38.92 16.85
N PHE O 127 36.36 39.09 16.61
CA PHE O 127 35.83 40.27 15.95
C PHE O 127 34.91 41.01 16.93
N GLU O 128 35.06 42.34 16.99
CA GLU O 128 34.39 43.15 18.01
C GLU O 128 33.00 43.62 17.57
N PRO O 129 32.07 43.78 18.53
CA PRO O 129 30.67 44.11 18.20
C PRO O 129 30.50 45.47 17.54
N SER O 130 29.51 45.56 16.65
CA SER O 130 29.21 46.79 15.92
C SER O 130 28.60 47.85 16.83
N GLU O 131 29.07 49.09 16.70
CA GLU O 131 28.54 50.21 17.46
C GLU O 131 27.10 50.49 17.04
N ALA O 132 26.78 50.16 15.78
CA ALA O 132 25.42 50.24 15.28
C ALA O 132 24.49 49.27 16.04
N GLU O 133 25.01 48.08 16.32
CA GLU O 133 24.31 47.09 17.14
C GLU O 133 24.23 47.56 18.60
N ILE O 134 25.29 48.22 19.05
CA ILE O 134 25.35 48.78 20.40
C ILE O 134 24.26 49.83 20.61
N SER O 135 24.10 50.72 19.62
CA SER O 135 23.05 51.74 19.62
C SER O 135 21.66 51.12 19.61
N HIS O 136 21.42 50.21 18.68
CA HIS O 136 20.08 49.69 18.41
C HIS O 136 19.58 48.65 19.42
N THR O 137 20.48 47.91 20.06
CA THR O 137 20.06 46.77 20.89
C THR O 137 20.56 46.73 22.33
N GLN O 138 21.56 47.56 22.66
CA GLN O 138 22.28 47.46 23.95
C GLN O 138 22.82 46.05 24.16
N LYS O 139 23.01 45.34 23.06
CA LYS O 139 23.52 43.98 23.06
C LYS O 139 24.76 43.94 22.17
N ALA O 140 25.85 43.39 22.72
CA ALA O 140 27.13 43.35 22.03
C ALA O 140 27.50 41.92 21.67
N THR O 141 27.52 41.63 20.37
CA THR O 141 27.84 40.28 19.89
C THR O 141 29.28 40.17 19.38
N LEU O 142 30.07 39.36 20.09
CA LEU O 142 31.44 39.06 19.71
C LEU O 142 31.45 37.79 18.84
N VAL O 143 32.06 37.88 17.67
CA VAL O 143 32.16 36.73 16.75
C VAL O 143 33.60 36.20 16.70
N CYS O 144 33.76 34.89 16.90
CA CYS O 144 35.06 34.24 16.73
C CYS O 144 35.18 33.50 15.40
N LEU O 145 36.39 33.48 14.84
CA LEU O 145 36.65 32.78 13.58
C LEU O 145 37.86 31.86 13.63
N ALA O 146 37.60 30.56 13.64
CA ALA O 146 38.67 29.56 13.55
C ALA O 146 38.80 29.06 12.13
N THR O 147 39.87 29.45 11.44
CA THR O 147 40.04 29.13 10.01
C THR O 147 41.27 28.27 9.69
N GLY O 148 41.29 27.78 8.45
CA GLY O 148 42.44 27.07 7.86
C GLY O 148 42.93 25.83 8.56
N PHE O 149 42.01 25.00 9.07
CA PHE O 149 42.40 23.80 9.83
C PHE O 149 41.97 22.50 9.15
N PHE O 150 42.81 21.48 9.29
CA PHE O 150 42.51 20.14 8.78
C PHE O 150 43.00 19.09 9.77
N PRO O 151 42.10 18.18 10.19
CA PRO O 151 40.70 18.10 9.78
C PRO O 151 39.79 18.86 10.75
N ASP O 152 38.49 18.58 10.70
CA ASP O 152 37.50 19.27 11.53
C ASP O 152 37.54 18.93 13.03
N HIS O 153 38.71 18.46 13.49
CA HIS O 153 38.93 18.19 14.91
C HIS O 153 39.07 19.50 15.69
N VAL O 154 37.94 20.16 15.97
CA VAL O 154 37.96 21.39 16.77
C VAL O 154 36.93 21.36 17.89
N GLU O 155 37.24 22.11 18.96
CA GLU O 155 36.35 22.29 20.10
C GLU O 155 36.43 23.75 20.54
N LEU O 156 35.38 24.51 20.26
CA LEU O 156 35.36 25.95 20.52
C LEU O 156 34.73 26.25 21.88
N SER O 157 35.28 27.23 22.57
CA SER O 157 34.85 27.59 23.92
C SER O 157 35.29 29.00 24.29
N TRP O 158 34.32 29.80 24.71
CA TRP O 158 34.60 31.15 25.18
C TRP O 158 35.09 31.16 26.64
N TRP O 159 35.87 32.18 26.99
CA TRP O 159 36.42 32.32 28.34
C TRP O 159 36.35 33.78 28.81
N VAL O 160 35.36 34.07 29.66
CA VAL O 160 35.16 35.42 30.16
C VAL O 160 35.71 35.54 31.58
N ASN O 161 36.64 36.49 31.77
CA ASN O 161 37.35 36.70 33.05
C ASN O 161 38.20 35.50 33.52
N GLY O 162 38.17 34.42 32.75
CA GLY O 162 38.95 33.22 33.07
C GLY O 162 38.09 32.00 33.39
N LYS O 163 36.78 32.15 33.19
CA LYS O 163 35.80 31.10 33.44
C LYS O 163 35.00 30.87 32.16
N GLU O 164 34.91 29.61 31.73
CA GLU O 164 34.15 29.28 30.52
C GLU O 164 32.67 29.53 30.73
N VAL O 165 32.04 30.19 29.76
CA VAL O 165 30.60 30.42 29.79
C VAL O 165 29.90 29.71 28.64
N HIS O 166 28.60 29.49 28.80
CA HIS O 166 27.79 28.85 27.77
C HIS O 166 26.62 29.73 27.35
N SER O 167 26.24 30.65 28.22
CA SER O 167 25.16 31.59 27.95
C SER O 167 25.57 32.60 26.88
N GLY O 168 24.64 32.93 25.99
CA GLY O 168 24.90 33.82 24.86
C GLY O 168 25.68 33.17 23.72
N VAL O 169 26.26 32.00 24.00
CA VAL O 169 27.11 31.29 23.04
C VAL O 169 26.29 30.61 21.93
N CYS O 170 26.89 30.56 20.75
CA CYS O 170 26.37 29.80 19.63
C CYS O 170 27.51 29.50 18.68
N THR O 171 27.79 28.22 18.50
CA THR O 171 28.84 27.75 17.61
C THR O 171 28.21 26.98 16.46
N ASP O 172 28.70 27.23 15.24
CA ASP O 172 28.21 26.54 14.06
C ASP O 172 28.10 25.03 14.32
N PRO O 173 27.01 24.41 13.82
CA PRO O 173 26.84 22.97 14.04
C PRO O 173 27.94 22.19 13.34
N GLN O 174 28.24 22.60 12.11
CA GLN O 174 29.25 21.95 11.29
C GLN O 174 30.21 22.98 10.69
N PRO O 175 31.50 22.64 10.59
CA PRO O 175 32.46 23.47 9.88
C PRO O 175 32.14 23.54 8.38
N LEU O 176 32.75 24.49 7.68
CA LEU O 176 32.54 24.63 6.25
C LEU O 176 33.86 24.59 5.48
N LYS O 177 33.80 24.08 4.25
CA LYS O 177 34.98 23.98 3.39
C LYS O 177 35.30 25.32 2.74
N GLU O 178 36.53 25.78 2.91
CA GLU O 178 36.99 27.05 2.32
C GLU O 178 37.02 26.95 0.79
N GLN O 179 37.45 25.80 0.30
CA GLN O 179 37.35 25.48 -1.12
C GLN O 179 36.46 24.23 -1.28
N PRO O 180 35.24 24.42 -1.81
CA PRO O 180 34.27 23.32 -1.93
C PRO O 180 34.70 22.22 -2.89
N ALA O 181 35.14 22.62 -4.08
CA ALA O 181 35.45 21.68 -5.16
C ALA O 181 36.83 21.05 -5.01
N LEU O 182 37.48 21.30 -3.89
CA LEU O 182 38.81 20.74 -3.64
C LEU O 182 38.71 19.46 -2.81
N ASN O 183 39.54 18.49 -3.18
CA ASN O 183 39.78 17.32 -2.33
C ASN O 183 40.68 17.72 -1.17
N ASP O 184 40.24 17.40 0.05
CA ASP O 184 40.94 17.73 1.29
C ASP O 184 41.15 19.25 1.50
N SER O 185 40.07 20.02 1.42
CA SER O 185 40.12 21.46 1.66
C SER O 185 40.08 21.79 3.15
N ARG O 186 40.84 22.81 3.53
CA ARG O 186 40.87 23.26 4.93
C ARG O 186 39.54 23.88 5.33
N TYR O 187 39.17 23.72 6.59
CA TYR O 187 37.87 24.18 7.09
C TYR O 187 37.95 25.51 7.82
N ALA O 188 36.79 26.12 7.99
CA ALA O 188 36.64 27.30 8.83
C ALA O 188 35.39 27.17 9.70
N LEU O 189 35.40 27.78 10.88
CA LEU O 189 34.30 27.66 11.82
C LEU O 189 34.06 28.95 12.58
N SER O 190 32.81 29.39 12.63
CA SER O 190 32.45 30.63 13.35
C SER O 190 31.67 30.36 14.62
N SER O 191 31.70 31.32 15.53
CA SER O 191 30.89 31.29 16.75
C SER O 191 30.52 32.70 17.18
N ARG O 192 29.51 32.81 18.03
CA ARG O 192 29.05 34.11 18.53
C ARG O 192 28.84 34.05 20.02
N LEU O 193 29.32 35.08 20.72
CA LEU O 193 29.02 35.25 22.14
C LEU O 193 28.32 36.60 22.33
N ARG O 194 27.06 36.55 22.74
CA ARG O 194 26.31 37.77 23.04
C ARG O 194 26.42 38.14 24.51
N VAL O 195 26.79 39.40 24.76
CA VAL O 195 26.88 39.96 26.11
C VAL O 195 26.20 41.33 26.17
N SER O 196 25.84 41.76 27.37
CA SER O 196 25.16 43.04 27.56
C SER O 196 26.08 44.21 27.23
N ALA O 197 25.49 45.33 26.80
CA ALA O 197 26.24 46.54 26.47
C ALA O 197 27.20 46.91 27.59
N THR O 198 26.67 47.05 28.80
CA THR O 198 27.46 47.46 29.96
C THR O 198 28.52 46.44 30.37
N PHE O 199 28.33 45.18 29.96
CA PHE O 199 29.32 44.14 30.24
C PHE O 199 30.50 44.21 29.28
N TRP O 200 30.21 44.42 27.99
CA TRP O 200 31.27 44.60 27.00
C TRP O 200 31.96 45.94 27.20
N GLN O 201 31.18 46.94 27.61
CA GLN O 201 31.70 48.29 27.86
C GLN O 201 32.65 48.38 29.06
N ASN O 202 32.75 47.30 29.82
CA ASN O 202 33.63 47.23 30.98
C ASN O 202 35.01 46.66 30.64
N PRO O 203 36.03 47.54 30.52
CA PRO O 203 37.40 47.15 30.18
C PRO O 203 38.04 46.16 31.15
N ARG O 204 37.36 45.87 32.25
CA ARG O 204 37.82 44.86 33.22
C ARG O 204 37.61 43.44 32.67
N ASN O 205 36.60 43.27 31.82
CA ASN O 205 36.26 41.97 31.24
C ASN O 205 37.21 41.51 30.14
N HIS O 206 37.66 40.26 30.24
CA HIS O 206 38.62 39.66 29.31
C HIS O 206 38.01 38.47 28.57
N PHE O 207 37.69 38.69 27.29
CA PHE O 207 37.02 37.69 26.45
C PHE O 207 38.03 36.89 25.63
N ARG O 208 37.94 35.56 25.72
CA ARG O 208 38.88 34.68 25.03
C ARG O 208 38.15 33.63 24.20
N CYS O 209 38.30 33.69 22.88
CA CYS O 209 37.84 32.59 22.05
C CYS O 209 38.91 31.51 22.04
N GLN O 210 38.59 30.40 22.67
CA GLN O 210 39.51 29.29 22.78
C GLN O 210 39.04 28.14 21.89
N VAL O 211 39.94 27.69 21.01
CA VAL O 211 39.67 26.56 20.13
C VAL O 211 40.72 25.49 20.37
N GLN O 212 40.25 24.28 20.67
CA GLN O 212 41.12 23.11 20.81
C GLN O 212 41.19 22.40 19.47
N PHE O 213 42.40 22.05 19.05
CA PHE O 213 42.58 21.30 17.83
C PHE O 213 43.22 19.96 18.15
N TYR O 214 42.81 18.93 17.42
CA TYR O 214 43.41 17.60 17.57
C TYR O 214 44.15 17.19 16.31
N GLY O 215 45.47 17.26 16.38
CA GLY O 215 46.34 16.96 15.26
C GLY O 215 47.28 15.83 15.56
N LEU O 216 48.49 15.93 15.04
CA LEU O 216 49.49 14.86 15.11
C LEU O 216 50.09 14.71 16.52
N SER O 217 50.88 13.66 16.72
CA SER O 217 51.44 13.37 18.05
C SER O 217 52.90 12.89 17.98
N GLU O 218 53.35 12.24 19.06
CA GLU O 218 54.74 11.82 19.23
C GLU O 218 55.26 10.89 18.12
N ASN O 219 54.57 9.77 17.89
CA ASN O 219 54.96 8.81 16.85
C ASN O 219 55.08 9.46 15.48
N ASP O 220 54.12 10.33 15.17
CA ASP O 220 54.05 11.04 13.88
C ASP O 220 55.36 11.73 13.52
N GLU O 221 55.71 11.61 12.24
CA GLU O 221 56.95 12.18 11.72
C GLU O 221 56.61 13.42 10.88
N TRP O 222 57.21 14.55 11.24
CA TRP O 222 56.95 15.81 10.55
C TRP O 222 58.23 16.45 10.00
N THR O 223 58.47 16.27 8.71
CA THR O 223 59.63 16.83 8.04
C THR O 223 59.23 17.96 7.08
N GLN O 224 58.97 19.13 7.65
CA GLN O 224 58.60 20.33 6.89
C GLN O 224 59.17 21.61 7.51
N ASP O 225 58.97 22.72 6.82
CA ASP O 225 59.39 24.05 7.29
C ASP O 225 58.59 24.52 8.50
N ARG O 226 57.27 24.51 8.36
CA ARG O 226 56.35 25.01 9.39
C ARG O 226 56.32 24.12 10.64
N ALA O 227 55.70 24.64 11.70
CA ALA O 227 55.59 23.94 12.99
C ALA O 227 54.72 22.69 12.90
N LYS O 228 54.97 21.74 13.81
CA LYS O 228 54.26 20.46 13.85
C LYS O 228 52.79 20.66 14.25
N PRO O 229 51.85 20.23 13.38
CA PRO O 229 50.41 20.37 13.65
C PRO O 229 49.92 19.43 14.77
N VAL O 230 50.60 19.47 15.91
CA VAL O 230 50.23 18.65 17.06
C VAL O 230 48.95 19.15 17.74
N THR O 231 48.36 18.28 18.56
CA THR O 231 47.17 18.63 19.34
C THR O 231 47.47 19.82 20.25
N GLN O 232 46.77 20.92 20.02
CA GLN O 232 47.09 22.18 20.69
C GLN O 232 45.87 23.04 20.97
N ILE O 233 46.09 24.13 21.70
CA ILE O 233 45.08 25.13 21.98
C ILE O 233 45.51 26.44 21.35
N VAL O 234 44.70 26.96 20.43
CA VAL O 234 44.95 28.25 19.83
C VAL O 234 43.86 29.20 20.27
N SER O 235 44.26 30.37 20.75
CA SER O 235 43.32 31.29 21.38
C SER O 235 43.40 32.68 20.77
N ALA O 236 42.33 33.45 20.96
CA ALA O 236 42.29 34.86 20.59
C ALA O 236 41.50 35.60 21.67
N GLU O 237 42.13 36.63 22.23
CA GLU O 237 41.56 37.37 23.35
C GLU O 237 41.17 38.79 22.99
N ALA O 238 40.35 39.38 23.85
CA ALA O 238 39.94 40.77 23.73
C ALA O 238 39.58 41.29 25.12
N TRP O 239 39.67 42.61 25.28
CA TRP O 239 39.27 43.25 26.54
C TRP O 239 38.08 44.15 26.26
N GLY O 240 37.39 44.57 27.32
CA GLY O 240 36.24 45.47 27.20
C GLY O 240 36.60 46.85 26.67
N ARG O 241 35.62 47.53 26.10
CA ARG O 241 35.83 48.85 25.51
C ARG O 241 34.97 49.89 26.20
N ALA O 242 35.62 50.88 26.82
CA ALA O 242 34.91 51.92 27.59
C ALA O 242 33.89 52.71 26.77
N ASP O 243 32.92 53.29 27.47
CA ASP O 243 31.89 54.12 26.85
C ASP O 243 32.26 55.61 26.90
N GLY P 1 16.97 26.33 -13.94
CA GLY P 1 17.33 26.40 -15.40
C GLY P 1 17.35 25.02 -16.04
N SER P 2 17.85 24.97 -17.27
CA SER P 2 17.97 23.71 -18.00
C SER P 2 19.25 22.95 -17.62
N HIS P 3 19.18 21.62 -17.68
CA HIS P 3 20.33 20.76 -17.38
C HIS P 3 20.41 19.56 -18.33
N SER P 4 21.63 19.15 -18.68
CA SER P 4 21.82 18.04 -19.62
C SER P 4 23.06 17.20 -19.34
N MET P 5 22.95 15.90 -19.66
CA MET P 5 24.08 14.98 -19.57
C MET P 5 24.52 14.53 -20.96
N ARG P 6 25.82 14.62 -21.22
CA ARG P 6 26.37 14.32 -22.54
C ARG P 6 27.50 13.31 -22.49
N TYR P 7 27.64 12.54 -23.56
CA TYR P 7 28.81 11.71 -23.77
C TYR P 7 29.37 11.92 -25.17
N PHE P 8 30.68 12.08 -25.25
CA PHE P 8 31.39 12.28 -26.50
C PHE P 8 32.40 11.17 -26.64
N TYR P 9 32.34 10.49 -27.79
CA TYR P 9 33.30 9.43 -28.10
C TYR P 9 34.18 9.84 -29.26
N THR P 10 35.40 9.32 -29.27
CA THR P 10 36.33 9.48 -30.39
C THR P 10 37.21 8.24 -30.52
N ALA P 11 36.93 7.44 -31.53
CA ALA P 11 37.73 6.26 -31.84
C ALA P 11 38.68 6.58 -32.99
N MET P 12 39.97 6.56 -32.69
CA MET P 12 41.00 6.95 -33.65
C MET P 12 41.73 5.75 -34.23
N SER P 13 41.65 5.62 -35.56
CA SER P 13 42.46 4.64 -36.27
C SER P 13 43.86 5.20 -36.46
N ARG P 14 44.87 4.36 -36.24
CA ARG P 14 46.27 4.71 -36.45
C ARG P 14 47.07 3.46 -36.78
N PRO P 15 47.28 3.19 -38.08
CA PRO P 15 47.96 1.97 -38.54
C PRO P 15 49.45 1.95 -38.17
N GLY P 16 49.89 0.82 -37.62
CA GLY P 16 51.28 0.67 -37.18
C GLY P 16 51.54 1.35 -35.85
N ARG P 17 51.15 2.63 -35.76
CA ARG P 17 51.36 3.44 -34.56
C ARG P 17 50.38 3.08 -33.44
N GLY P 18 49.95 1.82 -33.45
CA GLY P 18 49.11 1.27 -32.38
C GLY P 18 47.86 0.56 -32.86
N GLU P 19 47.05 0.13 -31.90
CA GLU P 19 45.70 -0.36 -32.15
C GLU P 19 44.74 0.83 -32.17
N PRO P 20 43.56 0.68 -32.82
CA PRO P 20 42.55 1.74 -32.74
C PRO P 20 42.32 2.27 -31.31
N ARG P 21 42.20 3.58 -31.20
CA ARG P 21 42.27 4.32 -29.94
C ARG P 21 40.88 4.79 -29.52
N PHE P 22 40.56 4.69 -28.23
CA PHE P 22 39.23 5.09 -27.75
C PHE P 22 39.27 6.08 -26.58
N ILE P 23 38.61 7.22 -26.76
CA ILE P 23 38.57 8.28 -25.74
C ILE P 23 37.14 8.74 -25.48
N ALA P 24 36.68 8.57 -24.24
CA ALA P 24 35.32 8.95 -23.87
C ALA P 24 35.30 9.96 -22.73
N VAL P 25 34.47 10.99 -22.87
CA VAL P 25 34.24 11.94 -21.80
C VAL P 25 32.75 12.14 -21.52
N GLY P 26 32.42 12.52 -20.30
CA GLY P 26 31.03 12.75 -19.89
C GLY P 26 30.82 14.11 -19.26
N TYR P 27 29.75 14.79 -19.68
CA TYR P 27 29.46 16.15 -19.22
C TYR P 27 28.09 16.30 -18.55
N VAL P 28 28.02 17.20 -17.57
CA VAL P 28 26.76 17.75 -17.08
C VAL P 28 26.77 19.27 -17.29
N ASP P 29 25.88 19.74 -18.17
CA ASP P 29 25.92 21.11 -18.71
C ASP P 29 27.25 21.37 -19.41
N ASP P 30 28.12 22.14 -18.75
CA ASP P 30 29.48 22.39 -19.25
C ASP P 30 30.55 21.87 -18.29
N THR P 31 30.16 20.92 -17.44
CA THR P 31 31.08 20.32 -16.48
C THR P 31 31.37 18.87 -16.79
N GLN P 32 32.61 18.61 -17.14
CA GLN P 32 33.13 17.27 -17.32
C GLN P 32 33.25 16.59 -15.96
N PHE P 33 32.70 15.38 -15.85
CA PHE P 33 32.73 14.65 -14.59
C PHE P 33 33.44 13.30 -14.68
N VAL P 34 33.48 12.72 -15.89
CA VAL P 34 34.21 11.46 -16.13
C VAL P 34 35.03 11.48 -17.41
N ARG P 35 36.03 10.59 -17.46
CA ARG P 35 36.87 10.39 -18.64
C ARG P 35 37.37 8.94 -18.74
N PHE P 36 37.63 8.49 -19.96
CA PHE P 36 38.19 7.15 -20.20
C PHE P 36 39.06 7.14 -21.46
N ASP P 37 40.23 6.51 -21.35
CA ASP P 37 41.23 6.46 -22.41
C ASP P 37 41.82 5.06 -22.48
N SER P 38 41.98 4.55 -23.70
CA SER P 38 42.39 3.16 -23.92
C SER P 38 43.89 2.91 -23.77
N ASP P 39 44.67 3.95 -23.51
CA ASP P 39 46.13 3.85 -23.50
C ASP P 39 46.80 3.98 -22.12
N ALA P 40 46.01 4.06 -21.05
CA ALA P 40 46.53 4.15 -19.68
C ALA P 40 47.09 2.80 -19.19
N ALA P 41 47.69 2.79 -18.00
CA ALA P 41 48.28 1.57 -17.40
C ALA P 41 47.30 0.38 -17.41
N SER P 42 46.39 0.37 -16.43
CA SER P 42 45.19 -0.46 -16.51
C SER P 42 44.02 0.50 -16.75
N PRO P 43 43.54 0.57 -18.01
CA PRO P 43 42.52 1.55 -18.39
C PRO P 43 41.26 1.44 -17.56
N ARG P 44 40.83 2.55 -16.97
CA ARG P 44 39.65 2.60 -16.11
C ARG P 44 38.96 3.96 -16.14
N THR P 45 37.66 3.98 -15.86
CA THR P 45 36.87 5.21 -15.86
C THR P 45 37.29 6.11 -14.70
N GLU P 46 37.78 7.30 -15.03
CA GLU P 46 38.34 8.22 -14.05
C GLU P 46 37.45 9.43 -13.83
N PRO P 47 37.21 9.79 -12.55
CA PRO P 47 36.43 10.99 -12.19
C PRO P 47 37.16 12.30 -12.50
N ARG P 48 36.37 13.34 -12.78
CA ARG P 48 36.89 14.68 -13.11
C ARG P 48 36.11 15.79 -12.40
N ALA P 49 35.04 15.41 -11.71
CA ALA P 49 34.24 16.36 -10.91
C ALA P 49 34.12 15.88 -9.47
N PRO P 50 34.19 16.82 -8.50
CA PRO P 50 34.20 16.48 -7.07
C PRO P 50 32.92 15.82 -6.56
N TRP P 51 31.78 16.12 -7.18
CA TRP P 51 30.49 15.57 -6.72
C TRP P 51 30.24 14.12 -7.12
N ILE P 52 31.00 13.61 -8.09
CA ILE P 52 30.85 12.23 -8.54
C ILE P 52 31.80 11.25 -7.83
N GLU P 53 32.80 11.78 -7.11
CA GLU P 53 33.77 10.95 -6.39
C GLU P 53 33.19 10.31 -5.13
N GLN P 54 31.87 10.38 -4.99
CA GLN P 54 31.13 9.71 -3.92
C GLN P 54 30.44 8.42 -4.42
N GLU P 55 30.45 8.23 -5.75
CA GLU P 55 29.93 7.02 -6.37
C GLU P 55 30.81 5.82 -6.08
N GLY P 56 30.19 4.71 -5.69
CA GLY P 56 30.90 3.52 -5.21
C GLY P 56 31.66 2.74 -6.28
N PRO P 57 32.46 1.75 -5.85
CA PRO P 57 33.25 0.93 -6.77
C PRO P 57 32.38 0.13 -7.74
N GLU P 58 31.12 -0.11 -7.34
CA GLU P 58 30.13 -0.75 -8.20
C GLU P 58 29.89 0.13 -9.42
N TYR P 59 29.87 1.44 -9.20
CA TYR P 59 29.80 2.43 -10.27
C TYR P 59 31.06 2.40 -11.16
N TRP P 60 32.23 2.39 -10.52
CA TRP P 60 33.50 2.48 -11.24
C TRP P 60 33.85 1.23 -12.05
N ASP P 61 33.57 0.05 -11.51
CA ASP P 61 33.76 -1.20 -12.24
C ASP P 61 32.78 -1.34 -13.40
N ARG P 62 31.55 -0.89 -13.20
CA ARG P 62 30.50 -0.94 -14.21
C ARG P 62 30.84 -0.04 -15.40
N ASN P 63 31.11 1.23 -15.11
CA ASN P 63 31.57 2.18 -16.13
C ASN P 63 32.79 1.68 -16.90
N THR P 64 33.79 1.18 -16.17
CA THR P 64 35.00 0.63 -16.80
C THR P 64 34.68 -0.53 -17.74
N GLN P 65 33.72 -1.37 -17.34
CA GLN P 65 33.32 -2.53 -18.13
C GLN P 65 32.62 -2.14 -19.44
N ILE P 66 31.73 -1.15 -19.36
CA ILE P 66 31.00 -0.64 -20.52
C ILE P 66 31.95 -0.04 -21.55
N PHE P 67 32.92 0.73 -21.07
CA PHE P 67 33.86 1.44 -21.96
C PHE P 67 35.00 0.55 -22.46
N LYS P 68 35.30 -0.53 -21.74
CA LYS P 68 36.26 -1.52 -22.22
C LYS P 68 35.61 -2.33 -23.35
N THR P 69 34.32 -2.64 -23.16
CA THR P 69 33.49 -3.24 -24.19
C THR P 69 33.44 -2.34 -25.42
N ASN P 70 33.09 -1.07 -25.20
CA ASN P 70 33.06 -0.08 -26.27
C ASN P 70 34.36 -0.02 -27.05
N THR P 71 35.49 -0.12 -26.35
CA THR P 71 36.80 -0.11 -26.99
C THR P 71 36.84 -1.12 -28.14
N GLN P 72 36.46 -2.36 -27.84
CA GLN P 72 36.45 -3.44 -28.84
C GLN P 72 35.37 -3.27 -29.90
N THR P 73 34.27 -2.60 -29.53
CA THR P 73 33.14 -2.33 -30.43
C THR P 73 33.52 -1.35 -31.53
N TYR P 74 34.26 -0.32 -31.15
CA TYR P 74 34.64 0.74 -32.08
C TYR P 74 35.84 0.38 -32.94
N ARG P 75 36.72 -0.49 -32.44
CA ARG P 75 37.80 -1.06 -33.24
C ARG P 75 37.25 -1.91 -34.39
N GLU P 76 36.17 -2.63 -34.12
CA GLU P 76 35.51 -3.45 -35.13
C GLU P 76 34.75 -2.56 -36.12
N SER P 77 34.08 -1.54 -35.60
CA SER P 77 33.43 -0.52 -36.41
C SER P 77 34.45 0.20 -37.28
N LEU P 78 35.62 0.46 -36.72
CA LEU P 78 36.73 1.09 -37.44
C LEU P 78 37.15 0.30 -38.69
N ARG P 79 37.02 -1.03 -38.62
CA ARG P 79 37.29 -1.89 -39.76
C ARG P 79 36.08 -1.91 -40.69
N ASN P 80 34.89 -2.02 -40.10
CA ASN P 80 33.66 -2.13 -40.86
C ASN P 80 33.48 -0.93 -41.78
N LEU P 81 33.76 0.26 -41.25
CA LEU P 81 33.73 1.50 -42.02
C LEU P 81 34.75 1.52 -43.17
N ARG P 82 35.94 0.99 -42.91
CA ARG P 82 37.00 0.92 -43.92
C ARG P 82 36.60 -0.02 -45.06
N GLY P 83 35.98 -1.14 -44.70
CA GLY P 83 35.45 -2.10 -45.67
C GLY P 83 34.25 -1.57 -46.44
N TYR P 84 33.49 -0.68 -45.82
CA TYR P 84 32.34 -0.04 -46.48
C TYR P 84 32.77 0.84 -47.64
N TYR P 85 33.69 1.78 -47.36
CA TYR P 85 34.18 2.73 -48.35
C TYR P 85 35.29 2.13 -49.22
N ASN P 86 35.66 0.89 -48.93
CA ASN P 86 36.79 0.19 -49.57
C ASN P 86 38.09 0.99 -49.52
N GLN P 87 38.51 1.33 -48.30
CA GLN P 87 39.76 2.04 -48.08
C GLN P 87 40.86 1.07 -47.70
N SER P 88 42.08 1.57 -47.58
CA SER P 88 43.23 0.76 -47.19
C SER P 88 43.47 0.81 -45.68
N GLU P 89 44.09 -0.24 -45.15
CA GLU P 89 44.60 -0.26 -43.78
C GLU P 89 45.72 0.77 -43.60
N ALA P 90 45.71 1.79 -44.45
CA ALA P 90 46.76 2.80 -44.52
C ALA P 90 46.38 4.10 -43.82
N GLY P 91 45.15 4.55 -44.08
CA GLY P 91 44.70 5.85 -43.60
C GLY P 91 44.31 5.89 -42.14
N SER P 92 44.50 7.04 -41.50
CA SER P 92 44.05 7.27 -40.13
C SER P 92 42.65 7.87 -40.14
N HIS P 93 41.68 7.10 -39.67
CA HIS P 93 40.29 7.53 -39.67
C HIS P 93 39.76 7.75 -38.26
N ILE P 94 38.81 8.66 -38.14
CA ILE P 94 38.24 9.02 -36.84
C ILE P 94 36.73 8.78 -36.85
N ILE P 95 36.28 7.98 -35.88
CA ILE P 95 34.86 7.80 -35.61
C ILE P 95 34.51 8.64 -34.39
N GLN P 96 33.48 9.46 -34.53
CA GLN P 96 33.01 10.29 -33.43
C GLN P 96 31.55 10.00 -33.13
N ARG P 97 31.17 10.15 -31.87
CA ARG P 97 29.77 10.01 -31.48
C ARG P 97 29.40 11.00 -30.38
N MET P 98 28.28 11.68 -30.58
CA MET P 98 27.67 12.50 -29.53
C MET P 98 26.32 11.90 -29.16
N TYR P 99 26.12 11.69 -27.87
CA TYR P 99 24.83 11.27 -27.35
C TYR P 99 24.56 11.86 -25.98
N GLY P 100 23.30 12.19 -25.72
CA GLY P 100 22.90 12.77 -24.45
C GLY P 100 21.43 13.11 -24.37
N CYS P 101 21.03 13.61 -23.20
CA CYS P 101 19.63 13.93 -22.94
C CYS P 101 19.49 15.32 -22.31
N ASP P 102 18.50 16.08 -22.78
CA ASP P 102 18.22 17.43 -22.28
C ASP P 102 17.06 17.48 -21.29
N LEU P 103 17.25 18.21 -20.19
CA LEU P 103 16.16 18.53 -19.26
C LEU P 103 15.89 20.03 -19.26
N GLY P 104 14.63 20.40 -19.40
CA GLY P 104 14.24 21.80 -19.43
C GLY P 104 14.28 22.50 -18.09
N PRO P 105 13.82 23.77 -18.03
CA PRO P 105 13.77 24.56 -16.79
C PRO P 105 12.72 24.01 -15.82
N ASP P 106 12.10 22.91 -16.22
CA ASP P 106 10.97 22.29 -15.52
C ASP P 106 11.38 21.00 -14.84
N GLY P 107 12.43 20.37 -15.35
CA GLY P 107 12.83 19.03 -14.92
C GLY P 107 12.41 17.99 -15.94
N ARG P 108 11.56 18.39 -16.90
CA ARG P 108 11.05 17.49 -17.92
C ARG P 108 12.03 17.32 -19.07
N LEU P 109 12.06 16.12 -19.65
CA LEU P 109 12.95 15.80 -20.76
C LEU P 109 12.56 16.58 -22.01
N LEU P 110 13.54 17.26 -22.59
CA LEU P 110 13.31 18.15 -23.73
C LEU P 110 13.36 17.36 -25.02
N ARG P 111 14.46 16.62 -25.22
CA ARG P 111 14.69 15.76 -26.39
C ARG P 111 15.94 14.90 -26.19
N GLY P 112 15.98 13.75 -26.87
CA GLY P 112 17.13 12.86 -26.85
C GLY P 112 17.97 13.02 -28.12
N HIS P 113 19.27 12.74 -28.02
CA HIS P 113 20.20 13.00 -29.12
C HIS P 113 21.24 11.89 -29.30
N ASP P 114 21.39 11.42 -30.53
CA ASP P 114 22.46 10.50 -30.90
C ASP P 114 22.92 10.76 -32.32
N GLN P 115 24.16 11.26 -32.44
CA GLN P 115 24.73 11.58 -33.75
C GLN P 115 26.13 10.99 -33.89
N SER P 116 26.46 10.56 -35.10
CA SER P 116 27.76 9.96 -35.38
C SER P 116 28.39 10.52 -36.64
N ALA P 117 29.72 10.54 -36.66
CA ALA P 117 30.49 11.09 -37.76
C ALA P 117 31.71 10.24 -38.07
N TYR P 118 32.12 10.29 -39.33
CA TYR P 118 33.28 9.55 -39.79
C TYR P 118 34.15 10.49 -40.61
N ASP P 119 35.31 10.83 -40.05
CA ASP P 119 36.30 11.75 -40.64
C ASP P 119 35.82 13.21 -40.70
N GLY P 120 35.03 13.60 -39.70
CA GLY P 120 34.59 15.00 -39.54
C GLY P 120 33.28 15.33 -40.25
N LYS P 121 32.71 14.33 -40.92
CA LYS P 121 31.45 14.48 -41.64
C LYS P 121 30.38 13.65 -40.96
N ASP P 122 29.16 14.18 -40.93
CA ASP P 122 28.00 13.42 -40.45
C ASP P 122 27.95 12.06 -41.13
N TYR P 123 27.79 11.01 -40.34
CA TYR P 123 27.65 9.66 -40.84
C TYR P 123 26.22 9.17 -40.61
N ILE P 124 25.84 9.05 -39.35
CA ILE P 124 24.52 8.54 -38.99
C ILE P 124 23.97 9.27 -37.75
N ALA P 125 22.68 9.55 -37.77
CA ALA P 125 22.02 10.22 -36.65
C ALA P 125 20.68 9.57 -36.31
N LEU P 126 20.32 9.63 -35.03
CA LEU P 126 19.00 9.20 -34.59
C LEU P 126 18.03 10.36 -34.74
N ASN P 127 16.79 10.05 -35.07
CA ASN P 127 15.80 11.08 -35.36
C ASN P 127 14.95 11.50 -34.15
N GLU P 128 14.22 12.60 -34.31
CA GLU P 128 13.33 13.16 -33.29
C GLU P 128 12.55 12.10 -32.51
N ASP P 129 11.94 11.18 -33.24
CA ASP P 129 11.11 10.12 -32.65
C ASP P 129 11.90 8.99 -31.99
N LEU P 130 13.23 9.02 -32.15
CA LEU P 130 14.14 8.01 -31.58
C LEU P 130 13.74 6.58 -31.98
N SER P 131 13.33 6.42 -33.22
CA SER P 131 12.80 5.16 -33.74
C SER P 131 13.41 4.86 -35.11
N SER P 132 13.95 5.89 -35.75
CA SER P 132 14.49 5.78 -37.09
C SER P 132 15.84 6.49 -37.23
N TRP P 133 16.59 6.11 -38.26
CA TRP P 133 17.92 6.65 -38.50
C TRP P 133 17.98 7.46 -39.79
N THR P 134 18.73 8.55 -39.75
CA THR P 134 19.07 9.28 -40.96
C THR P 134 20.53 9.01 -41.33
N ALA P 135 20.71 8.19 -42.36
CA ALA P 135 22.03 7.91 -42.92
C ALA P 135 22.51 9.11 -43.72
N ALA P 136 23.82 9.34 -43.75
CA ALA P 136 24.39 10.44 -44.52
C ALA P 136 24.70 10.02 -45.96
N ASP P 137 25.55 9.01 -46.11
CA ASP P 137 25.85 8.44 -47.41
C ASP P 137 25.36 6.98 -47.49
N THR P 138 25.68 6.31 -48.60
CA THR P 138 25.22 4.93 -48.84
C THR P 138 25.93 3.89 -47.97
N ALA P 139 27.09 4.25 -47.43
CA ALA P 139 27.79 3.37 -46.47
C ALA P 139 27.10 3.41 -45.11
N ALA P 140 26.48 4.55 -44.79
CA ALA P 140 25.69 4.68 -43.57
C ALA P 140 24.35 3.97 -43.69
N GLN P 141 23.99 3.60 -44.92
CA GLN P 141 22.80 2.79 -45.19
C GLN P 141 23.03 1.32 -44.83
N ILE P 142 24.29 0.90 -44.83
CA ILE P 142 24.65 -0.46 -44.41
C ILE P 142 24.57 -0.58 -42.88
N THR P 143 25.11 0.42 -42.19
CA THR P 143 25.04 0.51 -40.74
C THR P 143 23.60 0.56 -40.24
N GLN P 144 22.78 1.35 -40.94
CA GLN P 144 21.35 1.52 -40.66
C GLN P 144 20.59 0.18 -40.66
N ARG P 145 20.81 -0.60 -41.71
CA ARG P 145 20.14 -1.89 -41.88
C ARG P 145 20.61 -2.91 -40.84
N LYS P 146 21.90 -2.84 -40.51
CA LYS P 146 22.50 -3.62 -39.43
C LYS P 146 21.83 -3.31 -38.10
N TRP P 147 21.55 -2.02 -37.88
CA TRP P 147 20.99 -1.54 -36.62
C TRP P 147 19.48 -1.73 -36.56
N GLU P 148 18.81 -1.64 -37.71
CA GLU P 148 17.37 -1.86 -37.78
C GLU P 148 16.98 -3.32 -37.49
N ALA P 149 17.84 -4.25 -37.89
CA ALA P 149 17.65 -5.67 -37.59
C ALA P 149 17.98 -5.98 -36.13
N ALA P 150 19.02 -5.32 -35.62
CA ALA P 150 19.46 -5.48 -34.23
C ALA P 150 18.61 -4.68 -33.24
N ARG P 151 17.73 -3.82 -33.77
CA ARG P 151 16.80 -3.02 -32.97
C ARG P 151 17.49 -2.08 -31.97
N VAL P 152 18.53 -1.40 -32.43
CA VAL P 152 19.34 -0.53 -31.57
C VAL P 152 18.63 0.80 -31.26
N ALA P 153 17.76 1.25 -32.16
CA ALA P 153 16.99 2.48 -31.95
C ALA P 153 16.22 2.44 -30.63
N GLU P 154 15.67 1.27 -30.31
CA GLU P 154 14.92 1.07 -29.08
C GLU P 154 15.84 0.79 -27.88
N GLN P 155 17.11 0.46 -28.18
CA GLN P 155 18.16 0.35 -27.17
C GLN P 155 18.51 1.75 -26.65
N LEU P 156 18.56 2.72 -27.55
CA LEU P 156 18.87 4.11 -27.19
C LEU P 156 17.68 4.87 -26.62
N ARG P 157 16.49 4.63 -27.18
CA ARG P 157 15.27 5.23 -26.65
C ARG P 157 15.01 4.81 -25.20
N ALA P 158 15.53 3.64 -24.83
CA ALA P 158 15.42 3.12 -23.47
C ALA P 158 16.40 3.80 -22.52
N TYR P 159 17.51 4.29 -23.07
CA TYR P 159 18.52 4.96 -22.28
C TYR P 159 18.21 6.45 -22.16
N LEU P 160 17.90 7.07 -23.29
CA LEU P 160 17.66 8.51 -23.33
C LEU P 160 16.43 8.91 -22.54
N GLU P 161 15.31 8.21 -22.80
CA GLU P 161 14.07 8.44 -22.07
C GLU P 161 14.11 7.79 -20.67
N GLY P 162 15.17 7.03 -20.39
CA GLY P 162 15.23 6.24 -19.16
C GLY P 162 16.42 6.49 -18.25
N LEU P 163 17.45 5.66 -18.38
CA LEU P 163 18.66 5.73 -17.55
C LEU P 163 19.27 7.12 -17.50
N CYS P 164 19.40 7.74 -18.67
CA CYS P 164 19.98 9.07 -18.78
C CYS P 164 19.29 10.05 -17.83
N VAL P 165 17.95 10.14 -17.93
CA VAL P 165 17.16 11.06 -17.12
C VAL P 165 17.30 10.76 -15.63
N GLU P 166 17.20 9.48 -15.29
CA GLU P 166 17.25 9.01 -13.91
C GLU P 166 18.57 9.37 -13.22
N TRP P 167 19.68 9.21 -13.94
CA TRP P 167 21.00 9.47 -13.41
C TRP P 167 21.37 10.95 -13.36
N LEU P 168 21.04 11.67 -14.44
CA LEU P 168 21.27 13.11 -14.50
C LEU P 168 20.62 13.82 -13.31
N ARG P 169 19.39 13.42 -12.98
CA ARG P 169 18.65 13.94 -11.82
C ARG P 169 19.31 13.60 -10.48
N ARG P 170 19.97 12.45 -10.44
CA ARG P 170 20.74 12.06 -9.24
C ARG P 170 22.01 12.92 -9.13
N TYR P 171 22.73 13.05 -10.25
CA TYR P 171 23.92 13.91 -10.33
C TYR P 171 23.61 15.36 -9.96
N LEU P 172 22.49 15.87 -10.47
CA LEU P 172 22.04 17.25 -10.18
C LEU P 172 21.65 17.47 -8.72
N GLU P 173 21.41 16.39 -7.99
CA GLU P 173 21.06 16.49 -6.58
C GLU P 173 22.33 16.46 -5.70
N ASN P 174 23.23 15.53 -6.02
CA ASN P 174 24.48 15.38 -5.28
C ASN P 174 25.42 16.58 -5.45
N GLY P 175 25.34 17.22 -6.62
CA GLY P 175 26.15 18.41 -6.91
C GLY P 175 25.32 19.64 -7.22
N LYS P 176 24.21 19.81 -6.52
CA LYS P 176 23.29 20.93 -6.76
C LYS P 176 23.94 22.29 -6.48
N GLU P 177 24.76 22.34 -5.43
CA GLU P 177 25.45 23.57 -5.07
C GLU P 177 26.77 23.73 -5.83
N THR P 178 26.72 23.37 -7.11
CA THR P 178 27.73 23.72 -8.11
C THR P 178 27.16 23.57 -9.53
N LEU P 179 26.11 22.77 -9.68
CA LEU P 179 25.46 22.55 -10.97
C LEU P 179 24.16 23.34 -11.16
N GLN P 180 23.47 23.62 -10.05
CA GLN P 180 22.17 24.30 -10.11
C GLN P 180 22.22 25.77 -9.71
N ARG P 181 23.22 26.15 -8.94
CA ARG P 181 23.44 27.55 -8.59
C ARG P 181 24.50 28.11 -9.52
N ALA P 182 24.05 28.96 -10.44
CA ALA P 182 24.93 29.49 -11.49
C ALA P 182 25.90 30.54 -10.96
N ASP P 183 27.12 30.53 -11.50
CA ASP P 183 28.13 31.51 -11.16
C ASP P 183 27.95 32.75 -12.05
N PRO P 184 27.69 33.92 -11.43
CA PRO P 184 27.54 35.17 -12.18
C PRO P 184 28.89 35.70 -12.66
N PRO P 185 28.93 36.28 -13.87
CA PRO P 185 30.17 36.83 -14.43
C PRO P 185 30.72 38.03 -13.66
N LYS P 186 32.04 38.13 -13.61
CA LYS P 186 32.73 39.27 -13.03
C LYS P 186 33.12 40.20 -14.17
N THR P 187 32.59 41.42 -14.12
CA THR P 187 32.70 42.35 -15.25
C THR P 187 33.46 43.63 -14.90
N HIS P 188 34.27 44.09 -15.85
CA HIS P 188 34.92 45.40 -15.77
C HIS P 188 35.13 46.00 -17.16
N VAL P 189 35.56 47.26 -17.19
CA VAL P 189 35.85 47.96 -18.45
C VAL P 189 37.25 48.59 -18.44
N THR P 190 38.14 48.07 -19.28
CA THR P 190 39.51 48.58 -19.40
C THR P 190 39.58 49.72 -20.41
N HIS P 191 40.61 50.57 -20.27
CA HIS P 191 40.85 51.67 -21.20
C HIS P 191 42.26 51.63 -21.75
N HIS P 192 42.35 51.58 -23.08
CA HIS P 192 43.63 51.66 -23.79
C HIS P 192 43.45 52.50 -25.05
N PRO P 193 44.05 53.71 -25.06
CA PRO P 193 43.96 54.57 -26.24
C PRO P 193 44.92 54.13 -27.33
N VAL P 194 44.46 54.16 -28.58
CA VAL P 194 45.34 53.92 -29.73
C VAL P 194 46.05 55.22 -30.13
N SER P 195 45.41 56.35 -29.81
CA SER P 195 45.96 57.68 -30.09
C SER P 195 45.16 58.77 -29.36
N ASP P 196 44.58 59.68 -30.14
CA ASP P 196 43.85 60.83 -29.61
C ASP P 196 42.44 60.95 -30.21
N HIS P 197 42.25 60.31 -31.36
CA HIS P 197 40.95 60.30 -32.03
C HIS P 197 40.14 59.05 -31.70
N GLU P 198 40.84 57.99 -31.29
CA GLU P 198 40.20 56.71 -30.98
C GLU P 198 40.83 56.03 -29.77
N ALA P 199 39.99 55.39 -28.96
CA ALA P 199 40.42 54.59 -27.82
C ALA P 199 39.67 53.25 -27.82
N THR P 200 40.19 52.28 -27.08
CA THR P 200 39.59 50.95 -27.05
C THR P 200 38.94 50.65 -25.70
N LEU P 201 37.61 50.69 -25.68
CA LEU P 201 36.84 50.23 -24.53
C LEU P 201 36.70 48.72 -24.63
N ARG P 202 36.91 48.04 -23.51
CA ARG P 202 36.85 46.58 -23.47
C ARG P 202 36.05 46.11 -22.27
N CYS P 203 34.95 45.40 -22.55
CA CYS P 203 34.13 44.80 -21.50
C CYS P 203 34.61 43.37 -21.27
N TRP P 204 34.84 43.04 -20.00
CA TRP P 204 35.31 41.72 -19.63
C TRP P 204 34.26 40.92 -18.87
N ALA P 205 34.35 39.61 -18.97
CA ALA P 205 33.50 38.70 -18.22
C ALA P 205 34.32 37.50 -17.78
N LEU P 206 34.39 37.29 -16.47
CA LEU P 206 35.23 36.24 -15.90
C LEU P 206 34.52 35.50 -14.77
N GLY P 207 34.85 34.23 -14.60
CA GLY P 207 34.33 33.41 -13.50
C GLY P 207 32.84 33.13 -13.56
N PHE P 208 32.36 32.75 -14.73
CA PHE P 208 30.94 32.43 -14.89
C PHE P 208 30.68 30.99 -15.36
N TYR P 209 29.52 30.46 -14.96
CA TYR P 209 29.07 29.14 -15.36
C TYR P 209 27.54 29.12 -15.51
N PRO P 210 27.03 28.54 -16.63
CA PRO P 210 27.77 27.89 -17.72
C PRO P 210 28.39 28.85 -18.76
N ALA P 211 28.87 28.29 -19.86
CA ALA P 211 29.61 29.04 -20.90
C ALA P 211 28.74 30.01 -21.70
N GLU P 212 27.43 29.74 -21.74
CA GLU P 212 26.49 30.59 -22.48
C GLU P 212 26.45 31.99 -21.87
N ILE P 213 26.63 33.00 -22.73
CA ILE P 213 26.74 34.40 -22.31
C ILE P 213 26.65 35.34 -23.52
N THR P 214 26.05 36.50 -23.33
CA THR P 214 25.97 37.51 -24.39
C THR P 214 26.58 38.83 -23.94
N LEU P 215 27.60 39.27 -24.67
CA LEU P 215 28.27 40.55 -24.42
C LEU P 215 28.08 41.45 -25.64
N THR P 216 27.37 42.55 -25.42
CA THR P 216 27.06 43.50 -26.50
C THR P 216 27.47 44.91 -26.12
N TRP P 217 27.96 45.65 -27.11
CA TRP P 217 28.23 47.08 -26.95
C TRP P 217 27.16 47.89 -27.67
N GLN P 218 26.66 48.94 -27.01
CA GLN P 218 25.62 49.79 -27.57
C GLN P 218 26.05 51.25 -27.62
N ARG P 219 25.95 51.84 -28.81
CA ARG P 219 26.16 53.28 -28.98
C ARG P 219 24.82 54.00 -28.85
N ASP P 220 24.55 54.50 -27.64
CA ASP P 220 23.29 55.19 -27.29
C ASP P 220 22.06 54.27 -27.30
N GLY P 221 22.29 52.96 -27.23
CA GLY P 221 21.22 51.98 -27.32
C GLY P 221 21.31 51.17 -28.60
N GLU P 222 21.81 51.82 -29.65
CA GLU P 222 21.98 51.20 -30.96
C GLU P 222 23.17 50.23 -30.95
N ASP P 223 22.88 48.94 -31.05
CA ASP P 223 23.88 47.87 -31.02
C ASP P 223 25.05 48.10 -31.97
N GLN P 224 26.26 47.97 -31.45
CA GLN P 224 27.48 48.13 -32.25
C GLN P 224 27.91 46.82 -32.91
N THR P 225 26.92 46.06 -33.38
CA THR P 225 27.12 44.74 -33.98
C THR P 225 28.31 44.68 -34.95
N GLN P 226 28.54 45.79 -35.66
CA GLN P 226 29.61 45.87 -36.64
C GLN P 226 30.99 46.01 -36.00
N ASP P 227 31.26 47.18 -35.43
CA ASP P 227 32.60 47.50 -34.92
C ASP P 227 32.86 46.95 -33.50
N THR P 228 32.50 45.68 -33.29
CA THR P 228 32.73 45.02 -32.00
C THR P 228 33.69 43.84 -32.14
N GLU P 229 34.83 43.93 -31.45
CA GLU P 229 35.81 42.85 -31.41
C GLU P 229 35.38 41.84 -30.34
N LEU P 230 35.03 40.64 -30.79
CA LEU P 230 34.38 39.64 -29.95
C LEU P 230 35.11 38.30 -29.99
N VAL P 231 35.64 37.88 -28.84
CA VAL P 231 36.40 36.62 -28.75
C VAL P 231 35.56 35.45 -28.27
N GLU P 232 35.93 34.26 -28.74
CA GLU P 232 35.24 33.02 -28.40
C GLU P 232 35.31 32.72 -26.90
N THR P 233 34.19 32.28 -26.34
CA THR P 233 34.10 31.90 -24.93
C THR P 233 35.14 30.82 -24.62
N ARG P 234 36.02 31.12 -23.68
CA ARG P 234 37.15 30.26 -23.37
C ARG P 234 37.15 29.82 -21.90
N PRO P 235 37.59 28.57 -21.64
CA PRO P 235 37.65 28.02 -20.29
C PRO P 235 38.67 28.74 -19.42
N ALA P 236 38.30 29.03 -18.17
CA ALA P 236 39.21 29.65 -17.23
C ALA P 236 40.25 28.65 -16.75
N GLY P 237 39.84 27.40 -16.57
CA GLY P 237 40.72 26.35 -16.08
C GLY P 237 40.25 25.76 -14.76
N ASP P 238 39.36 26.48 -14.07
CA ASP P 238 38.78 25.98 -12.82
C ASP P 238 37.25 25.91 -12.89
N ARG P 239 36.75 25.27 -13.96
CA ARG P 239 35.31 25.03 -14.18
C ARG P 239 34.49 26.30 -14.49
N THR P 240 35.18 27.42 -14.70
CA THR P 240 34.52 28.67 -15.06
C THR P 240 34.90 29.07 -16.47
N PHE P 241 34.21 30.07 -17.02
CA PHE P 241 34.51 30.56 -18.36
C PHE P 241 34.75 32.06 -18.37
N GLN P 242 35.40 32.54 -19.44
CA GLN P 242 35.67 33.96 -19.60
C GLN P 242 35.46 34.43 -21.04
N LYS P 243 35.11 35.71 -21.18
CA LYS P 243 34.88 36.32 -22.49
C LYS P 243 35.10 37.83 -22.42
N TRP P 244 35.50 38.42 -23.55
CA TRP P 244 35.55 39.88 -23.66
C TRP P 244 35.04 40.42 -25.00
N ALA P 245 34.58 41.67 -24.95
CA ALA P 245 34.13 42.39 -26.14
C ALA P 245 34.75 43.79 -26.16
N ALA P 246 35.26 44.19 -27.32
CA ALA P 246 35.93 45.47 -27.45
C ALA P 246 35.30 46.35 -28.52
N VAL P 247 35.31 47.65 -28.28
CA VAL P 247 34.80 48.61 -29.25
C VAL P 247 35.75 49.81 -29.36
N VAL P 248 36.14 50.13 -30.59
CA VAL P 248 37.04 51.26 -30.86
C VAL P 248 36.20 52.54 -30.92
N VAL P 249 36.21 53.28 -29.81
CA VAL P 249 35.36 54.46 -29.65
C VAL P 249 36.12 55.77 -29.87
N PRO P 250 35.45 56.80 -30.43
CA PRO P 250 36.08 58.11 -30.53
C PRO P 250 36.33 58.71 -29.14
N SER P 251 37.51 59.31 -28.97
CA SER P 251 37.93 59.87 -27.69
C SER P 251 37.04 61.05 -27.29
N GLY P 252 36.84 61.22 -25.99
CA GLY P 252 35.97 62.28 -25.47
C GLY P 252 34.53 61.83 -25.27
N GLU P 253 34.07 60.91 -26.13
CA GLU P 253 32.70 60.38 -26.07
C GLU P 253 32.64 58.90 -25.66
N GLU P 254 33.15 58.60 -24.46
CA GLU P 254 33.10 57.25 -23.90
C GLU P 254 31.84 57.00 -23.06
N GLN P 255 31.15 58.08 -22.69
CA GLN P 255 29.94 58.01 -21.87
C GLN P 255 28.70 57.53 -22.63
N ARG P 256 28.75 57.64 -23.95
CA ARG P 256 27.65 57.21 -24.81
C ARG P 256 27.56 55.68 -24.93
N TYR P 257 28.66 55.01 -24.65
CA TYR P 257 28.78 53.56 -24.88
C TYR P 257 28.46 52.73 -23.64
N THR P 258 27.67 51.68 -23.83
CA THR P 258 27.25 50.78 -22.75
C THR P 258 27.54 49.33 -23.11
N CYS P 259 27.99 48.56 -22.14
CA CYS P 259 28.17 47.12 -22.29
C CYS P 259 27.01 46.37 -21.64
N HIS P 260 26.43 45.42 -22.37
CA HIS P 260 25.30 44.65 -21.86
C HIS P 260 25.62 43.16 -21.67
N VAL P 261 25.57 42.72 -20.42
CA VAL P 261 25.95 41.36 -20.04
C VAL P 261 24.72 40.52 -19.72
N GLN P 262 24.61 39.38 -20.40
CA GLN P 262 23.49 38.46 -20.22
C GLN P 262 23.97 37.08 -19.78
N HIS P 263 23.54 36.65 -18.60
CA HIS P 263 23.94 35.36 -18.07
C HIS P 263 22.92 34.76 -17.10
N GLU P 264 22.92 33.44 -17.02
CA GLU P 264 22.04 32.67 -16.14
C GLU P 264 22.24 33.02 -14.66
N GLY P 265 23.49 33.28 -14.28
CA GLY P 265 23.82 33.65 -12.90
C GLY P 265 23.37 35.05 -12.50
N LEU P 266 23.09 35.88 -13.50
CA LEU P 266 22.63 37.24 -13.26
C LEU P 266 21.13 37.26 -13.00
N PRO P 267 20.69 38.04 -11.98
CA PRO P 267 19.26 38.23 -11.73
C PRO P 267 18.63 39.08 -12.85
N LYS P 268 19.06 40.33 -12.94
CA LYS P 268 18.70 41.21 -14.04
C LYS P 268 19.97 41.44 -14.87
N PRO P 269 19.82 41.52 -16.21
CA PRO P 269 20.97 41.82 -17.05
C PRO P 269 21.69 43.10 -16.62
N LEU P 270 23.01 43.15 -16.85
CA LEU P 270 23.79 44.28 -16.42
C LEU P 270 24.03 45.30 -17.54
N THR P 271 24.11 46.56 -17.15
CA THR P 271 24.48 47.64 -18.06
C THR P 271 25.62 48.43 -17.42
N LEU P 272 26.75 48.49 -18.12
CA LEU P 272 27.94 49.16 -17.59
C LEU P 272 28.60 50.06 -18.62
N ARG P 273 29.02 51.25 -18.18
CA ARG P 273 29.80 52.18 -18.98
C ARG P 273 31.25 52.14 -18.51
N TRP P 274 32.11 52.87 -19.20
CA TRP P 274 33.46 53.06 -18.69
C TRP P 274 33.40 54.03 -17.52
N GLU P 275 34.08 53.66 -16.44
CA GLU P 275 34.11 54.48 -15.23
C GLU P 275 35.51 55.08 -15.04
N PRO P 276 35.64 56.40 -15.27
CA PRO P 276 36.92 57.10 -15.13
C PRO P 276 37.42 57.09 -13.69
N ILE Q 1 37.01 18.34 -44.46
CA ILE Q 1 37.80 17.16 -44.02
C ILE Q 1 39.04 17.55 -43.20
N GLN Q 2 39.55 18.76 -43.46
CA GLN Q 2 40.67 19.32 -42.71
C GLN Q 2 40.34 20.74 -42.22
N ARG Q 3 40.60 20.99 -40.95
CA ARG Q 3 40.30 22.29 -40.34
C ARG Q 3 41.47 22.85 -39.54
N THR Q 4 41.75 24.14 -39.73
CA THR Q 4 42.84 24.85 -39.06
C THR Q 4 42.53 25.10 -37.57
N PRO Q 5 43.53 24.88 -36.69
CA PRO Q 5 43.33 25.06 -35.25
C PRO Q 5 43.38 26.52 -34.79
N LYS Q 6 42.24 27.02 -34.34
CA LYS Q 6 42.15 28.35 -33.74
C LYS Q 6 42.90 28.31 -32.41
N ILE Q 7 43.62 29.39 -32.10
CA ILE Q 7 44.45 29.46 -30.90
C ILE Q 7 44.06 30.68 -30.05
N GLN Q 8 44.02 30.49 -28.73
CA GLN Q 8 43.83 31.58 -27.78
C GLN Q 8 44.74 31.40 -26.57
N VAL Q 9 45.50 32.43 -26.24
CA VAL Q 9 46.43 32.38 -25.11
C VAL Q 9 46.06 33.44 -24.07
N TYR Q 10 45.98 33.02 -22.81
CA TYR Q 10 45.48 33.87 -21.73
C TYR Q 10 45.83 33.32 -20.34
N SER Q 11 45.64 34.16 -19.33
CA SER Q 11 45.82 33.74 -17.94
C SER Q 11 44.46 33.48 -17.27
N ARG Q 12 44.44 32.54 -16.33
CA ARG Q 12 43.23 32.17 -15.60
C ARG Q 12 42.63 33.37 -14.86
N HIS Q 13 43.45 34.00 -14.01
CA HIS Q 13 43.06 35.18 -13.26
C HIS Q 13 43.66 36.43 -13.90
N PRO Q 14 43.18 37.64 -13.51
CA PRO Q 14 43.84 38.87 -13.97
C PRO Q 14 45.34 38.84 -13.67
N ALA Q 15 46.16 39.15 -14.68
CA ALA Q 15 47.61 39.05 -14.57
C ALA Q 15 48.22 40.13 -13.66
N GLU Q 16 48.70 39.70 -12.51
CA GLU Q 16 49.35 40.58 -11.53
C GLU Q 16 50.78 40.09 -11.32
N ASN Q 17 51.74 41.01 -11.49
CA ASN Q 17 53.16 40.69 -11.38
C ASN Q 17 53.55 40.29 -9.95
N GLY Q 18 54.07 39.07 -9.83
CA GLY Q 18 54.46 38.51 -8.53
C GLY Q 18 53.50 37.44 -8.03
N LYS Q 19 52.21 37.66 -8.27
CA LYS Q 19 51.17 36.71 -7.86
C LYS Q 19 51.10 35.54 -8.84
N SER Q 20 51.06 34.32 -8.30
CA SER Q 20 51.02 33.09 -9.12
C SER Q 20 49.67 32.89 -9.79
N ASN Q 21 49.70 32.31 -11.00
CA ASN Q 21 48.51 32.14 -11.82
C ASN Q 21 48.64 30.94 -12.76
N PHE Q 22 47.72 30.81 -13.72
CA PHE Q 22 47.77 29.77 -14.72
C PHE Q 22 47.77 30.35 -16.12
N LEU Q 23 48.65 29.86 -16.99
CA LEU Q 23 48.68 30.28 -18.38
C LEU Q 23 48.15 29.19 -19.29
N ASN Q 24 47.11 29.52 -20.04
CA ASN Q 24 46.42 28.57 -20.92
C ASN Q 24 46.80 28.73 -22.39
N CYS Q 25 46.59 27.66 -23.16
CA CYS Q 25 46.61 27.73 -24.61
C CYS Q 25 45.44 26.92 -25.16
N TYR Q 26 44.33 27.61 -25.39
CA TYR Q 26 43.10 26.98 -25.84
C TYR Q 26 43.10 26.82 -27.36
N VAL Q 27 43.28 25.59 -27.82
CA VAL Q 27 43.15 25.26 -29.24
C VAL Q 27 41.74 24.73 -29.49
N SER Q 28 41.21 25.02 -30.67
CA SER Q 28 39.83 24.66 -31.01
C SER Q 28 39.57 24.66 -32.51
N GLY Q 29 38.48 24.02 -32.92
CA GLY Q 29 38.00 24.10 -34.31
C GLY Q 29 38.81 23.35 -35.35
N PHE Q 30 39.59 22.37 -34.91
CA PHE Q 30 40.47 21.61 -35.81
C PHE Q 30 40.06 20.14 -36.01
N HIS Q 31 40.43 19.61 -37.18
CA HIS Q 31 40.18 18.22 -37.55
C HIS Q 31 41.26 17.83 -38.58
N PRO Q 32 41.98 16.71 -38.35
CA PRO Q 32 41.91 15.69 -37.29
C PRO Q 32 42.42 16.13 -35.91
N SER Q 33 42.37 15.21 -34.95
CA SER Q 33 42.62 15.50 -33.54
C SER Q 33 44.09 15.74 -33.18
N ASP Q 34 44.99 14.99 -33.80
CA ASP Q 34 46.42 15.08 -33.50
C ASP Q 34 46.95 16.50 -33.65
N ILE Q 35 47.57 17.00 -32.59
CA ILE Q 35 48.07 18.38 -32.54
C ILE Q 35 49.22 18.50 -31.52
N GLU Q 36 50.25 19.26 -31.88
CA GLU Q 36 51.40 19.47 -31.00
C GLU Q 36 51.41 20.88 -30.44
N VAL Q 37 50.97 21.00 -29.19
CA VAL Q 37 50.89 22.28 -28.51
C VAL Q 37 51.99 22.38 -27.45
N ASP Q 38 52.73 23.50 -27.50
CA ASP Q 38 53.79 23.78 -26.54
C ASP Q 38 53.63 25.18 -25.97
N LEU Q 39 54.00 25.33 -24.70
CA LEU Q 39 53.98 26.63 -24.05
C LEU Q 39 55.42 27.16 -23.97
N LEU Q 40 55.64 28.37 -24.46
CA LEU Q 40 56.98 28.92 -24.60
C LEU Q 40 57.28 30.09 -23.67
N LYS Q 41 58.25 29.91 -22.77
CA LYS Q 41 58.73 31.01 -21.93
C LYS Q 41 60.04 31.55 -22.50
N ASN Q 42 60.02 32.84 -22.84
CA ASN Q 42 61.18 33.55 -23.39
C ASN Q 42 61.83 32.86 -24.60
N GLY Q 43 61.02 32.13 -25.37
CA GLY Q 43 61.49 31.41 -26.55
C GLY Q 43 61.66 29.91 -26.34
N GLU Q 44 62.00 29.51 -25.11
CA GLU Q 44 62.19 28.10 -24.75
C GLU Q 44 60.89 27.38 -24.38
N ARG Q 45 60.98 26.06 -24.19
CA ARG Q 45 59.83 25.21 -23.94
C ARG Q 45 59.55 25.02 -22.44
N ILE Q 46 58.30 25.16 -22.05
CA ILE Q 46 57.87 24.91 -20.66
C ILE Q 46 57.74 23.40 -20.41
N GLU Q 47 58.37 22.94 -19.34
CA GLU Q 47 58.32 21.55 -18.92
C GLU Q 47 57.09 21.32 -18.04
N LYS Q 48 56.51 20.12 -18.14
CA LYS Q 48 55.25 19.78 -17.47
C LYS Q 48 54.09 20.66 -17.90
N VAL Q 49 53.65 20.46 -19.14
CA VAL Q 49 52.44 21.11 -19.65
C VAL Q 49 51.31 20.09 -19.67
N GLU Q 50 50.34 20.28 -18.80
CA GLU Q 50 49.14 19.44 -18.78
C GLU Q 50 48.12 19.93 -19.81
N HIS Q 51 47.19 19.06 -20.17
CA HIS Q 51 46.07 19.42 -21.03
C HIS Q 51 44.78 18.70 -20.65
N SER Q 52 43.65 19.32 -20.98
CA SER Q 52 42.34 18.73 -20.74
C SER Q 52 42.12 17.53 -21.65
N ASP Q 53 41.07 16.76 -21.37
CA ASP Q 53 40.77 15.57 -22.15
C ASP Q 53 40.20 15.93 -23.52
N LEU Q 54 40.59 15.16 -24.53
CA LEU Q 54 40.18 15.42 -25.92
C LEU Q 54 38.66 15.32 -26.09
N SER Q 55 38.05 16.48 -26.31
CA SER Q 55 36.61 16.60 -26.53
C SER Q 55 36.37 17.32 -27.85
N PHE Q 56 35.10 17.51 -28.22
CA PHE Q 56 34.76 18.25 -29.43
C PHE Q 56 33.40 18.98 -29.42
N SER Q 57 33.21 19.87 -30.39
CA SER Q 57 32.02 20.69 -30.50
C SER Q 57 31.00 20.10 -31.47
N LYS Q 58 29.87 20.77 -31.64
CA LYS Q 58 28.73 20.26 -32.44
C LYS Q 58 29.04 19.97 -33.91
N ASP Q 59 29.93 20.77 -34.50
CA ASP Q 59 30.37 20.52 -35.87
C ASP Q 59 31.50 19.50 -35.94
N TRP Q 60 31.70 18.80 -34.82
CA TRP Q 60 32.65 17.68 -34.69
C TRP Q 60 34.11 18.08 -34.42
N SER Q 61 34.39 19.38 -34.46
CA SER Q 61 35.76 19.88 -34.30
C SER Q 61 36.24 19.82 -32.85
N PHE Q 62 37.48 19.33 -32.67
CA PHE Q 62 38.05 19.12 -31.34
C PHE Q 62 38.52 20.41 -30.67
N TYR Q 63 38.60 20.37 -29.34
CA TYR Q 63 39.27 21.41 -28.57
C TYR Q 63 40.13 20.76 -27.48
N LEU Q 64 41.11 21.52 -26.98
CA LEU Q 64 41.99 21.07 -25.88
C LEU Q 64 42.50 22.27 -25.11
N LEU Q 65 42.70 22.10 -23.80
CA LEU Q 65 43.23 23.17 -22.95
C LEU Q 65 44.57 22.82 -22.30
N TYR Q 66 45.64 23.42 -22.82
CA TYR Q 66 46.99 23.24 -22.30
C TYR Q 66 47.32 24.37 -21.33
N TYR Q 67 47.75 24.01 -20.12
CA TYR Q 67 48.01 24.99 -19.06
C TYR Q 67 49.22 24.64 -18.15
N THR Q 68 49.57 25.59 -17.27
CA THR Q 68 50.62 25.41 -16.26
C THR Q 68 50.69 26.60 -15.28
N GLU Q 69 51.19 26.36 -14.07
CA GLU Q 69 51.36 27.42 -13.08
C GLU Q 69 52.51 28.38 -13.44
N PHE Q 70 52.21 29.67 -13.46
CA PHE Q 70 53.19 30.68 -13.84
C PHE Q 70 53.14 31.92 -12.95
N THR Q 71 54.15 32.78 -13.09
CA THR Q 71 54.23 34.02 -12.34
C THR Q 71 54.72 35.13 -13.28
N PRO Q 72 53.81 36.06 -13.65
CA PRO Q 72 54.12 37.10 -14.65
C PRO Q 72 55.03 38.21 -14.12
N THR Q 73 55.89 38.73 -14.99
CA THR Q 73 56.73 39.90 -14.70
C THR Q 73 56.88 40.77 -15.95
N GLU Q 74 57.41 41.97 -15.76
CA GLU Q 74 57.66 42.90 -16.87
C GLU Q 74 58.73 42.38 -17.84
N LYS Q 75 59.63 41.54 -17.33
CA LYS Q 75 60.73 40.98 -18.13
C LYS Q 75 60.34 39.70 -18.88
N ASP Q 76 59.82 38.72 -18.15
CA ASP Q 76 59.48 37.41 -18.72
C ASP Q 76 58.36 37.50 -19.75
N GLU Q 77 58.62 36.97 -20.94
CA GLU Q 77 57.64 36.92 -22.03
C GLU Q 77 57.17 35.48 -22.24
N TYR Q 78 55.90 35.32 -22.57
CA TYR Q 78 55.31 34.00 -22.75
C TYR Q 78 54.59 33.88 -24.10
N ALA Q 79 54.62 32.68 -24.67
CA ALA Q 79 53.98 32.42 -25.96
C ALA Q 79 53.50 30.97 -26.08
N CYS Q 80 52.84 30.65 -27.19
CA CYS Q 80 52.36 29.31 -27.46
C CYS Q 80 52.61 28.90 -28.91
N ARG Q 81 53.28 27.76 -29.09
CA ARG Q 81 53.59 27.21 -30.41
C ARG Q 81 52.68 26.01 -30.73
N VAL Q 82 51.97 26.11 -31.85
CA VAL Q 82 51.03 25.07 -32.28
C VAL Q 82 51.34 24.59 -33.70
N ASN Q 83 51.53 23.27 -33.85
CA ASN Q 83 51.79 22.67 -35.16
C ASN Q 83 50.81 21.55 -35.51
N HIS Q 84 49.92 21.85 -36.45
CA HIS Q 84 48.87 20.94 -36.91
C HIS Q 84 49.16 20.51 -38.35
N VAL Q 85 48.41 19.54 -38.85
CA VAL Q 85 48.60 18.99 -40.21
C VAL Q 85 48.30 20.01 -41.32
N THR Q 86 47.30 20.86 -41.10
CA THR Q 86 46.95 21.91 -42.08
C THR Q 86 47.96 23.05 -42.09
N LEU Q 87 48.87 23.04 -41.12
CA LEU Q 87 49.90 24.08 -40.98
C LEU Q 87 51.24 23.65 -41.59
N SER Q 88 51.84 24.55 -42.36
CA SER Q 88 53.16 24.34 -42.94
C SER Q 88 54.23 24.51 -41.87
N GLN Q 89 54.19 25.66 -41.19
CA GLN Q 89 55.15 25.99 -40.12
C GLN Q 89 54.44 26.34 -38.81
N PRO Q 90 55.06 25.99 -37.66
CA PRO Q 90 54.45 26.20 -36.34
C PRO Q 90 54.03 27.65 -36.07
N LYS Q 91 52.74 27.84 -35.81
CA LYS Q 91 52.19 29.18 -35.54
C LYS Q 91 52.28 29.53 -34.05
N ILE Q 92 53.09 30.54 -33.75
CA ILE Q 92 53.25 31.02 -32.38
C ILE Q 92 52.42 32.30 -32.17
N VAL Q 93 51.74 32.38 -31.02
CA VAL Q 93 50.99 33.57 -30.66
C VAL Q 93 51.38 34.04 -29.26
N LYS Q 94 51.86 35.29 -29.17
CA LYS Q 94 52.34 35.87 -27.91
C LYS Q 94 51.21 36.17 -26.93
N TRP Q 95 51.55 36.14 -25.63
CA TRP Q 95 50.59 36.37 -24.55
C TRP Q 95 50.45 37.85 -24.19
N ASP Q 96 49.30 38.44 -24.51
CA ASP Q 96 48.97 39.80 -24.13
C ASP Q 96 47.92 39.79 -23.00
N ARG Q 97 48.32 40.31 -21.84
CA ARG Q 97 47.52 40.22 -20.61
C ARG Q 97 46.16 40.94 -20.67
N ASP Q 98 46.03 41.93 -21.53
CA ASP Q 98 44.78 42.67 -21.68
C ASP Q 98 43.88 42.12 -22.80
N MET Q 99 44.32 41.03 -23.41
CA MET Q 99 43.51 40.30 -24.40
C MET Q 99 43.31 38.84 -23.95
N GLU R 1 26.55 8.11 -16.15
CA GLU R 1 26.29 6.71 -16.58
C GLU R 1 26.14 6.64 -18.10
N PRO R 2 27.05 5.92 -18.77
CA PRO R 2 27.07 5.79 -20.23
C PRO R 2 26.08 4.78 -20.78
N LEU R 3 25.81 4.87 -22.08
CA LEU R 3 24.93 3.92 -22.75
C LEU R 3 25.63 2.57 -22.95
N PRO R 4 25.01 1.48 -22.46
CA PRO R 4 25.57 0.14 -22.62
C PRO R 4 25.39 -0.38 -24.05
N GLN R 5 26.45 -0.97 -24.61
CA GLN R 5 26.45 -1.36 -26.03
C GLN R 5 26.79 -2.83 -26.25
N GLY R 6 27.96 -3.10 -26.83
CA GLY R 6 28.39 -4.47 -27.15
C GLY R 6 28.21 -4.84 -28.61
N GLN R 7 28.26 -6.14 -28.90
CA GLN R 7 28.10 -6.64 -30.28
C GLN R 7 26.67 -6.41 -30.76
N LEU R 8 26.53 -6.22 -32.07
CA LEU R 8 25.26 -5.87 -32.72
C LEU R 8 24.96 -4.37 -32.65
N THR R 9 25.79 -3.63 -31.91
CA THR R 9 25.72 -2.17 -31.89
C THR R 9 26.79 -1.57 -32.81
N ALA R 10 27.77 -2.39 -33.17
CA ALA R 10 28.85 -2.01 -34.08
C ALA R 10 28.31 -1.44 -35.39
N TYR R 11 29.03 -0.45 -35.92
CA TYR R 11 28.60 0.26 -37.12
C TYR R 11 28.77 -0.59 -38.37
N GLN S 1 17.62 -5.84 -5.57
CA GLN S 1 16.92 -6.08 -6.87
C GLN S 1 15.48 -6.57 -6.65
N ASN S 2 15.34 -7.64 -5.87
CA ASN S 2 14.04 -8.27 -5.53
C ASN S 2 12.98 -8.42 -6.63
N ILE S 3 12.97 -9.58 -7.26
CA ILE S 3 11.96 -9.93 -8.25
C ILE S 3 10.92 -10.89 -7.65
N ASP S 4 9.67 -10.48 -7.69
CA ASP S 4 8.58 -11.29 -7.16
C ASP S 4 7.67 -11.80 -8.27
N GLN S 5 7.37 -13.08 -8.22
CA GLN S 5 6.46 -13.74 -9.15
C GLN S 5 5.84 -14.96 -8.48
N PRO S 6 4.60 -15.31 -8.87
CA PRO S 6 3.90 -16.44 -8.24
C PRO S 6 4.71 -17.73 -8.35
N THR S 7 4.70 -18.52 -7.28
CA THR S 7 5.49 -19.75 -7.23
C THR S 7 4.94 -20.80 -8.18
N GLU S 8 3.61 -20.89 -8.23
CA GLU S 8 2.92 -21.91 -9.03
C GLU S 8 1.54 -21.44 -9.44
N MET S 9 1.18 -21.76 -10.68
CA MET S 9 -0.15 -21.50 -11.20
C MET S 9 -0.67 -22.73 -11.94
N THR S 10 -1.97 -22.74 -12.25
CA THR S 10 -2.63 -23.91 -12.80
C THR S 10 -3.66 -23.46 -13.82
N ALA S 11 -3.65 -24.09 -14.99
CA ALA S 11 -4.62 -23.80 -16.04
C ALA S 11 -4.92 -25.04 -16.87
N THR S 12 -6.10 -25.10 -17.48
CA THR S 12 -6.46 -26.19 -18.37
C THR S 12 -6.00 -25.81 -19.78
N GLU S 13 -5.91 -26.79 -20.67
CA GLU S 13 -5.55 -26.51 -22.07
C GLU S 13 -6.64 -25.71 -22.80
N GLY S 14 -6.21 -24.77 -23.64
CA GLY S 14 -7.13 -23.92 -24.40
C GLY S 14 -7.45 -22.60 -23.72
N ALA S 15 -7.12 -22.51 -22.43
CA ALA S 15 -7.37 -21.33 -21.61
C ALA S 15 -6.30 -20.25 -21.76
N ILE S 16 -6.45 -19.18 -20.98
CA ILE S 16 -5.62 -17.97 -21.07
C ILE S 16 -5.04 -17.60 -19.69
N VAL S 17 -3.72 -17.66 -19.54
CA VAL S 17 -3.07 -17.40 -18.25
C VAL S 17 -2.17 -16.15 -18.24
N GLN S 18 -2.22 -15.41 -17.13
CA GLN S 18 -1.41 -14.21 -16.96
C GLN S 18 -0.40 -14.36 -15.82
N ILE S 19 0.87 -14.48 -16.17
CA ILE S 19 1.95 -14.55 -15.17
C ILE S 19 2.54 -13.19 -14.90
N ASN S 20 2.32 -12.68 -13.69
CA ASN S 20 2.80 -11.36 -13.30
C ASN S 20 4.26 -11.36 -12.88
N CYS S 21 4.90 -10.20 -13.00
CA CYS S 21 6.23 -9.99 -12.47
C CYS S 21 6.42 -8.52 -12.07
N THR S 22 6.62 -8.29 -10.78
CA THR S 22 6.94 -6.96 -10.27
C THR S 22 8.42 -6.88 -9.93
N TYR S 23 8.99 -5.70 -10.09
CA TYR S 23 10.39 -5.45 -9.77
C TYR S 23 10.54 -4.07 -9.14
N GLN S 24 11.23 -4.02 -8.01
CA GLN S 24 11.54 -2.76 -7.36
C GLN S 24 12.84 -2.31 -7.97
N THR S 25 12.77 -1.51 -9.03
CA THR S 25 14.01 -1.15 -9.70
C THR S 25 14.19 0.30 -10.18
N SER S 26 15.26 0.88 -9.63
CA SER S 26 15.94 2.00 -10.22
C SER S 26 17.00 1.35 -11.11
N GLY S 27 17.57 2.13 -12.02
CA GLY S 27 18.60 1.61 -12.91
C GLY S 27 18.05 0.70 -13.99
N PHE S 28 16.73 0.57 -14.06
CA PHE S 28 16.07 -0.35 -14.98
C PHE S 28 16.51 -0.18 -16.43
N ASN S 29 17.07 -1.24 -16.98
CA ASN S 29 17.41 -1.26 -18.40
C ASN S 29 16.95 -2.53 -19.12
N GLY S 30 15.68 -2.89 -18.94
CA GLY S 30 15.08 -4.01 -19.67
C GLY S 30 14.66 -5.19 -18.82
N LEU S 31 13.60 -5.88 -19.26
CA LEU S 31 13.11 -7.09 -18.59
C LEU S 31 12.93 -8.21 -19.61
N PHE S 32 13.48 -9.39 -19.29
CA PHE S 32 13.44 -10.55 -20.16
C PHE S 32 12.51 -11.63 -19.59
N TRP S 33 11.80 -12.30 -20.48
CA TRP S 33 11.03 -13.50 -20.13
C TRP S 33 11.66 -14.76 -20.75
N TYR S 34 11.67 -15.84 -19.98
CA TYR S 34 12.23 -17.11 -20.46
C TYR S 34 11.34 -18.31 -20.15
N GLN S 35 11.32 -19.26 -21.07
CA GLN S 35 10.70 -20.56 -20.83
C GLN S 35 11.78 -21.57 -20.47
N GLN S 36 11.60 -22.25 -19.33
CA GLN S 36 12.43 -23.38 -18.98
C GLN S 36 11.56 -24.60 -18.66
N HIS S 37 11.70 -25.62 -19.49
CA HIS S 37 11.11 -26.91 -19.19
C HIS S 37 11.91 -27.54 -18.05
N ALA S 38 11.24 -28.36 -17.25
CA ALA S 38 11.90 -29.04 -16.14
C ALA S 38 13.01 -29.91 -16.69
N GLY S 39 14.25 -29.63 -16.29
CA GLY S 39 15.41 -30.41 -16.74
C GLY S 39 16.10 -29.90 -18.00
N GLU S 40 15.40 -29.11 -18.81
CA GLU S 40 15.98 -28.54 -20.03
C GLU S 40 16.67 -27.18 -19.76
N ALA S 41 17.12 -26.53 -20.83
CA ALA S 41 17.73 -25.20 -20.76
C ALA S 41 16.69 -24.09 -20.97
N PRO S 42 16.87 -22.93 -20.29
CA PRO S 42 15.95 -21.80 -20.51
C PRO S 42 16.11 -21.21 -21.90
N THR S 43 14.98 -21.00 -22.59
CA THR S 43 14.99 -20.41 -23.94
C THR S 43 14.28 -19.07 -23.99
N PHE S 44 14.71 -18.20 -24.90
CA PHE S 44 14.19 -16.82 -24.99
C PHE S 44 12.72 -16.77 -25.40
N LEU S 45 11.96 -15.95 -24.67
CA LEU S 45 10.57 -15.65 -25.04
C LEU S 45 10.41 -14.21 -25.53
N SER S 46 10.66 -13.25 -24.67
CA SER S 46 10.48 -11.84 -25.01
C SER S 46 11.43 -10.92 -24.24
N TYR S 47 11.68 -9.75 -24.81
CA TYR S 47 12.41 -8.66 -24.14
C TYR S 47 11.54 -7.41 -24.13
N ASN S 48 11.59 -6.69 -23.01
CA ASN S 48 10.75 -5.52 -22.82
C ASN S 48 11.51 -4.38 -22.15
N VAL S 49 11.47 -3.21 -22.77
CA VAL S 49 12.10 -2.01 -22.21
C VAL S 49 11.22 -0.76 -22.40
N LEU S 50 10.28 -0.83 -23.34
CA LEU S 50 9.32 0.26 -23.54
C LEU S 50 7.91 -0.12 -23.12
N ASP S 51 7.18 0.86 -22.58
CA ASP S 51 5.78 0.68 -22.19
C ASP S 51 4.96 0.11 -23.35
N GLY S 52 4.11 -0.86 -23.05
CA GLY S 52 3.22 -1.39 -24.08
C GLY S 52 2.99 -2.88 -24.04
N LEU S 53 2.23 -3.37 -25.02
CA LEU S 53 1.89 -4.77 -25.16
C LEU S 53 2.49 -5.31 -26.47
N GLU S 54 3.50 -6.15 -26.33
CA GLU S 54 4.16 -6.82 -27.44
C GLU S 54 3.63 -8.25 -27.54
N GLU S 55 3.18 -8.67 -28.73
CA GLU S 55 2.69 -10.03 -28.93
C GLU S 55 3.53 -10.81 -29.95
N LYS S 56 3.87 -12.05 -29.59
CA LYS S 56 4.45 -13.03 -30.50
C LYS S 56 3.63 -14.32 -30.45
N GLY S 57 2.75 -14.49 -31.44
CA GLY S 57 1.87 -15.65 -31.51
C GLY S 57 0.94 -15.73 -30.32
N ARG S 58 0.97 -16.88 -29.64
CA ARG S 58 0.12 -17.14 -28.49
C ARG S 58 0.65 -16.48 -27.22
N PHE S 59 1.81 -15.85 -27.33
CA PHE S 59 2.51 -15.25 -26.19
C PHE S 59 2.53 -13.74 -26.29
N SER S 60 2.03 -13.07 -25.26
CA SER S 60 2.04 -11.60 -25.18
C SER S 60 2.83 -11.13 -23.98
N SER S 61 3.65 -10.10 -24.18
CA SER S 61 4.45 -9.54 -23.10
C SER S 61 4.08 -8.07 -22.88
N PHE S 62 3.90 -7.71 -21.61
CA PHE S 62 3.48 -6.38 -21.22
C PHE S 62 4.50 -5.74 -20.30
N LEU S 63 4.70 -4.43 -20.45
CA LEU S 63 5.55 -3.66 -19.55
C LEU S 63 4.92 -2.35 -19.11
N SER S 64 5.02 -2.08 -17.81
CA SER S 64 4.56 -0.84 -17.21
C SER S 64 5.67 -0.32 -16.31
N ARG S 65 6.50 0.54 -16.87
CA ARG S 65 7.73 0.98 -16.22
C ARG S 65 7.48 1.89 -15.01
N SER S 66 6.50 2.77 -15.12
CA SER S 66 6.19 3.73 -14.07
C SER S 66 5.86 3.03 -12.75
N LYS S 67 5.45 1.77 -12.84
CA LYS S 67 5.09 0.96 -11.68
C LYS S 67 5.94 -0.30 -11.48
N GLY S 68 6.90 -0.51 -12.39
CA GLY S 68 7.76 -1.68 -12.32
C GLY S 68 6.96 -2.95 -12.37
N TYR S 69 6.13 -3.08 -13.40
CA TYR S 69 5.21 -4.20 -13.52
C TYR S 69 5.28 -4.82 -14.91
N SER S 70 5.17 -6.14 -14.95
CA SER S 70 5.19 -6.87 -16.20
C SER S 70 4.32 -8.11 -16.12
N TYR S 71 3.88 -8.60 -17.27
CA TYR S 71 3.26 -9.90 -17.32
C TYR S 71 3.48 -10.61 -18.64
N LEU S 72 3.56 -11.93 -18.57
CA LEU S 72 3.61 -12.74 -19.75
C LEU S 72 2.25 -13.39 -19.88
N LEU S 73 1.62 -13.18 -21.04
CA LEU S 73 0.24 -13.63 -21.26
C LEU S 73 0.19 -14.73 -22.33
N LEU S 74 -0.09 -15.95 -21.90
CA LEU S 74 -0.13 -17.10 -22.79
C LEU S 74 -1.57 -17.43 -23.15
N LYS S 75 -1.86 -17.38 -24.44
CA LYS S 75 -3.18 -17.70 -24.96
C LYS S 75 -3.24 -19.13 -25.48
N GLU S 76 -4.43 -19.72 -25.45
CA GLU S 76 -4.66 -21.08 -25.97
C GLU S 76 -3.62 -22.08 -25.44
N LEU S 77 -3.65 -22.34 -24.13
CA LEU S 77 -2.67 -23.23 -23.52
C LEU S 77 -2.58 -24.62 -24.15
N GLN S 78 -1.35 -25.09 -24.29
CA GLN S 78 -1.07 -26.41 -24.81
C GLN S 78 -0.25 -27.17 -23.77
N MET S 79 -0.38 -28.49 -23.76
CA MET S 79 0.34 -29.34 -22.82
C MET S 79 1.84 -29.05 -22.75
N LYS S 80 2.43 -28.70 -23.90
CA LYS S 80 3.85 -28.38 -23.99
C LYS S 80 4.22 -27.02 -23.38
N ASP S 81 3.22 -26.27 -22.94
CA ASP S 81 3.44 -25.01 -22.24
C ASP S 81 3.68 -25.22 -20.74
N SER S 82 3.54 -26.47 -20.27
CA SER S 82 3.91 -26.83 -18.91
C SER S 82 5.40 -26.64 -18.70
N ALA S 83 5.77 -25.50 -18.12
CA ALA S 83 7.16 -25.16 -17.91
C ALA S 83 7.31 -24.14 -16.79
N SER S 84 8.55 -23.80 -16.48
CA SER S 84 8.86 -22.73 -15.54
C SER S 84 9.06 -21.47 -16.37
N TYR S 85 8.37 -20.38 -16.00
CA TYR S 85 8.54 -19.12 -16.71
C TYR S 85 9.36 -18.12 -15.93
N LEU S 86 10.51 -17.77 -16.48
CA LEU S 86 11.51 -16.97 -15.76
C LEU S 86 11.47 -15.49 -16.14
N CYS S 87 11.47 -14.64 -15.11
CA CYS S 87 11.42 -13.20 -15.26
C CYS S 87 12.74 -12.56 -14.83
N ALA S 88 13.51 -12.03 -15.79
CA ALA S 88 14.83 -11.46 -15.51
C ALA S 88 14.93 -9.97 -15.86
N VAL S 89 15.59 -9.22 -14.98
CA VAL S 89 15.72 -7.77 -15.12
C VAL S 89 17.19 -7.36 -15.15
N GLN S 90 17.52 -6.44 -16.07
CA GLN S 90 18.85 -5.84 -16.15
C GLN S 90 18.80 -4.44 -15.58
N ALA S 91 19.64 -4.16 -14.59
CA ALA S 91 19.63 -2.86 -13.91
C ALA S 91 21.04 -2.34 -13.60
N SER S 92 21.13 -1.02 -13.40
CA SER S 92 22.37 -0.37 -12.95
C SER S 92 22.87 -0.96 -11.63
N GLY S 93 21.94 -1.11 -10.68
CA GLY S 93 22.24 -1.57 -9.32
C GLY S 93 23.41 -2.52 -9.24
N GLY S 94 23.21 -3.74 -9.72
CA GLY S 94 24.30 -4.69 -9.86
C GLY S 94 25.09 -4.29 -11.09
N SER S 95 24.78 -4.93 -12.20
CA SER S 95 25.21 -4.47 -13.52
C SER S 95 24.14 -4.95 -14.48
N TYR S 96 24.17 -4.45 -15.71
CA TYR S 96 23.11 -4.74 -16.69
C TYR S 96 23.09 -6.21 -17.13
N ILE S 97 23.54 -7.08 -16.23
CA ILE S 97 23.52 -8.53 -16.42
C ILE S 97 22.18 -9.08 -15.94
N PRO S 98 21.45 -9.79 -16.83
CA PRO S 98 20.16 -10.38 -16.52
C PRO S 98 20.17 -11.09 -15.17
N THR S 99 19.44 -10.52 -14.22
CA THR S 99 19.31 -11.08 -12.87
C THR S 99 17.92 -11.69 -12.71
N PHE S 100 17.88 -12.98 -12.39
CA PHE S 100 16.64 -13.79 -12.52
C PHE S 100 15.79 -13.86 -11.27
N GLY S 101 14.50 -14.14 -11.47
CA GLY S 101 13.57 -14.40 -10.38
C GLY S 101 13.49 -15.88 -10.10
N ARG S 102 12.78 -16.25 -9.04
CA ARG S 102 12.65 -17.65 -8.64
C ARG S 102 11.94 -18.49 -9.70
N GLY S 103 11.01 -17.89 -10.43
CA GLY S 103 10.34 -18.56 -11.55
C GLY S 103 8.97 -19.14 -11.21
N THR S 104 8.04 -18.99 -12.14
CA THR S 104 6.70 -19.53 -11.98
C THR S 104 6.57 -20.90 -12.62
N SER S 105 6.17 -21.89 -11.84
CA SER S 105 5.86 -23.19 -12.37
C SER S 105 4.42 -23.19 -12.89
N LEU S 106 4.25 -23.28 -14.20
CA LEU S 106 2.92 -23.37 -14.78
C LEU S 106 2.57 -24.83 -15.07
N ILE S 107 1.55 -25.33 -14.37
CA ILE S 107 1.05 -26.67 -14.66
C ILE S 107 -0.20 -26.56 -15.53
N VAL S 108 -0.08 -27.05 -16.77
CA VAL S 108 -1.21 -27.12 -17.68
C VAL S 108 -1.97 -28.43 -17.42
N HIS S 109 -3.27 -28.33 -17.16
CA HIS S 109 -4.11 -29.51 -16.97
C HIS S 109 -4.82 -29.90 -18.26
N PRO S 110 -4.89 -31.21 -18.55
CA PRO S 110 -5.72 -31.65 -19.67
C PRO S 110 -7.19 -31.61 -19.30
N TYR S 111 -8.06 -31.26 -20.25
CA TYR S 111 -9.49 -31.37 -20.01
C TYR S 111 -9.91 -32.82 -20.20
N ILE S 112 -10.58 -33.37 -19.19
CA ILE S 112 -10.97 -34.78 -19.18
C ILE S 112 -12.47 -34.90 -19.46
N GLN S 113 -12.80 -35.32 -20.67
CA GLN S 113 -14.18 -35.44 -21.11
C GLN S 113 -14.96 -36.45 -20.27
N ASN S 114 -14.48 -37.69 -20.25
CA ASN S 114 -15.13 -38.78 -19.51
C ASN S 114 -14.20 -39.34 -18.44
N PRO S 115 -14.33 -38.86 -17.19
CA PRO S 115 -13.51 -39.32 -16.08
C PRO S 115 -13.97 -40.69 -15.58
N ASP S 116 -13.04 -41.62 -15.46
CA ASP S 116 -13.35 -42.93 -14.89
C ASP S 116 -12.28 -43.38 -13.88
N PRO S 117 -12.36 -42.86 -12.65
CA PRO S 117 -11.36 -43.17 -11.62
C PRO S 117 -11.42 -44.63 -11.24
N ALA S 118 -10.25 -45.26 -11.13
CA ALA S 118 -10.14 -46.67 -10.73
C ALA S 118 -8.73 -47.01 -10.29
N VAL S 119 -8.62 -47.89 -9.30
CA VAL S 119 -7.33 -48.39 -8.83
C VAL S 119 -7.12 -49.79 -9.37
N TYR S 120 -5.96 -50.03 -9.97
CA TYR S 120 -5.66 -51.31 -10.60
C TYR S 120 -4.39 -51.93 -10.05
N GLN S 121 -4.43 -53.24 -9.82
CA GLN S 121 -3.25 -53.97 -9.40
C GLN S 121 -2.48 -54.48 -10.62
N LEU S 122 -1.19 -54.19 -10.65
CA LEU S 122 -0.29 -54.66 -11.72
C LEU S 122 0.63 -55.74 -11.17
N ARG S 123 0.78 -56.83 -11.92
CA ARG S 123 1.58 -57.98 -11.48
C ARG S 123 3.03 -57.94 -11.98
N ASP S 124 3.87 -58.78 -11.39
CA ASP S 124 5.29 -58.86 -11.76
C ASP S 124 5.51 -59.39 -13.18
N SER S 125 6.57 -58.90 -13.82
CA SER S 125 7.03 -59.38 -15.12
C SER S 125 8.54 -59.54 -15.10
N LYS S 126 9.22 -58.51 -14.61
CA LYS S 126 10.67 -58.44 -14.60
C LYS S 126 11.19 -58.11 -13.20
N SER S 127 12.33 -58.71 -12.86
CA SER S 127 13.10 -58.39 -11.65
C SER S 127 12.41 -58.69 -10.30
N SER S 128 11.20 -59.24 -10.36
CA SER S 128 10.50 -59.77 -9.17
C SER S 128 9.88 -58.73 -8.23
N ASP S 129 9.07 -59.26 -7.30
CA ASP S 129 8.63 -58.61 -6.05
C ASP S 129 7.20 -58.07 -6.05
N LYS S 130 6.79 -57.57 -4.87
CA LYS S 130 5.40 -57.25 -4.55
C LYS S 130 4.73 -56.18 -5.42
N SER S 131 3.40 -56.21 -5.37
CA SER S 131 2.50 -55.47 -6.26
C SER S 131 2.73 -53.97 -6.45
N VAL S 132 2.26 -53.48 -7.59
CA VAL S 132 2.25 -52.07 -7.94
C VAL S 132 0.80 -51.70 -8.19
N CYS S 133 0.39 -50.53 -7.70
CA CYS S 133 -0.97 -50.06 -7.89
C CYS S 133 -1.01 -48.83 -8.80
N LEU S 134 -1.92 -48.88 -9.77
CA LEU S 134 -2.12 -47.78 -10.70
C LEU S 134 -3.45 -47.09 -10.44
N PHE S 135 -3.38 -45.81 -10.07
CA PHE S 135 -4.56 -44.97 -9.98
C PHE S 135 -4.57 -44.11 -11.23
N THR S 136 -5.56 -44.33 -12.08
CA THR S 136 -5.60 -43.70 -13.39
C THR S 136 -6.98 -43.19 -13.78
N ASP S 137 -7.03 -42.44 -14.88
CA ASP S 137 -8.26 -41.98 -15.52
C ASP S 137 -9.16 -41.07 -14.65
N PHE S 138 -8.59 -40.57 -13.56
CA PHE S 138 -9.22 -39.50 -12.77
C PHE S 138 -9.01 -38.16 -13.47
N ASP S 139 -9.87 -37.19 -13.17
CA ASP S 139 -9.76 -35.88 -13.79
C ASP S 139 -8.66 -35.02 -13.17
N SER S 140 -8.21 -34.03 -13.93
CA SER S 140 -7.11 -33.13 -13.55
C SER S 140 -7.27 -32.48 -12.19
N GLN S 141 -8.51 -32.29 -11.76
CA GLN S 141 -8.84 -31.54 -10.55
C GLN S 141 -8.51 -32.29 -9.26
N THR S 142 -8.37 -33.61 -9.37
CA THR S 142 -8.07 -34.46 -8.22
C THR S 142 -6.63 -34.26 -7.75
N ASN S 143 -6.45 -34.27 -6.44
CA ASN S 143 -5.11 -34.23 -5.85
C ASN S 143 -4.73 -35.58 -5.26
N VAL S 144 -3.48 -35.97 -5.46
CA VAL S 144 -2.95 -37.21 -4.89
C VAL S 144 -2.03 -36.90 -3.71
N SER S 145 -2.43 -37.37 -2.54
CA SER S 145 -1.72 -37.12 -1.29
C SER S 145 -0.45 -37.94 -1.15
N GLN S 146 0.42 -37.53 -0.23
CA GLN S 146 1.65 -38.27 0.11
C GLN S 146 1.35 -39.64 0.72
N SER S 147 2.32 -40.55 0.60
CA SER S 147 2.20 -41.87 1.20
C SER S 147 2.43 -41.78 2.71
N LYS S 148 1.56 -42.45 3.46
CA LYS S 148 1.68 -42.50 4.91
C LYS S 148 2.63 -43.63 5.32
N ASP S 149 2.91 -43.72 6.62
CA ASP S 149 3.80 -44.75 7.22
C ASP S 149 5.21 -44.86 6.64
N SER S 150 5.42 -44.29 5.45
CA SER S 150 6.73 -44.25 4.76
C SER S 150 7.28 -45.62 4.35
N ASP S 151 6.50 -46.67 4.61
CA ASP S 151 6.78 -48.00 4.07
C ASP S 151 6.02 -48.20 2.76
N VAL S 152 5.28 -47.17 2.35
CA VAL S 152 4.53 -47.15 1.11
C VAL S 152 5.05 -45.99 0.27
N TYR S 153 5.04 -46.15 -1.05
CA TYR S 153 5.49 -45.09 -1.96
C TYR S 153 4.41 -44.67 -2.94
N ILE S 154 4.10 -43.38 -2.97
CA ILE S 154 3.11 -42.79 -3.89
C ILE S 154 3.73 -41.65 -4.69
N THR S 155 3.73 -41.80 -6.01
CA THR S 155 4.22 -40.75 -6.90
C THR S 155 3.14 -39.69 -7.14
N ASP S 156 3.57 -38.49 -7.54
CA ASP S 156 2.66 -37.42 -7.93
C ASP S 156 2.03 -37.75 -9.29
N LYS S 157 0.89 -37.12 -9.58
CA LYS S 157 0.18 -37.36 -10.83
C LYS S 157 1.03 -37.10 -12.07
N CYS S 158 0.67 -37.77 -13.17
CA CYS S 158 1.44 -37.71 -14.41
C CYS S 158 0.51 -37.82 -15.62
N VAL S 159 0.72 -36.95 -16.61
CA VAL S 159 -0.18 -36.86 -17.76
C VAL S 159 0.46 -37.42 -19.04
N LEU S 160 -0.13 -38.50 -19.56
CA LEU S 160 0.33 -39.10 -20.80
C LEU S 160 -0.64 -38.83 -21.96
N ASP S 161 -0.09 -38.67 -23.15
CA ASP S 161 -0.91 -38.51 -24.36
C ASP S 161 -0.70 -39.66 -25.33
N MET S 162 -1.79 -40.33 -25.67
CA MET S 162 -1.80 -41.29 -26.77
C MET S 162 -2.26 -40.55 -28.03
N ARG S 163 -1.30 -40.23 -28.90
CA ARG S 163 -1.50 -39.31 -30.01
C ARG S 163 -2.53 -39.77 -31.05
N SER S 164 -2.25 -40.91 -31.68
CA SER S 164 -3.16 -41.44 -32.70
C SER S 164 -4.58 -41.64 -32.17
N MET S 165 -4.68 -42.13 -30.93
CA MET S 165 -5.98 -42.39 -30.31
C MET S 165 -6.60 -41.12 -29.75
N ASP S 166 -5.84 -40.01 -29.76
CA ASP S 166 -6.29 -38.70 -29.26
C ASP S 166 -6.89 -38.79 -27.85
N PHE S 167 -6.12 -39.37 -26.93
CA PHE S 167 -6.58 -39.63 -25.58
C PHE S 167 -5.54 -39.21 -24.57
N LYS S 168 -5.99 -38.45 -23.57
CA LYS S 168 -5.12 -38.02 -22.48
C LYS S 168 -5.62 -38.64 -21.18
N SER S 169 -4.71 -38.81 -20.22
CA SER S 169 -5.06 -39.39 -18.93
C SER S 169 -4.03 -39.05 -17.87
N ASN S 170 -4.52 -38.87 -16.65
CA ASN S 170 -3.67 -38.71 -15.48
C ASN S 170 -3.47 -40.06 -14.81
N SER S 171 -2.41 -40.19 -14.04
CA SER S 171 -2.10 -41.43 -13.37
C SER S 171 -1.08 -41.22 -12.26
N ALA S 172 -1.32 -41.90 -11.15
CA ALA S 172 -0.37 -41.94 -10.04
C ALA S 172 -0.05 -43.39 -9.72
N VAL S 173 1.17 -43.63 -9.24
CA VAL S 173 1.64 -44.97 -8.94
C VAL S 173 1.95 -45.10 -7.46
N ALA S 174 1.50 -46.19 -6.86
CA ALA S 174 1.81 -46.51 -5.47
C ALA S 174 2.31 -47.95 -5.36
N TRP S 175 3.43 -48.13 -4.68
CA TRP S 175 3.98 -49.47 -4.47
C TRP S 175 4.69 -49.63 -3.14
N SER S 176 4.71 -50.86 -2.65
CA SER S 176 5.33 -51.21 -1.37
C SER S 176 5.71 -52.69 -1.35
N ASN S 177 6.60 -53.05 -0.43
CA ASN S 177 7.02 -54.44 -0.27
C ASN S 177 6.21 -55.18 0.80
N LYS S 178 5.77 -54.42 1.81
CA LYS S 178 4.95 -54.95 2.91
C LYS S 178 3.86 -55.89 2.39
N SER S 179 3.82 -57.11 2.92
CA SER S 179 2.87 -58.13 2.51
C SER S 179 1.42 -57.75 2.83
N ASP S 180 1.26 -56.72 3.65
CA ASP S 180 -0.05 -56.18 4.01
C ASP S 180 -0.58 -55.23 2.93
N PHE S 181 0.06 -55.24 1.77
CA PHE S 181 -0.23 -54.27 0.70
C PHE S 181 -1.29 -54.76 -0.28
N ALA S 182 -2.45 -54.13 -0.20
CA ALA S 182 -3.52 -54.33 -1.17
C ALA S 182 -3.90 -52.98 -1.75
N CYS S 183 -4.16 -52.94 -3.06
CA CYS S 183 -4.50 -51.71 -3.76
C CYS S 183 -5.88 -51.17 -3.35
N ALA S 184 -6.50 -51.85 -2.38
CA ALA S 184 -7.83 -51.51 -1.88
C ALA S 184 -7.92 -50.14 -1.20
N ASN S 185 -6.90 -49.82 -0.40
CA ASN S 185 -6.87 -48.52 0.28
C ASN S 185 -5.54 -47.77 0.16
N ALA S 186 -4.73 -48.14 -0.83
CA ALA S 186 -3.41 -47.56 -1.06
C ALA S 186 -3.47 -46.06 -1.38
N PHE S 187 -4.46 -45.67 -2.17
CA PHE S 187 -4.64 -44.27 -2.57
C PHE S 187 -5.73 -43.58 -1.74
N ASN S 188 -5.38 -43.21 -0.51
CA ASN S 188 -6.30 -42.50 0.37
C ASN S 188 -5.62 -41.41 1.20
N ASP T 1 21.60 -27.63 -27.76
CA ASP T 1 22.59 -27.47 -28.85
C ASP T 1 22.44 -26.14 -29.60
N ALA T 2 22.45 -25.04 -28.84
CA ALA T 2 22.44 -23.70 -29.40
C ALA T 2 23.87 -23.21 -29.70
N GLY T 3 24.69 -24.12 -30.23
CA GLY T 3 26.10 -23.86 -30.48
C GLY T 3 26.95 -24.15 -29.25
N ILE T 4 26.36 -23.95 -28.07
CA ILE T 4 27.04 -24.14 -26.80
C ILE T 4 27.15 -25.63 -26.44
N THR T 5 28.32 -26.02 -25.93
CA THR T 5 28.55 -27.37 -25.44
C THR T 5 29.08 -27.29 -24.02
N GLN T 6 28.62 -28.20 -23.16
CA GLN T 6 28.97 -28.19 -21.76
C GLN T 6 29.48 -29.57 -21.34
N SER T 7 30.63 -29.61 -20.67
CA SER T 7 31.18 -30.88 -20.18
C SER T 7 31.97 -30.68 -18.88
N PRO T 8 31.79 -31.61 -17.91
CA PRO T 8 30.97 -32.82 -18.03
C PRO T 8 29.47 -32.50 -17.90
N ARG T 9 28.62 -33.39 -18.40
CA ARG T 9 27.16 -33.17 -18.34
C ARG T 9 26.62 -33.62 -16.99
N HIS T 10 27.17 -34.71 -16.47
CA HIS T 10 26.86 -35.22 -15.15
C HIS T 10 28.17 -35.54 -14.46
N LYS T 11 28.26 -35.22 -13.17
CA LYS T 11 29.48 -35.50 -12.42
C LYS T 11 29.17 -35.74 -10.95
N VAL T 12 29.78 -36.80 -10.41
CA VAL T 12 29.71 -37.09 -8.98
C VAL T 12 31.14 -37.21 -8.43
N THR T 13 31.46 -36.34 -7.49
CA THR T 13 32.81 -36.27 -6.93
C THR T 13 32.75 -36.07 -5.42
N GLU T 14 33.88 -36.30 -4.75
CA GLU T 14 33.95 -36.24 -3.29
C GLU T 14 34.24 -34.82 -2.77
N THR T 15 33.83 -34.58 -1.52
CA THR T 15 34.10 -33.32 -0.81
C THR T 15 35.60 -33.05 -0.67
N GLY T 16 35.99 -31.79 -0.83
CA GLY T 16 37.39 -31.38 -0.75
C GLY T 16 38.19 -31.88 -1.93
N THR T 17 37.70 -31.59 -3.13
CA THR T 17 38.28 -32.09 -4.38
C THR T 17 37.99 -31.13 -5.52
N PRO T 18 39.03 -30.78 -6.32
CA PRO T 18 38.85 -29.89 -7.48
C PRO T 18 37.87 -30.43 -8.52
N VAL T 19 37.07 -29.54 -9.09
CA VAL T 19 36.16 -29.89 -10.17
C VAL T 19 36.38 -28.91 -11.32
N THR T 20 36.25 -29.38 -12.55
CA THR T 20 36.46 -28.54 -13.72
C THR T 20 35.24 -28.54 -14.62
N LEU T 21 34.49 -27.45 -14.59
CA LEU T 21 33.35 -27.24 -15.48
C LEU T 21 33.77 -26.43 -16.70
N ARG T 22 33.54 -27.00 -17.88
CA ARG T 22 33.96 -26.40 -19.14
C ARG T 22 32.75 -26.04 -20.01
N CYS T 23 32.69 -24.78 -20.42
CA CYS T 23 31.64 -24.30 -21.30
C CYS T 23 32.26 -23.87 -22.63
N HIS T 24 31.84 -24.54 -23.71
CA HIS T 24 32.37 -24.25 -25.04
C HIS T 24 31.32 -23.62 -25.94
N GLN T 25 31.77 -22.83 -26.91
CA GLN T 25 30.90 -22.03 -27.77
C GLN T 25 31.47 -21.83 -29.18
N THR T 26 30.61 -21.90 -30.19
CA THR T 26 31.03 -21.76 -31.58
C THR T 26 30.41 -20.56 -32.32
N GLU T 27 29.93 -19.57 -31.57
CA GLU T 27 29.33 -18.37 -32.18
C GLU T 27 30.16 -17.09 -31.98
N ASN T 28 31.16 -17.15 -31.11
CA ASN T 28 32.09 -16.04 -30.84
C ASN T 28 31.50 -14.80 -30.14
N HIS T 29 30.43 -15.00 -29.37
CA HIS T 29 29.92 -13.98 -28.46
C HIS T 29 30.98 -13.57 -27.44
N ARG T 30 30.93 -12.33 -27.00
CA ARG T 30 31.95 -11.81 -26.08
C ARG T 30 31.55 -11.97 -24.62
N TYR T 31 30.30 -12.37 -24.37
CA TYR T 31 29.79 -12.58 -23.02
C TYR T 31 29.51 -14.04 -22.71
N MET T 32 30.04 -14.52 -21.58
CA MET T 32 29.78 -15.86 -21.09
C MET T 32 29.54 -15.81 -19.58
N TYR T 33 28.47 -16.47 -19.13
CA TYR T 33 28.04 -16.39 -17.73
C TYR T 33 27.95 -17.78 -17.12
N TRP T 34 28.18 -17.87 -15.81
CA TRP T 34 27.95 -19.12 -15.07
C TRP T 34 26.81 -18.95 -14.09
N TYR T 35 25.81 -19.83 -14.19
CA TYR T 35 24.67 -19.85 -13.28
C TYR T 35 24.49 -21.21 -12.60
N ARG T 36 24.04 -21.19 -11.35
CA ARG T 36 23.56 -22.41 -10.67
C ARG T 36 22.04 -22.35 -10.41
N GLN T 37 21.40 -23.52 -10.33
CA GLN T 37 19.95 -23.57 -10.12
C GLN T 37 19.51 -24.48 -8.96
N ASP T 38 18.70 -23.92 -8.07
CA ASP T 38 18.27 -24.61 -6.85
C ASP T 38 16.78 -24.37 -6.51
N PRO T 39 16.06 -25.41 -6.04
CA PRO T 39 14.66 -25.28 -5.62
C PRO T 39 14.48 -24.24 -4.52
N GLY T 40 13.42 -23.44 -4.63
CA GLY T 40 13.20 -22.32 -3.71
C GLY T 40 13.96 -21.07 -4.13
N HIS T 41 14.79 -21.22 -5.14
CA HIS T 41 15.50 -20.11 -5.77
C HIS T 41 15.33 -20.22 -7.29
N GLY T 42 16.03 -19.38 -8.03
CA GLY T 42 16.07 -19.50 -9.47
C GLY T 42 17.51 -19.71 -9.90
N LEU T 43 17.89 -19.07 -10.99
CA LEU T 43 19.27 -19.01 -11.38
C LEU T 43 19.97 -17.95 -10.54
N ARG T 44 21.20 -18.24 -10.12
CA ARG T 44 22.02 -17.27 -9.43
C ARG T 44 23.37 -17.15 -10.13
N LEU T 45 23.75 -15.92 -10.46
CA LEU T 45 25.02 -15.66 -11.11
C LEU T 45 26.20 -15.95 -10.18
N ILE T 46 27.22 -16.60 -10.74
CA ILE T 46 28.41 -16.96 -10.00
C ILE T 46 29.58 -16.07 -10.44
N HIS T 47 29.83 -16.06 -11.75
CA HIS T 47 30.85 -15.25 -12.37
C HIS T 47 30.38 -14.95 -13.81
N TYR T 48 31.01 -13.95 -14.43
CA TYR T 48 30.76 -13.64 -15.83
C TYR T 48 32.00 -13.07 -16.49
N SER T 49 32.14 -13.29 -17.79
CA SER T 49 33.22 -12.69 -18.57
C SER T 49 32.69 -11.86 -19.73
N TYR T 50 33.28 -10.68 -19.90
CA TYR T 50 32.89 -9.74 -20.95
C TYR T 50 33.96 -9.59 -22.05
N GLY T 51 34.95 -10.48 -22.02
CA GLY T 51 36.05 -10.48 -22.98
C GLY T 51 37.20 -11.36 -22.50
N VAL T 52 38.08 -11.73 -23.43
CA VAL T 52 39.23 -12.61 -23.13
C VAL T 52 39.91 -12.27 -21.81
N LYS T 53 39.84 -13.21 -20.87
CA LYS T 53 40.45 -13.10 -19.53
C LYS T 53 39.80 -12.07 -18.59
N ASP T 54 38.90 -11.24 -19.11
CA ASP T 54 38.18 -10.26 -18.29
C ASP T 54 36.97 -10.88 -17.59
N THR T 55 37.10 -11.11 -16.29
CA THR T 55 36.00 -11.65 -15.49
C THR T 55 35.74 -10.81 -14.25
N ASP T 56 34.57 -11.00 -13.65
CA ASP T 56 34.19 -10.33 -12.41
C ASP T 56 33.21 -11.19 -11.62
N LYS T 57 33.21 -11.00 -10.30
CA LYS T 57 32.38 -11.79 -9.36
C LYS T 57 30.89 -11.68 -9.63
N GLY T 58 30.13 -12.60 -9.03
CA GLY T 58 28.66 -12.60 -9.14
C GLY T 58 28.02 -12.29 -7.79
N GLU T 59 26.90 -12.95 -7.52
CA GLU T 59 26.20 -12.80 -6.24
C GLU T 59 26.53 -13.94 -5.28
N VAL T 60 26.99 -15.06 -5.84
CA VAL T 60 27.50 -16.20 -5.07
C VAL T 60 28.81 -16.73 -5.68
N SER T 61 29.83 -15.87 -5.73
CA SER T 61 31.13 -16.24 -6.27
C SER T 61 32.00 -16.98 -5.23
N ASP T 62 31.44 -17.19 -4.05
CA ASP T 62 32.12 -17.85 -2.94
C ASP T 62 32.40 -19.32 -3.26
N GLY T 63 33.67 -19.71 -3.22
CA GLY T 63 34.08 -21.08 -3.47
C GLY T 63 34.25 -21.41 -4.94
N TYR T 64 34.06 -20.41 -5.80
CA TYR T 64 34.17 -20.58 -7.24
C TYR T 64 35.29 -19.72 -7.82
N SER T 65 35.64 -20.01 -9.07
CA SER T 65 36.66 -19.27 -9.82
C SER T 65 36.44 -19.53 -11.32
N VAL T 66 36.98 -18.66 -12.16
CA VAL T 66 36.75 -18.76 -13.61
C VAL T 66 37.95 -18.42 -14.49
N SER T 67 37.96 -19.02 -15.68
CA SER T 67 39.01 -18.80 -16.65
C SER T 67 38.43 -18.66 -18.05
N ARG T 68 38.63 -17.49 -18.66
CA ARG T 68 38.22 -17.22 -20.04
C ARG T 68 39.47 -17.08 -20.91
N SER T 69 40.29 -18.13 -20.93
CA SER T 69 41.54 -18.15 -21.68
C SER T 69 41.41 -17.53 -23.06
N LYS T 70 40.43 -18.03 -23.82
CA LYS T 70 40.12 -17.50 -25.14
C LYS T 70 38.63 -17.21 -25.28
N THR T 71 38.16 -17.04 -26.52
CA THR T 71 36.78 -16.66 -26.82
C THR T 71 35.79 -17.84 -26.74
N GLU T 72 36.23 -19.01 -27.20
CA GLU T 72 35.40 -20.21 -27.28
C GLU T 72 35.06 -20.83 -25.91
N ASP T 73 35.98 -20.70 -24.95
CA ASP T 73 35.88 -21.43 -23.69
C ASP T 73 35.74 -20.58 -22.42
N PHE T 74 34.83 -20.99 -21.55
CA PHE T 74 34.66 -20.39 -20.22
C PHE T 74 34.65 -21.51 -19.17
N LEU T 75 35.45 -21.34 -18.11
CA LEU T 75 35.78 -22.44 -17.20
C LEU T 75 35.48 -22.17 -15.72
N LEU T 76 34.45 -22.84 -15.19
CA LEU T 76 34.16 -22.77 -13.76
C LEU T 76 34.89 -23.87 -13.00
N THR T 77 35.54 -23.47 -11.91
CA THR T 77 36.37 -24.36 -11.10
C THR T 77 36.09 -24.13 -9.62
N LEU T 78 35.82 -25.20 -8.89
CA LEU T 78 35.64 -25.13 -7.43
C LEU T 78 36.71 -25.95 -6.70
N GLU T 79 37.65 -25.22 -6.10
CA GLU T 79 38.85 -25.80 -5.44
C GLU T 79 38.54 -26.95 -4.49
N SER T 80 37.90 -26.64 -3.36
CA SER T 80 37.52 -27.64 -2.36
C SER T 80 36.00 -27.84 -2.39
N ALA T 81 35.56 -28.75 -3.26
CA ALA T 81 34.14 -28.97 -3.54
C ALA T 81 33.38 -29.40 -2.30
N THR T 82 32.31 -28.66 -1.98
CA THR T 82 31.46 -28.99 -0.83
C THR T 82 30.04 -29.33 -1.26
N SER T 83 29.31 -30.03 -0.38
CA SER T 83 27.96 -30.50 -0.67
C SER T 83 26.94 -29.36 -0.83
N SER T 84 27.34 -28.16 -0.43
CA SER T 84 26.58 -26.94 -0.65
C SER T 84 26.61 -26.58 -2.13
N GLN T 85 27.72 -26.93 -2.79
CA GLN T 85 27.93 -26.63 -4.20
C GLN T 85 27.35 -27.73 -5.08
N THR T 86 26.41 -28.49 -4.53
CA THR T 86 25.66 -29.49 -5.28
C THR T 86 24.45 -28.82 -5.91
N SER T 87 24.40 -28.81 -7.24
CA SER T 87 23.26 -28.26 -7.98
C SER T 87 23.37 -28.53 -9.48
N VAL T 88 22.58 -27.80 -10.26
CA VAL T 88 22.66 -27.82 -11.72
C VAL T 88 23.34 -26.53 -12.16
N TYR T 89 24.21 -26.65 -13.16
CA TYR T 89 25.05 -25.53 -13.61
C TYR T 89 24.82 -25.19 -15.08
N PHE T 90 24.41 -23.95 -15.32
CA PHE T 90 24.19 -23.46 -16.67
C PHE T 90 25.18 -22.36 -17.01
N CYS T 91 25.74 -22.44 -18.22
CA CYS T 91 26.47 -21.33 -18.79
C CYS T 91 25.62 -20.71 -19.90
N ALA T 92 25.91 -19.44 -20.19
CA ALA T 92 25.20 -18.73 -21.24
C ALA T 92 26.16 -17.80 -21.98
N THR T 93 25.99 -17.71 -23.30
CA THR T 93 26.72 -16.73 -24.09
C THR T 93 25.76 -15.63 -24.53
N GLY T 94 26.33 -14.47 -24.87
CA GLY T 94 25.55 -13.32 -25.32
C GLY T 94 26.41 -12.26 -25.96
N THR T 95 25.79 -11.43 -26.78
CA THR T 95 26.49 -10.39 -27.53
C THR T 95 26.71 -9.13 -26.70
N GLY T 96 26.16 -9.10 -25.49
CA GLY T 96 26.35 -7.99 -24.56
C GLY T 96 25.38 -6.84 -24.75
N ASP T 97 24.62 -6.90 -25.85
CA ASP T 97 23.56 -5.94 -26.09
C ASP T 97 22.42 -6.17 -25.11
N SER T 98 22.09 -5.13 -24.36
CA SER T 98 20.97 -5.14 -23.42
C SER T 98 19.65 -5.69 -23.99
N ASN T 99 19.39 -5.47 -25.28
CA ASN T 99 18.14 -5.95 -25.90
C ASN T 99 18.21 -7.27 -26.67
N GLN T 100 19.20 -8.10 -26.32
CA GLN T 100 19.37 -9.40 -26.96
C GLN T 100 19.45 -10.52 -25.92
N PRO T 101 18.97 -11.73 -26.26
CA PRO T 101 18.81 -12.80 -25.28
C PRO T 101 20.13 -13.44 -24.85
N GLN T 102 20.08 -14.18 -23.75
CA GLN T 102 21.17 -15.06 -23.35
C GLN T 102 20.88 -16.42 -23.95
N HIS T 103 21.92 -17.08 -24.45
CA HIS T 103 21.75 -18.42 -25.00
C HIS T 103 22.32 -19.43 -24.01
N PHE T 104 21.45 -20.31 -23.53
CA PHE T 104 21.83 -21.24 -22.48
C PHE T 104 22.26 -22.60 -23.03
N GLY T 105 23.27 -23.19 -22.39
CA GLY T 105 23.68 -24.56 -22.68
C GLY T 105 22.76 -25.57 -22.03
N ASP T 106 22.86 -26.83 -22.45
CA ASP T 106 21.97 -27.91 -22.00
C ASP T 106 21.99 -28.21 -20.49
N GLY T 107 23.04 -27.79 -19.78
CA GLY T 107 23.12 -27.90 -18.31
C GLY T 107 24.05 -28.98 -17.79
N THR T 108 24.46 -28.84 -16.54
CA THR T 108 25.34 -29.83 -15.89
C THR T 108 24.91 -30.23 -14.49
N ARG T 109 24.62 -31.51 -14.30
CA ARG T 109 24.24 -32.05 -13.01
C ARG T 109 25.49 -32.42 -12.19
N LEU T 110 25.78 -31.61 -11.17
CA LEU T 110 26.97 -31.81 -10.36
C LEU T 110 26.61 -32.16 -8.92
N SER T 111 26.99 -33.36 -8.51
CA SER T 111 26.67 -33.89 -7.20
C SER T 111 27.94 -34.09 -6.37
N ILE T 112 28.02 -33.39 -5.24
CA ILE T 112 29.17 -33.47 -4.35
C ILE T 112 28.78 -34.26 -3.12
N LEU T 113 29.53 -35.32 -2.84
CA LEU T 113 29.22 -36.21 -1.73
C LEU T 113 30.37 -36.37 -0.75
N GLU T 114 30.01 -36.72 0.49
CA GLU T 114 30.98 -37.02 1.55
C GLU T 114 31.69 -38.34 1.24
N ASP T 115 30.89 -39.36 0.92
CA ASP T 115 31.37 -40.72 0.71
C ASP T 115 30.80 -41.28 -0.59
N LEU T 116 31.69 -41.73 -1.48
CA LEU T 116 31.30 -42.27 -2.79
C LEU T 116 30.61 -43.64 -2.71
N ASN T 117 30.69 -44.28 -1.55
CA ASN T 117 30.02 -45.57 -1.29
C ASN T 117 28.49 -45.44 -1.23
N LYS T 118 28.00 -44.21 -1.24
CA LYS T 118 26.56 -43.92 -1.24
C LYS T 118 25.98 -43.96 -2.65
N VAL T 119 26.84 -44.18 -3.65
CA VAL T 119 26.42 -44.23 -5.05
C VAL T 119 26.04 -45.65 -5.48
N PHE T 120 24.77 -45.82 -5.83
CA PHE T 120 24.22 -47.11 -6.24
C PHE T 120 23.65 -47.03 -7.66
N PRO T 121 23.70 -48.13 -8.43
CA PRO T 121 23.00 -48.15 -9.71
C PRO T 121 21.49 -48.36 -9.49
N PRO T 122 20.67 -48.10 -10.52
CA PRO T 122 19.24 -48.36 -10.39
C PRO T 122 18.89 -49.82 -10.64
N GLU T 123 17.86 -50.29 -9.94
CA GLU T 123 17.19 -51.52 -10.32
C GLU T 123 15.97 -51.15 -11.15
N VAL T 124 15.82 -51.83 -12.28
CA VAL T 124 14.76 -51.54 -13.22
C VAL T 124 13.83 -52.73 -13.31
N ALA T 125 12.52 -52.46 -13.29
CA ALA T 125 11.48 -53.49 -13.39
C ALA T 125 10.28 -53.01 -14.18
N VAL T 126 9.77 -53.89 -15.04
CA VAL T 126 8.55 -53.63 -15.81
C VAL T 126 7.39 -54.41 -15.18
N PHE T 127 6.26 -53.74 -14.95
CA PHE T 127 5.09 -54.42 -14.45
C PHE T 127 4.00 -54.51 -15.50
N GLU T 128 3.34 -55.66 -15.56
CA GLU T 128 2.40 -55.97 -16.64
C GLU T 128 1.05 -55.33 -16.36
N PRO T 129 0.31 -54.98 -17.42
CA PRO T 129 -0.99 -54.32 -17.34
C PRO T 129 -2.00 -55.05 -16.48
N SER T 130 -2.84 -54.28 -15.81
CA SER T 130 -3.96 -54.81 -15.07
C SER T 130 -4.98 -55.35 -16.05
N GLU T 131 -5.21 -56.66 -16.01
CA GLU T 131 -6.26 -57.30 -16.80
C GLU T 131 -7.63 -56.69 -16.50
N ALA T 132 -7.78 -56.14 -15.30
CA ALA T 132 -8.99 -55.40 -14.91
C ALA T 132 -9.16 -54.11 -15.72
N GLU T 133 -8.05 -53.42 -15.97
CA GLU T 133 -8.02 -52.21 -16.78
C GLU T 133 -8.28 -52.54 -18.24
N ILE T 134 -7.80 -53.71 -18.67
CA ILE T 134 -7.93 -54.14 -20.06
C ILE T 134 -9.39 -54.39 -20.49
N SER T 135 -10.20 -54.98 -19.61
CA SER T 135 -11.60 -55.24 -19.91
C SER T 135 -12.48 -54.01 -19.73
N HIS T 136 -12.06 -53.12 -18.84
CA HIS T 136 -12.84 -51.93 -18.50
C HIS T 136 -12.56 -50.72 -19.38
N THR T 137 -11.33 -50.64 -19.94
CA THR T 137 -10.93 -49.45 -20.70
C THR T 137 -10.54 -49.74 -22.15
N GLN T 138 -10.21 -51.01 -22.43
CA GLN T 138 -9.61 -51.41 -23.71
C GLN T 138 -8.21 -50.79 -23.90
N LYS T 139 -7.63 -50.34 -22.77
CA LYS T 139 -6.28 -49.80 -22.75
C LYS T 139 -5.46 -50.46 -21.65
N ALA T 140 -4.22 -50.77 -21.97
CA ALA T 140 -3.32 -51.48 -21.07
C ALA T 140 -2.12 -50.63 -20.71
N THR T 141 -1.86 -50.47 -19.42
CA THR T 141 -0.77 -49.62 -18.95
C THR T 141 0.38 -50.43 -18.36
N LEU T 142 1.58 -50.17 -18.87
CA LEU T 142 2.80 -50.75 -18.35
C LEU T 142 3.47 -49.72 -17.46
N VAL T 143 3.74 -50.10 -16.22
CA VAL T 143 4.49 -49.27 -15.29
C VAL T 143 5.93 -49.76 -15.19
N CYS T 144 6.87 -48.83 -15.21
CA CYS T 144 8.28 -49.15 -15.04
C CYS T 144 8.82 -48.47 -13.82
N LEU T 145 9.36 -49.27 -12.90
CA LEU T 145 9.94 -48.74 -11.68
C LEU T 145 11.44 -48.84 -11.75
N ALA T 146 12.10 -47.72 -11.50
CA ALA T 146 13.53 -47.68 -11.28
C ALA T 146 13.76 -47.29 -9.82
N THR T 147 14.45 -48.14 -9.07
CA THR T 147 14.61 -47.94 -7.62
C THR T 147 16.05 -48.12 -7.16
N GLY T 148 16.34 -47.61 -5.97
CA GLY T 148 17.60 -47.86 -5.28
C GLY T 148 18.82 -47.18 -5.86
N PHE T 149 18.61 -46.14 -6.65
CA PHE T 149 19.73 -45.42 -7.24
C PHE T 149 20.02 -44.11 -6.52
N PHE T 150 21.29 -43.74 -6.51
CA PHE T 150 21.75 -42.44 -6.00
C PHE T 150 23.04 -42.03 -6.71
N PRO T 151 23.15 -40.73 -7.11
CA PRO T 151 22.16 -39.65 -7.01
C PRO T 151 21.08 -39.72 -8.09
N ASP T 152 20.25 -38.70 -8.18
CA ASP T 152 19.07 -38.70 -9.07
C ASP T 152 19.40 -38.42 -10.56
N HIS T 153 20.60 -38.83 -10.98
CA HIS T 153 21.10 -38.56 -12.33
C HIS T 153 20.81 -39.71 -13.30
N VAL T 154 19.57 -39.81 -13.77
CA VAL T 154 19.17 -40.88 -14.69
C VAL T 154 18.32 -40.39 -15.88
N GLU T 155 18.21 -41.24 -16.91
CA GLU T 155 17.40 -40.94 -18.10
C GLU T 155 16.56 -42.15 -18.51
N LEU T 156 15.24 -42.00 -18.40
CA LEU T 156 14.32 -43.09 -18.68
C LEU T 156 13.75 -43.01 -20.09
N SER T 157 13.57 -44.17 -20.72
CA SER T 157 13.02 -44.27 -22.06
C SER T 157 12.30 -45.60 -22.30
N TRP T 158 11.21 -45.53 -23.06
CA TRP T 158 10.43 -46.71 -23.43
C TRP T 158 10.72 -47.12 -24.88
N TRP T 159 10.93 -48.41 -25.09
CA TRP T 159 11.24 -48.92 -26.42
C TRP T 159 10.28 -50.03 -26.82
N VAL T 160 9.56 -49.82 -27.91
CA VAL T 160 8.60 -50.80 -28.42
C VAL T 160 9.03 -51.32 -29.79
N ASN T 161 9.21 -52.64 -29.88
CA ASN T 161 9.60 -53.33 -31.11
C ASN T 161 10.84 -52.77 -31.83
N GLY T 162 11.69 -52.03 -31.11
CA GLY T 162 12.93 -51.55 -31.67
C GLY T 162 13.06 -50.06 -31.90
N LYS T 163 12.07 -49.31 -31.43
CA LYS T 163 12.10 -47.85 -31.57
C LYS T 163 11.61 -47.16 -30.29
N GLU T 164 12.31 -46.09 -29.90
CA GLU T 164 11.90 -45.27 -28.76
C GLU T 164 10.52 -44.69 -29.03
N VAL T 165 9.66 -44.74 -28.02
CA VAL T 165 8.31 -44.19 -28.15
C VAL T 165 8.11 -43.03 -27.18
N HIS T 166 7.22 -42.11 -27.54
CA HIS T 166 6.90 -40.98 -26.68
C HIS T 166 5.40 -40.93 -26.41
N SER T 167 4.60 -41.45 -27.34
CA SER T 167 3.16 -41.55 -27.16
C SER T 167 2.82 -42.47 -26.00
N GLY T 168 1.83 -42.07 -25.20
CA GLY T 168 1.39 -42.85 -24.04
C GLY T 168 2.46 -43.01 -22.96
N VAL T 169 3.56 -42.30 -23.10
CA VAL T 169 4.64 -42.36 -22.13
C VAL T 169 4.44 -41.25 -21.10
N CYS T 170 4.64 -41.60 -19.83
CA CYS T 170 4.52 -40.66 -18.74
C CYS T 170 5.56 -40.98 -17.68
N THR T 171 6.54 -40.10 -17.55
CA THR T 171 7.60 -40.27 -16.55
C THR T 171 7.45 -39.18 -15.51
N ASP T 172 7.76 -39.53 -14.27
CA ASP T 172 7.74 -38.59 -13.17
C ASP T 172 8.71 -37.44 -13.44
N PRO T 173 8.27 -36.20 -13.17
CA PRO T 173 9.17 -35.06 -13.39
C PRO T 173 10.38 -35.14 -12.46
N GLN T 174 10.11 -35.47 -11.19
CA GLN T 174 11.15 -35.58 -10.18
C GLN T 174 11.08 -36.95 -9.49
N PRO T 175 12.26 -37.52 -9.19
CA PRO T 175 12.33 -38.77 -8.43
C PRO T 175 11.82 -38.60 -7.01
N LEU T 176 11.39 -39.70 -6.40
CA LEU T 176 10.95 -39.70 -5.01
C LEU T 176 12.00 -40.36 -4.12
N LYS T 177 12.28 -39.75 -2.98
CA LYS T 177 13.21 -40.29 -2.00
C LYS T 177 12.55 -41.44 -1.23
N GLU T 178 13.24 -42.58 -1.20
CA GLU T 178 12.71 -43.81 -0.58
C GLU T 178 12.71 -43.74 0.94
N GLN T 179 13.52 -42.85 1.49
CA GLN T 179 13.52 -42.55 2.91
C GLN T 179 13.59 -41.03 3.04
N PRO T 180 12.42 -40.35 3.01
CA PRO T 180 12.36 -38.89 3.04
C PRO T 180 13.10 -38.28 4.23
N ALA T 181 13.04 -38.95 5.38
CA ALA T 181 13.70 -38.49 6.60
C ALA T 181 15.22 -38.59 6.50
N LEU T 182 15.73 -39.75 6.08
CA LEU T 182 17.17 -39.97 5.94
C LEU T 182 17.79 -39.01 4.93
N ASN T 183 18.98 -38.51 5.27
CA ASN T 183 19.75 -37.64 4.39
C ASN T 183 20.42 -38.47 3.31
N ASP T 184 20.59 -37.88 2.12
CA ASP T 184 21.18 -38.55 0.95
C ASP T 184 20.55 -39.92 0.68
N SER T 185 19.22 -39.97 0.79
CA SER T 185 18.44 -41.18 0.51
C SER T 185 18.51 -41.51 -0.97
N ARG T 186 18.47 -42.80 -1.27
CA ARG T 186 18.43 -43.28 -2.65
C ARG T 186 17.05 -43.01 -3.23
N TYR T 187 16.99 -42.80 -4.54
CA TYR T 187 15.78 -42.32 -5.21
C TYR T 187 15.01 -43.43 -5.93
N ALA T 188 13.73 -43.16 -6.18
CA ALA T 188 12.88 -44.02 -6.98
C ALA T 188 12.15 -43.20 -8.03
N LEU T 189 11.99 -43.78 -9.22
CA LEU T 189 11.33 -43.11 -10.34
C LEU T 189 10.44 -44.11 -11.08
N SER T 190 9.24 -43.66 -11.46
CA SER T 190 8.30 -44.50 -12.17
C SER T 190 7.90 -43.90 -13.52
N SER T 191 7.48 -44.77 -14.44
CA SER T 191 7.01 -44.33 -15.75
C SER T 191 5.86 -45.20 -16.21
N ARG T 192 5.02 -44.65 -17.08
CA ARG T 192 3.87 -45.39 -17.62
C ARG T 192 3.91 -45.42 -19.14
N LEU T 193 3.62 -46.58 -19.72
CA LEU T 193 3.44 -46.69 -21.17
C LEU T 193 2.03 -47.18 -21.45
N ARG T 194 1.23 -46.34 -22.09
CA ARG T 194 -0.18 -46.65 -22.32
C ARG T 194 -0.48 -47.02 -23.76
N VAL T 195 -0.72 -48.31 -23.98
CA VAL T 195 -1.07 -48.82 -25.32
C VAL T 195 -2.46 -49.44 -25.32
N SER T 196 -3.05 -49.56 -26.51
CA SER T 196 -4.36 -50.21 -26.67
C SER T 196 -4.31 -51.66 -26.21
N ALA T 197 -5.44 -52.17 -25.73
CA ALA T 197 -5.52 -53.55 -25.25
C ALA T 197 -5.25 -54.57 -26.35
N THR T 198 -5.63 -54.24 -27.59
CA THR T 198 -5.36 -55.09 -28.74
C THR T 198 -3.86 -55.16 -29.10
N PHE T 199 -3.14 -54.07 -28.87
CA PHE T 199 -1.70 -54.02 -29.16
C PHE T 199 -0.87 -54.78 -28.13
N TRP T 200 -1.23 -54.65 -26.84
CA TRP T 200 -0.60 -55.42 -25.78
C TRP T 200 -0.95 -56.90 -25.88
N GLN T 201 -2.22 -57.18 -26.16
CA GLN T 201 -2.73 -58.56 -26.24
C GLN T 201 -2.17 -59.35 -27.43
N ASN T 202 -1.04 -58.89 -27.98
CA ASN T 202 -0.29 -59.62 -28.99
C ASN T 202 1.14 -59.93 -28.54
N PRO T 203 1.46 -61.24 -28.39
CA PRO T 203 2.78 -61.72 -27.98
C PRO T 203 3.93 -61.45 -28.97
N ARG T 204 3.62 -60.88 -30.13
CA ARG T 204 4.66 -60.50 -31.09
C ARG T 204 5.33 -59.18 -30.68
N ASN T 205 4.63 -58.42 -29.83
CA ASN T 205 5.11 -57.13 -29.37
C ASN T 205 6.08 -57.25 -28.21
N HIS T 206 7.19 -56.51 -28.31
CA HIS T 206 8.26 -56.56 -27.35
C HIS T 206 8.47 -55.19 -26.72
N PHE T 207 7.95 -55.02 -25.50
CA PHE T 207 8.08 -53.79 -24.73
C PHE T 207 9.35 -53.83 -23.88
N ARG T 208 10.04 -52.69 -23.82
CA ARG T 208 11.25 -52.57 -23.01
C ARG T 208 11.38 -51.19 -22.37
N CYS T 209 11.68 -51.19 -21.07
CA CYS T 209 11.97 -49.96 -20.33
C CYS T 209 13.48 -49.82 -20.19
N GLN T 210 14.00 -48.65 -20.54
CA GLN T 210 15.43 -48.39 -20.54
C GLN T 210 15.80 -47.20 -19.65
N VAL T 211 16.64 -47.47 -18.65
CA VAL T 211 17.18 -46.42 -17.79
C VAL T 211 18.68 -46.28 -18.00
N GLN T 212 19.10 -45.08 -18.39
CA GLN T 212 20.50 -44.73 -18.49
C GLN T 212 20.95 -44.08 -17.17
N PHE T 213 21.86 -44.75 -16.45
CA PHE T 213 22.43 -44.23 -15.21
C PHE T 213 23.81 -43.61 -15.42
N TYR T 214 24.01 -42.41 -14.87
CA TYR T 214 25.31 -41.76 -14.90
C TYR T 214 26.02 -41.92 -13.56
N GLY T 215 27.08 -42.72 -13.58
CA GLY T 215 27.82 -43.04 -12.35
C GLY T 215 29.21 -42.45 -12.30
N LEU T 216 30.12 -43.19 -11.68
CA LEU T 216 31.51 -42.78 -11.54
C LEU T 216 32.28 -42.97 -12.84
N SER T 217 33.25 -42.10 -13.09
CA SER T 217 34.16 -42.27 -14.22
C SER T 217 35.25 -43.29 -13.87
N GLU T 218 36.15 -43.54 -14.83
CA GLU T 218 37.24 -44.49 -14.65
C GLU T 218 38.25 -44.10 -13.57
N ASN T 219 38.46 -42.80 -13.39
CA ASN T 219 39.45 -42.27 -12.44
C ASN T 219 39.06 -42.40 -10.97
N ASP T 220 37.80 -42.73 -10.70
CA ASP T 220 37.33 -42.90 -9.33
C ASP T 220 37.89 -44.19 -8.74
N GLU T 221 38.63 -44.07 -7.66
CA GLU T 221 39.13 -45.22 -6.93
C GLU T 221 37.98 -45.86 -6.17
N TRP T 222 37.81 -47.17 -6.34
CA TRP T 222 36.76 -47.93 -5.68
C TRP T 222 37.36 -49.00 -4.77
N THR T 223 36.94 -49.01 -3.50
CA THR T 223 37.47 -49.95 -2.50
C THR T 223 36.40 -50.90 -1.93
N GLN T 224 35.15 -50.73 -2.36
CA GLN T 224 34.02 -51.46 -1.76
C GLN T 224 33.89 -52.89 -2.25
N ASP T 225 32.96 -53.63 -1.63
CA ASP T 225 32.70 -55.01 -1.99
C ASP T 225 31.95 -55.07 -3.32
N ARG T 226 30.74 -54.52 -3.34
CA ARG T 226 29.89 -54.47 -4.53
C ARG T 226 30.58 -53.80 -5.71
N ALA T 227 30.09 -54.10 -6.92
CA ALA T 227 30.66 -53.58 -8.16
C ALA T 227 30.73 -52.05 -8.19
N LYS T 228 31.64 -51.54 -9.00
CA LYS T 228 31.84 -50.11 -9.18
C LYS T 228 30.64 -49.51 -9.93
N PRO T 229 29.87 -48.62 -9.26
CA PRO T 229 28.66 -48.03 -9.84
C PRO T 229 29.00 -47.08 -10.98
N VAL T 230 29.47 -47.65 -12.08
CA VAL T 230 29.86 -46.91 -13.28
C VAL T 230 28.62 -46.51 -14.08
N THR T 231 28.83 -45.70 -15.12
CA THR T 231 27.78 -45.32 -16.05
C THR T 231 27.31 -46.57 -16.79
N GLN T 232 25.99 -46.76 -16.83
CA GLN T 232 25.40 -47.97 -17.42
C GLN T 232 23.96 -47.77 -17.92
N ILE T 233 23.46 -48.78 -18.62
CA ILE T 233 22.05 -48.86 -18.98
C ILE T 233 21.47 -50.13 -18.37
N VAL T 234 20.60 -49.96 -17.40
CA VAL T 234 19.86 -51.05 -16.79
C VAL T 234 18.48 -51.09 -17.45
N SER T 235 18.14 -52.21 -18.06
CA SER T 235 16.85 -52.33 -18.73
C SER T 235 16.02 -53.51 -18.22
N ALA T 236 14.74 -53.48 -18.56
CA ALA T 236 13.78 -54.51 -18.20
C ALA T 236 12.77 -54.65 -19.34
N GLU T 237 12.38 -55.87 -19.64
CA GLU T 237 11.48 -56.10 -20.77
C GLU T 237 10.30 -57.01 -20.44
N ALA T 238 9.25 -56.89 -21.24
CA ALA T 238 8.05 -57.73 -21.13
C ALA T 238 7.54 -58.05 -22.53
N TRP T 239 6.77 -59.11 -22.64
CA TRP T 239 6.23 -59.53 -23.91
C TRP T 239 4.72 -59.68 -23.80
N GLY T 240 4.02 -59.37 -24.90
CA GLY T 240 2.54 -59.39 -24.93
C GLY T 240 1.91 -60.69 -24.49
N ARG T 241 0.74 -60.59 -23.87
CA ARG T 241 0.00 -61.74 -23.38
C ARG T 241 -1.15 -62.06 -24.32
N ALA T 242 -1.40 -63.35 -24.55
CA ALA T 242 -2.52 -63.79 -25.39
C ALA T 242 -3.83 -63.86 -24.60
N ASP T 243 -4.88 -63.27 -25.15
CA ASP T 243 -6.20 -63.27 -24.52
C ASP T 243 -6.86 -64.65 -24.73
#